data_8WBZ
#
_entry.id   8WBZ
#
_cell.length_a   1.00
_cell.length_b   1.00
_cell.length_c   1.00
_cell.angle_alpha   90.00
_cell.angle_beta   90.00
_cell.angle_gamma   90.00
#
_symmetry.space_group_name_H-M   'P 1'
#
loop_
_entity.id
_entity.type
_entity.pdbx_description
1 polymer 'Sodium-dependent neutral amino acid transporter B(0)AT1'
2 polymer 'Angiotensin-converting enzyme 2'
3 branched 2-acetamido-2-deoxy-beta-D-glucopyranose-(1-4)-2-acetamido-2-deoxy-beta-D-glucopyranose
4 non-polymer 2-acetamido-2-deoxy-beta-D-glucopyranose
5 non-polymer 2-(4-bromanyl-3-methyl-phenoxy)-~{N}-propyl-ethanamide
#
loop_
_entity_poly.entity_id
_entity_poly.type
_entity_poly.pdbx_seq_one_letter_code
_entity_poly.pdbx_strand_id
1 'polypeptide(L)'
;DYKDDDDKSGPDEVDASGVRLVLPNPGLDARIPSLAELETIEQEEASSRPKWDNKAQYMLTCLGFCVGLGNVWRFPYLCQ
SHGGGAFMIPFLILLVLEGIPLLYLEFAIGQRLRRGSLGVWSSIHPALKGLGLASMLTSFMVGLYYNTIISWIMWYLFNS
FQEPLPWSDCPLNENQTGYVDECARSSPVDYFWYRETLNISTSISDSGSIQWWMLLCLACAWSVLYMCTIRGIETTGKAV
YITSTLPYVVLTIFLIRGLTLKGATNGIVFLFTPNVTELAQPDTWLDAGAQVFFSFSLAFGGLISFSSYNSVHNNCEKDS
VIVSIINGFTSVYVAIVVYSVIGFRATQRYDDCFSTNILTLINGFDLPEGNVTQENFVDMQQRCNASDPAAYAQLVFQTC
DINAFLSEAVEGTGLAFIVFTEAITKMPLSPLWSVLFFIMLFCLGLSSMFGNMEGVVVPLQDLRVIPPKWPKEVLTGLIC
LGTFLIGFIFTLNSGQYWLSLLDSYAGSIPLLIIAFCEMFSVVYVYGVDRFNKDIEFMIGHKPNIFWQVTWRVVSPLLML
IIFLFFFVVEVSQELTYSIWDPGYEEFPKSQKISYPNWVYVVVVIVAGVPSLTIPGYAIYKLIRNHCQKPGDHQGLVSTL
STASMNGDLKY
;
A,D
2 'polypeptide(L)'
;MSSSSWLLLSLVAVTAAQSTIEEQAKTFLDKFNHEAEDLFYQSSLASWNYNTNITEENVQNMNNAGDKWSAFLKEQSTLA
QMYPLQEIQNLTVKLQLQALQQNGSSVLSEDKSKRLNTILNTMSTIYSTGKVCNPDNPQECLLLEPGLNEIMANSLDYNE
RLWAWESWRSEVGKQLRPLYEEYVVLKNEMARANHYEDYGDYWRGDYEVNGVDGYDYSRGQLIEDVEHTFEEIKPLYEHL
HAYVRAKLMNAYPSYISPIGCLPAHLLGDMWGRFWTNLYSLTVPFGQKPNIDVTDAMVDQAWDAQRIFKEAEKFFVSVGL
PNMTQGFWENSMLTDPGNVQKAVCHPTAWDLGKGDFRILMCTKVTMDDFLTAHHEMGHIQYDMAYAAQPFLLRNGANEGF
HEAVGEIMSLSAATPKHLKSIGLLSPDFQEDNETEINFLLKQALTIVGTLPFTYMLEKWRWMVFKGEIPKDQWMKKWWEM
KREIVGVVEPVPHDETYCDPASLFHVSNDYSFIRYYTRTLYQFQFQEALCQAAKHEGPLHKCDISNSTEAGQKLFNMLRL
GKSEPWTLALENVVGAKNMNVRPLLNYFEPLFTWLKDQNKNSFVGWSTDWSPYADQSIKVRISLKSALGDKAYEWNDNEM
YLFRSSVAYAMRQYFLKVKNQMILFGEEDVRVANLKPRISFNFFVTAPKNVSDIIPRTEVEKAIRMSRSRINDAFRLNDN
SLEFLGIQPTLGPPNQPPVSIWLIVFGVVMGVIVVGIVILIFTGIRDRKKKNKARSGENPYASIDISKGENNPGFQNTDD
VQTSFLEHHHHHHHHHH
;
B,C
#
# COMPACT_ATOMS: atom_id res chain seq x y z
N VAL A 22 -7.29 -99.49 -15.78
CA VAL A 22 -8.25 -99.14 -16.80
C VAL A 22 -7.56 -98.55 -18.01
N LEU A 23 -6.46 -97.83 -17.77
CA LEU A 23 -5.66 -97.18 -18.81
C LEU A 23 -6.54 -96.24 -19.63
N PRO A 24 -6.98 -95.12 -19.06
CA PRO A 24 -7.94 -94.23 -19.74
C PRO A 24 -7.28 -93.36 -20.80
N ASN A 25 -6.62 -93.99 -21.76
CA ASN A 25 -5.99 -93.29 -22.87
C ASN A 25 -6.79 -93.55 -24.14
N PRO A 26 -7.53 -92.55 -24.66
CA PRO A 26 -8.35 -92.74 -25.86
C PRO A 26 -7.58 -92.60 -27.17
N GLY A 27 -6.48 -93.35 -27.28
CA GLY A 27 -5.70 -93.38 -28.50
C GLY A 27 -5.06 -92.06 -28.87
N LEU A 28 -4.50 -91.36 -27.87
CA LEU A 28 -3.79 -90.11 -28.10
C LEU A 28 -2.33 -90.16 -27.68
N ASP A 29 -1.84 -91.30 -27.22
CA ASP A 29 -0.46 -91.42 -26.77
C ASP A 29 0.44 -91.77 -27.95
N ALA A 30 1.72 -92.03 -27.66
CA ALA A 30 2.78 -92.34 -28.61
C ALA A 30 3.09 -91.18 -29.56
N ARG A 31 2.42 -90.04 -29.41
CA ARG A 31 2.67 -88.86 -30.21
C ARG A 31 2.93 -87.61 -29.38
N ILE A 32 2.35 -87.52 -28.19
CA ILE A 32 2.67 -86.45 -27.24
C ILE A 32 4.07 -86.70 -26.72
N PRO A 33 4.80 -85.66 -26.30
CA PRO A 33 6.03 -85.90 -25.55
C PRO A 33 5.79 -86.83 -24.38
N SER A 34 6.36 -88.03 -24.43
CA SER A 34 6.02 -89.05 -23.46
C SER A 34 6.64 -88.74 -22.10
N LEU A 35 6.13 -89.44 -21.08
CA LEU A 35 6.67 -89.26 -19.73
C LEU A 35 8.12 -89.73 -19.65
N ALA A 36 8.44 -90.85 -20.30
CA ALA A 36 9.83 -91.30 -20.39
C ALA A 36 10.67 -90.28 -21.15
N GLU A 37 10.09 -89.62 -22.16
CA GLU A 37 10.79 -88.53 -22.82
C GLU A 37 11.11 -87.42 -21.84
N LEU A 38 10.18 -87.13 -20.92
CA LEU A 38 10.44 -86.12 -19.90
C LEU A 38 11.57 -86.57 -18.97
N GLU A 39 11.58 -87.85 -18.58
CA GLU A 39 12.68 -88.34 -17.75
C GLU A 39 14.02 -88.22 -18.48
N THR A 40 14.03 -88.50 -19.78
CA THR A 40 15.28 -88.42 -20.53
C THR A 40 15.73 -86.97 -20.73
N ILE A 41 14.80 -86.04 -20.87
CA ILE A 41 15.16 -84.64 -21.11
C ILE A 41 15.52 -83.93 -19.80
N GLU A 42 14.99 -84.38 -18.66
CA GLU A 42 15.23 -83.70 -17.40
C GLU A 42 16.58 -84.03 -16.78
N GLN A 43 17.27 -85.06 -17.24
CA GLN A 43 18.50 -85.51 -16.61
C GLN A 43 19.75 -85.13 -17.40
N GLU A 44 19.61 -84.32 -18.46
CA GLU A 44 20.78 -83.88 -19.21
C GLU A 44 20.74 -82.42 -19.62
N GLU A 45 19.69 -81.68 -19.25
CA GLU A 45 19.59 -80.24 -19.49
C GLU A 45 19.99 -79.83 -20.90
N ALA A 46 19.23 -80.28 -21.90
CA ALA A 46 19.53 -79.94 -23.28
C ALA A 46 19.42 -78.44 -23.51
N SER A 47 20.28 -77.94 -24.40
CA SER A 47 20.37 -76.52 -24.69
C SER A 47 19.39 -76.16 -25.81
N SER A 48 19.57 -74.96 -26.39
CA SER A 48 18.71 -74.44 -27.45
C SER A 48 17.28 -74.21 -26.95
N ARG A 49 17.14 -73.86 -25.68
CA ARG A 49 15.84 -73.55 -25.09
C ARG A 49 16.03 -72.55 -23.95
N PRO A 50 15.35 -71.42 -23.98
CA PRO A 50 15.51 -70.42 -22.91
C PRO A 50 15.07 -70.97 -21.57
N LYS A 51 15.77 -70.57 -20.52
CA LYS A 51 15.45 -70.97 -19.16
C LYS A 51 15.62 -69.78 -18.23
N TRP A 52 14.73 -69.68 -17.25
CA TRP A 52 14.81 -68.58 -16.29
C TRP A 52 16.03 -68.74 -15.38
N ASP A 53 16.67 -67.62 -15.07
CA ASP A 53 17.84 -67.65 -14.19
C ASP A 53 17.47 -68.16 -12.80
N ASN A 54 16.28 -67.80 -12.32
CA ASN A 54 15.81 -68.27 -11.03
C ASN A 54 14.29 -68.23 -11.01
N LYS A 55 13.70 -68.89 -10.01
CA LYS A 55 12.25 -68.86 -9.87
C LYS A 55 11.73 -67.47 -9.54
N ALA A 56 12.58 -66.59 -9.01
CA ALA A 56 12.15 -65.22 -8.72
C ALA A 56 11.95 -64.42 -10.00
N GLN A 57 12.86 -64.57 -10.97
CA GLN A 57 12.73 -63.83 -12.23
C GLN A 57 11.48 -64.23 -13.00
N TYR A 58 10.93 -65.41 -12.73
CA TYR A 58 9.73 -65.93 -13.35
C TYR A 58 8.47 -65.58 -12.56
N MET A 59 8.54 -65.73 -11.24
CA MET A 59 7.47 -65.24 -10.36
C MET A 59 7.20 -63.77 -10.64
N LEU A 60 8.26 -62.96 -10.70
CA LEU A 60 8.12 -61.53 -10.84
C LEU A 60 7.54 -61.14 -12.20
N THR A 61 7.96 -61.81 -13.27
CA THR A 61 7.45 -61.46 -14.58
C THR A 61 5.99 -61.89 -14.74
N CYS A 62 5.60 -63.04 -14.17
CA CYS A 62 4.19 -63.42 -14.18
C CYS A 62 3.36 -62.42 -13.39
N LEU A 63 3.86 -62.02 -12.22
CA LEU A 63 3.17 -61.02 -11.40
C LEU A 63 3.00 -59.72 -12.16
N GLY A 64 4.07 -59.28 -12.83
CA GLY A 64 4.01 -58.03 -13.56
C GLY A 64 3.04 -58.07 -14.72
N PHE A 65 3.03 -59.18 -15.47
CA PHE A 65 2.06 -59.33 -16.54
C PHE A 65 0.63 -59.28 -16.01
N CYS A 66 0.37 -60.00 -14.92
CA CYS A 66 -0.99 -60.03 -14.39
C CYS A 66 -1.43 -58.64 -13.92
N VAL A 67 -0.57 -57.97 -13.14
CA VAL A 67 -0.94 -56.66 -12.60
C VAL A 67 -1.04 -55.62 -13.71
N GLY A 68 -0.19 -55.74 -14.75
CA GLY A 68 -0.27 -54.80 -15.86
C GLY A 68 -1.53 -54.95 -16.67
N LEU A 69 -1.92 -56.19 -17.01
CA LEU A 69 -3.18 -56.37 -17.71
C LEU A 69 -4.37 -55.98 -16.87
N GLY A 70 -4.28 -56.16 -15.55
CA GLY A 70 -5.41 -55.86 -14.70
C GLY A 70 -5.62 -54.39 -14.40
N ASN A 71 -4.66 -53.76 -13.73
CA ASN A 71 -4.88 -52.46 -13.10
C ASN A 71 -4.34 -51.32 -13.96
N VAL A 72 -4.84 -51.23 -15.19
CA VAL A 72 -4.71 -50.01 -15.98
C VAL A 72 -5.88 -49.91 -16.93
N TRP A 73 -6.65 -48.82 -16.81
CA TRP A 73 -7.69 -48.46 -17.77
C TRP A 73 -8.85 -49.46 -17.75
N ARG A 74 -8.71 -50.56 -17.01
CA ARG A 74 -9.73 -51.61 -17.03
C ARG A 74 -10.38 -51.83 -15.68
N PHE A 75 -9.61 -52.06 -14.63
CA PHE A 75 -10.21 -52.34 -13.32
C PHE A 75 -10.71 -51.07 -12.64
N PRO A 76 -9.88 -50.03 -12.46
CA PRO A 76 -10.41 -48.82 -11.78
C PRO A 76 -11.57 -48.18 -12.51
N TYR A 77 -11.55 -48.21 -13.85
CA TYR A 77 -12.63 -47.60 -14.61
C TYR A 77 -13.96 -48.31 -14.34
N LEU A 78 -13.97 -49.63 -14.40
CA LEU A 78 -15.19 -50.38 -14.11
C LEU A 78 -15.58 -50.28 -12.65
N CYS A 79 -14.60 -50.17 -11.75
CA CYS A 79 -14.89 -50.04 -10.33
C CYS A 79 -15.61 -48.72 -10.04
N GLN A 80 -15.16 -47.63 -10.66
CA GLN A 80 -15.79 -46.34 -10.44
C GLN A 80 -17.00 -46.10 -11.33
N SER A 81 -17.21 -46.92 -12.36
CA SER A 81 -18.34 -46.72 -13.26
C SER A 81 -19.61 -47.37 -12.75
N HIS A 82 -19.52 -48.57 -12.19
CA HIS A 82 -20.69 -49.32 -11.75
C HIS A 82 -21.09 -49.00 -10.31
N GLY A 83 -20.33 -48.16 -9.61
CA GLY A 83 -20.67 -47.70 -8.28
C GLY A 83 -19.58 -47.94 -7.24
N GLY A 84 -18.84 -49.03 -7.39
CA GLY A 84 -17.82 -49.37 -6.41
C GLY A 84 -18.42 -50.12 -5.23
N GLY A 85 -17.78 -51.21 -4.83
CA GLY A 85 -18.37 -52.06 -3.81
C GLY A 85 -19.41 -53.01 -4.36
N ALA A 86 -20.39 -52.49 -5.10
CA ALA A 86 -21.35 -53.33 -5.79
C ALA A 86 -20.71 -54.15 -6.89
N PHE A 87 -19.52 -53.77 -7.34
CA PHE A 87 -18.78 -54.51 -8.34
C PHE A 87 -17.62 -55.30 -7.75
N MET A 88 -17.08 -54.86 -6.62
CA MET A 88 -15.94 -55.55 -6.02
C MET A 88 -16.33 -56.92 -5.47
N ILE A 89 -17.53 -57.05 -4.91
CA ILE A 89 -17.97 -58.29 -4.28
C ILE A 89 -18.17 -59.39 -5.33
N PRO A 90 -19.00 -59.19 -6.38
CA PRO A 90 -19.12 -60.24 -7.39
C PRO A 90 -17.80 -60.54 -8.08
N PHE A 91 -16.97 -59.53 -8.29
CA PHE A 91 -15.66 -59.75 -8.88
C PHE A 91 -14.81 -60.66 -8.01
N LEU A 92 -14.82 -60.41 -6.70
CA LEU A 92 -14.02 -61.22 -5.78
C LEU A 92 -14.51 -62.65 -5.74
N ILE A 93 -15.83 -62.85 -5.65
CA ILE A 93 -16.36 -64.21 -5.58
C ILE A 93 -16.10 -64.96 -6.88
N LEU A 94 -16.32 -64.30 -8.03
CA LEU A 94 -16.07 -64.98 -9.30
C LEU A 94 -14.59 -65.25 -9.50
N LEU A 95 -13.71 -64.36 -9.04
CA LEU A 95 -12.29 -64.61 -9.12
C LEU A 95 -11.91 -65.84 -8.30
N VAL A 96 -12.30 -65.86 -7.02
CA VAL A 96 -11.92 -66.96 -6.16
C VAL A 96 -12.59 -68.27 -6.59
N LEU A 97 -13.66 -68.21 -7.38
CA LEU A 97 -14.28 -69.44 -7.84
C LEU A 97 -13.73 -69.92 -9.18
N GLU A 98 -13.29 -69.01 -10.06
CA GLU A 98 -12.96 -69.38 -11.43
C GLU A 98 -11.49 -69.16 -11.80
N GLY A 99 -10.88 -68.06 -11.38
CA GLY A 99 -9.53 -67.75 -11.82
C GLY A 99 -8.51 -68.74 -11.31
N ILE A 100 -8.63 -69.13 -10.04
CA ILE A 100 -7.67 -70.08 -9.47
C ILE A 100 -7.67 -71.42 -10.20
N PRO A 101 -8.82 -72.07 -10.45
CA PRO A 101 -8.78 -73.30 -11.25
C PRO A 101 -8.21 -73.10 -12.64
N LEU A 102 -8.63 -72.03 -13.33
CA LEU A 102 -8.12 -71.78 -14.68
C LEU A 102 -6.63 -71.50 -14.66
N LEU A 103 -6.16 -70.72 -13.68
CA LEU A 103 -4.73 -70.42 -13.60
C LEU A 103 -3.92 -71.67 -13.31
N TYR A 104 -4.40 -72.51 -12.39
CA TYR A 104 -3.69 -73.76 -12.10
C TYR A 104 -3.66 -74.66 -13.32
N LEU A 105 -4.78 -74.79 -14.03
CA LEU A 105 -4.81 -75.63 -15.22
C LEU A 105 -3.87 -75.11 -16.29
N GLU A 106 -3.87 -73.79 -16.52
CA GLU A 106 -2.98 -73.22 -17.53
C GLU A 106 -1.52 -73.41 -17.14
N PHE A 107 -1.20 -73.26 -15.86
CA PHE A 107 0.17 -73.38 -15.41
C PHE A 107 0.65 -74.83 -15.40
N ALA A 108 -0.26 -75.79 -15.26
CA ALA A 108 0.13 -77.20 -15.22
C ALA A 108 0.07 -77.89 -16.58
N ILE A 109 -0.76 -77.40 -17.51
CA ILE A 109 -0.71 -77.96 -18.86
C ILE A 109 0.60 -77.58 -19.53
N GLY A 110 1.10 -76.38 -19.26
CA GLY A 110 2.48 -76.08 -19.53
C GLY A 110 3.37 -76.73 -18.50
N GLN A 111 4.69 -76.66 -18.74
CA GLN A 111 5.71 -77.32 -17.95
C GLN A 111 5.64 -78.84 -18.10
N ARG A 112 4.64 -79.35 -18.82
CA ARG A 112 4.45 -80.77 -19.08
C ARG A 112 4.66 -81.13 -20.53
N LEU A 113 3.95 -80.44 -21.44
CA LEU A 113 4.13 -80.66 -22.87
C LEU A 113 5.34 -79.92 -23.43
N ARG A 114 5.91 -78.98 -22.67
CA ARG A 114 7.15 -78.29 -23.02
C ARG A 114 7.07 -77.67 -24.42
N ARG A 115 6.14 -76.72 -24.57
CA ARG A 115 5.94 -76.04 -25.83
C ARG A 115 5.14 -74.77 -25.58
N GLY A 116 4.97 -73.97 -26.63
CA GLY A 116 4.15 -72.79 -26.57
C GLY A 116 2.67 -73.12 -26.66
N SER A 117 1.84 -72.08 -26.58
CA SER A 117 0.39 -72.27 -26.54
C SER A 117 -0.09 -73.00 -27.77
N LEU A 118 0.31 -72.55 -28.96
CA LEU A 118 -0.06 -73.24 -30.18
C LEU A 118 0.48 -74.66 -30.20
N GLY A 119 1.75 -74.84 -29.81
CA GLY A 119 2.33 -76.17 -29.76
C GLY A 119 1.66 -77.05 -28.73
N VAL A 120 1.35 -76.50 -27.55
CA VAL A 120 0.70 -77.28 -26.50
C VAL A 120 -0.68 -77.74 -26.96
N TRP A 121 -1.45 -76.84 -27.59
CA TRP A 121 -2.80 -77.19 -28.02
C TRP A 121 -2.82 -78.03 -29.28
N SER A 122 -1.71 -78.06 -30.04
CA SER A 122 -1.62 -78.92 -31.20
C SER A 122 -1.02 -80.29 -30.87
N SER A 123 -0.31 -80.41 -29.74
CA SER A 123 0.26 -81.70 -29.37
C SER A 123 -0.83 -82.74 -29.12
N ILE A 124 -1.89 -82.35 -28.41
CA ILE A 124 -3.00 -83.24 -28.12
C ILE A 124 -4.16 -82.88 -29.03
N HIS A 125 -4.78 -83.89 -29.64
CA HIS A 125 -5.90 -83.74 -30.56
C HIS A 125 -5.56 -82.70 -31.62
N PRO A 126 -4.64 -83.00 -32.53
CA PRO A 126 -4.16 -81.98 -33.48
C PRO A 126 -5.13 -81.67 -34.61
N ALA A 127 -6.39 -82.11 -34.51
CA ALA A 127 -7.35 -81.84 -35.57
C ALA A 127 -7.68 -80.35 -35.65
N LEU A 128 -7.89 -79.69 -34.51
CA LEU A 128 -8.38 -78.31 -34.54
C LEU A 128 -7.23 -77.30 -34.60
N LYS A 129 -6.40 -77.25 -33.55
CA LYS A 129 -5.33 -76.24 -33.44
C LYS A 129 -5.84 -74.81 -33.60
N GLY A 130 -7.17 -74.61 -33.51
CA GLY A 130 -7.72 -73.30 -33.78
C GLY A 130 -7.68 -72.36 -32.61
N LEU A 131 -7.72 -72.90 -31.38
CA LEU A 131 -7.67 -72.02 -30.20
C LEU A 131 -6.33 -71.32 -30.08
N GLY A 132 -5.25 -71.95 -30.54
CA GLY A 132 -3.95 -71.28 -30.51
C GLY A 132 -3.92 -70.04 -31.39
N LEU A 133 -4.40 -70.17 -32.63
CA LEU A 133 -4.43 -69.01 -33.51
C LEU A 133 -5.47 -67.98 -33.06
N ALA A 134 -6.56 -68.43 -32.46
CA ALA A 134 -7.53 -67.49 -31.90
C ALA A 134 -6.91 -66.66 -30.79
N SER A 135 -6.14 -67.31 -29.89
CA SER A 135 -5.44 -66.56 -28.85
C SER A 135 -4.39 -65.63 -29.45
N MET A 136 -3.69 -66.09 -30.49
CA MET A 136 -2.74 -65.23 -31.20
C MET A 136 -3.43 -63.96 -31.71
N LEU A 137 -4.56 -64.13 -32.39
CA LEU A 137 -5.28 -62.97 -32.95
C LEU A 137 -5.80 -62.06 -31.85
N THR A 138 -6.34 -62.63 -30.77
CA THR A 138 -6.85 -61.81 -29.67
C THR A 138 -5.74 -61.01 -29.01
N SER A 139 -4.60 -61.64 -28.76
CA SER A 139 -3.46 -60.93 -28.18
C SER A 139 -2.97 -59.84 -29.12
N PHE A 140 -2.94 -60.11 -30.42
CA PHE A 140 -2.51 -59.10 -31.37
C PHE A 140 -3.44 -57.90 -31.35
N MET A 141 -4.75 -58.15 -31.32
CA MET A 141 -5.71 -57.04 -31.28
C MET A 141 -5.59 -56.24 -29.99
N VAL A 142 -5.44 -56.94 -28.85
CA VAL A 142 -5.32 -56.25 -27.57
C VAL A 142 -4.07 -55.37 -27.56
N GLY A 143 -2.94 -55.90 -28.05
CA GLY A 143 -1.75 -55.09 -28.14
C GLY A 143 -1.87 -53.97 -29.16
N LEU A 144 -2.72 -54.16 -30.17
CA LEU A 144 -2.95 -53.10 -31.15
C LEU A 144 -3.67 -51.92 -30.53
N TYR A 145 -4.77 -52.17 -29.81
CA TYR A 145 -5.46 -51.05 -29.18
C TYR A 145 -4.71 -50.54 -27.96
N TYR A 146 -3.98 -51.41 -27.27
CA TYR A 146 -3.03 -50.96 -26.28
C TYR A 146 -1.84 -50.29 -26.96
N ASN A 147 -0.91 -49.79 -26.16
CA ASN A 147 0.30 -49.11 -26.62
C ASN A 147 -0.05 -47.79 -27.28
N THR A 148 -1.35 -47.52 -27.44
CA THR A 148 -1.85 -46.18 -27.68
C THR A 148 -2.20 -45.52 -26.35
N ILE A 149 -2.69 -46.30 -25.39
CA ILE A 149 -2.84 -45.81 -24.03
C ILE A 149 -1.48 -45.43 -23.47
N ILE A 150 -0.45 -46.22 -23.74
CA ILE A 150 0.89 -45.89 -23.28
C ILE A 150 1.41 -44.65 -23.98
N SER A 151 1.05 -44.47 -25.25
CA SER A 151 1.46 -43.26 -25.97
C SER A 151 0.85 -42.02 -25.33
N TRP A 152 -0.44 -42.08 -24.99
CA TRP A 152 -1.08 -40.96 -24.32
C TRP A 152 -0.47 -40.73 -22.94
N ILE A 153 -0.16 -41.81 -22.23
CA ILE A 153 0.43 -41.68 -20.90
C ILE A 153 1.78 -40.97 -20.98
N MET A 154 2.63 -41.38 -21.92
CA MET A 154 3.93 -40.75 -22.03
C MET A 154 3.84 -39.33 -22.56
N TRP A 155 2.83 -39.04 -23.40
CA TRP A 155 2.62 -37.66 -23.83
C TRP A 155 2.23 -36.78 -22.65
N TYR A 156 1.34 -37.27 -21.78
CA TYR A 156 0.99 -36.53 -20.57
C TYR A 156 2.19 -36.43 -19.64
N LEU A 157 3.09 -37.40 -19.69
CA LEU A 157 4.31 -37.34 -18.87
C LEU A 157 5.27 -36.28 -19.39
N PHE A 158 5.36 -36.12 -20.71
CA PHE A 158 6.28 -35.14 -21.29
C PHE A 158 5.92 -33.72 -20.86
N ASN A 159 4.63 -33.40 -20.85
CA ASN A 159 4.18 -32.05 -20.51
C ASN A 159 4.30 -31.74 -19.04
N SER A 160 4.79 -32.66 -18.22
CA SER A 160 5.09 -32.40 -16.82
C SER A 160 6.45 -31.70 -16.74
N PHE A 161 7.03 -31.64 -15.54
CA PHE A 161 8.33 -31.02 -15.27
C PHE A 161 8.25 -29.51 -15.40
N GLN A 162 7.16 -28.92 -14.92
CA GLN A 162 6.99 -27.48 -14.94
C GLN A 162 5.93 -27.09 -13.91
N GLU A 163 6.17 -25.98 -13.21
CA GLU A 163 5.25 -25.56 -12.16
C GLU A 163 3.87 -25.19 -12.70
N PRO A 164 3.72 -24.37 -13.75
CA PRO A 164 2.38 -24.14 -14.30
C PRO A 164 1.96 -25.26 -15.23
N LEU A 165 1.38 -26.32 -14.68
CA LEU A 165 1.00 -27.47 -15.48
C LEU A 165 0.02 -27.04 -16.58
N PRO A 166 0.17 -27.57 -17.80
CA PRO A 166 -0.59 -27.03 -18.93
C PRO A 166 -2.10 -27.13 -18.77
N TRP A 167 -2.60 -28.16 -18.08
CA TRP A 167 -4.03 -28.33 -17.92
C TRP A 167 -4.60 -27.53 -16.76
N SER A 168 -3.76 -26.80 -16.02
CA SER A 168 -4.25 -26.02 -14.90
C SER A 168 -4.92 -24.72 -15.34
N ASP A 169 -4.55 -24.17 -16.49
CA ASP A 169 -5.05 -22.89 -16.94
C ASP A 169 -5.45 -22.95 -18.40
N CYS A 170 -6.41 -22.11 -18.77
CA CYS A 170 -6.91 -22.00 -20.13
C CYS A 170 -6.02 -21.09 -20.97
N PRO A 171 -5.99 -21.29 -22.28
CA PRO A 171 -5.24 -20.38 -23.14
C PRO A 171 -6.05 -19.15 -23.50
N LEU A 172 -5.35 -18.01 -23.58
CA LEU A 172 -5.99 -16.75 -23.91
C LEU A 172 -6.34 -16.71 -25.39
N ASN A 173 -7.50 -16.14 -25.70
CA ASN A 173 -7.96 -16.01 -27.08
C ASN A 173 -7.20 -14.91 -27.80
N GLU A 174 -7.52 -14.70 -29.07
CA GLU A 174 -6.89 -13.63 -29.83
C GLU A 174 -7.33 -12.24 -29.37
N ASN A 175 -8.40 -12.16 -28.58
CA ASN A 175 -8.84 -10.88 -28.04
C ASN A 175 -7.95 -10.38 -26.92
N GLN A 176 -7.18 -11.27 -26.28
CA GLN A 176 -6.30 -10.95 -25.16
C GLN A 176 -7.05 -10.38 -23.97
N THR A 177 -8.36 -10.61 -23.90
CA THR A 177 -9.19 -10.15 -22.79
C THR A 177 -9.86 -11.29 -22.05
N GLY A 178 -10.46 -12.24 -22.77
CA GLY A 178 -11.15 -13.34 -22.15
C GLY A 178 -10.69 -14.68 -22.70
N TYR A 179 -11.11 -15.74 -22.02
CA TYR A 179 -10.72 -17.09 -22.39
C TYR A 179 -11.46 -17.53 -23.66
N VAL A 180 -11.00 -18.67 -24.21
CA VAL A 180 -11.67 -19.26 -25.36
C VAL A 180 -13.04 -19.80 -24.93
N ASP A 181 -13.99 -19.80 -25.86
CA ASP A 181 -15.34 -20.26 -25.54
C ASP A 181 -15.34 -21.73 -25.13
N GLU A 182 -14.62 -22.58 -25.85
CA GLU A 182 -14.56 -23.99 -25.50
C GLU A 182 -13.93 -24.19 -24.13
N CYS A 183 -12.88 -23.45 -23.82
CA CYS A 183 -12.21 -23.56 -22.53
C CYS A 183 -12.98 -22.87 -21.42
N ALA A 184 -13.98 -22.05 -21.73
CA ALA A 184 -14.75 -21.36 -20.71
C ALA A 184 -16.03 -22.11 -20.37
N ARG A 185 -16.72 -22.67 -21.36
CA ARG A 185 -17.91 -23.46 -21.07
C ARG A 185 -17.58 -24.77 -20.38
N SER A 186 -16.37 -25.28 -20.58
CA SER A 186 -15.88 -26.50 -19.95
C SER A 186 -14.70 -26.16 -19.04
N SER A 187 -14.12 -27.20 -18.44
CA SER A 187 -12.97 -27.03 -17.58
C SER A 187 -11.68 -26.96 -18.40
N PRO A 188 -10.62 -26.39 -17.83
CA PRO A 188 -9.33 -26.40 -18.55
C PRO A 188 -8.82 -27.80 -18.84
N VAL A 189 -9.10 -28.77 -17.97
CA VAL A 189 -8.59 -30.13 -18.17
C VAL A 189 -9.28 -30.79 -19.36
N ASP A 190 -10.59 -30.62 -19.48
CA ASP A 190 -11.29 -31.16 -20.64
C ASP A 190 -10.80 -30.52 -21.92
N TYR A 191 -10.43 -29.23 -21.88
CA TYR A 191 -9.90 -28.59 -23.07
C TYR A 191 -8.51 -29.12 -23.41
N PHE A 192 -7.66 -29.31 -22.41
CA PHE A 192 -6.32 -29.81 -22.68
C PHE A 192 -6.34 -31.26 -23.15
N TRP A 193 -7.35 -32.03 -22.77
CA TRP A 193 -7.43 -33.40 -23.23
C TRP A 193 -8.10 -33.49 -24.60
N TYR A 194 -9.33 -32.97 -24.72
CA TYR A 194 -10.12 -33.18 -25.92
C TYR A 194 -9.60 -32.35 -27.10
N ARG A 195 -8.97 -31.21 -26.83
CA ARG A 195 -8.59 -30.29 -27.89
C ARG A 195 -7.07 -30.18 -28.06
N GLU A 196 -6.34 -29.85 -26.99
CA GLU A 196 -4.91 -29.63 -27.13
C GLU A 196 -4.18 -30.93 -27.47
N THR A 197 -4.58 -32.04 -26.86
CA THR A 197 -3.91 -33.32 -27.08
C THR A 197 -4.60 -34.14 -28.16
N LEU A 198 -5.87 -34.47 -27.96
CA LEU A 198 -6.58 -35.34 -28.90
C LEU A 198 -6.87 -34.62 -30.21
N ASN A 199 -7.24 -33.34 -30.14
CA ASN A 199 -7.77 -32.59 -31.28
C ASN A 199 -8.95 -33.35 -31.90
N ILE A 200 -9.87 -33.77 -31.04
CA ILE A 200 -10.97 -34.63 -31.47
C ILE A 200 -11.85 -33.89 -32.49
N SER A 201 -12.59 -34.68 -33.26
CA SER A 201 -13.46 -34.17 -34.31
C SER A 201 -14.91 -34.17 -33.88
N THR A 202 -15.69 -33.29 -34.50
CA THR A 202 -17.13 -33.25 -34.22
C THR A 202 -17.81 -34.52 -34.67
N SER A 203 -17.46 -35.03 -35.84
CA SER A 203 -18.05 -36.24 -36.39
C SER A 203 -17.13 -37.43 -36.17
N ILE A 204 -17.64 -38.61 -36.54
CA ILE A 204 -16.92 -39.85 -36.34
C ILE A 204 -16.18 -40.29 -37.59
N SER A 205 -16.86 -40.30 -38.73
CA SER A 205 -16.22 -40.63 -39.99
C SER A 205 -15.20 -39.58 -40.40
N ASP A 206 -15.44 -38.32 -40.03
CA ASP A 206 -14.52 -37.24 -40.38
C ASP A 206 -13.15 -37.49 -39.77
N SER A 207 -12.12 -37.31 -40.58
CA SER A 207 -10.74 -37.49 -40.15
C SER A 207 -9.99 -36.17 -40.30
N GLY A 208 -8.69 -36.21 -40.05
CA GLY A 208 -7.86 -35.02 -40.11
C GLY A 208 -6.42 -35.39 -40.37
N SER A 209 -5.51 -34.51 -39.96
CA SER A 209 -4.09 -34.73 -40.19
C SER A 209 -3.58 -35.86 -39.31
N ILE A 210 -2.28 -36.16 -39.44
CA ILE A 210 -1.68 -37.24 -38.68
C ILE A 210 -1.46 -36.84 -37.22
N GLN A 211 -1.52 -35.54 -36.91
CA GLN A 211 -1.35 -35.04 -35.54
C GLN A 211 0.01 -35.45 -35.00
N TRP A 212 1.04 -34.83 -35.59
CA TRP A 212 2.42 -35.30 -35.46
C TRP A 212 2.85 -35.54 -34.02
N TRP A 213 2.26 -34.85 -33.04
CA TRP A 213 2.61 -35.13 -31.65
C TRP A 213 2.32 -36.59 -31.31
N MET A 214 1.14 -37.07 -31.69
CA MET A 214 0.77 -38.45 -31.42
C MET A 214 1.66 -39.42 -32.18
N LEU A 215 2.04 -39.07 -33.41
CA LEU A 215 2.96 -39.93 -34.17
C LEU A 215 4.30 -40.05 -33.45
N LEU A 216 4.85 -38.92 -33.00
CA LEU A 216 6.13 -38.95 -32.30
C LEU A 216 6.03 -39.77 -31.02
N CYS A 217 4.97 -39.57 -30.24
CA CYS A 217 4.82 -40.32 -28.99
C CYS A 217 4.64 -41.81 -29.25
N LEU A 218 3.84 -42.17 -30.25
CA LEU A 218 3.64 -43.57 -30.57
C LEU A 218 4.92 -44.23 -31.06
N ALA A 219 5.70 -43.52 -31.87
CA ALA A 219 6.99 -44.04 -32.30
C ALA A 219 7.92 -44.25 -31.12
N CYS A 220 7.93 -43.31 -30.17
CA CYS A 220 8.76 -43.49 -28.99
C CYS A 220 8.33 -44.70 -28.18
N ALA A 221 7.02 -44.89 -28.02
CA ALA A 221 6.51 -46.04 -27.26
C ALA A 221 6.89 -47.35 -27.93
N TRP A 222 6.68 -47.44 -29.25
CA TRP A 222 7.03 -48.67 -29.96
C TRP A 222 8.54 -48.92 -29.92
N SER A 223 9.33 -47.86 -30.03
CA SER A 223 10.78 -48.01 -30.00
C SER A 223 11.25 -48.53 -28.63
N VAL A 224 10.71 -47.96 -27.55
CA VAL A 224 11.16 -48.41 -26.23
C VAL A 224 10.70 -49.84 -25.97
N LEU A 225 9.49 -50.18 -26.42
CA LEU A 225 9.03 -51.56 -26.25
C LEU A 225 9.93 -52.53 -27.02
N TYR A 226 10.23 -52.21 -28.28
CA TYR A 226 11.05 -53.10 -29.09
C TYR A 226 12.46 -53.22 -28.53
N MET A 227 13.03 -52.13 -28.04
CA MET A 227 14.36 -52.19 -27.44
C MET A 227 14.34 -53.04 -26.17
N CYS A 228 13.26 -52.96 -25.39
CA CYS A 228 13.21 -53.68 -24.13
C CYS A 228 13.15 -55.20 -24.34
N THR A 229 12.47 -55.65 -25.39
CA THR A 229 12.34 -57.08 -25.70
C THR A 229 13.03 -57.42 -27.03
N ILE A 230 14.21 -56.85 -27.25
CA ILE A 230 14.90 -57.04 -28.52
C ILE A 230 15.29 -58.51 -28.71
N ARG A 231 15.81 -59.14 -27.67
CA ARG A 231 16.23 -60.54 -27.75
C ARG A 231 15.26 -61.46 -26.99
N GLY A 232 14.11 -60.95 -26.57
CA GLY A 232 13.12 -61.77 -25.92
C GLY A 232 13.35 -61.97 -24.43
N ILE A 233 13.12 -63.20 -23.97
CA ILE A 233 13.08 -63.50 -22.53
C ILE A 233 14.38 -63.04 -21.86
N GLU A 234 15.52 -63.35 -22.48
CA GLU A 234 16.81 -63.06 -21.86
C GLU A 234 16.96 -61.59 -21.51
N THR A 235 16.25 -60.71 -22.19
CA THR A 235 16.24 -59.31 -21.80
C THR A 235 15.08 -58.97 -20.86
N THR A 236 13.88 -59.49 -21.17
CA THR A 236 12.70 -59.08 -20.42
C THR A 236 12.83 -59.46 -18.95
N GLY A 237 13.45 -60.60 -18.67
CA GLY A 237 13.65 -61.00 -17.28
C GLY A 237 14.41 -59.97 -16.49
N LYS A 238 15.38 -59.31 -17.12
CA LYS A 238 16.04 -58.19 -16.48
C LYS A 238 15.14 -56.95 -16.46
N ALA A 239 14.44 -56.70 -17.57
CA ALA A 239 13.67 -55.46 -17.70
C ALA A 239 12.59 -55.38 -16.64
N VAL A 240 11.92 -56.50 -16.35
CA VAL A 240 10.86 -56.49 -15.35
C VAL A 240 11.39 -56.25 -13.95
N TYR A 241 12.69 -56.47 -13.71
CA TYR A 241 13.23 -56.44 -12.35
C TYR A 241 12.93 -55.13 -11.64
N ILE A 242 12.85 -54.03 -12.39
CA ILE A 242 12.36 -52.77 -11.85
C ILE A 242 11.01 -52.38 -12.43
N THR A 243 10.62 -52.92 -13.58
CA THR A 243 9.37 -52.51 -14.21
C THR A 243 8.17 -53.14 -13.51
N SER A 244 8.30 -54.38 -13.07
CA SER A 244 7.23 -55.06 -12.36
C SER A 244 7.27 -54.85 -10.86
N THR A 245 8.19 -54.02 -10.36
CA THR A 245 8.27 -53.69 -8.96
C THR A 245 8.08 -52.21 -8.65
N LEU A 246 8.35 -51.32 -9.61
CA LEU A 246 8.14 -49.89 -9.38
C LEU A 246 6.69 -49.55 -9.04
N PRO A 247 5.65 -50.08 -9.73
CA PRO A 247 4.29 -49.72 -9.33
C PRO A 247 3.81 -50.48 -8.10
N TYR A 248 4.68 -50.60 -7.09
CA TYR A 248 4.30 -51.13 -5.80
C TYR A 248 4.84 -50.25 -4.68
N VAL A 249 5.97 -49.58 -4.95
CA VAL A 249 6.54 -48.66 -3.99
C VAL A 249 6.03 -47.23 -4.18
N VAL A 250 5.55 -46.90 -5.38
CA VAL A 250 4.91 -45.60 -5.59
C VAL A 250 3.49 -45.62 -5.08
N LEU A 251 2.69 -46.60 -5.53
CA LEU A 251 1.28 -46.67 -5.16
C LEU A 251 1.09 -46.58 -3.66
N THR A 252 1.91 -47.31 -2.89
CA THR A 252 1.77 -47.31 -1.45
C THR A 252 1.86 -45.89 -0.88
N ILE A 253 2.84 -45.12 -1.34
CA ILE A 253 2.98 -43.77 -0.79
C ILE A 253 1.78 -42.92 -1.16
N PHE A 254 1.16 -43.17 -2.31
CA PHE A 254 -0.06 -42.45 -2.65
C PHE A 254 -1.10 -42.62 -1.55
N LEU A 255 -1.19 -43.83 -0.99
CA LEU A 255 -2.09 -44.05 0.14
C LEU A 255 -1.80 -43.07 1.26
N ILE A 256 -0.54 -42.97 1.69
CA ILE A 256 -0.21 -42.08 2.80
C ILE A 256 -0.43 -40.62 2.43
N ARG A 257 -0.59 -40.32 1.15
CA ARG A 257 -1.05 -38.99 0.74
C ARG A 257 -2.54 -38.94 0.46
N GLY A 258 -3.11 -40.03 -0.05
CA GLY A 258 -4.50 -40.00 -0.45
C GLY A 258 -5.50 -40.13 0.68
N LEU A 259 -5.06 -40.52 1.87
CA LEU A 259 -5.98 -40.68 2.99
C LEU A 259 -6.12 -39.39 3.80
N THR A 260 -5.00 -38.91 4.34
CA THR A 260 -5.02 -37.80 5.30
C THR A 260 -4.80 -36.45 4.65
N LEU A 261 -5.56 -36.10 3.61
CA LEU A 261 -5.55 -34.74 3.11
C LEU A 261 -6.89 -34.05 3.27
N LYS A 262 -7.97 -34.58 2.67
CA LYS A 262 -9.31 -34.07 2.95
C LYS A 262 -10.38 -35.15 3.03
N GLY A 263 -10.18 -36.33 2.44
CA GLY A 263 -11.24 -37.30 2.34
C GLY A 263 -10.97 -38.61 3.07
N ALA A 264 -10.40 -38.51 4.26
CA ALA A 264 -10.18 -39.70 5.09
C ALA A 264 -11.52 -40.25 5.56
N THR A 265 -11.78 -41.52 5.24
CA THR A 265 -13.04 -42.18 5.56
C THR A 265 -14.23 -41.39 5.04
N ASN A 266 -14.07 -40.80 3.85
CA ASN A 266 -15.17 -40.16 3.15
C ASN A 266 -15.48 -40.84 1.83
N GLY A 267 -14.48 -41.03 0.97
CA GLY A 267 -14.66 -41.88 -0.20
C GLY A 267 -14.46 -43.35 0.11
N ILE A 268 -13.56 -43.66 1.05
CA ILE A 268 -13.36 -45.05 1.45
C ILE A 268 -14.63 -45.61 2.07
N VAL A 269 -15.29 -44.82 2.93
CA VAL A 269 -16.55 -45.25 3.52
C VAL A 269 -17.60 -45.45 2.43
N PHE A 270 -17.60 -44.60 1.41
CA PHE A 270 -18.53 -44.77 0.30
C PHE A 270 -18.26 -46.08 -0.44
N LEU A 271 -16.98 -46.42 -0.64
CA LEU A 271 -16.65 -47.68 -1.30
C LEU A 271 -17.05 -48.88 -0.45
N PHE A 272 -16.87 -48.78 0.87
CA PHE A 272 -17.07 -49.94 1.74
C PHE A 272 -18.55 -50.33 1.81
N THR A 273 -19.45 -49.35 1.86
CA THR A 273 -20.87 -49.68 1.93
C THR A 273 -21.35 -50.22 0.58
N PRO A 274 -21.97 -51.40 0.56
CA PRO A 274 -22.42 -51.96 -0.72
C PRO A 274 -23.57 -51.16 -1.33
N ASN A 275 -24.06 -51.63 -2.47
CA ASN A 275 -25.24 -51.05 -3.12
C ASN A 275 -26.15 -52.23 -3.50
N VAL A 276 -27.21 -52.43 -2.72
CA VAL A 276 -28.11 -53.55 -2.97
C VAL A 276 -28.85 -53.39 -4.28
N THR A 277 -29.14 -52.15 -4.69
CA THR A 277 -29.86 -51.92 -5.93
C THR A 277 -29.04 -52.37 -7.14
N GLU A 278 -27.73 -52.07 -7.14
CA GLU A 278 -26.91 -52.40 -8.30
C GLU A 278 -26.77 -53.91 -8.47
N LEU A 279 -26.64 -54.66 -7.37
CA LEU A 279 -26.49 -56.10 -7.47
C LEU A 279 -27.72 -56.75 -8.08
N ALA A 280 -28.89 -56.12 -7.94
CA ALA A 280 -30.09 -56.63 -8.58
C ALA A 280 -29.96 -56.62 -10.10
N GLN A 281 -29.42 -55.55 -10.66
CA GLN A 281 -29.13 -55.53 -12.09
C GLN A 281 -27.95 -56.44 -12.38
N PRO A 282 -28.11 -57.44 -13.24
CA PRO A 282 -27.04 -58.40 -13.50
C PRO A 282 -25.98 -57.90 -14.48
N ASP A 283 -26.16 -56.72 -15.07
CA ASP A 283 -25.20 -56.22 -16.05
C ASP A 283 -23.80 -56.12 -15.46
N THR A 284 -23.71 -55.68 -14.20
CA THR A 284 -22.42 -55.61 -13.54
C THR A 284 -21.74 -56.98 -13.54
N TRP A 285 -22.50 -58.04 -13.20
CA TRP A 285 -21.94 -59.38 -13.24
C TRP A 285 -21.34 -59.68 -14.61
N LEU A 286 -22.03 -59.25 -15.67
CA LEU A 286 -21.54 -59.48 -17.02
C LEU A 286 -20.11 -58.98 -17.18
N ASP A 287 -19.80 -57.79 -16.67
CA ASP A 287 -18.44 -57.31 -16.80
C ASP A 287 -17.50 -57.99 -15.82
N ALA A 288 -18.01 -58.32 -14.62
CA ALA A 288 -17.14 -58.82 -13.56
C ALA A 288 -16.35 -60.03 -14.01
N GLY A 289 -17.03 -61.02 -14.60
CA GLY A 289 -16.33 -62.19 -15.09
C GLY A 289 -15.25 -61.83 -16.09
N ALA A 290 -15.60 -60.98 -17.07
CA ALA A 290 -14.60 -60.56 -18.05
C ALA A 290 -13.38 -59.99 -17.36
N GLN A 291 -13.59 -59.27 -16.26
CA GLN A 291 -12.47 -58.64 -15.57
C GLN A 291 -11.45 -59.67 -15.12
N VAL A 292 -11.92 -60.81 -14.58
CA VAL A 292 -10.95 -61.77 -14.07
C VAL A 292 -10.10 -62.30 -15.23
N PHE A 293 -10.69 -62.43 -16.41
CA PHE A 293 -9.92 -62.87 -17.57
C PHE A 293 -8.80 -61.88 -17.87
N PHE A 294 -9.08 -60.59 -17.72
CA PHE A 294 -8.04 -59.58 -17.83
C PHE A 294 -7.18 -59.52 -16.58
N SER A 295 -7.76 -59.84 -15.41
CA SER A 295 -7.01 -59.70 -14.16
C SER A 295 -5.94 -60.76 -14.04
N PHE A 296 -6.24 -61.99 -14.43
CA PHE A 296 -5.31 -63.11 -14.33
C PHE A 296 -4.60 -63.40 -15.64
N SER A 297 -4.81 -62.58 -16.67
CA SER A 297 -4.15 -62.73 -17.96
C SER A 297 -4.46 -64.08 -18.60
N LEU A 298 -5.65 -64.62 -18.37
CA LEU A 298 -6.04 -65.87 -18.98
C LEU A 298 -6.48 -65.65 -20.42
N ALA A 299 -6.74 -66.76 -21.12
CA ALA A 299 -7.25 -66.81 -22.49
C ALA A 299 -6.26 -66.29 -23.53
N PHE A 300 -5.10 -65.82 -23.12
CA PHE A 300 -4.04 -65.45 -24.05
C PHE A 300 -2.98 -66.55 -24.09
N GLY A 301 -2.01 -66.38 -24.98
CA GLY A 301 -0.89 -67.30 -24.99
C GLY A 301 -0.10 -67.17 -23.71
N GLY A 302 0.58 -66.03 -23.55
CA GLY A 302 1.07 -65.57 -22.26
C GLY A 302 1.73 -66.59 -21.35
N LEU A 303 1.06 -66.84 -20.22
CA LEU A 303 1.65 -67.60 -19.13
C LEU A 303 2.09 -68.99 -19.57
N ILE A 304 1.45 -69.55 -20.60
CA ILE A 304 1.87 -70.86 -21.11
C ILE A 304 3.33 -70.83 -21.52
N SER A 305 3.71 -69.84 -22.33
CA SER A 305 5.11 -69.69 -22.70
C SER A 305 5.95 -69.39 -21.47
N PHE A 306 5.38 -68.72 -20.47
CA PHE A 306 6.07 -68.55 -19.20
C PHE A 306 6.15 -69.85 -18.44
N SER A 307 5.08 -70.67 -18.50
CA SER A 307 5.03 -71.88 -17.69
C SER A 307 5.93 -72.96 -18.25
N SER A 308 5.93 -73.16 -19.56
CA SER A 308 6.71 -74.23 -20.18
C SER A 308 8.12 -73.76 -20.53
N TYR A 309 8.78 -73.14 -19.56
CA TYR A 309 10.15 -72.68 -19.70
C TYR A 309 11.01 -73.03 -18.49
N ASN A 310 10.46 -73.75 -17.52
CA ASN A 310 11.15 -74.06 -16.28
C ASN A 310 11.42 -75.56 -16.18
N SER A 311 11.95 -75.98 -15.04
CA SER A 311 12.23 -77.39 -14.82
C SER A 311 10.91 -78.14 -14.60
N VAL A 312 11.02 -79.45 -14.37
CA VAL A 312 9.87 -80.31 -14.15
C VAL A 312 9.70 -80.65 -12.68
N HIS A 313 10.28 -79.87 -11.79
CA HIS A 313 10.23 -80.11 -10.34
C HIS A 313 9.77 -78.85 -9.62
N ASN A 314 8.70 -78.23 -10.12
CA ASN A 314 8.16 -77.00 -9.57
C ASN A 314 6.75 -77.22 -9.06
N ASN A 315 6.42 -76.57 -7.94
CA ASN A 315 5.10 -76.68 -7.32
C ASN A 315 4.18 -75.65 -7.95
N CYS A 316 3.27 -76.11 -8.82
CA CYS A 316 2.38 -75.19 -9.52
C CYS A 316 1.27 -74.66 -8.62
N GLU A 317 0.77 -75.47 -7.68
CA GLU A 317 -0.33 -75.04 -6.83
C GLU A 317 0.06 -73.86 -5.97
N LYS A 318 1.26 -73.90 -5.38
CA LYS A 318 1.73 -72.79 -4.57
C LYS A 318 1.88 -71.52 -5.40
N ASP A 319 2.41 -71.67 -6.63
CA ASP A 319 2.52 -70.54 -7.54
C ASP A 319 1.16 -69.91 -7.81
N SER A 320 0.17 -70.74 -8.15
CA SER A 320 -1.17 -70.22 -8.44
C SER A 320 -1.75 -69.51 -7.22
N VAL A 321 -1.62 -70.11 -6.04
CA VAL A 321 -2.24 -69.53 -4.85
C VAL A 321 -1.58 -68.19 -4.49
N ILE A 322 -0.25 -68.11 -4.58
CA ILE A 322 0.40 -66.85 -4.23
C ILE A 322 0.08 -65.77 -5.25
N VAL A 323 0.03 -66.14 -6.53
CA VAL A 323 -0.31 -65.16 -7.57
C VAL A 323 -1.71 -64.62 -7.33
N SER A 324 -2.66 -65.51 -7.06
CA SER A 324 -4.03 -65.08 -6.83
C SER A 324 -4.15 -64.18 -5.60
N ILE A 325 -3.47 -64.55 -4.52
CA ILE A 325 -3.56 -63.76 -3.29
C ILE A 325 -3.00 -62.36 -3.51
N ILE A 326 -1.83 -62.28 -4.14
CA ILE A 326 -1.23 -60.96 -4.36
C ILE A 326 -2.07 -60.14 -5.35
N ASN A 327 -2.70 -60.79 -6.33
CA ASN A 327 -3.56 -60.07 -7.27
C ASN A 327 -4.76 -59.47 -6.55
N GLY A 328 -5.40 -60.24 -5.68
CA GLY A 328 -6.52 -59.70 -4.91
C GLY A 328 -6.10 -58.55 -4.02
N PHE A 329 -4.94 -58.69 -3.37
CA PHE A 329 -4.45 -57.61 -2.51
C PHE A 329 -4.22 -56.33 -3.31
N THR A 330 -3.60 -56.45 -4.48
CA THR A 330 -3.33 -55.27 -5.30
C THR A 330 -4.63 -54.64 -5.80
N SER A 331 -5.62 -55.47 -6.15
CA SER A 331 -6.92 -54.92 -6.56
C SER A 331 -7.55 -54.12 -5.44
N VAL A 332 -7.51 -54.65 -4.21
CA VAL A 332 -8.05 -53.89 -3.07
C VAL A 332 -7.30 -52.58 -2.91
N TYR A 333 -5.97 -52.62 -3.04
CA TYR A 333 -5.16 -51.42 -2.88
C TYR A 333 -5.57 -50.34 -3.88
N VAL A 334 -5.68 -50.71 -5.17
CA VAL A 334 -5.96 -49.71 -6.19
C VAL A 334 -7.36 -49.17 -6.03
N ALA A 335 -8.33 -50.02 -5.66
CA ALA A 335 -9.67 -49.53 -5.42
C ALA A 335 -9.68 -48.51 -4.29
N ILE A 336 -8.95 -48.80 -3.20
CA ILE A 336 -8.92 -47.88 -2.07
C ILE A 336 -8.36 -46.52 -2.49
N VAL A 337 -7.24 -46.53 -3.22
CA VAL A 337 -6.61 -45.27 -3.60
C VAL A 337 -7.51 -44.47 -4.56
N VAL A 338 -8.10 -45.16 -5.54
CA VAL A 338 -8.95 -44.48 -6.51
C VAL A 338 -10.13 -43.80 -5.80
N TYR A 339 -10.80 -44.53 -4.90
CA TYR A 339 -11.96 -43.94 -4.27
C TYR A 339 -11.57 -42.88 -3.24
N SER A 340 -10.34 -42.96 -2.74
CA SER A 340 -9.87 -41.91 -1.85
C SER A 340 -9.78 -40.61 -2.63
N VAL A 341 -9.15 -40.65 -3.80
CA VAL A 341 -9.01 -39.44 -4.62
C VAL A 341 -10.39 -38.93 -5.05
N ILE A 342 -11.28 -39.85 -5.41
CA ILE A 342 -12.63 -39.44 -5.83
C ILE A 342 -13.35 -38.71 -4.71
N GLY A 343 -13.26 -39.25 -3.49
CA GLY A 343 -13.91 -38.60 -2.36
C GLY A 343 -13.34 -37.23 -2.05
N PHE A 344 -12.01 -37.09 -2.13
CA PHE A 344 -11.39 -35.79 -1.91
C PHE A 344 -11.89 -34.77 -2.93
N ARG A 345 -11.93 -35.16 -4.20
CA ARG A 345 -12.41 -34.25 -5.24
C ARG A 345 -13.86 -33.85 -5.00
N ALA A 346 -14.71 -34.82 -4.64
CA ALA A 346 -16.13 -34.52 -4.43
C ALA A 346 -16.32 -33.57 -3.25
N THR A 347 -15.55 -33.78 -2.18
CA THR A 347 -15.63 -32.88 -1.03
C THR A 347 -15.23 -31.47 -1.42
N GLN A 348 -14.15 -31.33 -2.21
CA GLN A 348 -13.73 -29.98 -2.63
C GLN A 348 -14.81 -29.30 -3.48
N ARG A 349 -15.41 -30.04 -4.41
CA ARG A 349 -16.45 -29.44 -5.25
C ARG A 349 -17.65 -29.01 -4.42
N TYR A 350 -18.08 -29.85 -3.47
CA TYR A 350 -19.19 -29.50 -2.61
C TYR A 350 -18.90 -28.26 -1.78
N ASP A 351 -17.68 -28.18 -1.23
CA ASP A 351 -17.31 -27.00 -0.44
C ASP A 351 -17.34 -25.73 -1.28
N ASP A 352 -16.82 -25.79 -2.52
CA ASP A 352 -16.80 -24.57 -3.32
C ASP A 352 -18.22 -24.17 -3.73
N CYS A 353 -19.09 -25.13 -4.00
CA CYS A 353 -20.47 -24.79 -4.33
C CYS A 353 -21.17 -24.12 -3.14
N PHE A 354 -20.96 -24.65 -1.94
CA PHE A 354 -21.55 -24.04 -0.76
C PHE A 354 -21.03 -22.62 -0.55
N SER A 355 -19.72 -22.42 -0.76
CA SER A 355 -19.16 -21.07 -0.64
C SER A 355 -19.78 -20.13 -1.65
N THR A 356 -20.00 -20.61 -2.88
CA THR A 356 -20.64 -19.78 -3.89
C THR A 356 -22.06 -19.39 -3.48
N ASN A 357 -22.81 -20.34 -2.91
CA ASN A 357 -24.16 -20.01 -2.44
C ASN A 357 -24.13 -18.95 -1.34
N ILE A 358 -23.21 -19.11 -0.39
CA ILE A 358 -23.09 -18.13 0.70
C ILE A 358 -22.74 -16.76 0.15
N LEU A 359 -21.81 -16.71 -0.82
CA LEU A 359 -21.43 -15.44 -1.41
C LEU A 359 -22.60 -14.80 -2.15
N THR A 360 -23.41 -15.60 -2.85
CA THR A 360 -24.57 -15.06 -3.55
C THR A 360 -25.54 -14.42 -2.57
N LEU A 361 -25.83 -15.10 -1.46
CA LEU A 361 -26.74 -14.52 -0.47
C LEU A 361 -26.16 -13.25 0.13
N ILE A 362 -24.87 -13.26 0.47
CA ILE A 362 -24.25 -12.10 1.11
C ILE A 362 -24.27 -10.90 0.18
N ASN A 363 -23.92 -11.10 -1.09
CA ASN A 363 -23.99 -10.01 -2.06
C ASN A 363 -25.42 -9.55 -2.30
N GLY A 364 -26.38 -10.47 -2.23
CA GLY A 364 -27.77 -10.09 -2.45
C GLY A 364 -28.32 -9.18 -1.38
N PHE A 365 -28.02 -9.49 -0.11
CA PHE A 365 -28.63 -8.76 0.99
C PHE A 365 -27.64 -7.95 1.83
N ASP A 366 -26.38 -7.87 1.43
CA ASP A 366 -25.38 -7.00 2.06
C ASP A 366 -25.28 -7.24 3.56
N LEU A 367 -25.23 -8.50 3.96
CA LEU A 367 -24.94 -8.86 5.34
C LEU A 367 -23.44 -8.81 5.59
N PRO A 368 -23.02 -8.72 6.85
CA PRO A 368 -21.58 -8.79 7.15
C PRO A 368 -21.00 -10.12 6.65
N GLU A 369 -19.75 -10.05 6.21
CA GLU A 369 -19.14 -11.20 5.54
C GLU A 369 -19.03 -12.40 6.47
N GLY A 370 -18.62 -12.19 7.72
CA GLY A 370 -18.38 -13.27 8.64
C GLY A 370 -19.58 -13.77 9.40
N ASN A 371 -20.80 -13.32 9.06
CA ASN A 371 -21.95 -13.69 9.87
C ASN A 371 -22.56 -15.03 9.45
N VAL A 372 -22.61 -15.31 8.16
CA VAL A 372 -23.15 -16.58 7.67
C VAL A 372 -22.01 -17.57 7.50
N THR A 373 -22.29 -18.84 7.78
CA THR A 373 -21.29 -19.90 7.69
C THR A 373 -21.96 -21.13 7.11
N GLN A 374 -21.26 -22.27 7.23
CA GLN A 374 -21.76 -23.52 6.66
C GLN A 374 -23.06 -23.97 7.33
N GLU A 375 -23.14 -23.83 8.65
CA GLU A 375 -24.23 -24.42 9.42
C GLU A 375 -25.38 -23.46 9.71
N ASN A 376 -25.14 -22.15 9.72
CA ASN A 376 -26.20 -21.17 9.96
C ASN A 376 -26.70 -20.55 8.66
N PHE A 377 -26.77 -21.34 7.60
CA PHE A 377 -27.18 -20.84 6.30
C PHE A 377 -28.69 -20.89 6.10
N VAL A 378 -29.34 -21.98 6.52
CA VAL A 378 -30.77 -22.13 6.28
C VAL A 378 -31.58 -21.13 7.11
N ASP A 379 -31.21 -20.95 8.38
CA ASP A 379 -31.95 -20.02 9.22
C ASP A 379 -31.77 -18.58 8.75
N MET A 380 -30.56 -18.20 8.35
CA MET A 380 -30.35 -16.87 7.80
C MET A 380 -31.05 -16.67 6.47
N GLN A 381 -31.12 -17.72 5.65
CA GLN A 381 -31.88 -17.65 4.40
C GLN A 381 -33.37 -17.41 4.68
N GLN A 382 -33.92 -18.14 5.65
CA GLN A 382 -35.32 -17.95 6.03
C GLN A 382 -35.56 -16.54 6.56
N ARG A 383 -34.67 -16.07 7.44
CA ARG A 383 -34.76 -14.71 7.97
C ARG A 383 -34.71 -13.69 6.84
N CYS A 384 -33.84 -13.92 5.86
CA CYS A 384 -33.72 -12.99 4.75
C CYS A 384 -34.99 -12.94 3.91
N ASN A 385 -35.62 -14.08 3.65
CA ASN A 385 -36.83 -13.98 2.82
C ASN A 385 -37.98 -13.40 3.62
N ALA A 386 -38.05 -13.71 4.92
CA ALA A 386 -39.09 -13.12 5.76
C ALA A 386 -38.95 -11.62 5.84
N SER A 387 -37.72 -11.12 5.97
CA SER A 387 -37.49 -9.69 6.15
C SER A 387 -37.91 -8.90 4.90
N ASP A 388 -37.39 -9.28 3.74
CA ASP A 388 -37.57 -8.52 2.51
C ASP A 388 -38.01 -9.46 1.39
N PRO A 389 -39.28 -9.84 1.36
CA PRO A 389 -39.76 -10.69 0.27
C PRO A 389 -39.78 -9.95 -1.06
N ALA A 390 -39.87 -10.74 -2.13
CA ALA A 390 -39.96 -10.30 -3.53
C ALA A 390 -38.65 -9.70 -4.05
N ALA A 391 -37.63 -9.54 -3.21
CA ALA A 391 -36.30 -9.18 -3.67
C ALA A 391 -35.34 -10.36 -3.65
N TYR A 392 -35.57 -11.30 -2.74
CA TYR A 392 -34.81 -12.56 -2.72
C TYR A 392 -35.11 -13.41 -3.93
N ALA A 393 -36.33 -13.30 -4.48
CA ALA A 393 -36.72 -14.13 -5.62
C ALA A 393 -35.84 -13.89 -6.83
N GLN A 394 -35.15 -12.75 -6.91
CA GLN A 394 -34.24 -12.48 -8.01
C GLN A 394 -32.96 -13.32 -7.93
N LEU A 395 -32.72 -13.99 -6.82
CA LEU A 395 -31.51 -14.79 -6.65
C LEU A 395 -31.70 -16.19 -7.17
N VAL A 396 -30.68 -16.70 -7.86
CA VAL A 396 -30.68 -18.05 -8.40
C VAL A 396 -29.80 -18.90 -7.48
N PHE A 397 -30.44 -19.79 -6.72
CA PHE A 397 -29.75 -20.63 -5.76
C PHE A 397 -29.61 -22.03 -6.32
N GLN A 398 -28.40 -22.59 -6.26
CA GLN A 398 -28.15 -23.95 -6.71
C GLN A 398 -27.98 -24.87 -5.50
N THR A 399 -28.33 -26.13 -5.70
CA THR A 399 -28.30 -27.13 -4.64
C THR A 399 -27.14 -28.10 -4.86
N CYS A 400 -26.41 -28.37 -3.78
CA CYS A 400 -25.29 -29.31 -3.86
C CYS A 400 -25.18 -30.05 -2.54
N ASP A 401 -25.17 -31.38 -2.62
CA ASP A 401 -25.05 -32.23 -1.45
C ASP A 401 -24.16 -33.42 -1.78
N ILE A 402 -23.37 -33.85 -0.80
CA ILE A 402 -22.56 -35.05 -0.96
C ILE A 402 -23.49 -36.22 -1.28
N ASN A 403 -22.95 -37.20 -2.02
CA ASN A 403 -23.61 -38.35 -2.63
C ASN A 403 -24.28 -37.96 -3.95
N ALA A 404 -24.18 -36.70 -4.37
CA ALA A 404 -24.49 -36.30 -5.73
C ALA A 404 -23.25 -36.07 -6.56
N PHE A 405 -22.19 -35.51 -5.96
CA PHE A 405 -20.89 -35.45 -6.60
C PHE A 405 -20.18 -36.79 -6.52
N LEU A 406 -20.39 -37.55 -5.44
CA LEU A 406 -19.72 -38.82 -5.28
C LEU A 406 -20.25 -39.88 -6.24
N SER A 407 -21.53 -39.80 -6.60
CA SER A 407 -22.12 -40.76 -7.52
C SER A 407 -21.84 -40.44 -8.99
N GLU A 408 -21.22 -39.30 -9.27
CA GLU A 408 -20.92 -38.94 -10.65
C GLU A 408 -19.84 -39.84 -11.20
N ALA A 409 -20.07 -40.39 -12.39
CA ALA A 409 -19.14 -41.32 -13.02
C ALA A 409 -18.71 -40.78 -14.38
N VAL A 410 -17.42 -40.90 -14.67
CA VAL A 410 -16.85 -40.48 -15.94
C VAL A 410 -16.77 -41.69 -16.86
N GLU A 411 -16.90 -41.43 -18.16
CA GLU A 411 -16.83 -42.47 -19.17
C GLU A 411 -15.50 -42.39 -19.91
N GLY A 412 -15.22 -43.43 -20.69
CA GLY A 412 -13.97 -43.47 -21.44
C GLY A 412 -12.76 -43.55 -20.52
N THR A 413 -11.69 -42.91 -20.96
CA THR A 413 -10.42 -42.89 -20.23
C THR A 413 -10.25 -41.61 -19.40
N GLY A 414 -11.35 -41.07 -18.89
CA GLY A 414 -11.28 -39.84 -18.13
C GLY A 414 -10.84 -39.98 -16.69
N LEU A 415 -10.89 -41.19 -16.15
CA LEU A 415 -10.57 -41.40 -14.74
C LEU A 415 -9.32 -40.67 -14.25
N ALA A 416 -8.28 -40.67 -15.07
CA ALA A 416 -7.04 -40.03 -14.66
C ALA A 416 -6.82 -38.76 -15.46
N PHE A 417 -6.80 -38.91 -16.78
CA PHE A 417 -6.57 -37.75 -17.64
C PHE A 417 -7.49 -36.58 -17.29
N ILE A 418 -8.62 -36.86 -16.64
CA ILE A 418 -9.51 -35.77 -16.32
C ILE A 418 -9.70 -35.60 -14.82
N VAL A 419 -9.89 -36.71 -14.09
CA VAL A 419 -10.16 -36.63 -12.66
C VAL A 419 -8.86 -36.49 -11.87
N PHE A 420 -7.95 -37.45 -12.04
CA PHE A 420 -6.72 -37.44 -11.26
C PHE A 420 -5.85 -36.24 -11.57
N THR A 421 -5.89 -35.73 -12.80
CA THR A 421 -5.07 -34.58 -13.16
C THR A 421 -5.49 -33.34 -12.37
N GLU A 422 -6.79 -33.05 -12.34
CA GLU A 422 -7.23 -31.88 -11.59
C GLU A 422 -7.08 -32.09 -10.09
N ALA A 423 -7.32 -33.32 -9.61
CA ALA A 423 -7.09 -33.62 -8.21
C ALA A 423 -5.63 -33.38 -7.83
N ILE A 424 -4.71 -33.68 -8.74
CA ILE A 424 -3.30 -33.41 -8.49
C ILE A 424 -3.03 -31.91 -8.51
N THR A 425 -3.63 -31.19 -9.45
CA THR A 425 -3.40 -29.75 -9.53
C THR A 425 -3.84 -29.06 -8.25
N LYS A 426 -4.96 -29.49 -7.65
CA LYS A 426 -5.39 -28.91 -6.39
C LYS A 426 -4.39 -29.17 -5.27
N MET A 427 -3.61 -30.25 -5.37
CA MET A 427 -2.63 -30.58 -4.35
C MET A 427 -1.45 -29.61 -4.40
N PRO A 428 -0.71 -29.48 -3.29
CA PRO A 428 0.34 -28.45 -3.22
C PRO A 428 1.45 -28.57 -4.25
N LEU A 429 2.15 -29.70 -4.26
CA LEU A 429 3.33 -29.86 -5.12
C LEU A 429 2.96 -30.69 -6.36
N SER A 430 2.05 -30.14 -7.15
CA SER A 430 1.41 -30.89 -8.23
C SER A 430 2.37 -31.56 -9.20
N PRO A 431 3.42 -30.91 -9.72
CA PRO A 431 4.24 -31.59 -10.75
C PRO A 431 4.89 -32.88 -10.28
N LEU A 432 5.29 -32.95 -9.02
CA LEU A 432 5.97 -34.14 -8.52
C LEU A 432 5.05 -35.36 -8.52
N TRP A 433 3.86 -35.22 -7.93
CA TRP A 433 2.95 -36.35 -7.93
C TRP A 433 2.42 -36.64 -9.33
N SER A 434 2.29 -35.61 -10.17
CA SER A 434 1.92 -35.86 -11.56
C SER A 434 2.94 -36.77 -12.24
N VAL A 435 4.22 -36.41 -12.16
CA VAL A 435 5.24 -37.17 -12.87
C VAL A 435 5.37 -38.58 -12.30
N LEU A 436 5.30 -38.73 -10.96
CA LEU A 436 5.43 -40.06 -10.40
C LEU A 436 4.21 -40.93 -10.72
N PHE A 437 3.01 -40.35 -10.70
CA PHE A 437 1.81 -41.10 -11.06
C PHE A 437 1.88 -41.57 -12.51
N PHE A 438 2.30 -40.70 -13.42
CA PHE A 438 2.36 -41.12 -14.82
C PHE A 438 3.49 -42.11 -15.05
N ILE A 439 4.59 -42.02 -14.28
CA ILE A 439 5.64 -43.02 -14.39
C ILE A 439 5.11 -44.39 -13.95
N MET A 440 4.33 -44.42 -12.87
CA MET A 440 3.71 -45.69 -12.40
C MET A 440 2.87 -46.25 -13.51
N LEU A 441 1.99 -45.42 -14.04
CA LEU A 441 1.08 -45.88 -15.08
C LEU A 441 1.84 -46.44 -16.27
N PHE A 442 2.92 -45.74 -16.66
CA PHE A 442 3.75 -46.21 -17.78
C PHE A 442 4.38 -47.57 -17.48
N CYS A 443 4.86 -47.76 -16.25
CA CYS A 443 5.46 -49.04 -15.88
C CYS A 443 4.44 -50.16 -15.93
N LEU A 444 3.23 -49.92 -15.42
CA LEU A 444 2.18 -50.94 -15.48
C LEU A 444 1.86 -51.29 -16.93
N GLY A 445 1.71 -50.27 -17.78
CA GLY A 445 1.43 -50.52 -19.19
C GLY A 445 2.54 -51.28 -19.87
N LEU A 446 3.80 -50.97 -19.52
CA LEU A 446 4.93 -51.65 -20.13
C LEU A 446 4.98 -53.11 -19.75
N SER A 447 4.73 -53.43 -18.46
CA SER A 447 4.66 -54.82 -18.06
C SER A 447 3.55 -55.55 -18.81
N SER A 448 2.37 -54.92 -18.91
CA SER A 448 1.28 -55.51 -19.67
C SER A 448 1.72 -55.81 -21.10
N MET A 449 2.33 -54.83 -21.76
CA MET A 449 2.72 -54.99 -23.16
C MET A 449 3.76 -56.07 -23.34
N PHE A 450 4.71 -56.18 -22.41
CA PHE A 450 5.62 -57.32 -22.40
C PHE A 450 4.83 -58.62 -22.42
N GLY A 451 3.82 -58.71 -21.55
CA GLY A 451 3.06 -59.94 -21.44
C GLY A 451 2.35 -60.33 -22.72
N ASN A 452 1.63 -59.38 -23.33
CA ASN A 452 0.95 -59.78 -24.57
C ASN A 452 1.89 -59.75 -25.77
N MET A 453 3.12 -59.26 -25.63
CA MET A 453 4.09 -59.34 -26.71
C MET A 453 4.73 -60.71 -26.75
N GLU A 454 4.98 -61.32 -25.59
CA GLU A 454 5.54 -62.66 -25.58
C GLU A 454 4.59 -63.66 -26.22
N GLY A 455 3.29 -63.45 -26.09
CA GLY A 455 2.32 -64.28 -26.77
C GLY A 455 2.24 -64.06 -28.27
N VAL A 456 3.07 -63.17 -28.79
CA VAL A 456 3.18 -62.91 -30.22
C VAL A 456 4.60 -63.28 -30.63
N VAL A 457 4.77 -63.64 -31.91
CA VAL A 457 6.03 -64.12 -32.50
C VAL A 457 6.30 -65.57 -32.07
N VAL A 458 6.08 -65.87 -30.78
CA VAL A 458 6.25 -67.25 -30.32
C VAL A 458 5.36 -68.22 -31.08
N PRO A 459 4.06 -67.97 -31.26
CA PRO A 459 3.29 -68.82 -32.18
C PRO A 459 3.80 -68.76 -33.61
N LEU A 460 4.28 -67.59 -34.05
CA LEU A 460 4.77 -67.46 -35.43
C LEU A 460 6.01 -68.31 -35.65
N GLN A 461 6.96 -68.27 -34.72
CA GLN A 461 8.14 -69.13 -34.81
C GLN A 461 7.83 -70.57 -34.42
N ASP A 462 6.66 -70.83 -33.86
CA ASP A 462 6.28 -72.19 -33.47
C ASP A 462 5.65 -72.97 -34.62
N LEU A 463 4.90 -72.31 -35.50
CA LEU A 463 4.28 -73.00 -36.62
C LEU A 463 5.30 -73.41 -37.68
N ARG A 464 6.53 -72.90 -37.60
CA ARG A 464 7.69 -73.41 -38.35
C ARG A 464 7.48 -73.34 -39.86
N VAL A 465 7.32 -72.12 -40.36
CA VAL A 465 7.45 -71.82 -41.77
C VAL A 465 8.50 -70.75 -42.04
N ILE A 466 9.10 -70.20 -40.99
CA ILE A 466 10.12 -69.15 -41.13
C ILE A 466 11.40 -69.76 -41.69
N PRO A 467 12.14 -69.07 -42.55
CA PRO A 467 13.39 -69.62 -43.05
C PRO A 467 14.37 -69.85 -41.92
N PRO A 468 15.34 -70.76 -42.11
CA PRO A 468 16.15 -71.24 -40.97
C PRO A 468 16.90 -70.16 -40.20
N LYS A 469 17.78 -69.40 -40.86
CA LYS A 469 18.67 -68.51 -40.13
C LYS A 469 17.90 -67.44 -39.37
N TRP A 470 17.30 -66.48 -40.10
CA TRP A 470 16.25 -65.56 -39.68
C TRP A 470 16.32 -65.22 -38.20
N PRO A 471 17.34 -64.49 -37.74
CA PRO A 471 17.49 -64.25 -36.30
C PRO A 471 16.26 -63.60 -35.68
N LYS A 472 16.00 -63.95 -34.43
CA LYS A 472 14.77 -63.52 -33.75
C LYS A 472 14.63 -62.01 -33.71
N GLU A 473 15.76 -61.29 -33.67
CA GLU A 473 15.70 -59.83 -33.67
C GLU A 473 15.02 -59.31 -34.93
N VAL A 474 15.32 -59.92 -36.08
CA VAL A 474 14.71 -59.49 -37.33
C VAL A 474 13.20 -59.68 -37.30
N LEU A 475 12.74 -60.84 -36.82
CA LEU A 475 11.31 -61.11 -36.74
C LEU A 475 10.61 -60.15 -35.78
N THR A 476 11.23 -59.91 -34.62
CA THR A 476 10.63 -58.98 -33.66
C THR A 476 10.54 -57.58 -34.25
N GLY A 477 11.59 -57.13 -34.94
CA GLY A 477 11.54 -55.83 -35.57
C GLY A 477 10.49 -55.74 -36.65
N LEU A 478 10.37 -56.78 -37.47
CA LEU A 478 9.37 -56.78 -38.53
C LEU A 478 7.96 -56.71 -37.95
N ILE A 479 7.68 -57.51 -36.91
CA ILE A 479 6.35 -57.51 -36.33
C ILE A 479 6.08 -56.18 -35.64
N CYS A 480 7.09 -55.58 -35.01
CA CYS A 480 6.92 -54.29 -34.37
C CYS A 480 6.59 -53.20 -35.39
N LEU A 481 7.31 -53.18 -36.51
CA LEU A 481 7.05 -52.18 -37.54
C LEU A 481 5.69 -52.40 -38.19
N GLY A 482 5.30 -53.66 -38.40
CA GLY A 482 3.97 -53.92 -38.93
C GLY A 482 2.87 -53.46 -38.00
N THR A 483 3.03 -53.72 -36.69
CA THR A 483 2.06 -53.26 -35.72
C THR A 483 2.02 -51.73 -35.65
N PHE A 484 3.18 -51.09 -35.77
CA PHE A 484 3.22 -49.63 -35.83
C PHE A 484 2.44 -49.11 -37.04
N LEU A 485 2.64 -49.75 -38.20
CA LEU A 485 1.95 -49.32 -39.41
C LEU A 485 0.44 -49.51 -39.28
N ILE A 486 0.00 -50.62 -38.69
CA ILE A 486 -1.45 -50.84 -38.60
C ILE A 486 -2.06 -49.97 -37.50
N GLY A 487 -1.30 -49.66 -36.44
CA GLY A 487 -1.79 -48.76 -35.42
C GLY A 487 -1.67 -47.29 -35.75
N PHE A 488 -1.05 -46.97 -36.89
CA PHE A 488 -1.06 -45.61 -37.42
C PHE A 488 -2.44 -44.97 -37.38
N ILE A 489 -3.50 -45.79 -37.47
CA ILE A 489 -4.86 -45.26 -37.60
C ILE A 489 -5.25 -44.46 -36.36
N PHE A 490 -4.83 -44.89 -35.18
CA PHE A 490 -5.27 -44.26 -33.94
C PHE A 490 -4.71 -42.85 -33.74
N THR A 491 -3.75 -42.42 -34.56
CA THR A 491 -3.18 -41.09 -34.44
C THR A 491 -3.97 -40.03 -35.19
N LEU A 492 -5.07 -40.40 -35.83
CA LEU A 492 -5.90 -39.44 -36.56
C LEU A 492 -6.73 -38.62 -35.58
N ASN A 493 -7.61 -37.78 -36.13
CA ASN A 493 -8.52 -37.00 -35.30
C ASN A 493 -9.71 -37.79 -34.82
N SER A 494 -9.97 -38.96 -35.42
CA SER A 494 -11.06 -39.84 -34.99
C SER A 494 -10.54 -41.08 -34.27
N GLY A 495 -9.30 -41.03 -33.77
CA GLY A 495 -8.71 -42.20 -33.16
C GLY A 495 -9.41 -42.63 -31.89
N GLN A 496 -9.85 -41.67 -31.08
CA GLN A 496 -10.50 -42.00 -29.82
C GLN A 496 -11.79 -42.79 -30.05
N TYR A 497 -12.59 -42.37 -31.04
CA TYR A 497 -13.83 -43.07 -31.33
C TYR A 497 -13.55 -44.49 -31.80
N TRP A 498 -12.53 -44.67 -32.64
CA TRP A 498 -12.19 -46.01 -33.11
C TRP A 498 -11.70 -46.89 -31.97
N LEU A 499 -10.89 -46.33 -31.07
CA LEU A 499 -10.41 -47.10 -29.92
C LEU A 499 -11.56 -47.50 -29.01
N SER A 500 -12.50 -46.59 -28.77
CA SER A 500 -13.66 -46.94 -27.96
C SER A 500 -14.50 -48.02 -28.63
N LEU A 501 -14.69 -47.91 -29.96
CA LEU A 501 -15.43 -48.93 -30.69
C LEU A 501 -14.74 -50.29 -30.59
N LEU A 502 -13.42 -50.32 -30.76
CA LEU A 502 -12.69 -51.58 -30.68
C LEU A 502 -12.79 -52.19 -29.29
N ASP A 503 -12.65 -51.36 -28.24
CA ASP A 503 -12.73 -51.87 -26.88
C ASP A 503 -14.13 -52.33 -26.53
N SER A 504 -15.15 -51.75 -27.16
CA SER A 504 -16.52 -52.17 -26.86
C SER A 504 -16.79 -53.60 -27.29
N TYR A 505 -15.98 -54.16 -28.20
CA TYR A 505 -16.16 -55.54 -28.63
C TYR A 505 -14.95 -56.43 -28.39
N ALA A 506 -13.74 -55.88 -28.43
CA ALA A 506 -12.56 -56.69 -28.10
C ALA A 506 -12.63 -57.15 -26.66
N GLY A 507 -12.15 -58.37 -26.42
CA GLY A 507 -12.32 -58.98 -25.11
C GLY A 507 -13.73 -59.52 -24.96
N SER A 508 -13.99 -60.04 -23.76
CA SER A 508 -15.26 -60.69 -23.44
C SER A 508 -15.47 -61.94 -24.28
N ILE A 509 -16.21 -61.81 -25.39
CA ILE A 509 -16.64 -63.00 -26.14
C ILE A 509 -15.47 -63.84 -26.67
N PRO A 510 -14.41 -63.28 -27.27
CA PRO A 510 -13.30 -64.17 -27.68
C PRO A 510 -12.65 -64.84 -26.49
N LEU A 511 -12.49 -64.12 -25.38
CA LEU A 511 -11.88 -64.70 -24.19
C LEU A 511 -12.76 -65.78 -23.59
N LEU A 512 -14.07 -65.55 -23.55
CA LEU A 512 -15.00 -66.57 -23.07
C LEU A 512 -14.94 -67.82 -23.93
N ILE A 513 -14.90 -67.64 -25.26
CA ILE A 513 -14.83 -68.78 -26.17
C ILE A 513 -13.52 -69.55 -25.97
N ILE A 514 -12.41 -68.82 -25.80
CA ILE A 514 -11.13 -69.49 -25.60
C ILE A 514 -11.11 -70.26 -24.29
N ALA A 515 -11.68 -69.68 -23.22
CA ALA A 515 -11.75 -70.39 -21.95
C ALA A 515 -12.60 -71.64 -22.06
N PHE A 516 -13.73 -71.54 -22.75
CA PHE A 516 -14.58 -72.71 -22.96
C PHE A 516 -13.84 -73.80 -23.73
N CYS A 517 -13.11 -73.41 -24.78
CA CYS A 517 -12.38 -74.38 -25.57
C CYS A 517 -11.29 -75.05 -24.75
N GLU A 518 -10.56 -74.27 -23.94
CA GLU A 518 -9.52 -74.84 -23.09
C GLU A 518 -10.11 -75.83 -22.09
N MET A 519 -11.19 -75.43 -21.42
CA MET A 519 -11.81 -76.31 -20.43
C MET A 519 -12.32 -77.59 -21.08
N PHE A 520 -12.98 -77.47 -22.24
CA PHE A 520 -13.49 -78.65 -22.93
C PHE A 520 -12.36 -79.58 -23.34
N SER A 521 -11.29 -79.01 -23.89
CA SER A 521 -10.18 -79.84 -24.34
C SER A 521 -9.52 -80.56 -23.17
N VAL A 522 -9.41 -79.90 -22.03
CA VAL A 522 -8.78 -80.54 -20.88
C VAL A 522 -9.69 -81.63 -20.31
N VAL A 523 -10.98 -81.34 -20.17
CA VAL A 523 -11.86 -82.28 -19.47
C VAL A 523 -12.15 -83.50 -20.34
N TYR A 524 -12.40 -83.31 -21.64
CA TYR A 524 -12.82 -84.42 -22.49
C TYR A 524 -11.62 -85.05 -23.20
N VAL A 525 -10.91 -84.27 -24.02
CA VAL A 525 -9.65 -84.73 -24.58
C VAL A 525 -8.62 -84.85 -23.47
N TYR A 526 -7.54 -85.59 -23.74
CA TYR A 526 -6.52 -85.89 -22.73
C TYR A 526 -7.18 -86.64 -21.58
N GLY A 527 -7.57 -85.92 -20.54
CA GLY A 527 -8.33 -86.51 -19.45
C GLY A 527 -7.95 -85.98 -18.08
N VAL A 528 -8.93 -85.92 -17.18
CA VAL A 528 -8.68 -85.49 -15.81
C VAL A 528 -7.82 -86.52 -15.08
N ASP A 529 -8.13 -87.81 -15.26
CA ASP A 529 -7.41 -88.86 -14.55
C ASP A 529 -5.93 -88.86 -14.90
N ARG A 530 -5.61 -88.83 -16.20
CA ARG A 530 -4.22 -88.75 -16.61
C ARG A 530 -3.56 -87.48 -16.12
N PHE A 531 -4.33 -86.39 -16.02
CA PHE A 531 -3.81 -85.16 -15.43
C PHE A 531 -3.40 -85.38 -13.99
N ASN A 532 -4.25 -86.06 -13.21
CA ASN A 532 -3.89 -86.34 -11.82
C ASN A 532 -2.64 -87.22 -11.75
N LYS A 533 -2.55 -88.23 -12.60
CA LYS A 533 -1.37 -89.09 -12.59
C LYS A 533 -0.11 -88.29 -12.90
N ASP A 534 -0.16 -87.42 -13.91
CA ASP A 534 1.07 -86.74 -14.31
C ASP A 534 1.46 -85.64 -13.32
N ILE A 535 0.48 -84.97 -12.70
CA ILE A 535 0.85 -83.99 -11.68
C ILE A 535 1.37 -84.69 -10.43
N GLU A 536 0.82 -85.86 -10.09
CA GLU A 536 1.35 -86.62 -8.97
C GLU A 536 2.77 -87.10 -9.23
N PHE A 537 3.07 -87.54 -10.45
CA PHE A 537 4.42 -87.99 -10.74
C PHE A 537 5.39 -86.82 -10.84
N MET A 538 4.92 -85.67 -11.34
CA MET A 538 5.84 -84.56 -11.59
C MET A 538 6.31 -83.91 -10.30
N ILE A 539 5.39 -83.60 -9.37
CA ILE A 539 5.78 -82.96 -8.12
C ILE A 539 5.10 -83.63 -6.93
N GLY A 540 4.09 -84.45 -7.18
CA GLY A 540 3.28 -84.99 -6.10
C GLY A 540 2.18 -84.03 -5.69
N HIS A 541 1.67 -84.23 -4.48
CA HIS A 541 0.62 -83.40 -3.89
C HIS A 541 -0.62 -83.38 -4.79
N LYS A 542 -1.25 -84.55 -4.87
CA LYS A 542 -2.44 -84.71 -5.70
C LYS A 542 -3.50 -83.68 -5.31
N PRO A 543 -4.14 -83.01 -6.27
CA PRO A 543 -5.14 -82.00 -5.93
C PRO A 543 -6.30 -82.60 -5.15
N ASN A 544 -6.79 -81.86 -4.17
CA ASN A 544 -7.88 -82.32 -3.33
C ASN A 544 -9.21 -82.10 -4.06
N ILE A 545 -10.31 -82.39 -3.36
CA ILE A 545 -11.62 -82.47 -4.00
C ILE A 545 -12.05 -81.12 -4.58
N PHE A 546 -11.54 -80.03 -4.01
CA PHE A 546 -11.96 -78.69 -4.43
C PHE A 546 -11.65 -78.45 -5.91
N TRP A 547 -10.41 -78.72 -6.32
CA TRP A 547 -10.03 -78.56 -7.71
C TRP A 547 -10.83 -79.49 -8.63
N GLN A 548 -11.02 -80.75 -8.22
CA GLN A 548 -11.75 -81.68 -9.09
C GLN A 548 -13.19 -81.22 -9.30
N VAL A 549 -13.87 -80.78 -8.23
CA VAL A 549 -15.25 -80.34 -8.40
C VAL A 549 -15.31 -79.03 -9.19
N THR A 550 -14.32 -78.15 -9.02
CA THR A 550 -14.34 -76.91 -9.81
C THR A 550 -14.17 -77.17 -11.29
N TRP A 551 -13.24 -78.06 -11.66
CA TRP A 551 -13.09 -78.37 -13.09
C TRP A 551 -14.24 -79.22 -13.61
N ARG A 552 -14.90 -80.00 -12.75
CA ARG A 552 -15.91 -80.93 -13.23
C ARG A 552 -17.18 -80.19 -13.66
N VAL A 553 -17.84 -79.50 -12.74
CA VAL A 553 -19.12 -78.88 -13.04
C VAL A 553 -19.21 -77.43 -12.62
N VAL A 554 -18.37 -76.93 -11.71
CA VAL A 554 -18.56 -75.57 -11.19
C VAL A 554 -18.08 -74.52 -12.19
N SER A 555 -16.78 -74.51 -12.48
CA SER A 555 -16.22 -73.50 -13.37
C SER A 555 -16.80 -73.56 -14.79
N PRO A 556 -16.86 -74.71 -15.46
CA PRO A 556 -17.36 -74.68 -16.85
C PRO A 556 -18.80 -74.23 -16.96
N LEU A 557 -19.68 -74.73 -16.09
CA LEU A 557 -21.07 -74.32 -16.14
C LEU A 557 -21.22 -72.85 -15.77
N LEU A 558 -20.48 -72.39 -14.77
CA LEU A 558 -20.61 -70.99 -14.34
C LEU A 558 -20.10 -70.03 -15.41
N MET A 559 -19.08 -70.44 -16.17
CA MET A 559 -18.64 -69.60 -17.27
C MET A 559 -19.58 -69.69 -18.46
N LEU A 560 -20.15 -70.87 -18.72
CA LEU A 560 -21.07 -71.03 -19.85
C LEU A 560 -22.34 -70.21 -19.63
N ILE A 561 -22.84 -70.15 -18.39
CA ILE A 561 -24.07 -69.41 -18.15
C ILE A 561 -23.84 -67.91 -18.36
N ILE A 562 -22.69 -67.39 -17.92
CA ILE A 562 -22.43 -65.96 -18.15
C ILE A 562 -22.16 -65.69 -19.63
N PHE A 563 -21.57 -66.64 -20.35
CA PHE A 563 -21.41 -66.49 -21.79
C PHE A 563 -22.77 -66.39 -22.47
N LEU A 564 -23.69 -67.30 -22.10
CA LEU A 564 -25.04 -67.27 -22.67
C LEU A 564 -25.75 -65.97 -22.29
N PHE A 565 -25.54 -65.49 -21.06
CA PHE A 565 -26.18 -64.26 -20.62
C PHE A 565 -25.67 -63.07 -21.42
N PHE A 566 -24.36 -63.00 -21.66
CA PHE A 566 -23.82 -61.94 -22.50
C PHE A 566 -24.39 -62.03 -23.91
N PHE A 567 -24.48 -63.24 -24.45
CA PHE A 567 -25.05 -63.39 -25.80
C PHE A 567 -26.50 -62.91 -25.84
N VAL A 568 -27.27 -63.19 -24.78
CA VAL A 568 -28.66 -62.77 -24.73
C VAL A 568 -28.76 -61.25 -24.67
N VAL A 569 -28.00 -60.63 -23.77
CA VAL A 569 -28.09 -59.18 -23.59
C VAL A 569 -27.33 -58.39 -24.65
N GLU A 570 -26.65 -59.08 -25.57
CA GLU A 570 -26.06 -58.39 -26.72
C GLU A 570 -27.11 -57.73 -27.59
N VAL A 571 -28.37 -58.16 -27.48
CA VAL A 571 -29.41 -57.62 -28.35
C VAL A 571 -30.03 -56.34 -27.80
N SER A 572 -29.98 -56.12 -26.47
CA SER A 572 -30.65 -54.98 -25.85
C SER A 572 -29.68 -54.28 -24.89
N GLN A 573 -28.81 -53.44 -25.43
CA GLN A 573 -28.02 -52.52 -24.62
C GLN A 573 -27.84 -51.15 -25.26
N GLU A 574 -28.47 -50.90 -26.41
CA GLU A 574 -28.25 -49.70 -27.22
C GLU A 574 -26.80 -49.64 -27.73
N LEU A 575 -26.54 -48.74 -28.68
CA LEU A 575 -25.19 -48.64 -29.25
C LEU A 575 -24.95 -47.18 -29.61
N THR A 576 -24.17 -46.49 -28.77
CA THR A 576 -23.83 -45.09 -29.01
C THR A 576 -22.57 -44.76 -28.23
N TYR A 577 -22.20 -43.48 -28.25
CA TYR A 577 -20.95 -43.04 -27.62
C TYR A 577 -21.00 -41.53 -27.47
N SER A 578 -20.47 -41.05 -26.34
CA SER A 578 -20.39 -39.61 -26.12
C SER A 578 -19.44 -38.98 -27.12
N ILE A 579 -19.80 -37.78 -27.59
CA ILE A 579 -18.99 -37.05 -28.57
C ILE A 579 -18.75 -35.64 -28.05
N TRP A 580 -17.71 -35.01 -28.58
CA TRP A 580 -17.28 -33.68 -28.17
C TRP A 580 -17.55 -32.72 -29.32
N ASP A 581 -18.73 -32.07 -29.28
CA ASP A 581 -19.14 -31.14 -30.32
C ASP A 581 -19.31 -29.75 -29.70
N PRO A 582 -18.35 -28.83 -29.89
CA PRO A 582 -18.57 -27.45 -29.41
C PRO A 582 -19.75 -26.77 -30.06
N GLY A 583 -20.02 -27.04 -31.33
CA GLY A 583 -21.13 -26.42 -32.03
C GLY A 583 -22.46 -27.10 -31.75
N TYR A 584 -22.89 -27.05 -30.49
CA TYR A 584 -24.11 -27.72 -30.07
C TYR A 584 -24.52 -27.16 -28.71
N GLU A 585 -25.83 -26.91 -28.56
CA GLU A 585 -26.34 -26.40 -27.30
C GLU A 585 -26.07 -27.38 -26.18
N GLU A 586 -26.23 -26.90 -24.94
CA GLU A 586 -25.84 -27.61 -23.72
C GLU A 586 -24.53 -28.38 -23.92
N PHE A 587 -23.50 -27.61 -24.31
CA PHE A 587 -22.25 -28.20 -24.74
C PHE A 587 -21.57 -29.07 -23.69
N PRO A 588 -21.43 -28.64 -22.40
CA PRO A 588 -20.80 -29.50 -21.39
C PRO A 588 -21.72 -30.61 -20.88
N LYS A 589 -22.38 -31.30 -21.81
CA LYS A 589 -23.22 -32.45 -21.50
C LYS A 589 -22.96 -33.54 -22.52
N SER A 590 -23.30 -34.77 -22.14
CA SER A 590 -23.08 -35.92 -23.02
C SER A 590 -24.10 -35.94 -24.15
N GLN A 591 -23.63 -36.20 -25.37
CA GLN A 591 -24.47 -36.33 -26.54
C GLN A 591 -24.33 -37.73 -27.12
N LYS A 592 -25.46 -38.35 -27.44
CA LYS A 592 -25.50 -39.67 -28.05
C LYS A 592 -26.13 -39.57 -29.43
N ILE A 593 -25.44 -40.12 -30.44
CA ILE A 593 -25.92 -40.03 -31.81
C ILE A 593 -25.94 -41.40 -32.49
N SER A 594 -26.02 -42.46 -31.69
CA SER A 594 -26.08 -43.85 -32.18
C SER A 594 -24.81 -44.15 -32.95
N TYR A 595 -24.90 -45.05 -33.93
CA TYR A 595 -23.76 -45.54 -34.71
C TYR A 595 -24.06 -45.44 -36.19
N PRO A 596 -23.03 -45.33 -37.03
CA PRO A 596 -23.22 -45.41 -38.48
C PRO A 596 -23.71 -46.79 -38.89
N ASN A 597 -24.23 -46.86 -40.12
CA ASN A 597 -24.80 -48.09 -40.63
C ASN A 597 -23.75 -49.12 -41.04
N TRP A 598 -22.52 -48.70 -41.32
CA TRP A 598 -21.49 -49.60 -41.83
C TRP A 598 -20.51 -50.10 -40.78
N VAL A 599 -20.36 -49.37 -39.67
CA VAL A 599 -19.39 -49.75 -38.64
C VAL A 599 -19.69 -51.13 -38.08
N TYR A 600 -20.95 -51.55 -38.11
CA TYR A 600 -21.30 -52.90 -37.67
C TYR A 600 -20.45 -53.95 -38.38
N VAL A 601 -20.22 -53.76 -39.68
CA VAL A 601 -19.42 -54.71 -40.45
C VAL A 601 -18.07 -54.94 -39.78
N VAL A 602 -17.48 -53.88 -39.21
CA VAL A 602 -16.18 -54.01 -38.57
C VAL A 602 -16.21 -55.10 -37.51
N VAL A 603 -17.23 -55.08 -36.63
CA VAL A 603 -17.19 -56.03 -35.52
C VAL A 603 -17.28 -57.46 -36.01
N VAL A 604 -17.79 -57.68 -37.23
CA VAL A 604 -17.88 -59.04 -37.74
C VAL A 604 -16.52 -59.69 -37.87
N ILE A 605 -15.44 -58.89 -37.98
CA ILE A 605 -14.11 -59.49 -38.07
C ILE A 605 -13.79 -60.30 -36.82
N VAL A 606 -14.46 -60.04 -35.70
CA VAL A 606 -14.22 -60.75 -34.46
C VAL A 606 -15.31 -61.78 -34.15
N ALA A 607 -16.22 -62.02 -35.11
CA ALA A 607 -17.41 -62.79 -34.81
C ALA A 607 -17.11 -64.29 -34.68
N GLY A 608 -16.63 -64.90 -35.76
CA GLY A 608 -16.51 -66.35 -35.80
C GLY A 608 -15.12 -66.91 -36.04
N VAL A 609 -14.11 -66.30 -35.41
CA VAL A 609 -12.73 -66.70 -35.68
C VAL A 609 -12.42 -68.14 -35.25
N PRO A 610 -12.82 -68.63 -34.07
CA PRO A 610 -12.15 -69.83 -33.55
C PRO A 610 -12.54 -71.11 -34.26
N SER A 611 -13.82 -71.32 -34.54
CA SER A 611 -14.33 -72.62 -34.98
C SER A 611 -14.37 -72.76 -36.50
N LEU A 612 -13.57 -71.97 -37.22
CA LEU A 612 -13.54 -72.07 -38.68
C LEU A 612 -12.75 -73.29 -39.15
N THR A 613 -11.67 -73.63 -38.46
CA THR A 613 -10.73 -74.62 -38.96
C THR A 613 -11.11 -76.05 -38.64
N ILE A 614 -12.00 -76.28 -37.68
CA ILE A 614 -12.42 -77.64 -37.33
C ILE A 614 -13.16 -78.29 -38.49
N PRO A 615 -14.19 -77.66 -39.09
CA PRO A 615 -14.82 -78.30 -40.26
C PRO A 615 -13.87 -78.44 -41.44
N GLY A 616 -12.94 -77.50 -41.62
CA GLY A 616 -11.97 -77.63 -42.70
C GLY A 616 -11.08 -78.85 -42.51
N TYR A 617 -10.59 -79.05 -41.30
CA TYR A 617 -9.77 -80.23 -41.02
C TYR A 617 -10.59 -81.51 -41.16
N ALA A 618 -11.85 -81.49 -40.73
CA ALA A 618 -12.70 -82.67 -40.88
C ALA A 618 -12.90 -83.01 -42.35
N ILE A 619 -13.16 -82.00 -43.18
CA ILE A 619 -13.34 -82.21 -44.61
C ILE A 619 -12.05 -82.74 -45.22
N TYR A 620 -10.90 -82.17 -44.83
CA TYR A 620 -9.63 -82.64 -45.36
C TYR A 620 -9.39 -84.10 -45.00
N LYS A 621 -9.67 -84.48 -43.75
CA LYS A 621 -9.49 -85.86 -43.33
C LYS A 621 -10.44 -86.79 -44.09
N LEU A 622 -11.68 -86.35 -44.30
CA LEU A 622 -12.67 -87.23 -44.93
C LEU A 622 -12.40 -87.43 -46.40
N ILE A 623 -11.98 -86.38 -47.11
CA ILE A 623 -11.86 -86.45 -48.57
C ILE A 623 -10.41 -86.61 -49.05
N ARG A 624 -9.43 -86.58 -48.15
CA ARG A 624 -8.04 -86.67 -48.58
C ARG A 624 -7.51 -88.10 -48.56
N ASN A 625 -7.99 -88.94 -47.63
CA ASN A 625 -7.55 -90.33 -47.59
C ASN A 625 -8.00 -91.08 -48.85
N HIS A 626 -9.22 -90.83 -49.31
CA HIS A 626 -9.73 -91.47 -50.51
C HIS A 626 -10.23 -90.44 -51.52
CA THR B 20 -61.95 26.45 53.58
C THR B 20 -61.04 26.82 52.42
N ILE B 21 -60.34 25.82 51.87
CA ILE B 21 -59.24 26.04 50.94
C ILE B 21 -59.68 26.88 49.73
N GLU B 22 -60.89 26.62 49.24
CA GLU B 22 -61.36 27.34 48.06
C GLU B 22 -61.46 28.83 48.33
N GLU B 23 -61.73 29.21 49.58
CA GLU B 23 -61.95 30.63 49.90
C GLU B 23 -60.67 31.44 49.74
N GLN B 24 -59.59 31.09 50.46
CA GLN B 24 -58.37 31.87 50.28
C GLN B 24 -57.77 31.61 48.91
N ALA B 25 -58.04 30.45 48.30
CA ALA B 25 -57.62 30.26 46.91
C ALA B 25 -58.21 31.34 46.01
N LYS B 26 -59.52 31.52 46.07
CA LYS B 26 -60.15 32.56 45.28
C LYS B 26 -59.61 33.92 45.67
N THR B 27 -59.54 34.20 46.97
CA THR B 27 -59.09 35.52 47.42
C THR B 27 -57.71 35.85 46.87
N PHE B 28 -56.80 34.87 46.89
CA PHE B 28 -55.46 35.08 46.34
C PHE B 28 -55.53 35.31 44.84
N LEU B 29 -56.40 34.56 44.13
CA LEU B 29 -56.55 34.79 42.71
C LEU B 29 -57.03 36.21 42.43
N ASP B 30 -57.99 36.70 43.21
CA ASP B 30 -58.49 38.06 43.02
C ASP B 30 -57.39 39.08 43.30
N LYS B 31 -56.65 38.92 44.40
CA LYS B 31 -55.59 39.86 44.73
C LYS B 31 -54.52 39.87 43.65
N PHE B 32 -54.13 38.69 43.18
CA PHE B 32 -53.11 38.60 42.13
C PHE B 32 -53.60 39.24 40.84
N ASN B 33 -54.87 39.04 40.48
CA ASN B 33 -55.41 39.70 39.30
C ASN B 33 -55.35 41.21 39.44
N HIS B 34 -55.73 41.73 40.62
CA HIS B 34 -55.70 43.17 40.83
C HIS B 34 -54.28 43.72 40.73
N GLU B 35 -53.31 43.02 41.31
CA GLU B 35 -51.94 43.53 41.28
C GLU B 35 -51.23 43.25 39.96
N ALA B 36 -51.79 42.40 39.09
CA ALA B 36 -51.15 42.08 37.82
C ALA B 36 -51.72 42.86 36.64
N GLU B 37 -53.01 43.20 36.68
CA GLU B 37 -53.62 43.88 35.53
C GLU B 37 -52.95 45.22 35.25
N ASP B 38 -52.72 46.01 36.30
CA ASP B 38 -52.16 47.35 36.10
C ASP B 38 -50.75 47.29 35.53
N LEU B 39 -49.90 46.42 36.07
CA LEU B 39 -48.53 46.37 35.58
C LEU B 39 -48.46 45.76 34.19
N PHE B 40 -49.35 44.80 33.88
CA PHE B 40 -49.44 44.33 32.50
C PHE B 40 -49.86 45.46 31.57
N TYR B 41 -50.79 46.30 32.01
CA TYR B 41 -51.20 47.47 31.21
C TYR B 41 -50.01 48.38 30.95
N GLN B 42 -49.24 48.69 32.00
CA GLN B 42 -48.09 49.58 31.84
C GLN B 42 -47.05 48.96 30.90
N SER B 43 -46.78 47.67 31.06
CA SER B 43 -45.82 46.99 30.18
C SER B 43 -46.29 47.00 28.74
N SER B 44 -47.59 46.81 28.52
CA SER B 44 -48.13 46.85 27.16
C SER B 44 -47.97 48.24 26.56
N LEU B 45 -48.24 49.29 27.33
CA LEU B 45 -48.02 50.65 26.82
C LEU B 45 -46.56 50.87 26.48
N ALA B 46 -45.65 50.42 27.35
CA ALA B 46 -44.23 50.61 27.09
C ALA B 46 -43.80 49.87 25.82
N SER B 47 -44.26 48.64 25.65
CA SER B 47 -43.93 47.89 24.44
C SER B 47 -44.51 48.54 23.19
N TRP B 48 -45.74 49.05 23.29
CA TRP B 48 -46.35 49.72 22.16
C TRP B 48 -45.56 50.97 21.77
N ASN B 49 -45.16 51.76 22.76
CA ASN B 49 -44.37 52.96 22.47
C ASN B 49 -43.02 52.60 21.88
N TYR B 50 -42.40 51.52 22.35
CA TYR B 50 -41.17 51.04 21.72
C TYR B 50 -41.40 50.67 20.26
N ASN B 51 -42.51 49.97 19.98
CA ASN B 51 -42.71 49.43 18.64
C ASN B 51 -43.09 50.52 17.65
N THR B 52 -43.95 51.47 18.04
CA THR B 52 -44.37 52.49 17.10
C THR B 52 -43.27 53.50 16.80
N ASN B 53 -42.37 53.74 17.75
CA ASN B 53 -41.25 54.66 17.57
C ASN B 53 -39.99 53.98 18.09
N ILE B 54 -39.03 53.73 17.20
CA ILE B 54 -37.80 53.06 17.57
C ILE B 54 -36.85 54.07 18.20
N THR B 55 -36.84 54.14 19.53
CA THR B 55 -35.92 54.96 20.29
C THR B 55 -35.23 54.08 21.32
N GLU B 56 -33.90 54.13 21.35
CA GLU B 56 -33.17 53.32 22.32
C GLU B 56 -33.31 53.87 23.73
N GLU B 57 -33.53 55.18 23.86
CA GLU B 57 -33.50 55.82 25.18
C GLU B 57 -34.55 55.24 26.11
N ASN B 58 -35.73 54.91 25.60
CA ASN B 58 -36.78 54.32 26.42
C ASN B 58 -36.74 52.80 26.46
N VAL B 59 -35.85 52.17 25.71
CA VAL B 59 -35.81 50.70 25.68
C VAL B 59 -35.54 50.15 27.07
N GLN B 60 -34.48 50.65 27.73
CA GLN B 60 -34.26 50.29 29.12
C GLN B 60 -35.46 50.68 29.97
N ASN B 61 -36.07 51.83 29.67
CA ASN B 61 -37.26 52.26 30.42
C ASN B 61 -38.35 51.20 30.37
N MET B 62 -38.45 50.46 29.26
CA MET B 62 -39.40 49.36 29.23
C MET B 62 -38.76 48.04 29.62
N ASN B 63 -37.46 47.88 29.43
CA ASN B 63 -36.82 46.60 29.73
C ASN B 63 -36.96 46.27 31.20
N ASN B 64 -36.57 47.19 32.08
CA ASN B 64 -36.80 47.00 33.50
C ASN B 64 -38.28 46.80 33.80
N ALA B 65 -39.15 47.46 33.01
CA ALA B 65 -40.58 47.24 33.18
C ALA B 65 -40.94 45.78 32.99
N GLY B 66 -40.39 45.15 31.94
CA GLY B 66 -40.60 43.73 31.78
C GLY B 66 -40.09 42.94 32.97
N ASP B 67 -38.97 43.39 33.54
CA ASP B 67 -38.44 42.75 34.75
C ASP B 67 -39.48 42.75 35.86
N LYS B 68 -40.23 43.85 36.00
CA LYS B 68 -41.27 43.88 37.02
C LYS B 68 -42.30 42.77 36.80
N TRP B 69 -42.66 42.54 35.53
CA TRP B 69 -43.57 41.43 35.25
C TRP B 69 -42.94 40.10 35.64
N SER B 70 -41.63 39.95 35.38
CA SER B 70 -40.93 38.76 35.81
C SER B 70 -40.99 38.58 37.32
N ALA B 71 -41.26 39.65 38.06
CA ALA B 71 -41.46 39.53 39.51
C ALA B 71 -42.58 38.55 39.81
N PHE B 72 -43.68 38.62 39.06
CA PHE B 72 -44.78 37.68 39.29
C PHE B 72 -44.32 36.24 39.19
N LEU B 73 -43.23 35.98 38.45
CA LEU B 73 -42.68 34.64 38.38
C LEU B 73 -42.39 34.10 39.79
N LYS B 74 -41.70 34.90 40.61
CA LYS B 74 -41.43 34.44 41.97
C LYS B 74 -42.72 34.32 42.78
N GLU B 75 -43.73 35.14 42.45
CA GLU B 75 -45.02 34.98 43.10
C GLU B 75 -45.64 33.63 42.77
N GLN B 76 -45.37 33.08 41.58
CA GLN B 76 -45.84 31.74 41.26
C GLN B 76 -45.30 30.72 42.25
N SER B 77 -44.10 30.98 42.79
CA SER B 77 -43.51 30.10 43.79
C SER B 77 -44.39 29.96 45.02
N THR B 78 -45.28 30.91 45.27
CA THR B 78 -46.18 30.84 46.42
C THR B 78 -47.34 29.89 46.21
N LEU B 79 -47.52 29.34 45.01
CA LEU B 79 -48.62 28.42 44.73
C LEU B 79 -48.15 27.00 44.46
N ALA B 80 -46.89 26.67 44.75
CA ALA B 80 -46.37 25.35 44.45
C ALA B 80 -46.20 24.45 45.68
N GLN B 81 -46.19 25.03 46.88
CA GLN B 81 -45.91 24.24 48.08
C GLN B 81 -47.18 23.76 48.78
N MET B 82 -48.01 24.70 49.22
CA MET B 82 -49.13 24.37 50.10
C MET B 82 -50.45 24.16 49.37
N TYR B 83 -50.49 24.38 48.06
CA TYR B 83 -51.74 24.26 47.32
C TYR B 83 -51.81 22.91 46.64
N PRO B 84 -52.72 22.03 47.05
CA PRO B 84 -52.81 20.70 46.43
C PRO B 84 -53.54 20.78 45.09
N LEU B 85 -53.76 19.61 44.49
CA LEU B 85 -54.39 19.50 43.19
C LEU B 85 -55.76 18.85 43.23
N GLN B 86 -55.88 17.68 43.86
CA GLN B 86 -57.12 16.92 43.83
C GLN B 86 -58.25 17.55 44.63
N GLU B 87 -57.96 18.54 45.47
CA GLU B 87 -58.97 19.18 46.30
C GLU B 87 -59.68 20.34 45.61
N ILE B 88 -59.23 20.74 44.41
CA ILE B 88 -59.84 21.85 43.69
C ILE B 88 -60.85 21.24 42.72
N GLN B 89 -62.08 21.08 43.20
CA GLN B 89 -63.12 20.48 42.37
C GLN B 89 -63.65 21.45 41.32
N ASN B 90 -63.72 22.73 41.66
CA ASN B 90 -64.28 23.71 40.74
C ASN B 90 -63.36 23.92 39.53
N LEU B 91 -63.96 24.31 38.41
CA LEU B 91 -63.26 24.31 37.13
C LEU B 91 -62.39 25.54 36.92
N THR B 92 -62.96 26.74 37.11
CA THR B 92 -62.22 27.96 36.78
C THR B 92 -61.01 28.15 37.68
N VAL B 93 -61.19 27.94 38.99
CA VAL B 93 -60.07 28.11 39.93
C VAL B 93 -58.99 27.08 39.64
N LYS B 94 -59.39 25.84 39.33
CA LYS B 94 -58.41 24.82 38.95
C LYS B 94 -57.66 25.21 37.70
N LEU B 95 -58.37 25.74 36.70
CA LEU B 95 -57.71 26.11 35.44
C LEU B 95 -56.69 27.22 35.69
N GLN B 96 -57.06 28.25 36.45
CA GLN B 96 -56.12 29.32 36.76
C GLN B 96 -54.94 28.80 37.57
N LEU B 97 -55.21 27.93 38.55
CA LEU B 97 -54.15 27.42 39.40
C LEU B 97 -53.13 26.61 38.60
N GLN B 98 -53.60 25.72 37.74
CA GLN B 98 -52.66 24.95 36.92
C GLN B 98 -52.04 25.79 35.82
N ALA B 99 -52.68 26.90 35.43
CA ALA B 99 -52.04 27.83 34.51
C ALA B 99 -50.97 28.66 35.19
N LEU B 100 -50.99 28.74 36.52
CA LEU B 100 -49.95 29.44 37.27
C LEU B 100 -49.02 28.51 38.03
N GLN B 101 -49.34 27.22 38.10
CA GLN B 101 -48.54 26.29 38.90
C GLN B 101 -47.24 25.88 38.24
N GLN B 102 -47.18 25.86 36.91
CA GLN B 102 -46.04 25.28 36.22
C GLN B 102 -44.75 26.01 36.56
N ASN B 103 -43.70 25.25 36.86
CA ASN B 103 -42.40 25.82 37.20
C ASN B 103 -41.61 26.24 35.96
N GLY B 104 -41.89 25.66 34.81
CA GLY B 104 -41.09 25.96 33.63
C GLY B 104 -39.70 25.36 33.75
N SER B 105 -38.70 26.13 33.37
CA SER B 105 -37.31 25.71 33.42
C SER B 105 -36.63 26.04 34.74
N SER B 106 -37.39 26.51 35.73
CA SER B 106 -36.80 26.90 37.01
C SER B 106 -36.30 25.70 37.82
N VAL B 107 -36.82 24.50 37.57
CA VAL B 107 -36.41 23.34 38.34
C VAL B 107 -34.96 22.95 38.05
N LEU B 108 -34.40 23.41 36.93
CA LEU B 108 -33.03 23.08 36.60
C LEU B 108 -32.07 23.82 37.54
N SER B 109 -30.85 23.27 37.66
CA SER B 109 -29.82 23.93 38.43
C SER B 109 -29.38 25.21 37.74
N GLU B 110 -28.72 26.08 38.50
CA GLU B 110 -28.34 27.39 37.96
C GLU B 110 -27.34 27.26 36.82
N ASP B 111 -26.35 26.39 36.97
CA ASP B 111 -25.34 26.23 35.93
C ASP B 111 -25.97 25.66 34.66
N LYS B 112 -26.81 24.64 34.79
CA LYS B 112 -27.48 24.07 33.63
C LYS B 112 -28.45 25.05 33.01
N SER B 113 -29.13 25.86 33.83
CA SER B 113 -30.04 26.86 33.30
C SER B 113 -29.30 27.89 32.47
N LYS B 114 -28.16 28.38 32.97
CA LYS B 114 -27.39 29.35 32.18
C LYS B 114 -26.78 28.70 30.94
N ARG B 115 -26.43 27.42 31.02
CA ARG B 115 -25.93 26.71 29.85
C ARG B 115 -27.01 26.63 28.77
N LEU B 116 -28.24 26.29 29.17
CA LEU B 116 -29.33 26.24 28.20
C LEU B 116 -29.61 27.61 27.61
N ASN B 117 -29.59 28.65 28.44
CA ASN B 117 -29.85 29.99 27.94
C ASN B 117 -28.80 30.42 26.91
N THR B 118 -27.52 30.16 27.20
CA THR B 118 -26.48 30.55 26.26
C THR B 118 -26.53 29.69 25.00
N ILE B 119 -26.96 28.42 25.11
CA ILE B 119 -27.12 27.59 23.92
C ILE B 119 -28.21 28.15 23.02
N LEU B 120 -29.34 28.53 23.61
CA LEU B 120 -30.43 29.10 22.81
C LEU B 120 -30.00 30.40 22.15
N ASN B 121 -29.31 31.27 22.89
CA ASN B 121 -28.84 32.52 22.31
C ASN B 121 -27.86 32.29 21.19
N THR B 122 -26.94 31.33 21.37
CA THR B 122 -25.97 31.03 20.31
C THR B 122 -26.66 30.52 19.07
N MET B 123 -27.64 29.63 19.21
CA MET B 123 -28.35 29.10 18.04
C MET B 123 -29.10 30.21 17.31
N SER B 124 -29.80 31.07 18.05
CA SER B 124 -30.51 32.18 17.41
C SER B 124 -29.54 33.11 16.68
N THR B 125 -28.40 33.43 17.31
CA THR B 125 -27.44 34.33 16.67
C THR B 125 -26.83 33.70 15.43
N ILE B 126 -26.53 32.39 15.48
CA ILE B 126 -25.98 31.72 14.30
C ILE B 126 -26.97 31.76 13.16
N TYR B 127 -28.24 31.50 13.44
CA TYR B 127 -29.25 31.58 12.38
C TYR B 127 -29.36 32.99 11.82
N SER B 128 -29.33 34.00 12.69
CA SER B 128 -29.63 35.36 12.25
C SER B 128 -28.50 35.97 11.43
N THR B 129 -27.25 35.62 11.71
CA THR B 129 -26.09 36.28 11.10
C THR B 129 -25.17 35.26 10.43
N GLY B 130 -25.74 34.38 9.63
CA GLY B 130 -24.96 33.43 8.85
C GLY B 130 -24.79 33.94 7.42
N LYS B 131 -23.63 33.66 6.84
CA LYS B 131 -23.29 34.20 5.53
C LYS B 131 -22.65 33.12 4.66
N VAL B 132 -23.02 33.10 3.37
CA VAL B 132 -22.40 32.26 2.37
C VAL B 132 -22.04 33.15 1.19
N CYS B 133 -21.06 32.70 0.41
CA CYS B 133 -20.63 33.50 -0.74
C CYS B 133 -19.97 32.65 -1.81
N ASN B 134 -19.74 33.31 -2.95
CA ASN B 134 -19.36 32.65 -4.18
C ASN B 134 -17.99 31.99 -4.06
N PRO B 135 -17.76 30.90 -4.79
CA PRO B 135 -16.42 30.29 -4.82
C PRO B 135 -15.41 31.07 -5.64
N ASP B 136 -15.85 31.99 -6.51
CA ASP B 136 -14.94 32.72 -7.38
C ASP B 136 -14.74 34.18 -6.99
N ASN B 137 -15.68 34.78 -6.27
CA ASN B 137 -15.53 36.15 -5.78
C ASN B 137 -15.91 36.15 -4.30
N PRO B 138 -15.03 35.67 -3.43
CA PRO B 138 -15.39 35.52 -2.01
C PRO B 138 -15.42 36.84 -1.25
N GLN B 139 -15.29 37.97 -1.95
CA GLN B 139 -15.23 39.25 -1.26
C GLN B 139 -16.60 39.73 -0.78
N GLU B 140 -17.67 39.34 -1.46
CA GLU B 140 -19.02 39.72 -1.07
C GLU B 140 -19.81 38.47 -0.72
N CYS B 141 -20.41 38.48 0.45
CA CYS B 141 -21.19 37.33 0.88
C CYS B 141 -22.65 37.72 1.07
N LEU B 142 -23.53 36.74 1.09
CA LEU B 142 -24.96 36.97 1.18
C LEU B 142 -25.51 36.45 2.51
N LEU B 143 -26.44 37.20 3.08
CA LEU B 143 -27.17 36.77 4.26
C LEU B 143 -28.29 35.81 3.83
N LEU B 144 -29.20 35.49 4.73
CA LEU B 144 -30.33 34.63 4.37
C LEU B 144 -31.53 35.44 3.89
N GLU B 145 -32.03 36.35 4.73
CA GLU B 145 -33.30 37.01 4.42
C GLU B 145 -33.24 37.81 3.13
N PRO B 146 -32.26 38.69 2.90
CA PRO B 146 -32.07 39.22 1.54
C PRO B 146 -31.01 38.44 0.79
N GLY B 147 -31.14 38.34 -0.53
CA GLY B 147 -30.13 37.65 -1.32
C GLY B 147 -30.39 36.17 -1.53
N LEU B 148 -30.26 35.36 -0.48
CA LEU B 148 -30.49 33.93 -0.65
C LEU B 148 -31.96 33.63 -0.88
N ASN B 149 -32.85 34.29 -0.14
CA ASN B 149 -34.28 34.08 -0.34
C ASN B 149 -34.71 34.53 -1.73
N GLU B 150 -34.20 35.67 -2.19
CA GLU B 150 -34.53 36.13 -3.54
C GLU B 150 -33.99 35.18 -4.60
N ILE B 151 -32.78 34.65 -4.39
CA ILE B 151 -32.23 33.68 -5.32
C ILE B 151 -33.11 32.44 -5.40
N MET B 152 -33.55 31.93 -4.24
CA MET B 152 -34.33 30.70 -4.25
C MET B 152 -35.76 30.93 -4.72
N ALA B 153 -36.27 32.17 -4.63
CA ALA B 153 -37.63 32.44 -5.06
C ALA B 153 -37.73 32.82 -6.53
N ASN B 154 -36.79 33.60 -7.05
CA ASN B 154 -36.90 34.17 -8.39
C ASN B 154 -36.11 33.44 -9.45
N SER B 155 -34.90 32.97 -9.13
CA SER B 155 -34.02 32.42 -10.13
C SER B 155 -34.57 31.13 -10.73
N LEU B 156 -34.32 30.94 -12.02
CA LEU B 156 -34.69 29.72 -12.73
C LEU B 156 -33.47 28.92 -13.17
N ASP B 157 -32.30 29.24 -12.65
CA ASP B 157 -31.07 28.53 -13.00
C ASP B 157 -30.86 27.36 -12.05
N TYR B 158 -30.63 26.17 -12.63
CA TYR B 158 -30.40 24.98 -11.81
C TYR B 158 -29.15 25.13 -10.95
N ASN B 159 -28.07 25.64 -11.53
CA ASN B 159 -26.79 25.67 -10.83
C ASN B 159 -26.82 26.67 -9.68
N GLU B 160 -27.41 27.85 -9.88
CA GLU B 160 -27.47 28.83 -8.80
C GLU B 160 -28.30 28.33 -7.63
N ARG B 161 -29.45 27.72 -7.92
CA ARG B 161 -30.29 27.17 -6.86
C ARG B 161 -29.57 26.05 -6.11
N LEU B 162 -28.89 25.17 -6.85
CA LEU B 162 -28.16 24.09 -6.19
C LEU B 162 -27.05 24.66 -5.30
N TRP B 163 -26.32 25.66 -5.79
CA TRP B 163 -25.25 26.25 -5.00
C TRP B 163 -25.80 26.87 -3.72
N ALA B 164 -26.88 27.64 -3.82
CA ALA B 164 -27.43 28.28 -2.64
C ALA B 164 -27.91 27.25 -1.62
N TRP B 165 -28.66 26.25 -2.08
CA TRP B 165 -29.18 25.21 -1.19
C TRP B 165 -28.04 24.51 -0.46
N GLU B 166 -27.05 23.99 -1.21
CA GLU B 166 -26.01 23.19 -0.59
C GLU B 166 -25.11 24.03 0.29
N SER B 167 -24.83 25.28 -0.10
CA SER B 167 -23.94 26.11 0.70
C SER B 167 -24.58 26.51 2.02
N TRP B 168 -25.85 26.93 2.00
CA TRP B 168 -26.51 27.24 3.26
C TRP B 168 -26.56 26.02 4.15
N ARG B 169 -26.91 24.86 3.58
CA ARG B 169 -26.88 23.61 4.35
C ARG B 169 -25.53 23.43 5.02
N SER B 170 -24.46 23.42 4.23
CA SER B 170 -23.13 23.15 4.77
C SER B 170 -22.81 24.08 5.93
N GLU B 171 -22.72 25.39 5.64
CA GLU B 171 -22.29 26.32 6.67
C GLU B 171 -23.18 26.24 7.91
N VAL B 172 -24.46 26.54 7.76
CA VAL B 172 -25.28 26.75 8.95
C VAL B 172 -25.54 25.43 9.68
N GLY B 173 -25.87 24.36 8.95
CA GLY B 173 -26.13 23.10 9.62
C GLY B 173 -24.90 22.55 10.34
N LYS B 174 -23.74 22.62 9.70
CA LYS B 174 -22.54 22.12 10.36
C LYS B 174 -22.18 22.96 11.57
N GLN B 175 -22.53 24.26 11.57
CA GLN B 175 -22.34 25.04 12.79
C GLN B 175 -23.36 24.67 13.87
N LEU B 176 -24.59 24.37 13.49
CA LEU B 176 -25.68 24.23 14.44
C LEU B 176 -25.88 22.83 14.99
N ARG B 177 -25.19 21.82 14.47
CA ARG B 177 -25.41 20.45 14.95
C ARG B 177 -25.12 20.25 16.44
N PRO B 178 -23.88 20.44 16.93
CA PRO B 178 -23.60 20.07 18.34
C PRO B 178 -24.40 20.87 19.35
N LEU B 179 -24.67 22.13 19.07
CA LEU B 179 -25.55 22.92 19.94
C LEU B 179 -26.93 22.29 20.02
N TYR B 180 -27.43 21.76 18.91
CA TYR B 180 -28.71 21.08 18.93
C TYR B 180 -28.67 19.82 19.76
N GLU B 181 -27.56 19.07 19.69
CA GLU B 181 -27.43 17.87 20.52
C GLU B 181 -27.50 18.22 22.00
N GLU B 182 -26.70 19.21 22.42
CA GLU B 182 -26.72 19.61 23.82
C GLU B 182 -28.10 20.14 24.22
N TYR B 183 -28.74 20.87 23.30
CA TYR B 183 -30.07 21.43 23.57
C TYR B 183 -31.10 20.33 23.80
N VAL B 184 -31.10 19.30 22.96
CA VAL B 184 -32.10 18.24 23.14
C VAL B 184 -31.84 17.50 24.45
N VAL B 185 -30.56 17.25 24.78
CA VAL B 185 -30.26 16.57 26.04
C VAL B 185 -30.79 17.39 27.23
N LEU B 186 -30.45 18.68 27.27
CA LEU B 186 -30.85 19.51 28.40
C LEU B 186 -32.36 19.65 28.48
N LYS B 187 -33.03 19.84 27.34
CA LYS B 187 -34.47 20.02 27.34
C LYS B 187 -35.19 18.75 27.76
N ASN B 188 -34.69 17.59 27.33
CA ASN B 188 -35.26 16.33 27.79
C ASN B 188 -35.11 16.18 29.29
N GLU B 189 -33.93 16.53 29.83
CA GLU B 189 -33.74 16.46 31.27
C GLU B 189 -34.72 17.37 32.00
N MET B 190 -34.87 18.61 31.53
CA MET B 190 -35.75 19.55 32.20
C MET B 190 -37.20 19.09 32.16
N ALA B 191 -37.64 18.56 31.01
CA ALA B 191 -39.02 18.08 30.90
C ALA B 191 -39.25 16.85 31.77
N ARG B 192 -38.28 15.94 31.82
CA ARG B 192 -38.42 14.75 32.66
C ARG B 192 -38.50 15.14 34.13
N ALA B 193 -37.68 16.10 34.56
CA ALA B 193 -37.74 16.54 35.95
C ALA B 193 -38.98 17.39 36.26
N ASN B 194 -39.93 17.51 35.33
CA ASN B 194 -41.13 18.30 35.53
C ASN B 194 -42.40 17.47 35.35
N HIS B 195 -42.35 16.20 35.75
CA HIS B 195 -43.50 15.29 35.72
C HIS B 195 -44.02 15.07 34.31
N TYR B 196 -43.13 15.16 33.32
CA TYR B 196 -43.46 14.86 31.93
C TYR B 196 -42.53 13.76 31.42
N GLU B 197 -43.02 12.98 30.47
CA GLU B 197 -42.26 11.86 29.96
C GLU B 197 -41.01 12.41 29.25
N ASP B 198 -41.22 13.14 28.15
CA ASP B 198 -40.17 13.82 27.40
C ASP B 198 -40.53 15.27 27.11
N TYR B 199 -39.70 15.94 26.30
CA TYR B 199 -40.03 17.30 25.89
C TYR B 199 -41.18 17.32 24.88
N GLY B 200 -41.23 16.32 24.00
CA GLY B 200 -42.37 16.21 23.11
C GLY B 200 -43.68 16.08 23.87
N ASP B 201 -43.66 15.36 25.00
CA ASP B 201 -44.83 15.29 25.85
C ASP B 201 -45.19 16.66 26.41
N TYR B 202 -44.17 17.43 26.80
CA TYR B 202 -44.43 18.79 27.29
C TYR B 202 -45.09 19.64 26.23
N TRP B 203 -44.61 19.54 24.98
CA TRP B 203 -45.21 20.30 23.90
C TRP B 203 -46.65 19.85 23.63
N ARG B 204 -46.88 18.53 23.63
CA ARG B 204 -48.22 18.00 23.37
C ARG B 204 -49.19 18.29 24.51
N GLY B 205 -48.68 18.62 25.70
CA GLY B 205 -49.55 18.88 26.84
C GLY B 205 -50.45 20.09 26.66
N ASP B 206 -50.25 20.89 25.62
CA ASP B 206 -51.12 22.03 25.38
C ASP B 206 -52.55 21.58 25.07
N TYR B 207 -52.70 20.52 24.29
CA TYR B 207 -54.01 20.03 23.91
C TYR B 207 -54.66 19.16 24.97
N GLU B 208 -53.91 18.71 25.98
CA GLU B 208 -54.44 17.78 26.96
C GLU B 208 -55.59 18.40 27.74
N VAL B 209 -56.69 17.66 27.85
CA VAL B 209 -57.86 18.08 28.61
C VAL B 209 -58.29 16.89 29.48
N ASN B 210 -58.50 17.16 30.77
CA ASN B 210 -58.86 16.10 31.71
C ASN B 210 -59.76 16.67 32.79
N GLY B 211 -60.28 15.79 33.62
CA GLY B 211 -61.16 16.18 34.71
C GLY B 211 -62.49 16.75 34.28
N VAL B 212 -63.07 16.22 33.20
CA VAL B 212 -64.37 16.67 32.74
C VAL B 212 -65.34 15.52 32.45
N ASP B 213 -64.86 14.28 32.33
CA ASP B 213 -65.71 13.10 32.21
C ASP B 213 -66.62 13.18 30.97
N GLY B 214 -65.98 13.16 29.81
CA GLY B 214 -66.71 13.09 28.56
C GLY B 214 -66.10 13.88 27.42
N TYR B 215 -65.25 14.86 27.74
CA TYR B 215 -64.55 15.65 26.73
C TYR B 215 -63.04 15.50 26.85
N ASP B 216 -62.58 14.41 27.47
CA ASP B 216 -61.16 14.23 27.72
C ASP B 216 -60.38 14.05 26.42
N TYR B 217 -59.10 14.45 26.47
CA TYR B 217 -58.22 14.33 25.32
C TYR B 217 -56.81 14.06 25.84
N SER B 218 -56.33 12.84 25.66
CA SER B 218 -55.01 12.46 26.16
C SER B 218 -53.91 13.05 25.29
N ARG B 219 -52.72 13.19 25.88
CA ARG B 219 -51.59 13.74 25.15
C ARG B 219 -51.17 12.81 24.01
N GLY B 220 -51.09 11.50 24.28
CA GLY B 220 -50.68 10.57 23.25
C GLY B 220 -51.66 10.48 22.11
N GLN B 221 -52.96 10.50 22.42
CA GLN B 221 -53.99 10.33 21.41
C GLN B 221 -53.81 11.29 20.25
N LEU B 222 -53.44 12.54 20.55
CA LEU B 222 -53.25 13.54 19.50
C LEU B 222 -52.40 12.99 18.38
N ILE B 223 -51.29 12.34 18.73
CA ILE B 223 -50.38 11.78 17.72
C ILE B 223 -51.18 10.98 16.70
N GLU B 224 -51.89 9.95 17.17
CA GLU B 224 -52.56 9.06 16.22
C GLU B 224 -53.59 9.83 15.41
N ASP B 225 -54.29 10.78 16.05
CA ASP B 225 -55.27 11.57 15.33
C ASP B 225 -54.62 12.26 14.14
N VAL B 226 -53.47 12.89 14.38
CA VAL B 226 -52.76 13.55 13.28
C VAL B 226 -52.50 12.55 12.16
N GLU B 227 -51.98 11.38 12.52
CA GLU B 227 -51.70 10.35 11.51
C GLU B 227 -52.95 10.05 10.71
N HIS B 228 -54.08 9.85 11.39
CA HIS B 228 -55.32 9.52 10.71
C HIS B 228 -55.64 10.58 9.67
N THR B 229 -55.51 11.84 10.05
CA THR B 229 -55.84 12.92 9.12
C THR B 229 -54.97 12.84 7.87
N PHE B 230 -53.68 12.56 8.05
CA PHE B 230 -52.79 12.50 6.89
C PHE B 230 -53.20 11.38 5.94
N GLU B 231 -53.80 10.31 6.48
CA GLU B 231 -54.22 9.22 5.62
C GLU B 231 -55.28 9.65 4.62
N GLU B 232 -56.03 10.70 4.93
CA GLU B 232 -57.04 11.21 4.01
C GLU B 232 -56.51 12.33 3.12
N ILE B 233 -55.23 12.67 3.24
CA ILE B 233 -54.63 13.70 2.40
C ILE B 233 -53.73 13.10 1.32
N LYS B 234 -53.14 11.92 1.57
CA LYS B 234 -52.18 11.35 0.63
C LYS B 234 -52.68 11.23 -0.81
N PRO B 235 -53.94 10.83 -1.10
CA PRO B 235 -54.37 10.80 -2.51
C PRO B 235 -54.26 12.13 -3.22
N LEU B 236 -54.98 13.14 -2.73
CA LEU B 236 -55.03 14.43 -3.42
C LEU B 236 -53.62 14.99 -3.63
N TYR B 237 -52.84 15.09 -2.56
CA TYR B 237 -51.48 15.58 -2.66
C TYR B 237 -50.72 14.84 -3.76
N GLU B 238 -50.85 13.51 -3.79
CA GLU B 238 -50.16 12.74 -4.81
C GLU B 238 -50.44 13.27 -6.20
N HIS B 239 -51.73 13.43 -6.52
CA HIS B 239 -52.08 13.96 -7.84
C HIS B 239 -51.42 15.30 -8.07
N LEU B 240 -51.55 16.22 -7.10
CA LEU B 240 -50.92 17.52 -7.24
C LEU B 240 -49.43 17.36 -7.51
N HIS B 241 -48.77 16.51 -6.72
CA HIS B 241 -47.35 16.28 -6.91
C HIS B 241 -47.07 15.91 -8.36
N ALA B 242 -47.81 14.93 -8.88
CA ALA B 242 -47.57 14.48 -10.24
C ALA B 242 -47.73 15.63 -11.22
N TYR B 243 -48.80 16.41 -11.06
CA TYR B 243 -49.03 17.52 -11.97
C TYR B 243 -47.83 18.46 -11.96
N VAL B 244 -47.39 18.84 -10.75
CA VAL B 244 -46.27 19.78 -10.65
C VAL B 244 -45.06 19.19 -11.36
N ARG B 245 -44.82 17.90 -11.18
CA ARG B 245 -43.67 17.26 -11.82
C ARG B 245 -43.69 17.52 -13.32
N ALA B 246 -44.84 17.28 -13.95
CA ALA B 246 -44.92 17.48 -15.40
C ALA B 246 -44.59 18.92 -15.76
N LYS B 247 -45.15 19.88 -15.01
CA LYS B 247 -44.93 21.28 -15.34
C LYS B 247 -43.49 21.70 -15.07
N LEU B 248 -42.74 20.93 -14.28
CA LEU B 248 -41.34 21.25 -14.10
C LEU B 248 -40.48 20.65 -15.19
N MET B 249 -40.97 19.61 -15.88
CA MET B 249 -40.16 18.93 -16.89
C MET B 249 -39.82 19.85 -18.05
N ASN B 250 -40.67 20.84 -18.32
CA ASN B 250 -40.34 21.84 -19.33
C ASN B 250 -39.34 22.86 -18.81
N ALA B 251 -39.40 23.21 -17.53
CA ALA B 251 -38.52 24.24 -17.00
C ALA B 251 -37.08 23.75 -16.92
N TYR B 252 -36.88 22.52 -16.45
CA TYR B 252 -35.55 21.92 -16.34
C TYR B 252 -35.59 20.55 -17.01
N PRO B 253 -35.55 20.51 -18.34
CA PRO B 253 -35.53 19.22 -19.02
C PRO B 253 -34.26 18.44 -18.74
N SER B 254 -34.38 17.11 -18.76
CA SER B 254 -33.30 16.18 -18.53
C SER B 254 -32.79 16.20 -17.09
N TYR B 255 -33.56 16.75 -16.16
CA TYR B 255 -33.16 16.83 -14.76
C TYR B 255 -34.08 16.08 -13.82
N ILE B 256 -35.34 15.85 -14.19
CA ILE B 256 -36.32 15.20 -13.33
C ILE B 256 -36.81 13.94 -14.02
N SER B 257 -36.79 12.83 -13.31
CA SER B 257 -37.33 11.59 -13.85
C SER B 257 -38.85 11.57 -13.67
N PRO B 258 -39.61 11.21 -14.71
CA PRO B 258 -41.08 11.24 -14.58
C PRO B 258 -41.62 10.27 -13.54
N ILE B 259 -40.84 9.27 -13.13
CA ILE B 259 -41.30 8.30 -12.15
C ILE B 259 -40.55 8.43 -10.83
N GLY B 260 -39.89 9.57 -10.60
CA GLY B 260 -39.12 9.79 -9.40
C GLY B 260 -39.61 11.01 -8.61
N CYS B 261 -38.94 11.23 -7.48
CA CYS B 261 -39.27 12.35 -6.61
C CYS B 261 -38.74 13.65 -7.20
N LEU B 262 -39.21 14.76 -6.65
CA LEU B 262 -38.76 16.09 -7.06
C LEU B 262 -37.46 16.45 -6.35
N PRO B 263 -36.50 17.04 -7.05
CA PRO B 263 -35.30 17.55 -6.37
C PRO B 263 -35.67 18.65 -5.38
N ALA B 264 -34.90 18.71 -4.29
CA ALA B 264 -35.27 19.55 -3.15
C ALA B 264 -35.03 21.03 -3.40
N HIS B 265 -34.13 21.39 -4.31
CA HIS B 265 -33.76 22.79 -4.50
C HIS B 265 -34.60 23.50 -5.55
N LEU B 266 -35.60 22.84 -6.13
CA LEU B 266 -36.42 23.40 -7.19
C LEU B 266 -37.84 23.76 -6.73
N LEU B 267 -38.08 23.80 -5.42
CA LEU B 267 -39.44 23.88 -4.89
C LEU B 267 -39.86 25.30 -4.51
N GLY B 268 -39.20 26.32 -5.05
CA GLY B 268 -39.64 27.68 -4.88
C GLY B 268 -39.05 28.42 -3.71
N ASP B 269 -38.48 27.73 -2.73
CA ASP B 269 -37.82 28.37 -1.60
C ASP B 269 -36.80 27.40 -1.02
N MET B 270 -36.12 27.86 0.03
CA MET B 270 -34.94 27.14 0.50
C MET B 270 -35.29 25.79 1.10
N TRP B 271 -36.40 25.70 1.85
CA TRP B 271 -36.75 24.48 2.55
C TRP B 271 -37.89 23.69 1.92
N GLY B 272 -38.79 24.34 1.19
CA GLY B 272 -39.95 23.66 0.65
C GLY B 272 -41.20 23.80 1.48
N ARG B 273 -41.27 24.80 2.35
CA ARG B 273 -42.45 24.97 3.19
C ARG B 273 -43.69 25.27 2.38
N PHE B 274 -43.55 26.10 1.34
CA PHE B 274 -44.66 26.42 0.45
C PHE B 274 -44.21 26.33 -1.00
N TRP B 275 -45.14 25.95 -1.87
CA TRP B 275 -44.90 25.87 -3.30
C TRP B 275 -45.47 27.07 -4.05
N THR B 276 -45.67 28.19 -3.36
CA THR B 276 -46.34 29.33 -3.99
C THR B 276 -45.54 29.88 -5.17
N ASN B 277 -44.22 29.97 -5.03
CA ASN B 277 -43.39 30.56 -6.07
C ASN B 277 -43.37 29.74 -7.35
N LEU B 278 -43.88 28.50 -7.32
CA LEU B 278 -44.01 27.70 -8.53
C LEU B 278 -45.21 28.10 -9.38
N TYR B 279 -46.06 29.01 -8.88
CA TYR B 279 -47.31 29.30 -9.57
C TYR B 279 -47.06 29.83 -10.97
N SER B 280 -46.05 30.69 -11.15
CA SER B 280 -45.76 31.24 -12.46
C SER B 280 -45.40 30.15 -13.47
N LEU B 281 -44.86 29.03 -12.99
CA LEU B 281 -44.50 27.92 -13.86
C LEU B 281 -45.61 26.91 -14.04
N THR B 282 -46.68 26.98 -13.24
CA THR B 282 -47.68 25.93 -13.19
C THR B 282 -49.09 26.53 -13.21
N VAL B 283 -49.33 27.44 -14.14
CA VAL B 283 -50.65 28.04 -14.34
C VAL B 283 -51.44 27.13 -15.27
N PRO B 284 -52.61 26.65 -14.85
CA PRO B 284 -53.43 25.84 -15.79
C PRO B 284 -53.82 26.60 -17.05
N PHE B 285 -54.15 27.89 -16.93
CA PHE B 285 -54.55 28.72 -18.07
C PHE B 285 -53.93 30.09 -17.85
N GLY B 286 -52.75 30.30 -18.43
CA GLY B 286 -52.06 31.57 -18.30
C GLY B 286 -52.57 32.68 -19.19
N GLN B 287 -53.34 32.36 -20.22
CA GLN B 287 -53.83 33.38 -21.14
C GLN B 287 -54.82 34.32 -20.44
N LYS B 288 -55.69 33.77 -19.58
CA LYS B 288 -56.69 34.57 -18.89
C LYS B 288 -56.23 34.82 -17.46
N PRO B 289 -55.92 36.06 -17.08
CA PRO B 289 -55.46 36.32 -15.72
C PRO B 289 -56.61 36.22 -14.72
N ASN B 290 -56.23 36.13 -13.45
CA ASN B 290 -57.19 36.08 -12.35
C ASN B 290 -57.62 37.50 -11.99
N ILE B 291 -58.36 37.64 -10.89
CA ILE B 291 -58.89 38.94 -10.50
C ILE B 291 -57.77 39.85 -10.03
N ASP B 292 -57.78 41.09 -10.52
CA ASP B 292 -56.84 42.11 -10.08
C ASP B 292 -57.60 43.43 -10.01
N VAL B 293 -57.73 43.99 -8.82
CA VAL B 293 -58.63 45.12 -8.59
C VAL B 293 -57.91 46.35 -8.08
N THR B 294 -56.62 46.26 -7.72
CA THR B 294 -55.93 47.42 -7.16
C THR B 294 -55.91 48.58 -8.15
N ASP B 295 -55.94 48.29 -9.45
CA ASP B 295 -56.05 49.36 -10.44
C ASP B 295 -57.38 50.10 -10.31
N ALA B 296 -58.48 49.36 -10.14
CA ALA B 296 -59.77 50.00 -9.94
C ALA B 296 -59.83 50.74 -8.60
N MET B 297 -59.21 50.17 -7.57
CA MET B 297 -59.15 50.84 -6.28
C MET B 297 -58.40 52.17 -6.38
N VAL B 298 -57.31 52.20 -7.15
CA VAL B 298 -56.59 53.44 -7.37
C VAL B 298 -57.44 54.42 -8.18
N ASP B 299 -58.15 53.90 -9.19
CA ASP B 299 -59.00 54.76 -10.01
C ASP B 299 -60.08 55.44 -9.19
N GLN B 300 -60.69 54.71 -8.25
CA GLN B 300 -61.64 55.32 -7.33
C GLN B 300 -60.98 56.33 -6.40
N ALA B 301 -59.66 56.28 -6.26
CA ALA B 301 -58.89 57.23 -5.46
C ALA B 301 -59.37 57.25 -4.01
N TRP B 302 -59.23 56.11 -3.35
CA TRP B 302 -59.58 55.95 -1.94
C TRP B 302 -58.32 56.01 -1.09
N ASP B 303 -58.33 56.88 -0.08
CA ASP B 303 -57.23 56.94 0.86
C ASP B 303 -57.21 55.67 1.72
N ALA B 304 -56.07 55.44 2.37
CA ALA B 304 -55.94 54.25 3.20
C ALA B 304 -56.56 54.47 4.56
N GLN B 305 -57.78 54.98 4.58
CA GLN B 305 -58.62 55.11 5.76
C GLN B 305 -60.03 54.59 5.52
N ARG B 306 -60.56 54.77 4.32
CA ARG B 306 -61.93 54.34 4.03
C ARG B 306 -62.05 52.82 3.98
N ILE B 307 -60.97 52.13 3.58
CA ILE B 307 -61.03 50.67 3.50
C ILE B 307 -61.21 50.07 4.89
N PHE B 308 -60.59 50.67 5.91
CA PHE B 308 -60.77 50.19 7.27
C PHE B 308 -62.21 50.39 7.73
N LYS B 309 -62.81 51.54 7.41
CA LYS B 309 -64.20 51.79 7.78
C LYS B 309 -65.13 50.81 7.07
N GLU B 310 -64.89 50.56 5.78
CA GLU B 310 -65.72 49.61 5.05
C GLU B 310 -65.58 48.20 5.60
N ALA B 311 -64.36 47.80 5.96
CA ALA B 311 -64.16 46.48 6.54
C ALA B 311 -64.84 46.36 7.90
N GLU B 312 -64.80 47.42 8.71
CA GLU B 312 -65.51 47.42 9.99
C GLU B 312 -67.02 47.34 9.78
N LYS B 313 -67.53 48.04 8.77
CA LYS B 313 -68.96 47.96 8.46
C LYS B 313 -69.35 46.54 8.05
N PHE B 314 -68.52 45.90 7.22
CA PHE B 314 -68.77 44.52 6.84
C PHE B 314 -68.71 43.59 8.05
N PHE B 315 -67.79 43.86 8.98
CA PHE B 315 -67.69 43.04 10.18
C PHE B 315 -68.94 43.19 11.05
N VAL B 316 -69.45 44.41 11.19
CA VAL B 316 -70.63 44.62 12.03
C VAL B 316 -71.91 44.18 11.32
N SER B 317 -71.88 44.06 10.00
CA SER B 317 -73.08 43.62 9.27
C SER B 317 -73.46 42.19 9.62
N VAL B 318 -72.50 41.35 10.01
CA VAL B 318 -72.81 39.96 10.35
C VAL B 318 -73.32 39.80 11.77
N GLY B 319 -73.46 40.89 12.51
CA GLY B 319 -73.92 40.84 13.89
C GLY B 319 -72.84 40.96 14.94
N LEU B 320 -71.60 41.19 14.55
CA LEU B 320 -70.52 41.35 15.52
C LEU B 320 -70.65 42.70 16.23
N PRO B 321 -70.16 42.79 17.46
CA PRO B 321 -70.26 44.06 18.20
C PRO B 321 -69.46 45.17 17.53
N ASN B 322 -69.92 46.41 17.72
CA ASN B 322 -69.24 47.56 17.16
C ASN B 322 -67.85 47.72 17.79
N MET B 323 -66.94 48.27 17.00
CA MET B 323 -65.56 48.45 17.44
C MET B 323 -65.42 49.74 18.23
N THR B 324 -64.65 49.68 19.31
CA THR B 324 -64.54 50.80 20.23
C THR B 324 -63.88 52.01 19.56
N GLN B 325 -64.23 53.20 20.07
CA GLN B 325 -63.67 54.43 19.52
C GLN B 325 -62.18 54.56 19.83
N GLY B 326 -61.70 53.91 20.88
CA GLY B 326 -60.30 54.02 21.25
C GLY B 326 -59.36 53.52 20.17
N PHE B 327 -59.77 52.49 19.42
CA PHE B 327 -58.95 52.01 18.31
C PHE B 327 -58.79 53.09 17.24
N TRP B 328 -59.88 53.80 16.92
CA TRP B 328 -59.81 54.87 15.93
C TRP B 328 -59.00 56.05 16.45
N GLU B 329 -59.16 56.39 17.73
CA GLU B 329 -58.53 57.60 18.27
C GLU B 329 -57.02 57.47 18.30
N ASN B 330 -56.51 56.35 18.81
CA ASN B 330 -55.07 56.12 18.90
C ASN B 330 -54.73 54.79 18.27
N SER B 331 -54.00 54.83 17.16
CA SER B 331 -53.53 53.64 16.46
C SER B 331 -52.42 54.05 15.50
N MET B 332 -51.59 53.08 15.14
CA MET B 332 -50.54 53.27 14.14
C MET B 332 -51.07 52.65 12.86
N LEU B 333 -51.85 53.43 12.11
CA LEU B 333 -52.57 52.90 10.95
C LEU B 333 -51.76 53.06 9.66
N THR B 334 -51.33 54.28 9.35
CA THR B 334 -50.56 54.53 8.14
C THR B 334 -49.28 55.27 8.50
N ASP B 335 -48.19 54.89 7.86
CA ASP B 335 -46.89 55.46 8.17
C ASP B 335 -46.87 56.95 7.79
N PRO B 336 -46.47 57.84 8.70
CA PRO B 336 -46.42 59.27 8.35
C PRO B 336 -45.49 59.60 7.21
N GLY B 337 -44.41 58.84 7.04
CA GLY B 337 -43.45 59.12 5.99
C GLY B 337 -42.38 60.13 6.33
N ASN B 338 -42.29 60.54 7.60
CA ASN B 338 -41.29 61.52 8.03
C ASN B 338 -39.94 60.81 8.20
N VAL B 339 -39.00 61.51 8.84
CA VAL B 339 -37.68 60.93 9.08
C VAL B 339 -37.75 59.71 9.97
N GLN B 340 -38.84 59.53 10.72
CA GLN B 340 -39.00 58.36 11.57
C GLN B 340 -39.17 57.11 10.72
N LYS B 341 -38.40 56.08 11.03
CA LYS B 341 -38.42 54.81 10.30
C LYS B 341 -38.56 53.68 11.31
N ALA B 342 -39.79 53.25 11.55
CA ALA B 342 -40.10 52.18 12.49
C ALA B 342 -40.80 51.05 11.76
N VAL B 343 -40.51 49.81 12.20
CA VAL B 343 -41.09 48.64 11.56
C VAL B 343 -42.59 48.62 11.82
N CYS B 344 -43.36 48.38 10.75
CA CYS B 344 -44.81 48.33 10.83
C CYS B 344 -45.34 46.96 10.39
N HIS B 345 -44.70 45.91 10.90
CA HIS B 345 -45.19 44.56 10.65
C HIS B 345 -46.56 44.40 11.28
N PRO B 346 -47.52 43.78 10.57
CA PRO B 346 -48.90 43.73 11.09
C PRO B 346 -48.98 43.04 12.45
N THR B 347 -49.82 43.60 13.32
CA THR B 347 -49.98 43.10 14.68
C THR B 347 -51.21 43.74 15.30
N ALA B 348 -52.00 42.93 16.00
CA ALA B 348 -53.17 43.40 16.74
C ALA B 348 -52.80 43.49 18.22
N TRP B 349 -52.58 44.70 18.70
CA TRP B 349 -52.18 44.92 20.08
C TRP B 349 -53.40 44.93 20.99
N ASP B 350 -53.37 44.12 22.06
CA ASP B 350 -54.50 44.04 22.99
C ASP B 350 -54.06 44.43 24.39
N LEU B 351 -53.47 45.61 24.52
CA LEU B 351 -52.98 46.11 25.80
C LEU B 351 -53.98 45.85 26.93
N GLY B 352 -55.26 46.00 26.64
CA GLY B 352 -56.31 45.61 27.56
C GLY B 352 -57.07 46.81 28.11
N LYS B 353 -58.05 46.49 28.95
CA LYS B 353 -58.92 47.48 29.59
C LYS B 353 -59.59 48.36 28.54
N GLY B 354 -60.02 47.76 27.44
CA GLY B 354 -60.65 48.49 26.36
C GLY B 354 -59.69 49.18 25.42
N ASP B 355 -58.38 49.05 25.63
CA ASP B 355 -57.37 49.69 24.80
C ASP B 355 -56.79 48.66 23.85
N PHE B 356 -57.11 48.79 22.56
CA PHE B 356 -56.58 47.91 21.53
C PHE B 356 -56.11 48.76 20.35
N ARG B 357 -55.13 48.24 19.61
CA ARG B 357 -54.52 48.98 18.52
C ARG B 357 -54.17 48.04 17.38
N ILE B 358 -53.90 48.63 16.22
CA ILE B 358 -53.47 47.88 15.04
C ILE B 358 -52.19 48.53 14.52
N LEU B 359 -51.17 47.72 14.32
CA LEU B 359 -49.87 48.18 13.79
C LEU B 359 -49.66 47.46 12.46
N MET B 360 -49.92 48.17 11.35
CA MET B 360 -49.80 47.57 10.04
C MET B 360 -49.71 48.68 9.00
N CYS B 361 -48.62 48.70 8.24
CA CYS B 361 -48.45 49.71 7.20
C CYS B 361 -49.44 49.46 6.06
N THR B 362 -50.12 50.52 5.64
CA THR B 362 -51.19 50.42 4.66
C THR B 362 -50.70 50.90 3.29
N LYS B 363 -50.81 50.04 2.29
CA LYS B 363 -50.60 50.38 0.89
C LYS B 363 -51.91 50.22 0.14
N VAL B 364 -51.87 50.39 -1.17
CA VAL B 364 -53.05 50.17 -1.99
C VAL B 364 -52.87 48.91 -2.82
N THR B 365 -53.26 47.77 -2.25
CA THR B 365 -53.17 46.47 -2.89
C THR B 365 -54.30 45.60 -2.37
N MET B 366 -54.52 44.46 -3.02
CA MET B 366 -55.39 43.43 -2.45
C MET B 366 -54.82 42.90 -1.14
N ASP B 367 -53.50 42.72 -1.08
CA ASP B 367 -52.89 42.05 0.07
C ASP B 367 -53.16 42.81 1.36
N ASP B 368 -52.97 44.13 1.34
CA ASP B 368 -53.28 44.93 2.51
C ASP B 368 -54.78 44.96 2.80
N PHE B 369 -55.60 44.95 1.76
CA PHE B 369 -57.05 44.98 1.95
C PHE B 369 -57.52 43.72 2.70
N LEU B 370 -56.97 42.56 2.36
CA LEU B 370 -57.31 41.33 3.07
C LEU B 370 -56.61 41.24 4.42
N THR B 371 -55.40 41.79 4.55
CA THR B 371 -54.72 41.78 5.84
C THR B 371 -55.47 42.64 6.85
N ALA B 372 -56.16 43.69 6.40
CA ALA B 372 -57.02 44.45 7.29
C ALA B 372 -58.12 43.56 7.86
N HIS B 373 -58.76 42.75 7.02
CA HIS B 373 -59.77 41.82 7.49
C HIS B 373 -59.19 40.81 8.47
N HIS B 374 -57.99 40.30 8.16
CA HIS B 374 -57.35 39.32 9.04
C HIS B 374 -57.09 39.92 10.41
N GLU B 375 -56.49 41.12 10.45
CA GLU B 375 -56.17 41.75 11.72
C GLU B 375 -57.42 42.13 12.50
N MET B 376 -58.47 42.59 11.80
CA MET B 376 -59.68 42.96 12.52
C MET B 376 -60.41 41.74 13.03
N GLY B 377 -60.33 40.60 12.32
CA GLY B 377 -60.83 39.36 12.89
C GLY B 377 -60.06 38.96 14.13
N HIS B 378 -58.73 39.13 14.10
CA HIS B 378 -57.91 38.87 15.28
C HIS B 378 -58.40 39.70 16.47
N ILE B 379 -58.56 41.00 16.27
CA ILE B 379 -58.90 41.87 17.41
C ILE B 379 -60.34 41.63 17.83
N GLN B 380 -61.23 41.31 16.89
CA GLN B 380 -62.61 40.99 17.27
C GLN B 380 -62.66 39.76 18.16
N TYR B 381 -61.92 38.72 17.78
CA TYR B 381 -61.79 37.55 18.66
C TYR B 381 -61.25 37.96 20.02
N ASP B 382 -60.17 38.74 20.02
CA ASP B 382 -59.49 39.05 21.29
C ASP B 382 -60.38 39.86 22.22
N MET B 383 -61.15 40.79 21.66
CA MET B 383 -62.01 41.66 22.46
C MET B 383 -63.36 41.03 22.78
N ALA B 384 -63.73 39.94 22.10
CA ALA B 384 -65.03 39.32 22.36
C ALA B 384 -65.12 38.79 23.78
N TYR B 385 -64.02 38.26 24.31
CA TYR B 385 -64.00 37.61 25.62
C TYR B 385 -63.20 38.42 26.64
N ALA B 386 -63.34 39.74 26.60
CA ALA B 386 -62.63 40.59 27.55
C ALA B 386 -63.12 40.41 28.98
N ALA B 387 -64.33 39.84 29.16
CA ALA B 387 -64.87 39.66 30.51
C ALA B 387 -64.19 38.52 31.25
N GLN B 388 -63.50 37.63 30.55
CA GLN B 388 -62.85 36.51 31.19
C GLN B 388 -61.67 36.99 32.04
N PRO B 389 -61.24 36.20 33.02
CA PRO B 389 -60.08 36.58 33.83
C PRO B 389 -58.82 36.71 32.99
N PHE B 390 -57.83 37.39 33.57
CA PHE B 390 -56.59 37.66 32.84
C PHE B 390 -55.88 36.37 32.46
N LEU B 391 -55.81 35.40 33.38
CA LEU B 391 -55.17 34.13 33.08
C LEU B 391 -55.95 33.30 32.07
N LEU B 392 -57.24 33.55 31.93
CA LEU B 392 -58.07 32.86 30.94
C LEU B 392 -58.29 33.69 29.69
N ARG B 393 -57.55 34.80 29.54
CA ARG B 393 -57.70 35.68 28.39
C ARG B 393 -56.79 35.22 27.26
N ASN B 394 -57.16 34.09 26.68
CA ASN B 394 -56.45 33.55 25.53
C ASN B 394 -57.38 32.62 24.76
N GLY B 395 -57.01 32.31 23.53
CA GLY B 395 -57.80 31.42 22.70
C GLY B 395 -57.80 30.00 23.25
N ALA B 396 -58.67 29.18 22.66
CA ALA B 396 -58.86 27.82 23.16
C ALA B 396 -57.55 27.04 23.12
N ASN B 397 -56.84 27.09 22.00
CA ASN B 397 -55.48 26.58 21.92
C ASN B 397 -54.74 27.39 20.85
N GLU B 398 -53.60 26.88 20.40
CA GLU B 398 -52.76 27.62 19.48
C GLU B 398 -53.35 27.75 18.09
N GLY B 399 -54.37 26.96 17.76
CA GLY B 399 -54.90 26.96 16.40
C GLY B 399 -56.09 27.85 16.14
N PHE B 400 -56.85 28.20 17.17
CA PHE B 400 -58.11 28.92 16.98
C PHE B 400 -57.87 30.37 16.56
N HIS B 401 -56.89 31.03 17.18
CA HIS B 401 -56.73 32.46 17.00
C HIS B 401 -56.41 32.81 15.54
N GLU B 402 -55.50 32.06 14.91
CA GLU B 402 -55.22 32.29 13.51
C GLU B 402 -56.32 31.75 12.60
N ALA B 403 -57.02 30.70 13.04
CA ALA B 403 -58.09 30.15 12.22
C ALA B 403 -59.21 31.15 12.02
N VAL B 404 -59.54 31.91 13.07
CA VAL B 404 -60.60 32.92 12.94
C VAL B 404 -60.23 33.94 11.87
N GLY B 405 -59.00 34.45 11.92
CA GLY B 405 -58.57 35.41 10.91
C GLY B 405 -58.53 34.81 9.53
N GLU B 406 -58.10 33.54 9.42
CA GLU B 406 -58.05 32.90 8.11
C GLU B 406 -59.44 32.76 7.51
N ILE B 407 -60.43 32.34 8.30
CA ILE B 407 -61.77 32.22 7.74
C ILE B 407 -62.33 33.59 7.41
N MET B 408 -61.99 34.61 8.21
CA MET B 408 -62.48 35.95 7.91
C MET B 408 -61.94 36.46 6.58
N SER B 409 -60.64 36.29 6.36
CA SER B 409 -60.03 36.71 5.11
C SER B 409 -60.55 35.89 3.93
N LEU B 410 -60.76 34.59 4.14
CA LEU B 410 -61.31 33.76 3.07
C LEU B 410 -62.70 34.21 2.68
N SER B 411 -63.54 34.52 3.67
CA SER B 411 -64.90 34.98 3.37
C SER B 411 -64.90 36.35 2.72
N ALA B 412 -63.92 37.20 3.05
CA ALA B 412 -63.89 38.54 2.49
C ALA B 412 -63.27 38.61 1.09
N ALA B 413 -62.75 37.51 0.57
CA ALA B 413 -62.04 37.51 -0.71
C ALA B 413 -62.86 36.97 -1.88
N THR B 414 -64.13 36.65 -1.66
CA THR B 414 -64.95 36.11 -2.73
C THR B 414 -65.22 37.19 -3.80
N PRO B 415 -65.30 36.79 -5.07
CA PRO B 415 -65.58 37.79 -6.12
C PRO B 415 -66.94 38.44 -5.98
N LYS B 416 -67.94 37.73 -5.43
CA LYS B 416 -69.23 38.37 -5.18
C LYS B 416 -69.10 39.48 -4.15
N HIS B 417 -68.17 39.35 -3.20
CA HIS B 417 -67.92 40.43 -2.26
C HIS B 417 -67.36 41.66 -2.97
N LEU B 418 -66.42 41.45 -3.90
CA LEU B 418 -65.88 42.56 -4.67
C LEU B 418 -66.98 43.22 -5.50
N LYS B 419 -67.86 42.42 -6.08
CA LYS B 419 -69.00 42.98 -6.82
C LYS B 419 -69.89 43.80 -5.91
N SER B 420 -70.14 43.31 -4.69
CA SER B 420 -71.04 44.01 -3.77
C SER B 420 -70.44 45.33 -3.29
N ILE B 421 -69.12 45.35 -3.02
CA ILE B 421 -68.50 46.55 -2.45
C ILE B 421 -68.27 47.64 -3.47
N GLY B 422 -68.70 47.46 -4.72
CA GLY B 422 -68.58 48.45 -5.75
C GLY B 422 -67.47 48.19 -6.74
N LEU B 423 -66.44 47.45 -6.34
CA LEU B 423 -65.36 47.09 -7.26
C LEU B 423 -65.81 45.95 -8.16
N LEU B 424 -64.92 45.53 -9.06
CA LEU B 424 -65.19 44.40 -9.97
C LEU B 424 -66.46 44.65 -10.77
N SER B 425 -66.37 45.67 -11.65
CA SER B 425 -67.47 46.18 -12.45
C SER B 425 -68.34 45.06 -13.03
N PRO B 426 -69.65 45.23 -13.06
CA PRO B 426 -70.54 44.11 -13.42
C PRO B 426 -70.35 43.57 -14.82
N ASP B 427 -69.75 44.34 -15.73
CA ASP B 427 -69.56 43.86 -17.10
C ASP B 427 -68.44 42.83 -17.17
N PHE B 428 -68.65 41.68 -16.54
CA PHE B 428 -67.64 40.63 -16.50
C PHE B 428 -68.31 39.32 -16.15
N GLN B 429 -67.95 38.25 -16.84
CA GLN B 429 -68.50 36.92 -16.62
C GLN B 429 -67.50 36.07 -15.86
N GLU B 430 -67.95 35.41 -14.79
CA GLU B 430 -67.07 34.59 -13.94
C GLU B 430 -66.89 33.23 -14.61
N ASP B 431 -65.98 33.19 -15.57
CA ASP B 431 -65.65 31.93 -16.23
C ASP B 431 -64.95 30.99 -15.24
N ASN B 432 -65.15 29.69 -15.45
CA ASN B 432 -64.63 28.70 -14.51
C ASN B 432 -63.13 28.48 -14.64
N GLU B 433 -62.52 28.91 -15.75
CA GLU B 433 -61.06 28.76 -15.88
C GLU B 433 -60.32 29.61 -14.85
N THR B 434 -60.78 30.83 -14.64
CA THR B 434 -60.19 31.65 -13.57
C THR B 434 -60.44 31.03 -12.21
N GLU B 435 -61.58 30.37 -12.02
CA GLU B 435 -61.84 29.67 -10.77
C GLU B 435 -60.85 28.52 -10.57
N ILE B 436 -60.54 27.79 -11.64
CA ILE B 436 -59.55 26.72 -11.56
C ILE B 436 -58.18 27.30 -11.22
N ASN B 437 -57.84 28.43 -11.84
CA ASN B 437 -56.57 29.09 -11.54
C ASN B 437 -56.50 29.47 -10.06
N PHE B 438 -57.58 30.06 -9.54
CA PHE B 438 -57.61 30.44 -8.13
C PHE B 438 -57.51 29.23 -7.22
N LEU B 439 -58.20 28.14 -7.58
CA LEU B 439 -58.15 26.94 -6.75
C LEU B 439 -56.75 26.34 -6.73
N LEU B 440 -56.06 26.31 -7.87
CA LEU B 440 -54.71 25.80 -7.89
C LEU B 440 -53.76 26.70 -7.11
N LYS B 441 -53.95 28.03 -7.20
CA LYS B 441 -53.11 28.94 -6.45
C LYS B 441 -53.30 28.73 -4.95
N GLN B 442 -54.54 28.49 -4.51
CA GLN B 442 -54.79 28.19 -3.10
C GLN B 442 -54.19 26.84 -2.71
N ALA B 443 -54.23 25.87 -3.61
CA ALA B 443 -53.72 24.53 -3.30
C ALA B 443 -52.22 24.50 -3.20
N LEU B 444 -51.53 25.33 -4.00
CA LEU B 444 -50.07 25.38 -3.93
C LEU B 444 -49.58 25.84 -2.56
N THR B 445 -50.41 26.56 -1.81
CA THR B 445 -50.08 27.02 -0.47
C THR B 445 -50.65 26.12 0.62
N ILE B 446 -51.95 25.87 0.60
CA ILE B 446 -52.60 25.14 1.69
C ILE B 446 -52.20 23.67 1.67
N VAL B 447 -52.15 23.06 0.48
CA VAL B 447 -51.94 21.62 0.40
C VAL B 447 -50.46 21.24 0.27
N GLY B 448 -49.60 22.16 -0.14
CA GLY B 448 -48.20 21.85 -0.27
C GLY B 448 -47.41 21.86 1.02
N THR B 449 -48.02 22.27 2.13
CA THR B 449 -47.32 22.41 3.40
C THR B 449 -47.68 21.36 4.43
N LEU B 450 -48.80 20.66 4.27
CA LEU B 450 -49.20 19.66 5.26
C LEU B 450 -48.23 18.49 5.36
N PRO B 451 -47.77 17.88 4.25
CA PRO B 451 -46.74 16.82 4.41
C PRO B 451 -45.48 17.31 5.09
N PHE B 452 -45.04 18.53 4.78
CA PHE B 452 -43.82 19.06 5.39
C PHE B 452 -43.98 19.23 6.89
N THR B 453 -45.08 19.85 7.31
CA THR B 453 -45.34 20.04 8.74
C THR B 453 -45.44 18.70 9.46
N TYR B 454 -46.19 17.77 8.89
CA TYR B 454 -46.35 16.45 9.51
C TYR B 454 -45.00 15.75 9.67
N MET B 455 -44.20 15.75 8.61
CA MET B 455 -42.93 15.05 8.65
C MET B 455 -41.97 15.70 9.64
N LEU B 456 -41.93 17.03 9.68
CA LEU B 456 -41.01 17.72 10.59
C LEU B 456 -41.38 17.47 12.04
N GLU B 457 -42.66 17.60 12.38
CA GLU B 457 -43.06 17.35 13.76
C GLU B 457 -42.88 15.89 14.14
N LYS B 458 -43.12 14.97 13.19
CA LYS B 458 -42.86 13.56 13.46
C LYS B 458 -41.39 13.32 13.76
N TRP B 459 -40.50 13.90 12.96
CA TRP B 459 -39.07 13.74 13.20
C TRP B 459 -38.67 14.27 14.57
N ARG B 460 -39.18 15.45 14.94
CA ARG B 460 -38.83 16.01 16.24
C ARG B 460 -39.37 15.15 17.38
N TRP B 461 -40.61 14.66 17.25
CA TRP B 461 -41.18 13.81 18.28
C TRP B 461 -40.36 12.55 18.48
N MET B 462 -39.96 11.90 17.38
CA MET B 462 -39.18 10.67 17.50
C MET B 462 -37.76 10.96 18.00
N VAL B 463 -37.21 12.14 17.70
CA VAL B 463 -35.88 12.47 18.20
C VAL B 463 -35.92 12.70 19.70
N PHE B 464 -36.92 13.44 20.19
CA PHE B 464 -37.06 13.62 21.63
C PHE B 464 -37.38 12.31 22.34
N LYS B 465 -38.21 11.46 21.73
CA LYS B 465 -38.61 10.21 22.35
C LYS B 465 -37.45 9.24 22.51
N GLY B 466 -36.36 9.43 21.77
CA GLY B 466 -35.25 8.51 21.81
C GLY B 466 -35.31 7.38 20.81
N GLU B 467 -36.35 7.35 19.96
CA GLU B 467 -36.45 6.30 18.96
C GLU B 467 -35.29 6.34 17.98
N ILE B 468 -34.92 7.54 17.53
CA ILE B 468 -33.83 7.71 16.57
C ILE B 468 -32.53 7.88 17.34
N PRO B 469 -31.53 7.03 17.12
CA PRO B 469 -30.24 7.22 17.79
C PRO B 469 -29.53 8.45 17.25
N LYS B 470 -28.52 8.90 18.00
CA LYS B 470 -27.79 10.11 17.64
C LYS B 470 -26.93 9.94 16.39
N ASP B 471 -26.74 8.71 15.91
CA ASP B 471 -25.95 8.47 14.70
C ASP B 471 -26.83 8.19 13.49
N GLN B 472 -28.14 8.41 13.59
CA GLN B 472 -29.04 8.18 12.48
C GLN B 472 -30.06 9.29 12.33
N TRP B 473 -29.69 10.52 12.71
CA TRP B 473 -30.61 11.65 12.56
C TRP B 473 -30.83 11.98 11.09
N MET B 474 -29.74 12.11 10.33
CA MET B 474 -29.86 12.50 8.93
C MET B 474 -30.43 11.37 8.09
N LYS B 475 -30.08 10.13 8.42
CA LYS B 475 -30.61 8.98 7.70
C LYS B 475 -32.14 8.95 7.80
N LYS B 476 -32.66 9.05 9.02
CA LYS B 476 -34.11 9.07 9.19
C LYS B 476 -34.74 10.31 8.56
N TRP B 477 -34.08 11.46 8.69
CA TRP B 477 -34.60 12.69 8.09
C TRP B 477 -34.83 12.51 6.59
N TRP B 478 -33.81 12.06 5.87
CA TRP B 478 -33.95 11.96 4.42
C TRP B 478 -34.79 10.76 4.00
N GLU B 479 -34.84 9.70 4.81
CA GLU B 479 -35.75 8.60 4.52
C GLU B 479 -37.20 9.06 4.59
N MET B 480 -37.57 9.77 5.65
CA MET B 480 -38.92 10.31 5.75
C MET B 480 -39.18 11.34 4.66
N LYS B 481 -38.17 12.13 4.29
CA LYS B 481 -38.33 13.10 3.22
C LYS B 481 -38.66 12.40 1.90
N ARG B 482 -37.95 11.33 1.57
CA ARG B 482 -38.22 10.62 0.32
C ARG B 482 -39.55 9.87 0.39
N GLU B 483 -39.94 9.36 1.56
CA GLU B 483 -41.10 8.50 1.64
C GLU B 483 -42.41 9.27 1.81
N ILE B 484 -42.46 10.25 2.70
CA ILE B 484 -43.70 10.95 3.01
C ILE B 484 -43.94 12.12 2.07
N VAL B 485 -42.91 12.93 1.82
CA VAL B 485 -43.08 14.13 1.01
C VAL B 485 -42.76 13.90 -0.46
N GLY B 486 -42.00 12.86 -0.80
CA GLY B 486 -41.61 12.64 -2.17
C GLY B 486 -40.61 13.65 -2.69
N VAL B 487 -39.58 13.96 -1.90
CA VAL B 487 -38.57 14.95 -2.25
C VAL B 487 -37.21 14.33 -1.98
N VAL B 488 -36.31 14.42 -2.95
CA VAL B 488 -35.01 13.75 -2.89
C VAL B 488 -33.92 14.81 -2.85
N GLU B 489 -32.91 14.59 -2.01
CA GLU B 489 -31.81 15.52 -1.91
C GLU B 489 -30.92 15.43 -3.14
N PRO B 490 -30.37 16.56 -3.61
CA PRO B 490 -29.46 16.50 -4.77
C PRO B 490 -28.05 16.05 -4.43
N VAL B 491 -27.63 16.10 -3.18
CA VAL B 491 -26.29 15.65 -2.78
C VAL B 491 -26.41 14.85 -1.49
N PRO B 492 -25.63 13.78 -1.31
CA PRO B 492 -25.73 13.00 -0.06
C PRO B 492 -25.24 13.80 1.13
N HIS B 493 -25.90 13.61 2.27
CA HIS B 493 -25.60 14.35 3.49
C HIS B 493 -25.38 13.37 4.63
N ASP B 494 -24.16 13.38 5.18
CA ASP B 494 -23.76 12.46 6.23
C ASP B 494 -24.22 12.99 7.59
N GLU B 495 -23.69 12.40 8.67
CA GLU B 495 -24.15 12.70 10.02
C GLU B 495 -23.57 13.98 10.59
N THR B 496 -22.68 14.66 9.86
CA THR B 496 -22.16 15.94 10.33
C THR B 496 -23.07 17.12 10.01
N TYR B 497 -24.18 16.88 9.32
CA TYR B 497 -25.13 17.92 8.95
C TYR B 497 -26.32 17.93 9.92
N CYS B 498 -26.98 19.09 9.98
CA CYS B 498 -28.16 19.26 10.82
C CYS B 498 -29.24 20.02 10.05
N ASP B 499 -29.57 19.54 8.86
CA ASP B 499 -30.51 20.22 7.97
C ASP B 499 -31.80 20.68 8.65
N PRO B 500 -32.51 19.87 9.44
CA PRO B 500 -33.75 20.37 10.06
C PRO B 500 -33.53 21.57 10.96
N ALA B 501 -32.35 21.69 11.59
CA ALA B 501 -32.07 22.83 12.46
C ALA B 501 -31.90 24.13 11.69
N SER B 502 -31.83 24.07 10.35
CA SER B 502 -31.73 25.29 9.56
C SER B 502 -33.07 26.02 9.43
N LEU B 503 -34.17 25.41 9.86
CA LEU B 503 -35.45 26.09 9.91
C LEU B 503 -35.44 27.16 11.00
N PHE B 504 -36.27 28.18 10.82
CA PHE B 504 -36.42 29.19 11.87
C PHE B 504 -37.02 28.59 13.13
N HIS B 505 -38.06 27.76 12.98
CA HIS B 505 -38.80 27.26 14.13
C HIS B 505 -38.05 26.18 14.90
N VAL B 506 -37.03 25.58 14.31
CA VAL B 506 -36.31 24.49 14.97
C VAL B 506 -35.15 25.03 15.81
N SER B 507 -34.33 25.90 15.22
CA SER B 507 -33.21 26.47 15.96
C SER B 507 -33.69 27.36 17.10
N ASN B 508 -34.74 28.14 16.87
CA ASN B 508 -35.24 29.09 17.85
C ASN B 508 -36.25 28.47 18.81
N ASP B 509 -36.32 27.16 18.90
CA ASP B 509 -37.19 26.51 19.88
C ASP B 509 -38.64 26.93 19.78
N TYR B 510 -39.30 26.58 18.68
CA TYR B 510 -40.70 26.87 18.50
C TYR B 510 -41.45 25.60 18.12
N SER B 511 -42.73 25.56 18.49
CA SER B 511 -43.58 24.44 18.12
C SER B 511 -44.07 24.60 16.69
N PHE B 512 -44.31 23.46 16.03
CA PHE B 512 -44.67 23.45 14.62
C PHE B 512 -45.99 22.76 14.33
N ILE B 513 -46.62 22.10 15.31
CA ILE B 513 -47.84 21.35 15.03
C ILE B 513 -49.05 22.26 14.84
N ARG B 514 -49.01 23.49 15.36
CA ARG B 514 -50.16 24.38 15.22
C ARG B 514 -50.52 24.60 13.76
N TYR B 515 -49.51 24.84 12.92
CA TYR B 515 -49.75 25.09 11.51
C TYR B 515 -50.44 23.91 10.84
N TYR B 516 -50.37 22.72 11.43
CA TYR B 516 -51.20 21.63 10.96
C TYR B 516 -52.64 21.82 11.39
N THR B 517 -52.88 21.83 12.71
CA THR B 517 -54.25 21.78 13.20
C THR B 517 -55.05 23.00 12.77
N ARG B 518 -54.45 24.18 12.87
CA ARG B 518 -55.11 25.39 12.39
C ARG B 518 -55.55 25.22 10.94
N THR B 519 -54.66 24.70 10.09
CA THR B 519 -54.99 24.55 8.68
C THR B 519 -56.26 23.73 8.48
N LEU B 520 -56.54 22.81 9.40
CA LEU B 520 -57.80 22.07 9.32
C LEU B 520 -58.93 22.87 9.95
N TYR B 521 -58.71 23.39 11.16
CA TYR B 521 -59.80 23.99 11.93
C TYR B 521 -60.55 25.03 11.13
N GLN B 522 -59.81 25.97 10.54
CA GLN B 522 -60.43 27.05 9.77
C GLN B 522 -61.41 26.50 8.75
N PHE B 523 -60.99 25.50 7.99
CA PHE B 523 -61.86 24.98 6.93
C PHE B 523 -63.14 24.43 7.52
N GLN B 524 -63.05 23.70 8.64
CA GLN B 524 -64.25 23.24 9.31
C GLN B 524 -65.18 24.40 9.60
N PHE B 525 -64.64 25.46 10.20
CA PHE B 525 -65.45 26.65 10.44
C PHE B 525 -66.00 27.18 9.12
N GLN B 526 -65.14 27.29 8.11
CA GLN B 526 -65.57 27.83 6.82
C GLN B 526 -66.71 27.03 6.23
N GLU B 527 -66.86 25.76 6.62
CA GLU B 527 -68.04 25.02 6.22
C GLU B 527 -69.24 25.41 7.09
N ALA B 528 -69.10 25.23 8.40
CA ALA B 528 -70.27 25.31 9.29
C ALA B 528 -70.94 26.67 9.19
N LEU B 529 -70.17 27.73 9.35
CA LEU B 529 -70.73 29.08 9.25
C LEU B 529 -71.37 29.29 7.88
N CYS B 530 -70.68 28.86 6.83
CA CYS B 530 -71.22 29.05 5.49
C CYS B 530 -72.38 28.10 5.22
N GLN B 531 -72.53 27.05 6.04
CA GLN B 531 -73.75 26.26 6.02
C GLN B 531 -74.90 27.00 6.70
N ALA B 532 -74.59 27.80 7.73
CA ALA B 532 -75.61 28.58 8.41
C ALA B 532 -76.20 29.67 7.52
N ALA B 533 -75.50 30.06 6.46
CA ALA B 533 -76.00 31.03 5.50
C ALA B 533 -76.79 30.39 4.37
N LYS B 534 -76.98 29.06 4.41
CA LYS B 534 -77.75 28.33 3.41
C LYS B 534 -77.16 28.53 2.01
N HIS B 535 -75.90 28.13 1.86
CA HIS B 535 -75.24 28.22 0.57
C HIS B 535 -75.74 27.12 -0.36
N GLU B 536 -75.66 27.39 -1.66
CA GLU B 536 -76.13 26.48 -2.69
C GLU B 536 -75.01 25.93 -3.57
N GLY B 537 -74.15 26.81 -4.10
CA GLY B 537 -73.12 26.40 -5.02
C GLY B 537 -71.92 25.77 -4.33
N PRO B 538 -70.74 25.94 -4.92
CA PRO B 538 -69.53 25.38 -4.32
C PRO B 538 -69.11 26.14 -3.08
N LEU B 539 -68.34 25.44 -2.23
CA LEU B 539 -67.92 26.01 -0.97
C LEU B 539 -67.01 27.22 -1.16
N HIS B 540 -66.09 27.15 -2.13
CA HIS B 540 -65.11 28.21 -2.28
C HIS B 540 -65.71 29.51 -2.78
N LYS B 541 -66.92 29.48 -3.33
CA LYS B 541 -67.59 30.68 -3.81
C LYS B 541 -68.59 31.24 -2.82
N CYS B 542 -68.73 30.66 -1.64
CA CYS B 542 -69.75 31.08 -0.70
C CYS B 542 -69.26 32.23 0.17
N ASP B 543 -70.21 32.91 0.80
CA ASP B 543 -69.96 34.13 1.56
C ASP B 543 -70.52 33.99 2.97
N ILE B 544 -70.25 35.00 3.81
CA ILE B 544 -70.67 34.99 5.20
C ILE B 544 -71.46 36.24 5.58
N SER B 545 -71.30 37.35 4.88
CA SER B 545 -71.86 38.63 5.31
C SER B 545 -73.38 38.56 5.44
N ASN B 546 -73.89 39.27 6.45
CA ASN B 546 -75.32 39.33 6.78
C ASN B 546 -75.88 37.93 7.05
N SER B 547 -75.35 37.32 8.11
CA SER B 547 -75.82 36.02 8.59
C SER B 547 -75.90 36.10 10.11
N THR B 548 -77.08 36.46 10.62
CA THR B 548 -77.25 36.62 12.06
C THR B 548 -77.06 35.31 12.80
N GLU B 549 -77.58 34.22 12.25
CA GLU B 549 -77.41 32.91 12.89
C GLU B 549 -75.94 32.50 12.91
N ALA B 550 -75.23 32.72 11.80
CA ALA B 550 -73.80 32.41 11.77
C ALA B 550 -73.02 33.26 12.75
N GLY B 551 -73.37 34.55 12.84
CA GLY B 551 -72.70 35.42 13.81
C GLY B 551 -72.94 34.98 15.23
N GLN B 552 -74.18 34.60 15.56
CA GLN B 552 -74.48 34.10 16.89
C GLN B 552 -73.74 32.81 17.19
N LYS B 553 -73.67 31.91 16.20
CA LYS B 553 -72.93 30.67 16.39
C LYS B 553 -71.45 30.93 16.63
N LEU B 554 -70.87 31.86 15.89
CA LEU B 554 -69.47 32.22 16.10
C LEU B 554 -69.26 32.83 17.48
N PHE B 555 -70.13 33.77 17.87
CA PHE B 555 -69.99 34.41 19.16
C PHE B 555 -70.22 33.45 20.31
N ASN B 556 -70.97 32.37 20.09
CA ASN B 556 -71.11 31.31 21.09
C ASN B 556 -69.85 30.48 21.26
N MET B 557 -68.75 30.90 20.62
CA MET B 557 -67.45 30.27 20.80
C MET B 557 -66.40 31.33 21.10
N LEU B 558 -66.59 32.54 20.54
CA LEU B 558 -65.60 33.59 20.68
C LEU B 558 -65.42 34.00 22.14
N ARG B 559 -66.52 34.11 22.89
CA ARG B 559 -66.46 34.57 24.26
C ARG B 559 -66.08 33.47 25.25
N LEU B 560 -65.91 32.24 24.79
CA LEU B 560 -65.59 31.15 25.71
C LEU B 560 -64.15 31.25 26.22
N GLY B 561 -63.20 31.53 25.34
CA GLY B 561 -61.82 31.65 25.76
C GLY B 561 -61.25 30.34 26.25
N LYS B 562 -60.48 30.40 27.33
CA LYS B 562 -59.85 29.23 27.93
C LYS B 562 -60.63 28.68 29.12
N SER B 563 -61.83 29.19 29.38
CA SER B 563 -62.57 28.77 30.56
C SER B 563 -63.02 27.32 30.47
N GLU B 564 -63.16 26.79 29.26
CA GLU B 564 -63.66 25.45 29.01
C GLU B 564 -62.75 24.74 28.00
N PRO B 565 -62.77 23.41 27.98
CA PRO B 565 -61.95 22.68 27.01
C PRO B 565 -62.31 23.04 25.58
N TRP B 566 -61.31 22.99 24.70
CA TRP B 566 -61.50 23.39 23.31
C TRP B 566 -62.44 22.46 22.55
N THR B 567 -62.65 21.24 23.04
CA THR B 567 -63.60 20.35 22.38
C THR B 567 -65.02 20.92 22.43
N LEU B 568 -65.41 21.47 23.57
CA LEU B 568 -66.73 22.10 23.68
C LEU B 568 -66.84 23.29 22.74
N ALA B 569 -65.78 24.11 22.65
CA ALA B 569 -65.80 25.25 21.74
C ALA B 569 -65.92 24.80 20.30
N LEU B 570 -65.20 23.74 19.91
CA LEU B 570 -65.32 23.21 18.56
C LEU B 570 -66.72 22.69 18.29
N GLU B 571 -67.30 21.98 19.25
CA GLU B 571 -68.65 21.43 19.08
C GLU B 571 -69.69 22.53 18.96
N ASN B 572 -69.47 23.66 19.65
CA ASN B 572 -70.43 24.76 19.60
C ASN B 572 -70.52 25.38 18.20
N VAL B 573 -69.55 25.10 17.33
CA VAL B 573 -69.52 25.66 15.98
C VAL B 573 -69.82 24.59 14.93
N VAL B 574 -69.11 23.46 14.98
CA VAL B 574 -69.26 22.42 13.97
C VAL B 574 -69.94 21.17 14.48
N GLY B 575 -70.17 21.05 15.78
CA GLY B 575 -70.78 19.84 16.31
C GLY B 575 -69.87 18.62 16.27
N ALA B 576 -68.57 18.82 16.18
CA ALA B 576 -67.62 17.73 16.12
C ALA B 576 -66.72 17.74 17.36
N LYS B 577 -66.25 16.56 17.75
CA LYS B 577 -65.41 16.40 18.93
C LYS B 577 -63.93 16.42 18.62
N ASN B 578 -63.54 16.56 17.36
CA ASN B 578 -62.14 16.53 16.98
C ASN B 578 -61.99 17.16 15.60
N MET B 579 -60.74 17.20 15.13
CA MET B 579 -60.45 17.77 13.82
C MET B 579 -60.88 16.80 12.71
N ASN B 580 -61.35 17.38 11.60
CA ASN B 580 -61.87 16.61 10.48
C ASN B 580 -61.23 17.09 9.19
N VAL B 581 -61.03 16.17 8.25
CA VAL B 581 -60.40 16.48 6.98
C VAL B 581 -61.40 16.64 5.85
N ARG B 582 -62.64 16.20 6.03
CA ARG B 582 -63.62 16.23 4.95
C ARG B 582 -63.87 17.62 4.39
N PRO B 583 -64.09 18.68 5.19
CA PRO B 583 -64.37 19.99 4.58
C PRO B 583 -63.29 20.48 3.65
N LEU B 584 -62.02 20.17 3.93
CA LEU B 584 -60.96 20.56 3.01
C LEU B 584 -61.10 19.86 1.66
N LEU B 585 -61.45 18.57 1.67
CA LEU B 585 -61.63 17.85 0.42
C LEU B 585 -62.86 18.35 -0.35
N ASN B 586 -63.94 18.67 0.37
CA ASN B 586 -65.07 19.31 -0.30
C ASN B 586 -64.69 20.68 -0.87
N TYR B 587 -63.79 21.39 -0.20
CA TYR B 587 -63.31 22.67 -0.73
C TYR B 587 -62.55 22.47 -2.03
N PHE B 588 -61.71 21.45 -2.10
CA PHE B 588 -60.85 21.25 -3.26
C PHE B 588 -61.36 20.20 -4.26
N GLU B 589 -62.61 19.77 -4.11
CA GLU B 589 -63.17 18.78 -5.04
C GLU B 589 -63.08 19.18 -6.51
N PRO B 590 -63.45 20.41 -6.92
CA PRO B 590 -63.32 20.74 -8.35
C PRO B 590 -61.90 20.60 -8.87
N LEU B 591 -60.92 21.03 -8.09
CA LEU B 591 -59.53 20.88 -8.50
C LEU B 591 -59.13 19.41 -8.53
N PHE B 592 -59.66 18.61 -7.60
CA PHE B 592 -59.39 17.18 -7.62
C PHE B 592 -59.90 16.55 -8.91
N THR B 593 -61.13 16.90 -9.31
CA THR B 593 -61.68 16.38 -10.56
C THR B 593 -60.84 16.80 -11.76
N TRP B 594 -60.46 18.08 -11.80
CA TRP B 594 -59.65 18.57 -12.92
C TRP B 594 -58.30 17.87 -12.98
N LEU B 595 -57.66 17.68 -11.82
CA LEU B 595 -56.35 17.02 -11.79
C LEU B 595 -56.46 15.57 -12.21
N LYS B 596 -57.50 14.88 -11.77
CA LYS B 596 -57.69 13.49 -12.20
C LYS B 596 -57.93 13.43 -13.71
N ASP B 597 -58.66 14.39 -14.25
CA ASP B 597 -58.87 14.45 -15.70
C ASP B 597 -57.55 14.71 -16.43
N GLN B 598 -56.68 15.53 -15.86
CA GLN B 598 -55.48 16.00 -16.54
C GLN B 598 -54.28 15.06 -16.41
N ASN B 599 -54.39 13.97 -15.67
CA ASN B 599 -53.28 13.07 -15.41
C ASN B 599 -53.51 11.69 -16.02
N LYS B 600 -54.02 11.66 -17.25
CA LYS B 600 -54.26 10.38 -17.91
C LYS B 600 -52.97 9.62 -18.17
N ASN B 601 -51.93 10.32 -18.64
CA ASN B 601 -50.68 9.67 -19.02
C ASN B 601 -49.64 9.69 -17.90
N SER B 602 -49.69 10.67 -17.01
CA SER B 602 -48.70 10.77 -15.95
C SER B 602 -48.85 9.62 -14.96
N PHE B 603 -47.71 9.18 -14.42
CA PHE B 603 -47.68 8.11 -13.43
C PHE B 603 -47.87 8.73 -12.06
N VAL B 604 -49.10 8.66 -11.55
CA VAL B 604 -49.40 9.25 -10.24
C VAL B 604 -48.68 8.44 -9.17
N GLY B 605 -47.77 9.10 -8.46
CA GLY B 605 -46.95 8.51 -7.43
C GLY B 605 -45.50 8.82 -7.65
N TRP B 606 -44.65 8.23 -6.82
CA TRP B 606 -43.21 8.42 -6.92
C TRP B 606 -42.49 7.18 -6.43
N SER B 607 -41.24 7.03 -6.85
CA SER B 607 -40.40 5.92 -6.45
C SER B 607 -39.27 6.41 -5.57
N THR B 608 -39.00 5.70 -4.48
CA THR B 608 -38.04 6.13 -3.47
C THR B 608 -36.66 5.50 -3.66
N ASP B 609 -36.27 5.26 -4.92
CA ASP B 609 -34.94 4.78 -5.23
C ASP B 609 -34.17 5.67 -6.19
N TRP B 610 -34.84 6.44 -7.03
CA TRP B 610 -34.15 7.35 -7.93
C TRP B 610 -33.52 8.49 -7.16
N SER B 611 -32.29 8.84 -7.54
CA SER B 611 -31.56 9.97 -6.99
C SER B 611 -30.99 10.79 -8.14
N PRO B 612 -30.89 12.10 -7.98
CA PRO B 612 -30.34 12.92 -9.07
C PRO B 612 -28.90 12.59 -9.41
N TYR B 613 -28.14 12.06 -8.45
CA TYR B 613 -26.74 11.72 -8.63
C TYR B 613 -26.51 10.24 -8.89
N ALA B 614 -27.57 9.44 -8.95
CA ALA B 614 -27.42 7.99 -9.02
C ALA B 614 -26.99 7.49 -10.39
N ASP B 615 -27.03 8.34 -11.41
CA ASP B 615 -26.61 7.90 -12.74
C ASP B 615 -25.09 7.76 -12.83
N GLN B 616 -24.34 8.66 -12.18
CA GLN B 616 -22.90 8.70 -12.31
C GLN B 616 -22.16 8.10 -11.11
N SER B 617 -22.87 7.37 -10.24
CA SER B 617 -22.22 6.77 -9.09
C SER B 617 -21.49 5.49 -9.49
N ILE B 618 -20.53 5.10 -8.65
CA ILE B 618 -19.79 3.85 -8.79
C ILE B 618 -19.89 3.10 -7.48
N LYS B 619 -20.21 1.81 -7.56
CA LYS B 619 -20.36 0.98 -6.37
C LYS B 619 -19.07 0.26 -6.05
N VAL B 620 -18.78 0.11 -4.77
CA VAL B 620 -17.56 -0.50 -4.27
C VAL B 620 -17.93 -1.52 -3.21
N ARG B 621 -17.37 -2.73 -3.33
CA ARG B 621 -17.57 -3.82 -2.38
C ARG B 621 -16.22 -4.30 -1.89
N ILE B 622 -16.08 -4.44 -0.57
CA ILE B 622 -14.79 -4.75 0.06
C ILE B 622 -14.96 -5.96 0.97
N SER B 623 -14.08 -6.94 0.83
CA SER B 623 -14.12 -8.18 1.60
C SER B 623 -12.79 -8.33 2.32
N LEU B 624 -12.74 -7.88 3.57
CA LEU B 624 -11.50 -7.95 4.35
C LEU B 624 -11.20 -9.37 4.83
N LYS B 625 -12.23 -10.10 5.27
CA LYS B 625 -12.01 -11.41 5.87
C LYS B 625 -11.52 -12.43 4.84
N SER B 626 -11.92 -12.28 3.57
CA SER B 626 -11.44 -13.20 2.55
C SER B 626 -9.97 -12.92 2.22
N ALA B 627 -9.60 -11.66 2.07
CA ALA B 627 -8.25 -11.32 1.65
C ALA B 627 -7.24 -11.55 2.77
N LEU B 628 -7.55 -11.10 3.98
CA LEU B 628 -6.59 -11.13 5.07
C LEU B 628 -6.82 -12.26 6.07
N GLY B 629 -8.05 -12.77 6.17
CA GLY B 629 -8.35 -13.82 7.13
C GLY B 629 -8.16 -13.35 8.56
N ASP B 630 -7.15 -13.88 9.23
CA ASP B 630 -6.78 -13.39 10.54
C ASP B 630 -6.04 -12.05 10.42
N LYS B 631 -5.80 -11.44 11.58
CA LYS B 631 -5.14 -10.13 11.70
C LYS B 631 -5.60 -9.15 10.60
N ALA B 632 -6.91 -9.08 10.43
CA ALA B 632 -7.54 -8.12 9.52
C ALA B 632 -8.01 -6.92 10.33
N TYR B 633 -7.70 -5.72 9.85
CA TYR B 633 -8.01 -4.52 10.60
C TYR B 633 -9.50 -4.23 10.58
N GLU B 634 -9.94 -3.43 11.55
CA GLU B 634 -11.31 -2.97 11.59
C GLU B 634 -11.50 -1.80 10.63
N TRP B 635 -12.73 -1.61 10.19
CA TRP B 635 -13.08 -0.57 9.23
C TRP B 635 -13.85 0.53 9.96
N ASN B 636 -13.25 1.70 10.08
CA ASN B 636 -13.90 2.85 10.69
C ASN B 636 -13.84 4.05 9.75
N ASP B 637 -14.21 5.23 10.24
CA ASP B 637 -14.26 6.41 9.38
C ASP B 637 -12.87 6.86 8.93
N ASN B 638 -11.81 6.46 9.63
CA ASN B 638 -10.47 6.80 9.18
C ASN B 638 -10.13 6.04 7.90
N GLU B 639 -10.60 4.81 7.77
CA GLU B 639 -10.41 4.08 6.52
C GLU B 639 -11.20 4.71 5.38
N MET B 640 -12.39 5.25 5.68
CA MET B 640 -13.14 5.98 4.67
C MET B 640 -12.39 7.22 4.24
N TYR B 641 -11.77 7.93 5.19
CA TYR B 641 -10.94 9.09 4.84
C TYR B 641 -9.79 8.69 3.95
N LEU B 642 -9.12 7.58 4.25
CA LEU B 642 -8.01 7.13 3.41
C LEU B 642 -8.49 6.75 2.02
N PHE B 643 -9.65 6.10 1.91
CA PHE B 643 -10.19 5.75 0.60
C PHE B 643 -10.51 6.99 -0.22
N ARG B 644 -11.11 8.00 0.41
CA ARG B 644 -11.40 9.24 -0.31
C ARG B 644 -10.12 9.92 -0.77
N SER B 645 -9.08 9.92 0.06
CA SER B 645 -7.81 10.49 -0.34
C SER B 645 -7.20 9.73 -1.52
N SER B 646 -7.30 8.40 -1.50
CA SER B 646 -6.76 7.61 -2.60
C SER B 646 -7.49 7.90 -3.91
N VAL B 647 -8.82 8.01 -3.86
CA VAL B 647 -9.57 8.32 -5.07
C VAL B 647 -9.23 9.71 -5.59
N ALA B 648 -9.06 10.67 -4.68
CA ALA B 648 -8.65 12.02 -5.09
C ALA B 648 -7.28 12.01 -5.75
N TYR B 649 -6.34 11.23 -5.20
CA TYR B 649 -5.02 11.10 -5.80
C TYR B 649 -5.11 10.50 -7.20
N ALA B 650 -5.93 9.46 -7.37
CA ALA B 650 -6.09 8.84 -8.69
C ALA B 650 -6.64 9.82 -9.70
N MET B 651 -7.66 10.60 -9.30
CA MET B 651 -8.25 11.56 -10.23
C MET B 651 -7.24 12.65 -10.59
N ARG B 652 -6.48 13.13 -9.60
CA ARG B 652 -5.42 14.11 -9.86
C ARG B 652 -4.44 13.58 -10.89
N GLN B 653 -3.96 12.35 -10.69
CA GLN B 653 -2.96 11.79 -11.60
C GLN B 653 -3.52 11.64 -13.01
N TYR B 654 -4.76 11.15 -13.14
CA TYR B 654 -5.34 11.00 -14.47
C TYR B 654 -5.46 12.36 -15.16
N PHE B 655 -5.94 13.38 -14.45
CA PHE B 655 -6.10 14.67 -15.11
C PHE B 655 -4.76 15.31 -15.45
N LEU B 656 -3.72 15.04 -14.66
CA LEU B 656 -2.42 15.61 -14.98
C LEU B 656 -1.75 14.91 -16.16
N LYS B 657 -1.81 13.58 -16.21
CA LYS B 657 -1.01 12.82 -17.15
C LYS B 657 -1.68 12.60 -18.50
N VAL B 658 -2.96 12.92 -18.65
CA VAL B 658 -3.65 12.65 -19.90
C VAL B 658 -4.22 13.93 -20.49
N LYS B 659 -5.09 14.61 -19.73
CA LYS B 659 -5.72 15.82 -20.22
C LYS B 659 -4.82 17.04 -20.13
N ASN B 660 -3.63 16.91 -19.53
CA ASN B 660 -2.67 18.00 -19.40
C ASN B 660 -3.27 19.21 -18.69
N GLN B 661 -4.02 18.93 -17.62
CA GLN B 661 -4.54 19.98 -16.74
C GLN B 661 -4.22 19.62 -15.31
N MET B 662 -4.02 20.65 -14.49
CA MET B 662 -3.74 20.48 -13.06
C MET B 662 -4.98 20.91 -12.28
N ILE B 663 -5.66 19.96 -11.67
CA ILE B 663 -6.88 20.21 -10.90
C ILE B 663 -6.66 19.69 -9.49
N LEU B 664 -7.05 20.49 -8.50
CA LEU B 664 -6.78 20.17 -7.09
C LEU B 664 -8.00 19.47 -6.49
N PHE B 665 -8.12 18.19 -6.78
CA PHE B 665 -9.13 17.36 -6.15
C PHE B 665 -8.76 17.10 -4.69
N GLY B 666 -9.78 17.02 -3.83
CA GLY B 666 -9.58 16.72 -2.43
C GLY B 666 -10.49 15.60 -1.98
N GLU B 667 -10.42 15.30 -0.69
CA GLU B 667 -11.31 14.30 -0.11
C GLU B 667 -12.72 14.84 0.11
N GLU B 668 -12.93 16.14 -0.05
CA GLU B 668 -14.27 16.73 0.02
C GLU B 668 -14.99 16.70 -1.32
N ASP B 669 -14.28 16.38 -2.40
CA ASP B 669 -14.90 16.24 -3.72
C ASP B 669 -15.38 14.83 -4.00
N VAL B 670 -15.02 13.87 -3.15
CA VAL B 670 -15.48 12.49 -3.29
C VAL B 670 -16.66 12.31 -2.37
N ARG B 671 -17.86 12.22 -2.94
CA ARG B 671 -19.10 12.08 -2.20
C ARG B 671 -19.47 10.61 -2.10
N VAL B 672 -19.80 10.17 -0.89
CA VAL B 672 -20.02 8.77 -0.57
C VAL B 672 -21.43 8.61 -0.02
N ALA B 673 -22.09 7.53 -0.40
CA ALA B 673 -23.45 7.25 0.05
C ALA B 673 -23.66 5.75 0.22
N ASN B 674 -24.68 5.41 1.00
CA ASN B 674 -25.18 4.04 1.13
C ASN B 674 -24.14 3.09 1.75
N LEU B 675 -23.54 3.53 2.85
CA LEU B 675 -22.58 2.68 3.54
C LEU B 675 -23.31 1.53 4.25
N LYS B 676 -22.74 0.34 4.15
CA LYS B 676 -23.36 -0.89 4.64
C LYS B 676 -22.35 -1.70 5.44
N PRO B 677 -22.81 -2.55 6.36
CA PRO B 677 -21.88 -3.40 7.13
C PRO B 677 -21.10 -4.38 6.27
N ARG B 678 -21.56 -4.71 5.08
CA ARG B 678 -20.79 -5.48 4.12
C ARG B 678 -19.54 -4.73 3.66
N ILE B 679 -19.48 -3.44 3.95
CA ILE B 679 -18.51 -2.49 3.39
C ILE B 679 -18.77 -2.43 1.88
N SER B 680 -19.89 -1.82 1.52
CA SER B 680 -20.24 -1.54 0.14
C SER B 680 -20.91 -0.17 0.11
N PHE B 681 -20.54 0.63 -0.89
CA PHE B 681 -21.06 1.99 -0.94
C PHE B 681 -20.94 2.54 -2.35
N ASN B 682 -21.71 3.59 -2.62
CA ASN B 682 -21.61 4.32 -3.87
C ASN B 682 -20.80 5.59 -3.67
N PHE B 683 -20.12 6.03 -4.72
CA PHE B 683 -19.42 7.30 -4.65
C PHE B 683 -19.42 7.97 -6.01
N PHE B 684 -19.30 9.29 -5.99
CA PHE B 684 -19.05 10.06 -7.20
C PHE B 684 -18.10 11.21 -6.88
N VAL B 685 -17.66 11.91 -7.92
CA VAL B 685 -16.64 12.95 -7.81
C VAL B 685 -17.19 14.23 -8.41
N THR B 686 -16.84 15.36 -7.80
CA THR B 686 -17.23 16.67 -8.30
C THR B 686 -15.99 17.54 -8.46
N ALA B 687 -16.14 18.60 -9.24
CA ALA B 687 -15.06 19.56 -9.40
C ALA B 687 -14.78 20.25 -8.07
N PRO B 688 -13.55 20.75 -7.86
CA PRO B 688 -13.15 21.24 -6.53
C PRO B 688 -14.08 22.27 -5.90
N LYS B 689 -14.29 23.40 -6.55
CA LYS B 689 -15.07 24.50 -6.00
C LYS B 689 -16.39 24.68 -6.73
N ASN B 690 -17.02 23.58 -7.13
CA ASN B 690 -18.25 23.64 -7.92
C ASN B 690 -19.03 22.36 -7.67
N VAL B 691 -20.09 22.46 -6.87
CA VAL B 691 -20.91 21.30 -6.56
C VAL B 691 -21.76 20.87 -7.74
N SER B 692 -22.03 21.77 -8.69
CA SER B 692 -22.86 21.45 -9.84
C SER B 692 -22.13 20.68 -10.91
N ASP B 693 -20.80 20.63 -10.87
CA ASP B 693 -20.00 19.93 -11.87
C ASP B 693 -19.67 18.54 -11.37
N ILE B 694 -20.13 17.52 -12.09
CA ILE B 694 -19.89 16.12 -11.76
C ILE B 694 -19.07 15.50 -12.87
N ILE B 695 -17.97 14.86 -12.50
CA ILE B 695 -17.16 14.14 -13.49
C ILE B 695 -17.93 12.92 -13.98
N PRO B 696 -18.11 12.76 -15.29
CA PRO B 696 -18.88 11.62 -15.78
C PRO B 696 -18.21 10.29 -15.45
N ARG B 697 -19.02 9.23 -15.42
CA ARG B 697 -18.56 7.93 -14.93
C ARG B 697 -17.43 7.37 -15.77
N THR B 698 -17.36 7.72 -17.07
CA THR B 698 -16.31 7.17 -17.92
C THR B 698 -14.93 7.65 -17.48
N GLU B 699 -14.80 8.93 -17.16
CA GLU B 699 -13.51 9.45 -16.71
C GLU B 699 -13.10 8.83 -15.38
N VAL B 700 -14.06 8.63 -14.48
CA VAL B 700 -13.75 7.99 -13.20
C VAL B 700 -13.29 6.56 -13.43
N GLU B 701 -13.95 5.85 -14.35
CA GLU B 701 -13.52 4.49 -14.67
C GLU B 701 -12.10 4.47 -15.22
N LYS B 702 -11.79 5.41 -16.11
CA LYS B 702 -10.44 5.46 -16.67
C LYS B 702 -9.39 5.74 -15.59
N ALA B 703 -9.68 6.68 -14.69
CA ALA B 703 -8.75 7.01 -13.63
C ALA B 703 -8.53 5.83 -12.69
N ILE B 704 -9.62 5.14 -12.33
CA ILE B 704 -9.50 3.96 -11.48
C ILE B 704 -8.69 2.89 -12.17
N ARG B 705 -8.91 2.69 -13.48
CA ARG B 705 -8.11 1.72 -14.22
C ARG B 705 -6.63 2.08 -14.18
N MET B 706 -6.33 3.38 -14.29
CA MET B 706 -4.92 3.80 -14.27
C MET B 706 -4.27 3.56 -12.91
N SER B 707 -4.97 3.86 -11.81
CA SER B 707 -4.34 3.85 -10.49
C SER B 707 -4.83 2.73 -9.58
N ARG B 708 -5.43 1.68 -10.15
CA ARG B 708 -6.00 0.61 -9.33
C ARG B 708 -4.94 -0.14 -8.55
N SER B 709 -3.74 -0.32 -9.08
CA SER B 709 -2.72 -1.05 -8.35
C SER B 709 -2.34 -0.35 -7.05
N ARG B 710 -2.16 0.98 -7.10
CA ARG B 710 -1.86 1.73 -5.90
C ARG B 710 -3.05 1.77 -4.95
N ILE B 711 -4.26 1.95 -5.50
CA ILE B 711 -5.44 1.94 -4.63
C ILE B 711 -5.56 0.61 -3.90
N ASN B 712 -5.25 -0.50 -4.60
CA ASN B 712 -5.34 -1.81 -3.98
C ASN B 712 -4.27 -1.99 -2.91
N ASP B 713 -3.01 -1.70 -3.24
CA ASP B 713 -1.94 -2.02 -2.29
C ASP B 713 -1.88 -1.03 -1.13
N ALA B 714 -2.61 0.09 -1.20
CA ALA B 714 -2.73 0.94 -0.01
C ALA B 714 -3.51 0.26 1.10
N PHE B 715 -4.41 -0.66 0.74
CA PHE B 715 -5.33 -1.27 1.71
C PHE B 715 -5.05 -2.74 1.96
N ARG B 716 -4.01 -3.32 1.35
CA ARG B 716 -3.66 -4.73 1.51
C ARG B 716 -4.70 -5.65 0.89
N LEU B 717 -5.30 -5.23 -0.22
CA LEU B 717 -6.29 -6.02 -0.93
C LEU B 717 -5.87 -6.14 -2.39
N ASN B 718 -6.27 -7.23 -3.03
CA ASN B 718 -5.79 -7.56 -4.38
C ASN B 718 -6.90 -7.97 -5.39
N ASP B 719 -7.59 -6.95 -5.91
CA ASP B 719 -8.35 -6.98 -7.15
C ASP B 719 -9.55 -7.94 -7.08
N ASN B 720 -9.73 -8.66 -5.99
CA ASN B 720 -10.85 -9.59 -5.88
C ASN B 720 -11.59 -9.31 -4.58
N SER B 721 -10.87 -8.77 -3.61
CA SER B 721 -11.46 -8.26 -2.37
C SER B 721 -11.73 -6.77 -2.43
N LEU B 722 -11.48 -6.12 -3.58
CA LEU B 722 -11.81 -4.71 -3.79
C LEU B 722 -12.28 -4.60 -5.24
N GLU B 723 -13.59 -4.71 -5.43
CA GLU B 723 -14.20 -4.69 -6.75
C GLU B 723 -15.02 -3.42 -6.93
N PHE B 724 -15.11 -2.97 -8.18
CA PHE B 724 -15.74 -1.69 -8.49
C PHE B 724 -17.03 -1.84 -9.29
N LEU B 725 -17.49 -3.08 -9.52
CA LEU B 725 -18.80 -3.34 -10.13
C LEU B 725 -18.97 -2.58 -11.45
N GLY B 726 -18.13 -2.94 -12.41
CA GLY B 726 -18.18 -2.33 -13.72
C GLY B 726 -16.81 -2.18 -14.33
N ILE B 727 -15.78 -2.39 -13.52
CA ILE B 727 -14.39 -2.34 -13.95
C ILE B 727 -13.77 -3.68 -13.60
N GLN B 728 -13.39 -4.45 -14.61
CA GLN B 728 -12.80 -5.76 -14.40
C GLN B 728 -11.39 -5.81 -14.98
N PRO B 729 -10.46 -6.48 -14.32
CA PRO B 729 -9.09 -6.59 -14.86
C PRO B 729 -9.06 -7.41 -16.14
N THR B 730 -8.17 -7.02 -17.05
CA THR B 730 -8.03 -7.71 -18.33
C THR B 730 -6.59 -7.97 -18.75
N LEU B 731 -5.59 -7.38 -18.10
CA LEU B 731 -4.20 -7.48 -18.55
C LEU B 731 -3.48 -8.51 -17.68
N GLY B 732 -3.64 -9.79 -18.03
CA GLY B 732 -3.00 -10.87 -17.31
C GLY B 732 -2.29 -11.92 -18.16
N PRO B 733 -1.59 -11.52 -19.22
CA PRO B 733 -1.07 -12.50 -20.17
C PRO B 733 0.23 -13.13 -19.68
N PRO B 734 0.23 -14.44 -19.48
CA PRO B 734 1.48 -15.14 -19.11
C PRO B 734 2.20 -15.72 -20.31
N ASN B 735 3.54 -15.75 -20.20
CA ASN B 735 4.40 -16.26 -21.26
C ASN B 735 5.54 -17.09 -20.67
N GLN B 736 5.20 -18.02 -19.75
CA GLN B 736 6.24 -18.74 -19.03
C GLN B 736 7.07 -19.65 -19.93
N PRO B 737 6.51 -20.65 -20.62
CA PRO B 737 7.36 -21.57 -21.38
C PRO B 737 7.64 -21.04 -22.78
N PRO B 738 8.91 -20.77 -23.10
CA PRO B 738 9.23 -20.25 -24.44
C PRO B 738 9.71 -21.30 -25.42
N VAL B 739 9.96 -22.53 -24.96
CA VAL B 739 10.65 -23.53 -25.76
C VAL B 739 9.93 -24.87 -25.81
N SER B 740 8.77 -25.00 -25.17
CA SER B 740 7.97 -26.23 -25.21
C SER B 740 8.79 -27.43 -24.70
N ILE B 741 9.07 -27.38 -23.40
CA ILE B 741 9.90 -28.35 -22.69
C ILE B 741 9.58 -29.79 -23.05
N TRP B 742 8.33 -30.06 -23.45
CA TRP B 742 7.95 -31.40 -23.84
C TRP B 742 8.78 -31.88 -25.03
N LEU B 743 9.08 -30.98 -25.98
CA LEU B 743 9.88 -31.37 -27.13
C LEU B 743 11.29 -31.79 -26.73
N ILE B 744 11.92 -31.04 -25.82
CA ILE B 744 13.28 -31.38 -25.41
C ILE B 744 13.28 -32.67 -24.59
N VAL B 745 12.23 -32.88 -23.79
CA VAL B 745 12.14 -34.14 -23.02
C VAL B 745 11.99 -35.32 -23.98
N PHE B 746 11.13 -35.18 -24.99
CA PHE B 746 11.01 -36.25 -25.98
C PHE B 746 12.33 -36.48 -26.69
N GLY B 747 13.04 -35.40 -27.03
CA GLY B 747 14.30 -35.55 -27.74
C GLY B 747 15.34 -36.30 -26.94
N VAL B 748 15.49 -35.94 -25.66
CA VAL B 748 16.49 -36.64 -24.84
C VAL B 748 16.07 -38.09 -24.61
N VAL B 749 14.77 -38.34 -24.44
CA VAL B 749 14.30 -39.72 -24.26
C VAL B 749 14.60 -40.55 -25.50
N MET B 750 14.32 -40.00 -26.69
CA MET B 750 14.57 -40.74 -27.92
C MET B 750 16.07 -40.93 -28.17
N GLY B 751 16.90 -39.95 -27.80
CA GLY B 751 18.33 -40.14 -27.91
C GLY B 751 18.83 -41.28 -27.02
N VAL B 752 18.35 -41.31 -25.77
CA VAL B 752 18.71 -42.42 -24.89
C VAL B 752 18.22 -43.74 -25.47
N ILE B 753 17.02 -43.74 -26.06
CA ILE B 753 16.43 -44.96 -26.59
C ILE B 753 17.27 -45.50 -27.76
N VAL B 754 17.67 -44.60 -28.67
CA VAL B 754 18.45 -45.05 -29.83
C VAL B 754 19.84 -45.47 -29.39
N VAL B 755 20.42 -44.80 -28.40
CA VAL B 755 21.72 -45.24 -27.87
C VAL B 755 21.60 -46.65 -27.29
N GLY B 756 20.53 -46.89 -26.52
CA GLY B 756 20.33 -48.21 -25.94
C GLY B 756 20.12 -49.28 -26.98
N ILE B 757 19.33 -48.98 -28.02
CA ILE B 757 19.10 -49.98 -29.06
C ILE B 757 20.40 -50.25 -29.82
N VAL B 758 21.22 -49.22 -30.03
CA VAL B 758 22.48 -49.42 -30.75
C VAL B 758 23.42 -50.31 -29.94
N ILE B 759 23.57 -50.03 -28.64
CA ILE B 759 24.46 -50.87 -27.84
C ILE B 759 23.90 -52.28 -27.73
N LEU B 760 22.58 -52.42 -27.63
CA LEU B 760 21.98 -53.75 -27.53
C LEU B 760 22.23 -54.57 -28.80
N ILE B 761 22.02 -53.96 -29.97
CA ILE B 761 22.24 -54.70 -31.21
C ILE B 761 23.73 -54.99 -31.41
N PHE B 762 24.61 -54.08 -31.00
CA PHE B 762 26.05 -54.35 -31.09
C PHE B 762 26.43 -55.54 -30.22
N THR B 763 25.92 -55.59 -28.99
CA THR B 763 26.22 -56.71 -28.10
C THR B 763 25.63 -58.01 -28.66
N GLY B 764 24.42 -57.94 -29.23
CA GLY B 764 23.82 -59.13 -29.80
C GLY B 764 24.59 -59.67 -30.99
N ILE B 765 25.07 -58.77 -31.85
CA ILE B 765 25.88 -59.20 -33.00
C ILE B 765 27.31 -59.54 -32.60
N ARG B 766 27.72 -59.21 -31.38
CA ARG B 766 29.05 -59.57 -30.88
C ARG B 766 29.11 -61.02 -30.42
N ASP B 767 28.14 -61.85 -30.79
CA ASP B 767 28.12 -63.27 -30.41
C ASP B 767 29.02 -64.09 -31.33
N ARG B 768 30.30 -63.72 -31.34
CA ARG B 768 31.27 -64.41 -32.18
C ARG B 768 31.87 -65.61 -31.44
CA THR C 20 13.27 75.73 -38.21
C THR C 20 12.41 74.82 -37.34
N ILE C 21 12.94 73.64 -37.02
CA ILE C 21 12.20 72.70 -36.17
C ILE C 21 12.01 73.28 -34.78
N GLU C 22 13.01 74.01 -34.28
CA GLU C 22 12.92 74.57 -32.94
C GLU C 22 11.82 75.64 -32.85
N GLU C 23 11.63 76.43 -33.92
CA GLU C 23 10.62 77.48 -33.91
C GLU C 23 9.23 76.89 -33.74
N GLN C 24 8.87 75.94 -34.61
CA GLN C 24 7.57 75.29 -34.47
C GLN C 24 7.48 74.51 -33.17
N ALA C 25 8.60 73.96 -32.70
CA ALA C 25 8.59 73.21 -31.45
C ALA C 25 8.19 74.08 -30.28
N LYS C 26 8.85 75.23 -30.10
CA LYS C 26 8.50 76.07 -28.96
C LYS C 26 7.17 76.80 -29.17
N THR C 27 6.79 77.06 -30.43
CA THR C 27 5.44 77.58 -30.68
C THR C 27 4.38 76.60 -30.20
N PHE C 28 4.53 75.32 -30.55
CA PHE C 28 3.60 74.30 -30.07
C PHE C 28 3.68 74.19 -28.55
N LEU C 29 4.89 74.29 -27.99
CA LEU C 29 5.03 74.19 -26.54
C LEU C 29 4.23 75.27 -25.82
N ASP C 30 4.38 76.53 -26.27
CA ASP C 30 3.65 77.61 -25.60
C ASP C 30 2.15 77.50 -25.85
N LYS C 31 1.75 77.09 -27.06
CA LYS C 31 0.33 76.92 -27.34
C LYS C 31 -0.28 75.86 -26.42
N PHE C 32 0.41 74.74 -26.25
CA PHE C 32 -0.10 73.68 -25.38
C PHE C 32 -0.09 74.13 -23.93
N ASN C 33 0.92 74.90 -23.52
CA ASN C 33 0.93 75.40 -22.14
C ASN C 33 -0.27 76.29 -21.87
N HIS C 34 -0.59 77.18 -22.80
CA HIS C 34 -1.77 78.03 -22.64
C HIS C 34 -3.05 77.19 -22.64
N GLU C 35 -3.12 76.17 -23.50
CA GLU C 35 -4.31 75.33 -23.56
C GLU C 35 -4.46 74.44 -22.34
N ALA C 36 -3.37 74.17 -21.61
CA ALA C 36 -3.42 73.23 -20.50
C ALA C 36 -3.53 73.88 -19.13
N GLU C 37 -2.99 75.11 -18.97
CA GLU C 37 -3.02 75.75 -17.67
C GLU C 37 -4.45 75.92 -17.15
N ASP C 38 -5.34 76.43 -18.00
CA ASP C 38 -6.70 76.71 -17.55
C ASP C 38 -7.46 75.44 -17.19
N LEU C 39 -7.33 74.40 -18.01
CA LEU C 39 -8.09 73.18 -17.74
C LEU C 39 -7.55 72.48 -16.51
N PHE C 40 -6.23 72.49 -16.32
CA PHE C 40 -5.67 71.97 -15.07
C PHE C 40 -6.17 72.76 -13.88
N TYR C 41 -6.29 74.07 -14.03
CA TYR C 41 -6.82 74.91 -12.95
C TYR C 41 -8.25 74.50 -12.60
N GLN C 42 -9.08 74.30 -13.62
CA GLN C 42 -10.47 73.89 -13.39
C GLN C 42 -10.53 72.52 -12.71
N SER C 43 -9.68 71.59 -13.15
CA SER C 43 -9.65 70.28 -12.50
C SER C 43 -9.22 70.41 -11.05
N SER C 44 -8.31 71.34 -10.75
CA SER C 44 -7.90 71.57 -9.38
C SER C 44 -9.06 72.09 -8.53
N LEU C 45 -9.88 72.94 -9.10
CA LEU C 45 -10.98 73.38 -8.32
C LEU C 45 -11.85 72.15 -8.06
N ALA C 46 -12.19 71.42 -9.12
CA ALA C 46 -13.09 70.29 -8.95
C ALA C 46 -12.61 69.36 -7.84
N SER C 47 -11.31 69.04 -7.84
CA SER C 47 -10.76 68.17 -6.82
C SER C 47 -10.85 68.79 -5.44
N TRP C 48 -10.54 70.09 -5.32
CA TRP C 48 -10.60 70.75 -4.02
C TRP C 48 -12.02 70.79 -3.49
N ASN C 49 -12.99 71.08 -4.36
CA ASN C 49 -14.40 71.09 -3.94
C ASN C 49 -14.86 69.70 -3.53
N TYR C 50 -14.40 68.67 -4.25
CA TYR C 50 -14.73 67.30 -3.85
C TYR C 50 -14.19 66.98 -2.46
N ASN C 51 -12.90 67.22 -2.26
CA ASN C 51 -12.24 66.74 -1.04
C ASN C 51 -12.64 67.57 0.17
N THR C 52 -12.77 68.89 0.00
CA THR C 52 -13.16 69.74 1.12
C THR C 52 -14.61 69.50 1.54
N ASN C 53 -15.48 69.21 0.59
CA ASN C 53 -16.91 69.05 0.86
C ASN C 53 -17.43 67.86 0.07
N ILE C 54 -17.80 66.80 0.77
CA ILE C 54 -18.32 65.59 0.14
C ILE C 54 -19.82 65.78 -0.08
N THR C 55 -20.23 65.75 -1.35
CA THR C 55 -21.64 65.79 -1.71
C THR C 55 -21.88 64.77 -2.81
N GLU C 56 -23.14 64.41 -3.01
CA GLU C 56 -23.50 63.45 -4.03
C GLU C 56 -23.53 64.05 -5.44
N GLU C 57 -23.50 65.37 -5.57
CA GLU C 57 -23.62 66.02 -6.86
C GLU C 57 -22.27 66.38 -7.48
N ASN C 58 -21.29 66.81 -6.67
CA ASN C 58 -19.99 67.17 -7.22
C ASN C 58 -19.20 65.95 -7.68
N VAL C 59 -19.58 64.75 -7.25
CA VAL C 59 -18.95 63.54 -7.77
C VAL C 59 -19.20 63.42 -9.26
N GLN C 60 -20.43 63.66 -9.69
CA GLN C 60 -20.74 63.76 -11.11
C GLN C 60 -20.52 65.18 -11.62
N ASN C 61 -19.35 65.72 -11.28
CA ASN C 61 -18.87 67.00 -11.79
C ASN C 61 -17.38 67.01 -12.10
N MET C 62 -16.59 66.12 -11.51
CA MET C 62 -15.16 66.06 -11.75
C MET C 62 -14.72 64.87 -12.58
N ASN C 63 -15.52 63.81 -12.66
CA ASN C 63 -15.13 62.66 -13.45
C ASN C 63 -15.03 63.02 -14.92
N ASN C 64 -16.00 63.78 -15.43
CA ASN C 64 -15.93 64.26 -16.80
C ASN C 64 -14.74 65.19 -17.02
N ALA C 65 -14.45 66.05 -16.03
CA ALA C 65 -13.31 66.96 -16.16
C ALA C 65 -11.99 66.18 -16.22
N GLY C 66 -11.85 65.17 -15.36
CA GLY C 66 -10.65 64.35 -15.38
C GLY C 66 -10.52 63.54 -16.66
N ASP C 67 -11.64 63.00 -17.15
CA ASP C 67 -11.61 62.28 -18.42
C ASP C 67 -11.21 63.20 -19.56
N LYS C 68 -11.72 64.45 -19.56
CA LYS C 68 -11.35 65.39 -20.59
C LYS C 68 -9.89 65.81 -20.47
N TRP C 69 -9.35 65.92 -19.26
CA TRP C 69 -7.93 66.20 -19.09
C TRP C 69 -7.08 65.05 -19.61
N SER C 70 -7.47 63.82 -19.31
CA SER C 70 -6.74 62.67 -19.81
C SER C 70 -6.78 62.61 -21.33
N ALA C 71 -7.95 62.86 -21.92
CA ALA C 71 -8.05 62.87 -23.38
C ALA C 71 -7.22 64.01 -23.98
N PHE C 72 -7.20 65.17 -23.33
CA PHE C 72 -6.41 66.29 -23.79
C PHE C 72 -4.93 65.94 -23.80
N LEU C 73 -4.45 65.35 -22.70
CA LEU C 73 -3.04 64.94 -22.64
C LEU C 73 -2.72 63.88 -23.68
N LYS C 74 -3.62 62.90 -23.86
CA LYS C 74 -3.36 61.84 -24.84
C LYS C 74 -3.31 62.39 -26.25
N GLU C 75 -4.25 63.27 -26.61
CA GLU C 75 -4.25 63.85 -27.95
C GLU C 75 -3.05 64.76 -28.17
N GLN C 76 -2.62 65.48 -27.13
CA GLN C 76 -1.39 66.27 -27.25
C GLN C 76 -0.18 65.38 -27.46
N SER C 77 -0.11 64.27 -26.74
CA SER C 77 1.00 63.34 -26.93
C SER C 77 1.00 62.76 -28.34
N THR C 78 -0.19 62.42 -28.86
CA THR C 78 -0.26 61.91 -30.22
C THR C 78 0.15 62.97 -31.24
N LEU C 79 -0.27 64.22 -31.05
CA LEU C 79 0.05 65.27 -32.00
C LEU C 79 1.45 65.85 -31.79
N ALA C 80 2.16 65.44 -30.75
CA ALA C 80 3.53 65.86 -30.50
C ALA C 80 4.52 64.74 -30.81
N GLN C 81 4.19 63.90 -31.79
CA GLN C 81 5.01 62.75 -32.12
C GLN C 81 5.94 62.99 -33.32
N MET C 82 5.51 63.79 -34.29
CA MET C 82 6.32 64.03 -35.48
C MET C 82 7.54 64.90 -35.19
N TYR C 83 7.56 65.57 -34.04
CA TYR C 83 8.74 66.34 -33.65
C TYR C 83 9.89 65.39 -33.37
N PRO C 84 11.05 65.58 -33.98
CA PRO C 84 12.18 64.67 -33.74
C PRO C 84 12.80 64.89 -32.37
N LEU C 85 13.84 64.11 -32.04
CA LEU C 85 14.46 64.15 -30.73
C LEU C 85 15.91 64.63 -30.76
N GLN C 86 16.73 64.08 -31.65
CA GLN C 86 18.15 64.35 -31.66
C GLN C 86 18.52 65.65 -32.37
N GLU C 87 17.54 66.38 -32.91
CA GLU C 87 17.80 67.60 -33.67
C GLU C 87 17.67 68.85 -32.82
N ILE C 88 17.57 68.72 -31.49
CA ILE C 88 17.37 69.84 -30.59
C ILE C 88 18.64 70.02 -29.76
N GLN C 89 19.25 71.20 -29.87
CA GLN C 89 20.41 71.55 -29.07
C GLN C 89 20.06 72.28 -27.79
N ASN C 90 18.78 72.57 -27.57
CA ASN C 90 18.30 73.31 -26.41
C ASN C 90 17.70 72.34 -25.42
N LEU C 91 18.19 72.36 -24.18
CA LEU C 91 17.74 71.43 -23.16
C LEU C 91 16.38 71.79 -22.58
N THR C 92 16.03 73.07 -22.55
CA THR C 92 14.77 73.48 -21.95
C THR C 92 13.58 72.90 -22.71
N VAL C 93 13.55 73.08 -24.03
CA VAL C 93 12.49 72.50 -24.84
C VAL C 93 12.60 70.98 -24.85
N LYS C 94 13.83 70.45 -24.83
CA LYS C 94 14.06 69.01 -24.78
C LYS C 94 13.37 68.38 -23.57
N LEU C 95 13.46 69.02 -22.41
CA LEU C 95 12.91 68.45 -21.19
C LEU C 95 11.40 68.24 -21.32
N GLN C 96 10.68 69.29 -21.72
CA GLN C 96 9.24 69.14 -21.94
C GLN C 96 8.94 68.17 -23.07
N LEU C 97 9.80 68.13 -24.09
CA LEU C 97 9.54 67.26 -25.23
C LEU C 97 9.54 65.80 -24.81
N GLN C 98 10.54 65.37 -24.03
CA GLN C 98 10.49 63.97 -23.62
C GLN C 98 9.64 63.76 -22.37
N ALA C 99 9.25 64.83 -21.68
CA ALA C 99 8.29 64.68 -20.59
C ALA C 99 6.87 64.54 -21.10
N LEU C 100 6.62 64.92 -22.36
CA LEU C 100 5.33 64.69 -23.00
C LEU C 100 5.37 63.62 -24.07
N GLN C 101 6.55 63.17 -24.48
CA GLN C 101 6.68 62.23 -25.60
C GLN C 101 6.41 60.79 -25.21
N GLN C 102 6.43 60.45 -23.92
CA GLN C 102 6.31 59.06 -23.51
C GLN C 102 4.96 58.49 -23.94
N ASN C 103 4.99 57.32 -24.57
CA ASN C 103 3.77 56.70 -25.07
C ASN C 103 2.94 56.04 -23.99
N GLY C 104 3.55 55.75 -22.83
CA GLY C 104 2.80 55.14 -21.75
C GLY C 104 2.38 53.71 -22.09
N SER C 105 1.22 53.32 -21.56
CA SER C 105 0.66 52.01 -21.77
C SER C 105 -0.20 51.92 -23.03
N SER C 106 -0.26 52.99 -23.82
CA SER C 106 -1.08 53.01 -25.02
C SER C 106 -0.53 52.15 -26.14
N VAL C 107 0.74 51.74 -26.08
CA VAL C 107 1.30 50.90 -27.13
C VAL C 107 0.70 49.50 -27.11
N LEU C 108 0.10 49.09 -25.99
CA LEU C 108 -0.50 47.78 -25.90
C LEU C 108 -1.77 47.72 -26.75
N SER C 109 -2.16 46.50 -27.11
CA SER C 109 -3.41 46.30 -27.83
C SER C 109 -4.60 46.63 -26.93
N GLU C 110 -5.77 46.80 -27.56
CA GLU C 110 -6.95 47.18 -26.80
C GLU C 110 -7.35 46.10 -25.80
N ASP C 111 -7.38 44.84 -26.25
CA ASP C 111 -7.76 43.75 -25.37
C ASP C 111 -6.78 43.59 -24.22
N LYS C 112 -5.48 43.68 -24.51
CA LYS C 112 -4.48 43.56 -23.45
C LYS C 112 -4.55 44.74 -22.49
N SER C 113 -4.82 45.94 -22.99
CA SER C 113 -4.99 47.09 -22.11
C SER C 113 -6.19 46.91 -21.18
N LYS C 114 -7.31 46.43 -21.72
CA LYS C 114 -8.46 46.15 -20.87
C LYS C 114 -8.16 45.08 -19.84
N ARG C 115 -7.43 44.04 -20.24
CA ARG C 115 -7.05 42.98 -19.31
C ARG C 115 -6.19 43.53 -18.18
N LEU C 116 -5.21 44.37 -18.52
CA LEU C 116 -4.36 44.95 -17.48
C LEU C 116 -5.15 45.84 -16.54
N ASN C 117 -6.06 46.65 -17.09
CA ASN C 117 -6.86 47.53 -16.24
C ASN C 117 -7.74 46.74 -15.28
N THR C 118 -8.39 45.67 -15.77
CA THR C 118 -9.24 44.89 -14.88
C THR C 118 -8.41 44.11 -13.87
N ILE C 119 -7.19 43.70 -14.24
CA ILE C 119 -6.31 43.03 -13.27
C ILE C 119 -5.95 43.98 -12.14
N LEU C 120 -5.58 45.22 -12.49
CA LEU C 120 -5.22 46.19 -11.47
C LEU C 120 -6.41 46.50 -10.55
N ASN C 121 -7.59 46.67 -11.13
CA ASN C 121 -8.77 46.94 -10.32
C ASN C 121 -9.10 45.76 -9.41
N THR C 122 -8.98 44.55 -9.92
CA THR C 122 -9.25 43.37 -9.10
C THR C 122 -8.28 43.27 -7.93
N MET C 123 -6.98 43.52 -8.19
CA MET C 123 -6.00 43.45 -7.11
C MET C 123 -6.27 44.51 -6.04
N SER C 124 -6.57 45.75 -6.47
CA SER C 124 -6.88 46.78 -5.49
C SER C 124 -8.10 46.45 -4.67
N THR C 125 -9.16 45.93 -5.31
CA THR C 125 -10.38 45.59 -4.58
C THR C 125 -10.14 44.44 -3.62
N ILE C 126 -9.37 43.43 -4.03
CA ILE C 126 -9.07 42.31 -3.14
C ILE C 126 -8.31 42.79 -1.92
N TYR C 127 -7.34 43.68 -2.10
CA TYR C 127 -6.63 44.23 -0.95
C TYR C 127 -7.57 45.03 -0.05
N SER C 128 -8.47 45.81 -0.65
CA SER C 128 -9.28 46.73 0.14
C SER C 128 -10.37 46.00 0.94
N THR C 129 -11.02 45.00 0.35
CA THR C 129 -12.23 44.43 0.93
C THR C 129 -12.03 43.03 1.51
N GLY C 130 -10.81 42.51 1.53
CA GLY C 130 -10.59 41.20 2.11
C GLY C 130 -10.71 41.21 3.62
N LYS C 131 -11.11 40.07 4.18
CA LYS C 131 -11.32 39.99 5.62
C LYS C 131 -11.10 38.56 6.11
N VAL C 132 -10.74 38.44 7.39
CA VAL C 132 -10.46 37.18 8.05
C VAL C 132 -11.23 37.14 9.36
N CYS C 133 -11.39 35.94 9.92
CA CYS C 133 -12.11 35.82 11.18
C CYS C 133 -11.78 34.55 11.93
N ASN C 134 -12.22 34.53 13.19
CA ASN C 134 -11.80 33.55 14.17
C ASN C 134 -12.26 32.15 13.79
N PRO C 135 -11.47 31.13 14.06
CA PRO C 135 -11.92 29.76 13.80
C PRO C 135 -13.12 29.34 14.64
N ASP C 136 -13.26 29.87 15.86
CA ASP C 136 -14.28 29.40 16.77
C ASP C 136 -15.61 30.14 16.65
N ASN C 137 -15.59 31.41 16.26
CA ASN C 137 -16.80 32.21 16.08
C ASN C 137 -16.73 32.87 14.72
N PRO C 138 -17.02 32.13 13.65
CA PRO C 138 -16.88 32.68 12.29
C PRO C 138 -17.95 33.68 11.89
N GLN C 139 -18.79 34.12 12.81
CA GLN C 139 -19.88 35.03 12.45
C GLN C 139 -19.42 36.46 12.23
N GLU C 140 -18.40 36.91 12.96
CA GLU C 140 -17.87 38.26 12.81
C GLU C 140 -16.45 38.19 12.28
N CYS C 141 -16.17 38.97 11.24
CA CYS C 141 -14.88 38.93 10.55
C CYS C 141 -14.29 40.33 10.46
N LEU C 142 -12.98 40.43 10.64
CA LEU C 142 -12.28 41.70 10.73
C LEU C 142 -11.65 42.06 9.39
N LEU C 143 -11.68 43.35 9.06
CA LEU C 143 -10.99 43.87 7.89
C LEU C 143 -9.51 44.03 8.22
N LEU C 144 -8.76 44.70 7.35
CA LEU C 144 -7.35 44.94 7.63
C LEU C 144 -7.15 46.23 8.43
N GLU C 145 -7.58 47.36 7.90
CA GLU C 145 -7.25 48.64 8.51
C GLU C 145 -7.79 48.77 9.93
N PRO C 146 -9.08 48.52 10.21
CA PRO C 146 -9.49 48.40 11.62
C PRO C 146 -9.51 46.95 12.08
N GLY C 147 -9.11 46.70 13.32
CA GLY C 147 -9.15 45.36 13.86
C GLY C 147 -7.86 44.58 13.72
N LEU C 148 -7.43 44.29 12.49
CA LEU C 148 -6.20 43.53 12.32
C LEU C 148 -4.97 44.39 12.63
N ASN C 149 -4.97 45.64 12.18
CA ASN C 149 -3.86 46.54 12.49
C ASN C 149 -3.76 46.80 13.99
N GLU C 150 -4.91 46.98 14.65
CA GLU C 150 -4.90 47.17 16.10
C GLU C 150 -4.39 45.93 16.82
N ILE C 151 -4.78 44.75 16.34
CA ILE C 151 -4.28 43.50 16.94
C ILE C 151 -2.77 43.42 16.82
N MET C 152 -2.24 43.72 15.62
CA MET C 152 -0.80 43.61 15.44
C MET C 152 -0.02 44.74 16.08
N ALA C 153 -0.66 45.86 16.41
CA ALA C 153 0.04 46.96 17.03
C ALA C 153 -0.01 46.92 18.56
N ASN C 154 -1.14 46.52 19.14
CA ASN C 154 -1.35 46.63 20.58
C ASN C 154 -1.18 45.33 21.33
N SER C 155 -1.60 44.21 20.75
CA SER C 155 -1.64 42.95 21.49
C SER C 155 -0.24 42.46 21.83
N LEU C 156 -0.10 41.84 23.00
CA LEU C 156 1.14 41.22 23.44
C LEU C 156 1.01 39.71 23.57
N ASP C 157 0.02 39.12 22.92
CA ASP C 157 -0.22 37.69 22.96
C ASP C 157 0.41 37.02 21.74
N TYR C 158 1.21 35.97 21.98
CA TYR C 158 1.87 35.28 20.88
C TYR C 158 0.85 34.64 19.94
N ASN C 159 -0.17 33.99 20.51
CA ASN C 159 -1.10 33.22 19.69
C ASN C 159 -1.98 34.12 18.84
N GLU C 160 -2.46 35.23 19.39
CA GLU C 160 -3.30 36.16 18.63
C GLU C 160 -2.51 36.75 17.45
N ARG C 161 -1.28 37.18 17.70
CA ARG C 161 -0.46 37.75 16.64
C ARG C 161 -0.15 36.71 15.57
N LEU C 162 0.18 35.49 15.99
CA LEU C 162 0.45 34.45 15.01
C LEU C 162 -0.78 34.15 14.16
N TRP C 163 -1.95 34.07 14.79
CA TRP C 163 -3.18 33.81 14.05
C TRP C 163 -3.44 34.90 13.03
N ALA C 164 -3.33 36.17 13.44
CA ALA C 164 -3.61 37.26 12.52
C ALA C 164 -2.64 37.25 11.34
N TRP C 165 -1.34 37.11 11.63
CA TRP C 165 -0.33 37.10 10.59
C TRP C 165 -0.60 35.99 9.58
N GLU C 166 -0.74 34.75 10.06
CA GLU C 166 -0.86 33.63 9.15
C GLU C 166 -2.18 33.65 8.40
N SER C 167 -3.26 34.08 9.05
CA SER C 167 -4.57 34.10 8.38
C SER C 167 -4.60 35.13 7.27
N TRP C 168 -4.11 36.35 7.54
CA TRP C 168 -4.09 37.35 6.49
C TRP C 168 -3.22 36.88 5.32
N ARG C 169 -2.06 36.32 5.63
CA ARG C 169 -1.21 35.74 4.60
C ARG C 169 -2.00 34.75 3.75
N SER C 170 -2.59 33.74 4.38
CA SER C 170 -3.29 32.69 3.65
C SER C 170 -4.33 33.29 2.72
N GLU C 171 -5.36 33.94 3.29
CA GLU C 171 -6.46 34.42 2.46
C GLU C 171 -5.96 35.35 1.36
N VAL C 172 -5.36 36.48 1.74
CA VAL C 172 -5.12 37.52 0.74
C VAL C 172 -4.04 37.09 -0.25
N GLY C 173 -2.94 36.51 0.22
CA GLY C 173 -1.89 36.10 -0.70
C GLY C 173 -2.34 35.02 -1.67
N LYS C 174 -3.07 34.02 -1.17
CA LYS C 174 -3.54 32.97 -2.07
C LYS C 174 -4.55 33.51 -3.07
N GLN C 175 -5.30 34.56 -2.72
CA GLN C 175 -6.16 35.18 -3.72
C GLN C 175 -5.36 36.00 -4.73
N LEU C 176 -4.28 36.65 -4.29
CA LEU C 176 -3.59 37.64 -5.12
C LEU C 176 -2.47 37.07 -5.98
N ARG C 177 -2.08 35.81 -5.80
CA ARG C 177 -0.95 35.28 -6.57
C ARG C 177 -1.16 35.30 -8.08
N PRO C 178 -2.16 34.60 -8.65
CA PRO C 178 -2.22 34.50 -10.12
C PRO C 178 -2.43 35.82 -10.82
N LEU C 179 -3.18 36.74 -10.20
CA LEU C 179 -3.32 38.07 -10.76
C LEU C 179 -1.97 38.76 -10.83
N TYR C 180 -1.11 38.56 -9.82
CA TYR C 180 0.22 39.13 -9.86
C TYR C 180 1.05 38.52 -10.98
N GLU C 181 0.92 37.22 -11.22
CA GLU C 181 1.65 36.61 -12.32
C GLU C 181 1.25 37.22 -13.66
N GLU C 182 -0.05 37.32 -13.91
CA GLU C 182 -0.51 37.92 -15.16
C GLU C 182 -0.07 39.38 -15.26
N TYR C 183 -0.10 40.08 -14.13
CA TYR C 183 0.30 41.49 -14.10
C TYR C 183 1.76 41.67 -14.47
N VAL C 184 2.64 40.84 -13.91
CA VAL C 184 4.07 41.00 -14.24
C VAL C 184 4.31 40.66 -15.69
N VAL C 185 3.63 39.63 -16.22
CA VAL C 185 3.82 39.30 -17.63
C VAL C 185 3.40 40.46 -18.52
N LEU C 186 2.20 41.01 -18.29
CA LEU C 186 1.71 42.09 -19.13
C LEU C 186 2.57 43.34 -19.01
N LYS C 187 2.97 43.69 -17.78
CA LYS C 187 3.76 44.90 -17.58
C LYS C 187 5.15 44.77 -18.21
N ASN C 188 5.76 43.59 -18.11
CA ASN C 188 7.02 43.36 -18.79
C ASN C 188 6.87 43.50 -20.30
N GLU C 189 5.79 42.95 -20.86
CA GLU C 189 5.56 43.08 -22.29
C GLU C 189 5.42 44.55 -22.69
N MET C 190 4.64 45.31 -21.93
CA MET C 190 4.45 46.73 -22.26
C MET C 190 5.75 47.51 -22.17
N ALA C 191 6.54 47.26 -21.11
CA ALA C 191 7.80 47.98 -20.95
C ALA C 191 8.78 47.62 -22.08
N ARG C 192 8.82 46.35 -22.47
CA ARG C 192 9.68 45.95 -23.57
C ARG C 192 9.25 46.62 -24.87
N ALA C 193 7.94 46.65 -25.13
CA ALA C 193 7.45 47.32 -26.33
C ALA C 193 7.62 48.83 -26.27
N ASN C 194 7.88 49.39 -25.09
CA ASN C 194 8.07 50.83 -24.93
C ASN C 194 9.55 51.22 -24.90
N HIS C 195 10.40 50.50 -25.64
CA HIS C 195 11.81 50.83 -25.81
C HIS C 195 12.58 50.80 -24.49
N TYR C 196 12.14 49.97 -23.55
CA TYR C 196 12.85 49.71 -22.31
C TYR C 196 13.24 48.25 -22.25
N GLU C 197 14.08 47.91 -21.27
CA GLU C 197 14.52 46.52 -21.15
C GLU C 197 13.45 45.71 -20.44
N ASP C 198 13.15 46.04 -19.19
CA ASP C 198 12.07 45.45 -18.40
C ASP C 198 11.22 46.53 -17.75
N TYR C 199 10.29 46.12 -16.89
CA TYR C 199 9.51 47.10 -16.12
C TYR C 199 10.35 47.74 -15.03
N GLY C 200 11.27 46.98 -14.43
CA GLY C 200 12.20 47.57 -13.49
C GLY C 200 13.03 48.67 -14.12
N ASP C 201 13.41 48.49 -15.38
CA ASP C 201 14.11 49.54 -16.11
C ASP C 201 13.23 50.78 -16.27
N TYR C 202 11.93 50.56 -16.55
CA TYR C 202 11.01 51.68 -16.65
C TYR C 202 10.94 52.44 -15.34
N TRP C 203 10.87 51.72 -14.22
CA TRP C 203 10.81 52.38 -12.92
C TRP C 203 12.10 53.13 -12.63
N ARG C 204 13.25 52.53 -12.94
CA ARG C 204 14.53 53.16 -12.68
C ARG C 204 14.80 54.34 -13.62
N GLY C 205 14.08 54.44 -14.72
CA GLY C 205 14.28 55.54 -15.66
C GLY C 205 13.99 56.90 -15.09
N ASP C 206 13.34 56.98 -13.93
CA ASP C 206 13.08 58.28 -13.31
C ASP C 206 14.38 58.98 -12.94
N TYR C 207 15.36 58.23 -12.44
CA TYR C 207 16.63 58.80 -12.02
C TYR C 207 17.60 59.05 -13.18
N GLU C 208 17.32 58.50 -14.35
CA GLU C 208 18.26 58.60 -15.47
C GLU C 208 18.46 60.05 -15.90
N VAL C 209 19.71 60.43 -16.07
CA VAL C 209 20.08 61.76 -16.57
C VAL C 209 21.15 61.58 -17.64
N ASN C 210 20.95 62.21 -18.78
CA ASN C 210 21.86 62.07 -19.90
C ASN C 210 21.90 63.36 -20.70
N GLY C 211 22.91 63.47 -21.57
CA GLY C 211 23.06 64.63 -22.42
C GLY C 211 23.39 65.91 -21.67
N VAL C 212 24.27 65.84 -20.66
CA VAL C 212 24.68 67.03 -19.93
C VAL C 212 26.21 67.05 -19.83
N ASP C 213 26.83 65.92 -20.13
CA ASP C 213 28.29 65.79 -20.24
C ASP C 213 28.98 66.18 -18.93
N GLY C 214 28.78 65.33 -17.92
CA GLY C 214 29.45 65.50 -16.65
C GLY C 214 28.61 65.18 -15.43
N TYR C 215 27.29 65.27 -15.55
CA TYR C 215 26.38 64.93 -14.47
C TYR C 215 25.50 63.74 -14.84
N ASP C 216 25.99 62.89 -15.74
CA ASP C 216 25.21 61.77 -16.25
C ASP C 216 24.97 60.74 -15.15
N TYR C 217 23.90 59.98 -15.30
CA TYR C 217 23.52 58.96 -14.33
C TYR C 217 22.73 57.88 -15.06
N SER C 218 23.35 56.72 -15.27
CA SER C 218 22.70 55.64 -15.98
C SER C 218 21.69 54.93 -15.09
N ARG C 219 20.75 54.23 -15.72
CA ARG C 219 19.72 53.51 -14.98
C ARG C 219 20.32 52.39 -14.15
N GLY C 220 21.24 51.62 -14.71
CA GLY C 220 21.82 50.51 -13.98
C GLY C 220 22.66 50.95 -12.79
N GLN C 221 23.42 52.04 -12.96
CA GLN C 221 24.32 52.51 -11.92
C GLN C 221 23.62 52.66 -10.58
N LEU C 222 22.37 53.14 -10.61
CA LEU C 222 21.61 53.35 -9.38
C LEU C 222 21.63 52.10 -8.51
N ILE C 223 21.37 50.94 -9.11
CA ILE C 223 21.39 49.67 -8.37
C ILE C 223 22.66 49.59 -7.54
N GLU C 224 23.81 49.70 -8.21
CA GLU C 224 25.09 49.57 -7.50
C GLU C 224 25.16 50.54 -6.34
N ASP C 225 24.80 51.81 -6.59
CA ASP C 225 24.87 52.81 -5.53
C ASP C 225 24.06 52.37 -4.32
N VAL C 226 22.83 51.90 -4.56
CA VAL C 226 21.98 51.46 -3.47
C VAL C 226 22.70 50.39 -2.66
N GLU C 227 23.25 49.38 -3.35
CA GLU C 227 23.96 48.32 -2.66
C GLU C 227 25.08 48.89 -1.80
N HIS C 228 25.87 49.80 -2.38
CA HIS C 228 26.98 50.39 -1.64
C HIS C 228 26.50 51.05 -0.36
N THR C 229 25.39 51.77 -0.45
CA THR C 229 24.87 52.47 0.73
C THR C 229 24.52 51.47 1.82
N PHE C 230 23.93 50.34 1.44
CA PHE C 230 23.54 49.36 2.44
C PHE C 230 24.76 48.80 3.16
N GLU C 231 25.92 48.80 2.51
CA GLU C 231 27.12 48.30 3.16
C GLU C 231 27.48 49.12 4.39
N GLU C 232 27.08 50.39 4.42
CA GLU C 232 27.35 51.24 5.57
C GLU C 232 26.27 51.13 6.65
N ILE C 233 25.21 50.38 6.41
CA ILE C 233 24.10 50.30 7.35
C ILE C 233 24.19 49.00 8.12
N LYS C 234 24.74 47.97 7.49
CA LYS C 234 24.75 46.63 8.08
C LYS C 234 25.35 46.57 9.49
N PRO C 235 26.46 47.25 9.82
CA PRO C 235 26.95 47.21 11.21
C PRO C 235 25.93 47.74 12.21
N LEU C 236 25.55 49.02 12.08
CA LEU C 236 24.69 49.66 13.06
C LEU C 236 23.40 48.89 13.25
N TYR C 237 22.70 48.61 12.15
CA TYR C 237 21.46 47.84 12.23
C TYR C 237 21.66 46.56 13.01
N GLU C 238 22.76 45.85 12.74
CA GLU C 238 23.02 44.59 13.43
C GLU C 238 22.95 44.80 14.94
N HIS C 239 23.70 45.79 15.45
CA HIS C 239 23.68 46.06 16.88
C HIS C 239 22.26 46.31 17.35
N LEU C 240 21.54 47.20 16.66
CA LEU C 240 20.16 47.49 17.03
C LEU C 240 19.36 46.19 17.09
N HIS C 241 19.48 45.37 16.04
CA HIS C 241 18.77 44.10 16.01
C HIS C 241 19.03 43.32 17.28
N ALA C 242 20.31 43.15 17.62
CA ALA C 242 20.65 42.37 18.80
C ALA C 242 20.00 42.96 20.03
N TYR C 243 20.09 44.27 20.21
CA TYR C 243 19.49 44.90 21.38
C TYR C 243 18.01 44.56 21.45
N VAL C 244 17.30 44.76 20.33
CA VAL C 244 15.86 44.50 20.34
C VAL C 244 15.59 43.07 20.75
N ARG C 245 16.39 42.13 20.20
CA ARG C 245 16.20 40.73 20.53
C ARG C 245 16.19 40.52 22.03
N ALA C 246 17.19 41.08 22.72
CA ALA C 246 17.29 40.88 24.16
C ALA C 246 16.02 41.33 24.85
N LYS C 247 15.51 42.52 24.49
CA LYS C 247 14.32 43.02 25.14
C LYS C 247 13.13 42.12 24.87
N LEU C 248 13.00 41.63 23.63
CA LEU C 248 11.88 40.76 23.33
C LEU C 248 11.95 39.47 24.13
N MET C 249 13.16 39.08 24.54
CA MET C 249 13.30 37.87 25.34
C MET C 249 12.60 37.98 26.68
N ASN C 250 12.33 39.20 27.15
CA ASN C 250 11.54 39.36 28.37
C ASN C 250 10.04 39.30 28.08
N ALA C 251 9.62 39.78 26.90
CA ALA C 251 8.18 39.80 26.59
C ALA C 251 7.66 38.41 26.28
N TYR C 252 8.41 37.63 25.50
CA TYR C 252 8.00 36.28 25.11
C TYR C 252 9.15 35.33 25.41
N PRO C 253 9.33 34.95 26.68
CA PRO C 253 10.37 33.99 27.02
C PRO C 253 10.07 32.62 26.43
N SER C 254 11.16 31.88 26.15
CA SER C 254 11.12 30.52 25.60
C SER C 254 10.63 30.49 24.16
N TYR C 255 10.59 31.62 23.48
CA TYR C 255 10.14 31.69 22.10
C TYR C 255 11.18 32.19 21.12
N ILE C 256 12.22 32.88 21.59
CA ILE C 256 13.24 33.49 20.74
C ILE C 256 14.60 32.95 21.13
N SER C 257 15.37 32.51 20.13
CA SER C 257 16.72 32.03 20.38
C SER C 257 17.70 33.20 20.37
N PRO C 258 18.56 33.31 21.39
CA PRO C 258 19.48 34.46 21.44
C PRO C 258 20.45 34.53 20.28
N ILE C 259 20.67 33.43 19.55
CA ILE C 259 21.60 33.40 18.44
C ILE C 259 20.87 33.26 17.10
N GLY C 260 19.55 33.45 17.08
CA GLY C 260 18.76 33.31 15.88
C GLY C 260 18.07 34.60 15.49
N CYS C 261 17.32 34.51 14.39
CA CYS C 261 16.57 35.65 13.87
C CYS C 261 15.32 35.90 14.72
N LEU C 262 14.67 37.02 14.44
CA LEU C 262 13.43 37.42 15.11
C LEU C 262 12.23 36.87 14.37
N PRO C 263 11.25 36.30 15.07
CA PRO C 263 10.02 35.86 14.41
C PRO C 263 9.30 37.04 13.77
N ALA C 264 8.64 36.77 12.65
CA ALA C 264 8.11 37.84 11.81
C ALA C 264 6.84 38.47 12.36
N HIS C 265 6.10 37.79 13.23
CA HIS C 265 4.84 38.30 13.72
C HIS C 265 4.96 39.12 15.00
N LEU C 266 6.18 39.33 15.50
CA LEU C 266 6.40 40.03 16.75
C LEU C 266 6.98 41.43 16.55
N LEU C 267 6.97 41.96 15.33
CA LEU C 267 7.72 43.16 14.99
C LEU C 267 6.88 44.43 15.04
N GLY C 268 5.73 44.40 15.71
CA GLY C 268 4.96 45.59 15.97
C GLY C 268 3.89 45.92 14.95
N ASP C 269 3.92 45.32 13.77
CA ASP C 269 2.90 45.56 12.77
C ASP C 269 2.86 44.36 11.81
N MET C 270 2.03 44.47 10.78
CA MET C 270 1.72 43.32 9.94
C MET C 270 2.95 42.82 9.18
N TRP C 271 3.71 43.73 8.58
CA TRP C 271 4.78 43.34 7.68
C TRP C 271 6.18 43.61 8.21
N GLY C 272 6.31 44.42 9.25
CA GLY C 272 7.63 44.79 9.74
C GLY C 272 8.22 46.02 9.07
N ARG C 273 7.38 46.85 8.45
CA ARG C 273 7.90 48.05 7.78
C ARG C 273 8.54 49.00 8.78
N PHE C 274 7.94 49.16 9.96
CA PHE C 274 8.49 49.98 11.02
C PHE C 274 8.44 49.23 12.33
N TRP C 275 9.45 49.43 13.17
CA TRP C 275 9.50 48.87 14.51
C TRP C 275 9.02 49.86 15.57
N THR C 276 8.32 50.91 15.16
CA THR C 276 7.97 52.00 16.06
C THR C 276 7.00 51.58 17.16
N ASN C 277 6.37 50.42 17.05
CA ASN C 277 5.44 49.96 18.07
C ASN C 277 6.13 49.12 19.15
N LEU C 278 7.42 48.84 19.00
CA LEU C 278 8.18 48.13 20.02
C LEU C 278 8.75 49.05 21.09
N TYR C 279 8.53 50.37 20.96
CA TYR C 279 9.18 51.32 21.86
C TYR C 279 8.76 51.09 23.30
N SER C 280 7.48 50.78 23.53
CA SER C 280 7.01 50.53 24.89
C SER C 280 7.71 49.33 25.53
N LEU C 281 8.21 48.40 24.73
CA LEU C 281 8.94 47.24 25.24
C LEU C 281 10.46 47.44 25.27
N THR C 282 10.96 48.51 24.65
CA THR C 282 12.39 48.68 24.46
C THR C 282 12.81 50.10 24.81
N VAL C 283 12.34 50.60 25.95
CA VAL C 283 12.78 51.91 26.45
C VAL C 283 14.10 51.74 27.19
N PRO C 284 15.16 52.43 26.79
CA PRO C 284 16.41 52.35 27.56
C PRO C 284 16.26 52.81 29.00
N PHE C 285 15.47 53.85 29.24
CA PHE C 285 15.28 54.41 30.59
C PHE C 285 13.82 54.81 30.73
N GLY C 286 13.00 53.93 31.28
CA GLY C 286 11.60 54.19 31.48
C GLY C 286 11.25 54.97 32.73
N GLN C 287 12.23 55.31 33.57
CA GLN C 287 11.95 56.03 34.80
C GLN C 287 11.37 57.40 34.54
N LYS C 288 11.93 58.12 33.56
CA LYS C 288 11.43 59.44 33.21
C LYS C 288 11.18 59.53 31.71
N PRO C 289 10.07 60.13 31.30
CA PRO C 289 9.69 60.13 29.89
C PRO C 289 10.45 61.21 29.11
N ASN C 290 10.19 61.25 27.81
CA ASN C 290 10.81 62.23 26.93
C ASN C 290 10.01 63.53 27.00
N ILE C 291 10.30 64.44 26.07
CA ILE C 291 9.67 65.75 26.08
C ILE C 291 8.18 65.61 25.75
N ASP C 292 7.34 66.25 26.57
CA ASP C 292 5.89 66.26 26.33
C ASP C 292 5.35 67.55 26.94
N VAL C 293 4.97 68.51 26.10
CA VAL C 293 4.50 69.81 26.56
C VAL C 293 3.11 70.08 26.01
N THR C 294 2.37 69.04 25.67
CA THR C 294 0.99 69.22 25.23
C THR C 294 0.09 69.72 26.35
N ASP C 295 0.46 69.46 27.61
CA ASP C 295 -0.28 70.02 28.73
C ASP C 295 -0.20 71.55 28.73
N ALA C 296 1.00 72.09 28.51
CA ALA C 296 1.14 73.54 28.40
C ALA C 296 0.48 74.06 27.13
N MET C 297 0.43 73.25 26.08
CA MET C 297 -0.30 73.62 24.88
C MET C 297 -1.78 73.81 25.17
N VAL C 298 -2.37 72.90 25.93
CA VAL C 298 -3.80 72.98 26.22
C VAL C 298 -4.09 74.06 27.25
N ASP C 299 -3.26 74.16 28.30
CA ASP C 299 -3.55 75.06 29.41
C ASP C 299 -3.55 76.52 28.98
N GLN C 300 -2.79 76.88 27.95
CA GLN C 300 -2.76 78.26 27.49
C GLN C 300 -3.92 78.59 26.55
N ALA C 301 -4.77 77.61 26.24
CA ALA C 301 -5.95 77.80 25.40
C ALA C 301 -5.57 78.38 24.04
N TRP C 302 -4.77 77.61 23.31
CA TRP C 302 -4.31 78.00 21.98
C TRP C 302 -5.23 77.39 20.94
N ASP C 303 -5.95 78.25 20.21
CA ASP C 303 -6.81 77.79 19.15
C ASP C 303 -5.97 77.34 17.94
N ALA C 304 -6.61 76.62 17.03
CA ALA C 304 -5.90 76.14 15.85
C ALA C 304 -5.82 77.23 14.79
N GLN C 305 -5.37 78.42 15.19
CA GLN C 305 -5.07 79.50 14.27
C GLN C 305 -3.72 80.10 14.63
N ARG C 306 -3.40 80.10 15.93
CA ARG C 306 -2.12 80.61 16.38
C ARG C 306 -0.97 79.71 15.97
N ILE C 307 -1.22 78.40 15.91
CA ILE C 307 -0.16 77.44 15.55
C ILE C 307 0.37 77.74 14.16
N PHE C 308 -0.52 77.99 13.20
CA PHE C 308 -0.06 78.25 11.84
C PHE C 308 0.61 79.61 11.74
N LYS C 309 0.12 80.59 12.50
CA LYS C 309 0.75 81.92 12.49
C LYS C 309 2.18 81.84 13.02
N GLU C 310 2.38 81.18 14.15
CA GLU C 310 3.73 81.07 14.71
C GLU C 310 4.63 80.22 13.83
N ALA C 311 4.08 79.17 13.21
CA ALA C 311 4.88 78.37 12.29
C ALA C 311 5.34 79.21 11.09
N GLU C 312 4.44 80.01 10.53
CA GLU C 312 4.81 80.86 9.40
C GLU C 312 5.82 81.91 9.81
N LYS C 313 5.68 82.45 11.02
CA LYS C 313 6.67 83.40 11.53
C LYS C 313 8.04 82.75 11.63
N PHE C 314 8.11 81.54 12.17
CA PHE C 314 9.38 80.82 12.25
C PHE C 314 9.94 80.54 10.86
N PHE C 315 9.07 80.17 9.91
CA PHE C 315 9.55 79.85 8.57
C PHE C 315 10.11 81.08 7.87
N VAL C 316 9.47 82.24 8.06
CA VAL C 316 9.96 83.47 7.45
C VAL C 316 11.15 84.05 8.21
N SER C 317 11.38 83.63 9.46
CA SER C 317 12.52 84.12 10.21
C SER C 317 13.85 83.73 9.59
N VAL C 318 13.87 82.75 8.70
CA VAL C 318 15.10 82.31 8.05
C VAL C 318 15.19 82.82 6.60
N GLY C 319 14.39 83.82 6.24
CA GLY C 319 14.49 84.46 4.95
C GLY C 319 13.66 83.82 3.83
N LEU C 320 12.83 82.83 4.15
CA LEU C 320 11.98 82.25 3.13
C LEU C 320 10.89 83.24 2.73
N PRO C 321 10.42 83.19 1.48
CA PRO C 321 9.41 84.16 1.02
C PRO C 321 8.12 84.07 1.82
N ASN C 322 7.46 85.22 1.96
CA ASN C 322 6.23 85.32 2.74
C ASN C 322 5.10 84.54 2.06
N MET C 323 4.21 83.99 2.89
CA MET C 323 3.07 83.26 2.38
C MET C 323 2.07 84.21 1.73
N THR C 324 1.43 83.72 0.68
CA THR C 324 0.44 84.53 -0.03
C THR C 324 -0.79 84.77 0.83
N GLN C 325 -1.44 85.92 0.60
CA GLN C 325 -2.63 86.25 1.36
C GLN C 325 -3.82 85.38 0.98
N GLY C 326 -3.86 84.90 -0.27
CA GLY C 326 -4.96 84.05 -0.69
C GLY C 326 -5.08 82.77 0.11
N PHE C 327 -3.94 82.19 0.51
CA PHE C 327 -3.97 81.00 1.34
C PHE C 327 -4.63 81.29 2.69
N TRP C 328 -4.32 82.44 3.29
CA TRP C 328 -4.92 82.79 4.57
C TRP C 328 -6.40 83.12 4.41
N GLU C 329 -6.78 83.76 3.31
CA GLU C 329 -8.17 84.19 3.14
C GLU C 329 -9.11 83.00 3.06
N ASN C 330 -8.74 81.96 2.32
CA ASN C 330 -9.55 80.76 2.21
C ASN C 330 -8.67 79.52 2.31
N SER C 331 -9.08 78.59 3.16
CA SER C 331 -8.37 77.34 3.39
C SER C 331 -9.22 76.48 4.31
N MET C 332 -8.75 75.27 4.58
CA MET C 332 -9.43 74.34 5.48
C MET C 332 -8.42 73.90 6.53
N LEU C 333 -8.60 74.35 7.77
CA LEU C 333 -7.71 74.01 8.87
C LEU C 333 -8.41 73.23 9.97
N THR C 334 -9.57 73.70 10.43
CA THR C 334 -10.27 73.07 11.55
C THR C 334 -11.58 72.45 11.06
N ASP C 335 -11.86 71.25 11.54
CA ASP C 335 -13.13 70.60 11.23
C ASP C 335 -14.25 71.33 11.95
N PRO C 336 -15.32 71.74 11.26
CA PRO C 336 -16.42 72.41 11.94
C PRO C 336 -17.08 71.57 13.02
N GLY C 337 -17.10 70.25 12.85
CA GLY C 337 -17.70 69.37 13.84
C GLY C 337 -19.19 69.15 13.69
N ASN C 338 -19.83 69.78 12.71
CA ASN C 338 -21.26 69.62 12.48
C ASN C 338 -21.50 68.33 11.71
N VAL C 339 -22.72 68.15 11.20
CA VAL C 339 -23.06 66.98 10.40
C VAL C 339 -22.23 66.88 9.13
N GLN C 340 -21.61 67.98 8.70
CA GLN C 340 -20.74 67.95 7.54
C GLN C 340 -19.51 67.10 7.83
N LYS C 341 -19.12 66.29 6.84
CA LYS C 341 -17.98 65.39 6.97
C LYS C 341 -16.89 65.81 6.00
N ALA C 342 -15.65 65.89 6.49
CA ALA C 342 -14.51 66.24 5.65
C ALA C 342 -13.35 65.33 6.00
N VAL C 343 -12.72 64.76 4.97
CA VAL C 343 -11.55 63.90 5.19
C VAL C 343 -10.39 64.77 5.64
N CYS C 344 -9.72 64.35 6.72
CA CYS C 344 -8.63 65.11 7.32
C CYS C 344 -7.27 64.50 7.03
N HIS C 345 -7.09 63.96 5.83
CA HIS C 345 -5.79 63.49 5.41
C HIS C 345 -4.94 64.69 5.00
N PRO C 346 -3.80 64.93 5.65
CA PRO C 346 -3.01 66.14 5.36
C PRO C 346 -2.49 66.15 3.94
N THR C 347 -2.84 67.19 3.19
CA THR C 347 -2.40 67.34 1.81
C THR C 347 -2.11 68.80 1.52
N ALA C 348 -1.29 69.02 0.50
CA ALA C 348 -0.96 70.36 0.00
C ALA C 348 -1.40 70.48 -1.44
N TRP C 349 -2.21 71.49 -1.73
CA TRP C 349 -2.79 71.70 -3.05
C TRP C 349 -2.09 72.86 -3.74
N ASP C 350 -1.63 72.61 -4.97
CA ASP C 350 -0.91 73.59 -5.75
C ASP C 350 -1.67 73.88 -7.01
N LEU C 351 -2.91 74.33 -6.89
CA LEU C 351 -3.79 74.62 -8.02
C LEU C 351 -3.09 75.50 -9.05
N GLY C 352 -2.28 76.44 -8.59
CA GLY C 352 -1.47 77.27 -9.47
C GLY C 352 -2.01 78.68 -9.60
N LYS C 353 -1.21 79.50 -10.30
CA LYS C 353 -1.54 80.90 -10.56
C LYS C 353 -1.83 81.64 -9.25
N GLY C 354 -1.02 81.35 -8.23
CA GLY C 354 -1.16 81.96 -6.93
C GLY C 354 -2.13 81.27 -6.00
N ASP C 355 -2.83 80.24 -6.46
CA ASP C 355 -3.78 79.50 -5.64
C ASP C 355 -3.05 78.35 -4.97
N PHE C 356 -2.80 78.48 -3.67
CA PHE C 356 -2.10 77.48 -2.89
C PHE C 356 -2.89 77.20 -1.61
N ARG C 357 -3.00 75.92 -1.25
CA ARG C 357 -3.80 75.57 -0.08
C ARG C 357 -3.16 74.39 0.64
N ILE C 358 -3.55 74.21 1.89
CA ILE C 358 -3.23 73.00 2.66
C ILE C 358 -4.48 72.58 3.40
N LEU C 359 -4.74 71.27 3.41
CA LEU C 359 -5.94 70.71 4.03
C LEU C 359 -5.51 69.64 5.02
N MET C 360 -5.79 69.88 6.30
CA MET C 360 -5.53 68.89 7.34
C MET C 360 -6.25 69.28 8.62
N CYS C 361 -6.96 68.32 9.23
CA CYS C 361 -7.66 68.59 10.48
C CYS C 361 -6.66 68.92 11.58
N THR C 362 -6.96 69.96 12.35
CA THR C 362 -6.05 70.49 13.36
C THR C 362 -6.58 70.17 14.75
N LYS C 363 -5.93 69.23 15.42
CA LYS C 363 -6.16 68.97 16.84
C LYS C 363 -5.15 69.77 17.65
N VAL C 364 -5.07 69.53 18.95
CA VAL C 364 -4.05 70.16 19.78
C VAL C 364 -3.10 69.08 20.28
N THR C 365 -2.06 68.80 19.51
CA THR C 365 -1.07 67.78 19.83
C THR C 365 0.29 68.23 19.29
N MET C 366 1.35 67.59 19.79
CA MET C 366 2.67 67.80 19.20
C MET C 366 2.71 67.33 17.75
N ASP C 367 2.17 66.13 17.48
CA ASP C 367 2.25 65.60 16.12
C ASP C 367 1.50 66.49 15.14
N ASP C 368 0.43 67.15 15.59
CA ASP C 368 -0.22 68.14 14.75
C ASP C 368 0.70 69.31 14.44
N PHE C 369 1.47 69.76 15.43
CA PHE C 369 2.44 70.84 15.22
C PHE C 369 3.49 70.43 14.19
N LEU C 370 4.05 69.23 14.35
CA LEU C 370 5.07 68.76 13.42
C LEU C 370 4.50 68.55 12.03
N THR C 371 3.27 68.04 11.93
CA THR C 371 2.64 67.87 10.63
C THR C 371 2.34 69.20 9.96
N ALA C 372 1.96 70.21 10.75
CA ALA C 372 1.77 71.54 10.20
C ALA C 372 3.08 72.08 9.62
N HIS C 373 4.19 71.89 10.34
CA HIS C 373 5.48 72.30 9.79
C HIS C 373 5.84 71.53 8.53
N HIS C 374 5.56 70.22 8.53
CA HIS C 374 5.85 69.40 7.35
C HIS C 374 5.07 69.87 6.14
N GLU C 375 3.77 70.10 6.31
CA GLU C 375 2.94 70.55 5.20
C GLU C 375 3.32 71.94 4.76
N MET C 376 3.70 72.82 5.69
CA MET C 376 4.15 74.15 5.30
C MET C 376 5.44 74.09 4.50
N GLY C 377 6.37 73.22 4.90
CA GLY C 377 7.56 73.02 4.09
C GLY C 377 7.22 72.52 2.71
N HIS C 378 6.27 71.59 2.61
CA HIS C 378 5.79 71.12 1.33
C HIS C 378 5.30 72.26 0.45
N ILE C 379 4.40 73.09 0.99
CA ILE C 379 3.78 74.12 0.15
C ILE C 379 4.79 75.20 -0.19
N GLN C 380 5.69 75.52 0.74
CA GLN C 380 6.72 76.51 0.45
C GLN C 380 7.66 76.03 -0.65
N TYR C 381 8.07 74.76 -0.59
CA TYR C 381 8.87 74.20 -1.69
C TYR C 381 8.10 74.26 -3.00
N ASP C 382 6.80 73.94 -2.95
CA ASP C 382 6.01 73.92 -4.18
C ASP C 382 5.85 75.31 -4.78
N MET C 383 5.69 76.33 -3.94
CA MET C 383 5.47 77.69 -4.39
C MET C 383 6.75 78.45 -4.67
N ALA C 384 7.91 77.94 -4.24
CA ALA C 384 9.16 78.64 -4.46
C ALA C 384 9.63 78.61 -5.92
N TYR C 385 8.99 77.82 -6.78
CA TYR C 385 9.41 77.68 -8.17
C TYR C 385 8.22 77.72 -9.11
N ALA C 386 7.28 78.64 -8.86
CA ALA C 386 6.11 78.76 -9.70
C ALA C 386 6.41 79.35 -11.08
N ALA C 387 7.61 79.90 -11.28
CA ALA C 387 7.95 80.52 -12.55
C ALA C 387 8.25 79.51 -13.65
N GLN C 388 8.58 78.28 -13.30
CA GLN C 388 8.91 77.26 -14.29
C GLN C 388 7.66 76.83 -15.05
N PRO C 389 7.83 76.26 -16.24
CA PRO C 389 6.68 75.81 -17.02
C PRO C 389 5.87 74.75 -16.29
N PHE C 390 4.69 74.46 -16.85
CA PHE C 390 3.76 73.53 -16.20
C PHE C 390 4.36 72.13 -16.09
N LEU C 391 4.97 71.64 -17.16
CA LEU C 391 5.62 70.32 -17.10
C LEU C 391 6.84 70.33 -16.22
N LEU C 392 7.41 71.49 -15.96
CA LEU C 392 8.64 71.62 -15.17
C LEU C 392 8.35 71.98 -13.72
N ARG C 393 7.08 71.95 -13.32
CA ARG C 393 6.68 72.34 -11.97
C ARG C 393 6.57 71.08 -11.09
N ASN C 394 7.73 70.50 -10.81
CA ASN C 394 7.80 69.32 -9.96
C ASN C 394 9.19 69.25 -9.33
N GLY C 395 9.31 68.45 -8.29
CA GLY C 395 10.58 68.27 -7.62
C GLY C 395 11.60 67.58 -8.52
N ALA C 396 12.85 67.62 -8.07
CA ALA C 396 13.94 67.08 -8.89
C ALA C 396 13.72 65.61 -9.20
N ASN C 397 13.33 64.83 -8.21
CA ASN C 397 12.92 63.45 -8.41
C ASN C 397 11.93 63.09 -7.31
N GLU C 398 11.69 61.80 -7.12
CA GLU C 398 10.68 61.32 -6.19
C GLU C 398 11.13 61.35 -4.73
N GLY C 399 12.25 62.00 -4.41
CA GLY C 399 12.74 61.99 -3.05
C GLY C 399 12.90 63.35 -2.41
N PHE C 400 13.06 64.40 -3.23
CA PHE C 400 13.33 65.74 -2.69
C PHE C 400 12.12 66.32 -2.00
N HIS C 401 10.92 66.09 -2.56
CA HIS C 401 9.72 66.77 -2.09
C HIS C 401 9.41 66.40 -0.64
N GLU C 402 9.49 65.11 -0.32
CA GLU C 402 9.28 64.69 1.06
C GLU C 402 10.49 65.00 1.94
N ALA C 403 11.70 65.00 1.36
CA ALA C 403 12.89 65.28 2.14
C ALA C 403 12.87 66.69 2.71
N VAL C 404 12.39 67.66 1.93
CA VAL C 404 12.34 69.04 2.43
C VAL C 404 11.42 69.12 3.64
N GLY C 405 10.24 68.53 3.55
CA GLY C 405 9.33 68.53 4.69
C GLY C 405 9.90 67.80 5.89
N GLU C 406 10.57 66.67 5.65
CA GLU C 406 11.15 65.91 6.75
C GLU C 406 12.21 66.71 7.48
N ILE C 407 13.10 67.39 6.74
CA ILE C 407 14.14 68.18 7.40
C ILE C 407 13.53 69.36 8.13
N MET C 408 12.48 69.97 7.56
CA MET C 408 11.83 71.08 8.24
C MET C 408 11.22 70.63 9.56
N SER C 409 10.51 69.50 9.55
CA SER C 409 9.91 68.98 10.78
C SER C 409 10.98 68.58 11.79
N LEU C 410 12.08 67.99 11.32
CA LEU C 410 13.16 67.60 12.21
C LEU C 410 13.79 68.82 12.87
N SER C 411 13.99 69.90 12.11
CA SER C 411 14.58 71.10 12.69
C SER C 411 13.60 71.81 13.62
N ALA C 412 12.29 71.69 13.37
CA ALA C 412 11.31 72.39 14.20
C ALA C 412 11.03 71.70 15.52
N ALA C 413 11.57 70.50 15.74
CA ALA C 413 11.26 69.72 16.93
C ALA C 413 12.37 69.74 17.98
N THR C 414 13.37 70.61 17.83
CA THR C 414 14.46 70.67 18.80
C THR C 414 13.97 71.22 20.13
N PRO C 415 14.53 70.75 21.25
CA PRO C 415 14.10 71.27 22.56
C PRO C 415 14.35 72.76 22.73
N LYS C 416 15.43 73.29 22.16
CA LYS C 416 15.66 74.72 22.24
C LYS C 416 14.60 75.51 21.49
N HIS C 417 14.03 74.93 20.43
CA HIS C 417 12.92 75.58 19.74
C HIS C 417 11.72 75.70 20.65
N LEU C 418 11.40 74.64 21.38
CA LEU C 418 10.31 74.72 22.36
C LEU C 418 10.64 75.72 23.46
N LYS C 419 11.91 75.80 23.86
CA LYS C 419 12.31 76.81 24.83
C LYS C 419 12.10 78.21 24.29
N SER C 420 12.23 78.40 22.98
CA SER C 420 12.17 79.72 22.37
C SER C 420 10.75 80.15 21.97
N ILE C 421 9.76 79.25 22.06
CA ILE C 421 8.39 79.62 21.67
C ILE C 421 7.52 79.98 22.87
N GLY C 422 8.09 80.03 24.08
CA GLY C 422 7.34 80.46 25.24
C GLY C 422 7.20 79.43 26.33
N LEU C 423 6.90 78.18 25.96
CA LEU C 423 6.82 77.12 26.94
C LEU C 423 8.22 76.53 27.16
N LEU C 424 8.28 75.47 27.98
CA LEU C 424 9.54 74.83 28.36
C LEU C 424 10.48 75.84 29.01
N SER C 425 10.06 76.32 30.17
CA SER C 425 10.73 77.34 30.97
C SER C 425 12.23 77.10 31.05
N PRO C 426 13.05 78.17 31.03
CA PRO C 426 14.51 77.99 30.97
C PRO C 426 15.09 77.25 32.16
N ASP C 427 14.41 77.23 33.31
CA ASP C 427 14.91 76.52 34.49
C ASP C 427 14.60 75.03 34.38
N PHE C 428 15.15 74.42 33.33
CA PHE C 428 14.94 73.00 33.08
C PHE C 428 16.13 72.47 32.29
N GLN C 429 16.84 71.50 32.86
CA GLN C 429 18.00 70.91 32.22
C GLN C 429 17.64 69.56 31.61
N GLU C 430 18.17 69.28 30.42
CA GLU C 430 17.91 68.03 29.72
C GLU C 430 19.11 67.11 29.89
N ASP C 431 18.89 65.98 30.55
CA ASP C 431 19.95 65.01 30.76
C ASP C 431 20.17 64.16 29.51
N ASN C 432 21.19 63.31 29.57
CA ASN C 432 21.51 62.45 28.43
C ASN C 432 20.67 61.19 28.36
N GLU C 433 19.98 60.82 29.45
CA GLU C 433 19.14 59.63 29.41
C GLU C 433 17.91 59.85 28.52
N THR C 434 17.23 60.98 28.71
CA THR C 434 16.11 61.31 27.84
C THR C 434 16.57 61.51 26.40
N GLU C 435 17.77 62.04 26.21
CA GLU C 435 18.31 62.20 24.87
C GLU C 435 18.53 60.84 24.21
N ILE C 436 19.05 59.87 24.97
CA ILE C 436 19.20 58.52 24.44
C ILE C 436 17.84 57.90 24.13
N ASN C 437 16.85 58.16 24.98
CA ASN C 437 15.50 57.68 24.72
C ASN C 437 14.99 58.22 23.39
N PHE C 438 15.14 59.53 23.17
CA PHE C 438 14.69 60.14 21.91
C PHE C 438 15.46 59.56 20.73
N LEU C 439 16.77 59.36 20.88
CA LEU C 439 17.57 58.82 19.79
C LEU C 439 17.11 57.42 19.42
N LEU C 440 16.84 56.57 20.42
CA LEU C 440 16.37 55.22 20.11
C LEU C 440 14.97 55.24 19.50
N LYS C 441 14.12 56.15 19.96
CA LYS C 441 12.78 56.26 19.37
C LYS C 441 12.88 56.65 17.89
N GLN C 442 13.77 57.58 17.57
CA GLN C 442 13.99 57.94 16.17
C GLN C 442 14.59 56.77 15.39
N ALA C 443 15.50 56.02 16.01
CA ALA C 443 16.15 54.91 15.33
C ALA C 443 15.16 53.82 14.97
N LEU C 444 14.26 53.48 15.89
CA LEU C 444 13.30 52.41 15.65
C LEU C 444 12.46 52.68 14.40
N THR C 445 12.29 53.95 14.04
CA THR C 445 11.55 54.32 12.84
C THR C 445 12.46 54.43 11.62
N ILE C 446 13.61 55.10 11.76
CA ILE C 446 14.44 55.41 10.59
C ILE C 446 15.25 54.21 10.15
N VAL C 447 15.95 53.55 11.09
CA VAL C 447 16.89 52.50 10.71
C VAL C 447 16.21 51.14 10.56
N GLY C 448 15.03 50.96 11.14
CA GLY C 448 14.34 49.69 11.03
C GLY C 448 13.67 49.43 9.70
N THR C 449 13.60 50.42 8.82
CA THR C 449 12.90 50.28 7.55
C THR C 449 13.82 50.18 6.34
N LEU C 450 15.09 50.56 6.46
CA LEU C 450 15.99 50.50 5.30
C LEU C 450 16.24 49.07 4.82
N PRO C 451 16.55 48.09 5.69
CA PRO C 451 16.67 46.72 5.18
C PRO C 451 15.41 46.20 4.51
N PHE C 452 14.23 46.54 5.04
CA PHE C 452 12.98 46.09 4.45
C PHE C 452 12.78 46.66 3.05
N THR C 453 12.98 47.98 2.92
CA THR C 453 12.83 48.62 1.62
C THR C 453 13.82 48.06 0.61
N TYR C 454 15.08 47.90 1.03
CA TYR C 454 16.10 47.37 0.13
C TYR C 454 15.74 45.96 -0.33
N MET C 455 15.33 45.10 0.60
CA MET C 455 15.01 43.72 0.24
C MET C 455 13.80 43.66 -0.68
N LEU C 456 12.76 44.45 -0.40
CA LEU C 456 11.56 44.40 -1.22
C LEU C 456 11.85 44.87 -2.65
N GLU C 457 12.55 46.00 -2.79
CA GLU C 457 12.84 46.48 -4.14
C GLU C 457 13.81 45.56 -4.86
N LYS C 458 14.75 44.94 -4.15
CA LYS C 458 15.63 43.97 -4.78
C LYS C 458 14.84 42.77 -5.30
N TRP C 459 13.90 42.26 -4.49
CA TRP C 459 13.08 41.14 -4.93
C TRP C 459 12.27 41.49 -6.15
N ARG C 460 11.65 42.69 -6.17
CA ARG C 460 10.85 43.07 -7.33
C ARG C 460 11.70 43.26 -8.57
N TRP C 461 12.88 43.89 -8.42
CA TRP C 461 13.77 44.06 -9.56
C TRP C 461 14.18 42.72 -10.15
N MET C 462 14.52 41.76 -9.30
CA MET C 462 14.96 40.47 -9.83
C MET C 462 13.79 39.66 -10.38
N VAL C 463 12.58 39.88 -9.86
CA VAL C 463 11.41 39.18 -10.41
C VAL C 463 11.07 39.71 -11.81
N PHE C 464 11.08 41.04 -11.97
CA PHE C 464 10.87 41.61 -13.30
C PHE C 464 12.00 41.23 -14.25
N LYS C 465 13.23 41.19 -13.74
CA LYS C 465 14.40 40.89 -14.56
C LYS C 465 14.43 39.46 -15.07
N GLY C 466 13.57 38.59 -14.57
CA GLY C 466 13.58 37.19 -14.96
C GLY C 466 14.61 36.34 -14.23
N GLU C 467 15.36 36.92 -13.30
CA GLU C 467 16.36 36.15 -12.57
C GLU C 467 15.71 35.04 -11.75
N ILE C 468 14.61 35.33 -11.08
CA ILE C 468 13.91 34.36 -10.25
C ILE C 468 12.87 33.66 -11.11
N PRO C 469 12.89 32.34 -11.23
CA PRO C 469 11.84 31.63 -11.97
C PRO C 469 10.52 31.70 -11.23
N LYS C 470 9.45 31.39 -11.96
CA LYS C 470 8.11 31.49 -11.40
C LYS C 470 7.81 30.46 -10.33
N ASP C 471 8.67 29.44 -10.18
CA ASP C 471 8.47 28.42 -9.15
C ASP C 471 9.39 28.60 -7.96
N GLN C 472 10.05 29.75 -7.84
CA GLN C 472 10.94 30.02 -6.73
C GLN C 472 10.76 31.43 -6.18
N TRP C 473 9.57 31.99 -6.31
CA TRP C 473 9.31 33.32 -5.78
C TRP C 473 9.35 33.34 -4.27
N MET C 474 8.63 32.42 -3.62
CA MET C 474 8.56 32.40 -2.17
C MET C 474 9.88 31.95 -1.56
N LYS C 475 10.54 30.99 -2.21
CA LYS C 475 11.84 30.52 -1.74
C LYS C 475 12.84 31.66 -1.66
N LYS C 476 12.97 32.42 -2.75
CA LYS C 476 13.89 33.55 -2.76
C LYS C 476 13.44 34.63 -1.79
N TRP C 477 12.14 34.89 -1.71
CA TRP C 477 11.63 35.89 -0.77
C TRP C 477 12.08 35.59 0.65
N TRP C 478 11.82 34.37 1.12
CA TRP C 478 12.16 34.06 2.51
C TRP C 478 13.64 33.86 2.72
N GLU C 479 14.39 33.43 1.69
CA GLU C 479 15.84 33.37 1.81
C GLU C 479 16.42 34.76 2.03
N MET C 480 16.02 35.73 1.21
CA MET C 480 16.49 37.10 1.39
C MET C 480 16.03 37.67 2.73
N LYS C 481 14.80 37.35 3.15
CA LYS C 481 14.30 37.87 4.41
C LYS C 481 15.11 37.32 5.59
N ARG C 482 15.49 36.04 5.55
CA ARG C 482 16.33 35.50 6.61
C ARG C 482 17.76 36.05 6.54
N GLU C 483 18.26 36.33 5.34
CA GLU C 483 19.66 36.72 5.19
C GLU C 483 19.90 38.22 5.36
N ILE C 484 19.08 39.06 4.73
CA ILE C 484 19.32 40.50 4.75
C ILE C 484 18.69 41.16 5.97
N VAL C 485 17.45 40.82 6.29
CA VAL C 485 16.75 41.48 7.39
C VAL C 485 16.88 40.74 8.70
N GLY C 486 17.25 39.47 8.68
CA GLY C 486 17.32 38.68 9.90
C GLY C 486 15.98 38.40 10.53
N VAL C 487 14.99 38.04 9.73
CA VAL C 487 13.62 37.78 10.19
C VAL C 487 13.19 36.43 9.62
N VAL C 488 12.66 35.57 10.48
CA VAL C 488 12.33 34.20 10.11
C VAL C 488 10.82 34.01 10.20
N GLU C 489 10.25 33.31 9.23
CA GLU C 489 8.82 33.07 9.22
C GLU C 489 8.46 32.03 10.30
N PRO C 490 7.29 32.19 10.95
CA PRO C 490 6.89 31.19 11.95
C PRO C 490 6.30 29.92 11.36
N VAL C 491 5.83 29.93 10.11
CA VAL C 491 5.29 28.74 9.46
C VAL C 491 5.82 28.66 8.04
N PRO C 492 6.11 27.47 7.52
CA PRO C 492 6.62 27.37 6.15
C PRO C 492 5.56 27.75 5.13
N HIS C 493 6.00 28.46 4.08
CA HIS C 493 5.10 28.97 3.05
C HIS C 493 5.57 28.46 1.69
N ASP C 494 4.72 27.68 1.03
CA ASP C 494 5.05 27.07 -0.24
C ASP C 494 4.79 28.05 -1.38
N GLU C 495 4.79 27.56 -2.61
CA GLU C 495 4.72 28.40 -3.81
C GLU C 495 3.33 28.89 -4.15
N THR C 496 2.30 28.48 -3.40
CA THR C 496 0.95 28.97 -3.64
C THR C 496 0.66 30.27 -2.90
N TYR C 497 1.63 30.81 -2.16
CA TYR C 497 1.48 32.06 -1.43
C TYR C 497 2.11 33.21 -2.21
N CYS C 498 1.65 34.42 -1.92
CA CYS C 498 2.18 35.63 -2.55
C CYS C 498 2.37 36.72 -1.50
N ASP C 499 3.08 36.39 -0.42
CA ASP C 499 3.28 37.31 0.69
C ASP C 499 3.69 38.73 0.29
N PRO C 500 4.69 38.94 -0.59
CA PRO C 500 5.04 40.32 -0.94
C PRO C 500 3.90 41.10 -1.56
N ALA C 501 2.99 40.44 -2.27
CA ALA C 501 1.86 41.12 -2.89
C ALA C 501 0.83 41.58 -1.86
N SER C 502 0.98 41.21 -0.60
CA SER C 502 0.03 41.61 0.42
C SER C 502 0.28 43.02 0.96
N LEU C 503 1.32 43.69 0.49
CA LEU C 503 1.52 45.08 0.88
C LEU C 503 0.67 46.00 0.02
N PHE C 504 0.46 47.23 0.51
CA PHE C 504 -0.27 48.22 -0.28
C PHE C 504 0.48 48.60 -1.54
N HIS C 505 1.79 48.84 -1.43
CA HIS C 505 2.55 49.38 -2.56
C HIS C 505 2.81 48.34 -3.65
N VAL C 506 2.65 47.06 -3.34
CA VAL C 506 2.94 46.01 -4.31
C VAL C 506 1.71 45.65 -5.13
N SER C 507 0.58 45.41 -4.46
CA SER C 507 -0.65 45.07 -5.17
C SER C 507 -1.15 46.25 -6.00
N ASN C 508 -1.03 47.47 -5.47
CA ASN C 508 -1.56 48.66 -6.14
C ASN C 508 -0.55 49.29 -7.10
N ASP C 509 0.47 48.55 -7.50
CA ASP C 509 1.42 49.06 -8.50
C ASP C 509 2.03 50.40 -8.12
N TYR C 510 2.84 50.41 -7.07
CA TYR C 510 3.54 51.62 -6.66
C TYR C 510 5.04 51.33 -6.51
N SER C 511 5.84 52.36 -6.78
CA SER C 511 7.28 52.25 -6.59
C SER C 511 7.63 52.36 -5.12
N PHE C 512 8.69 51.65 -4.72
CA PHE C 512 9.07 51.59 -3.32
C PHE C 512 10.46 52.13 -3.04
N ILE C 513 11.24 52.49 -4.07
CA ILE C 513 12.62 52.94 -3.85
C ILE C 513 12.70 54.39 -3.42
N ARG C 514 11.60 55.13 -3.44
CA ARG C 514 11.64 56.53 -3.02
C ARG C 514 11.93 56.67 -1.53
N TYR C 515 11.55 55.68 -0.73
CA TYR C 515 11.72 55.76 0.72
C TYR C 515 13.16 55.51 1.17
N TYR C 516 14.02 55.04 0.27
CA TYR C 516 15.46 54.91 0.55
C TYR C 516 16.19 56.20 0.22
N THR C 517 16.05 56.67 -1.01
CA THR C 517 16.71 57.90 -1.43
C THR C 517 16.21 59.09 -0.63
N ARG C 518 14.91 59.12 -0.31
CA ARG C 518 14.39 60.20 0.51
C ARG C 518 15.03 60.21 1.90
N THR C 519 15.16 59.03 2.50
CA THR C 519 15.77 58.93 3.83
C THR C 519 17.22 59.41 3.80
N LEU C 520 17.96 59.06 2.75
CA LEU C 520 19.35 59.51 2.69
C LEU C 520 19.45 61.01 2.39
N TYR C 521 18.64 61.50 1.46
CA TYR C 521 18.70 62.91 1.08
C TYR C 521 18.33 63.81 2.24
N GLN C 522 17.34 63.41 3.05
CA GLN C 522 16.93 64.26 4.16
C GLN C 522 18.07 64.47 5.14
N PHE C 523 18.83 63.41 5.44
CA PHE C 523 19.93 63.57 6.39
C PHE C 523 21.11 64.31 5.77
N GLN C 524 21.39 64.09 4.48
CA GLN C 524 22.42 64.88 3.82
C GLN C 524 22.09 66.36 3.86
N PHE C 525 20.85 66.71 3.52
CA PHE C 525 20.42 68.11 3.55
C PHE C 525 20.48 68.68 4.96
N GLN C 526 20.03 67.91 5.95
CA GLN C 526 20.06 68.39 7.32
C GLN C 526 21.49 68.67 7.77
N GLU C 527 22.41 67.74 7.50
CA GLU C 527 23.79 67.94 7.92
C GLU C 527 24.39 69.16 7.22
N ALA C 528 24.16 69.29 5.91
CA ALA C 528 24.76 70.41 5.18
C ALA C 528 24.21 71.75 5.69
N LEU C 529 22.89 71.85 5.81
CA LEU C 529 22.29 73.11 6.26
C LEU C 529 22.70 73.45 7.69
N CYS C 530 22.71 72.46 8.58
CA CYS C 530 23.01 72.71 9.97
C CYS C 530 24.49 72.95 10.21
N GLN C 531 25.36 72.49 9.29
CA GLN C 531 26.75 72.92 9.31
C GLN C 531 26.89 74.34 8.81
N ALA C 532 26.14 74.70 7.75
CA ALA C 532 26.13 76.07 7.27
C ALA C 532 25.49 77.04 8.26
N ALA C 533 24.77 76.53 9.25
CA ALA C 533 24.18 77.36 10.31
C ALA C 533 25.16 77.63 11.44
N LYS C 534 26.42 77.21 11.29
CA LYS C 534 27.48 77.47 12.27
C LYS C 534 27.15 76.91 13.64
N HIS C 535 26.87 75.61 13.68
CA HIS C 535 26.72 74.93 14.95
C HIS C 535 28.06 74.59 15.57
N GLU C 536 28.01 74.18 16.84
CA GLU C 536 29.16 73.71 17.59
C GLU C 536 28.95 72.36 18.26
N GLY C 537 27.70 71.97 18.52
CA GLY C 537 27.42 70.74 19.22
C GLY C 537 27.07 69.59 18.29
N PRO C 538 26.31 68.62 18.80
CA PRO C 538 25.96 67.45 18.00
C PRO C 538 24.89 67.75 16.97
N LEU C 539 24.83 66.89 15.96
CA LEU C 539 23.91 67.10 14.84
C LEU C 539 22.46 66.99 15.28
N HIS C 540 22.13 66.00 16.10
CA HIS C 540 20.74 65.75 16.44
C HIS C 540 20.14 66.82 17.34
N LYS C 541 20.97 67.60 18.03
CA LYS C 541 20.48 68.69 18.88
C LYS C 541 20.54 70.05 18.19
N CYS C 542 20.92 70.10 16.92
CA CYS C 542 21.12 71.38 16.27
C CYS C 542 19.83 71.90 15.65
N ASP C 543 19.80 73.21 15.43
CA ASP C 543 18.64 73.93 14.91
C ASP C 543 18.99 74.58 13.58
N ILE C 544 17.99 75.23 12.99
CA ILE C 544 18.17 75.91 11.70
C ILE C 544 17.73 77.37 11.74
N SER C 545 16.86 77.77 12.66
CA SER C 545 16.28 79.10 12.66
C SER C 545 17.37 80.17 12.76
N ASN C 546 17.08 81.33 12.16
CA ASN C 546 17.99 82.48 12.12
C ASN C 546 19.30 82.11 11.44
N SER C 547 19.20 81.78 10.15
CA SER C 547 20.36 81.46 9.31
C SER C 547 20.04 81.94 7.89
N THR C 548 20.47 83.16 7.57
CA THR C 548 20.19 83.72 6.25
C THR C 548 20.96 82.99 5.16
N GLU C 549 22.21 82.61 5.43
CA GLU C 549 22.99 81.87 4.44
C GLU C 549 22.39 80.49 4.17
N ALA C 550 21.90 79.83 5.22
CA ALA C 550 21.24 78.54 5.02
C ALA C 550 19.98 78.69 4.18
N GLY C 551 19.19 79.73 4.46
CA GLY C 551 18.01 79.99 3.65
C GLY C 551 18.34 80.27 2.20
N GLN C 552 19.40 81.05 1.96
CA GLN C 552 19.82 81.33 0.59
C GLN C 552 20.28 80.05 -0.11
N LYS C 553 21.02 79.19 0.59
CA LYS C 553 21.46 77.94 0.02
C LYS C 553 20.27 77.04 -0.32
N LEU C 554 19.27 77.01 0.56
CA LEU C 554 18.07 76.24 0.28
C LEU C 554 17.32 76.79 -0.93
N PHE C 555 17.17 78.11 -0.99
CA PHE C 555 16.43 78.71 -2.10
C PHE C 555 17.16 78.56 -3.43
N ASN C 556 18.49 78.48 -3.39
CA ASN C 556 19.26 78.22 -4.61
C ASN C 556 19.02 76.82 -5.16
N MET C 557 18.18 76.02 -4.50
CA MET C 557 17.85 74.68 -4.97
C MET C 557 16.34 74.57 -5.14
N LEU C 558 15.59 75.30 -4.30
CA LEU C 558 14.13 75.22 -4.34
C LEU C 558 13.58 75.72 -5.67
N ARG C 559 14.10 76.84 -6.17
CA ARG C 559 13.62 77.38 -7.44
C ARG C 559 14.11 76.59 -8.63
N LEU C 560 15.07 75.68 -8.44
CA LEU C 560 15.60 74.91 -9.56
C LEU C 560 14.54 74.01 -10.17
N GLY C 561 13.74 73.34 -9.32
CA GLY C 561 12.71 72.46 -9.83
C GLY C 561 13.28 71.31 -10.64
N LYS C 562 12.63 71.03 -11.77
CA LYS C 562 13.07 69.99 -12.69
C LYS C 562 13.88 70.54 -13.85
N SER C 563 14.23 71.84 -13.84
CA SER C 563 14.87 72.46 -14.99
C SER C 563 16.25 71.86 -15.27
N GLU C 564 16.90 71.31 -14.25
CA GLU C 564 18.24 70.77 -14.37
C GLU C 564 18.27 69.40 -13.71
N PRO C 565 19.26 68.57 -14.06
CA PRO C 565 19.37 67.25 -13.42
C PRO C 565 19.51 67.37 -11.91
N TRP C 566 18.96 66.38 -11.21
CA TRP C 566 18.95 66.41 -9.75
C TRP C 566 20.34 66.38 -9.15
N THR C 567 21.34 65.91 -9.90
CA THR C 567 22.70 65.92 -9.39
C THR C 567 23.18 67.35 -9.14
N LEU C 568 22.88 68.26 -10.07
CA LEU C 568 23.26 69.66 -9.89
C LEU C 568 22.57 70.26 -8.67
N ALA C 569 21.27 69.98 -8.49
CA ALA C 569 20.55 70.49 -7.33
C ALA C 569 21.13 69.94 -6.04
N LEU C 570 21.49 68.66 -6.03
CA LEU C 570 22.13 68.07 -4.85
C LEU C 570 23.46 68.73 -4.57
N GLU C 571 24.25 68.99 -5.61
CA GLU C 571 25.55 69.64 -5.44
C GLU C 571 25.40 71.07 -4.94
N ASN C 572 24.32 71.75 -5.31
CA ASN C 572 24.12 73.14 -4.89
C ASN C 572 23.89 73.27 -3.39
N VAL C 573 23.65 72.17 -2.69
CA VAL C 573 23.37 72.21 -1.25
C VAL C 573 24.49 71.52 -0.48
N VAL C 574 24.71 70.24 -0.77
CA VAL C 574 25.69 69.45 -0.03
C VAL C 574 27.03 69.33 -0.76
N GLY C 575 27.10 69.71 -2.03
CA GLY C 575 28.33 69.61 -2.78
C GLY C 575 28.75 68.19 -3.10
N ALA C 576 27.79 67.27 -3.28
CA ALA C 576 28.08 65.90 -3.61
C ALA C 576 27.39 65.52 -4.92
N LYS C 577 27.96 64.52 -5.59
CA LYS C 577 27.43 64.06 -6.88
C LYS C 577 26.31 63.04 -6.75
N ASN C 578 26.13 62.45 -5.58
CA ASN C 578 25.12 61.42 -5.39
C ASN C 578 24.84 61.26 -3.90
N MET C 579 24.11 60.20 -3.55
CA MET C 579 23.68 59.96 -2.18
C MET C 579 24.83 59.43 -1.33
N ASN C 580 24.82 59.84 -0.06
CA ASN C 580 25.85 59.48 0.90
C ASN C 580 25.21 59.02 2.20
N VAL C 581 25.92 58.15 2.92
CA VAL C 581 25.42 57.59 4.18
C VAL C 581 26.06 58.21 5.40
N ARG C 582 27.20 58.88 5.24
CA ARG C 582 27.95 59.38 6.40
C ARG C 582 27.14 60.29 7.31
N PRO C 583 26.37 61.28 6.82
CA PRO C 583 25.57 62.09 7.75
C PRO C 583 24.60 61.29 8.58
N LEU C 584 23.98 60.25 7.99
CA LEU C 584 23.05 59.43 8.75
C LEU C 584 23.76 58.70 9.88
N LEU C 585 24.94 58.15 9.62
CA LEU C 585 25.70 57.49 10.68
C LEU C 585 26.16 58.48 11.74
N ASN C 586 26.53 59.69 11.32
CA ASN C 586 26.92 60.71 12.29
C ASN C 586 25.74 61.15 13.14
N TYR C 587 24.51 61.03 12.62
CA TYR C 587 23.33 61.40 13.40
C TYR C 587 23.15 60.49 14.61
N PHE C 588 23.42 59.20 14.44
CA PHE C 588 23.18 58.20 15.48
C PHE C 588 24.47 57.77 16.18
N GLU C 589 25.51 58.60 16.16
CA GLU C 589 26.76 58.24 16.81
C GLU C 589 26.63 58.02 18.31
N PRO C 590 25.97 58.90 19.08
CA PRO C 590 25.78 58.59 20.50
C PRO C 590 25.03 57.29 20.74
N LEU C 591 24.00 57.02 19.93
CA LEU C 591 23.28 55.76 20.07
C LEU C 591 24.15 54.58 19.69
N PHE C 592 25.01 54.74 18.66
CA PHE C 592 25.93 53.66 18.31
C PHE C 592 26.88 53.36 19.46
N THR C 593 27.42 54.40 20.10
CA THR C 593 28.32 54.19 21.24
C THR C 593 27.59 53.49 22.37
N TRP C 594 26.37 53.95 22.69
CA TRP C 594 25.62 53.34 23.78
C TRP C 594 25.28 51.88 23.49
N LEU C 595 24.89 51.58 22.24
CA LEU C 595 24.55 50.21 21.88
C LEU C 595 25.75 49.30 21.94
N LYS C 596 26.91 49.78 21.47
CA LYS C 596 28.13 48.99 21.59
C LYS C 596 28.50 48.76 23.04
N ASP C 597 28.27 49.76 23.89
CA ASP C 597 28.50 49.59 25.33
C ASP C 597 27.56 48.54 25.92
N GLN C 598 26.30 48.54 25.51
CA GLN C 598 25.28 47.72 26.15
C GLN C 598 25.28 46.27 25.68
N ASN C 599 26.06 45.91 24.68
CA ASN C 599 26.00 44.58 24.08
C ASN C 599 27.28 43.77 24.30
N LYS C 600 27.86 43.85 25.50
CA LYS C 600 29.04 43.05 25.80
C LYS C 600 28.74 41.56 25.76
N ASN C 601 27.61 41.15 26.33
CA ASN C 601 27.27 39.74 26.45
C ASN C 601 26.47 39.22 25.26
N SER C 602 25.67 40.07 24.62
CA SER C 602 24.85 39.63 23.51
C SER C 602 25.70 39.27 22.30
N PHE C 603 25.25 38.27 21.55
CA PHE C 603 25.92 37.83 20.33
C PHE C 603 25.42 38.70 19.19
N VAL C 604 26.21 39.70 18.81
CA VAL C 604 25.80 40.60 17.74
C VAL C 604 25.82 39.84 16.42
N GLY C 605 24.66 39.69 15.81
CA GLY C 605 24.47 38.96 14.58
C GLY C 605 23.31 38.00 14.70
N TRP C 606 23.12 37.19 13.66
CA TRP C 606 22.07 36.19 13.65
C TRP C 606 22.49 35.03 12.78
N SER C 607 21.86 33.88 13.02
CA SER C 607 22.12 32.65 12.27
C SER C 607 20.91 32.32 11.42
N THR C 608 21.16 31.95 10.16
CA THR C 608 20.10 31.71 9.19
C THR C 608 19.73 30.24 9.07
N ASP C 609 19.81 29.49 10.17
CA ASP C 609 19.38 28.11 10.19
C ASP C 609 18.31 27.82 11.23
N TRP C 610 18.25 28.59 12.31
CA TRP C 610 17.23 28.39 13.33
C TRP C 610 15.87 28.82 12.80
N SER C 611 14.86 28.01 13.09
CA SER C 611 13.47 28.31 12.76
C SER C 611 12.61 28.06 13.99
N PRO C 612 11.53 28.83 14.15
CA PRO C 612 10.68 28.63 15.34
C PRO C 612 10.06 27.24 15.40
N TYR C 613 9.80 26.62 14.26
CA TYR C 613 9.19 25.30 14.20
C TYR C 613 10.21 24.18 14.07
N ALA C 614 11.50 24.51 14.00
CA ALA C 614 12.53 23.53 13.67
C ALA C 614 12.83 22.56 14.80
N ASP C 615 12.39 22.84 16.02
CA ASP C 615 12.65 21.97 17.16
C ASP C 615 11.61 20.88 17.35
N GLN C 616 10.56 20.84 16.53
CA GLN C 616 9.56 19.77 16.56
C GLN C 616 9.39 19.08 15.22
N SER C 617 10.27 19.32 14.26
CA SER C 617 10.14 18.73 12.94
C SER C 617 10.69 17.31 12.92
N ILE C 618 10.28 16.56 11.90
CA ILE C 618 10.78 15.22 11.64
C ILE C 618 11.25 15.16 10.20
N LYS C 619 12.45 14.62 9.99
CA LYS C 619 13.01 14.52 8.65
C LYS C 619 12.70 13.16 8.04
N VAL C 620 12.47 13.16 6.73
CA VAL C 620 12.10 11.97 5.97
C VAL C 620 12.98 11.90 4.73
N ARG C 621 13.57 10.72 4.49
CA ARG C 621 14.42 10.45 3.35
C ARG C 621 13.86 9.25 2.60
N ILE C 622 13.72 9.37 1.28
CA ILE C 622 13.07 8.36 0.45
C ILE C 622 13.99 7.99 -0.70
N SER C 623 14.20 6.68 -0.89
CA SER C 623 15.08 6.15 -1.92
C SER C 623 14.25 5.26 -2.85
N LEU C 624 13.74 5.85 -3.92
CA LEU C 624 12.89 5.11 -4.85
C LEU C 624 13.69 4.16 -5.73
N LYS C 625 14.87 4.60 -6.21
CA LYS C 625 15.63 3.81 -7.16
C LYS C 625 16.27 2.58 -6.55
N SER C 626 16.27 2.45 -5.23
CA SER C 626 16.84 1.26 -4.60
C SER C 626 15.79 0.18 -4.36
N ALA C 627 14.69 0.53 -3.71
CA ALA C 627 13.67 -0.46 -3.39
C ALA C 627 13.01 -1.00 -4.65
N LEU C 628 12.68 -0.14 -5.60
CA LEU C 628 11.98 -0.56 -6.80
C LEU C 628 12.91 -0.79 -7.99
N GLY C 629 14.07 -0.15 -8.01
CA GLY C 629 14.99 -0.29 -9.13
C GLY C 629 14.39 0.21 -10.42
N ASP C 630 14.09 -0.71 -11.33
CA ASP C 630 13.37 -0.36 -12.54
C ASP C 630 11.88 -0.16 -12.24
N LYS C 631 11.15 0.33 -13.24
CA LYS C 631 9.72 0.64 -13.15
C LYS C 631 9.36 1.29 -11.82
N ALA C 632 10.15 2.29 -11.44
CA ALA C 632 9.90 3.11 -10.27
C ALA C 632 9.21 4.39 -10.71
N TYR C 633 8.16 4.78 -9.99
CA TYR C 633 7.35 5.92 -10.41
C TYR C 633 8.09 7.23 -10.15
N GLU C 634 7.62 8.28 -10.80
CA GLU C 634 8.14 9.62 -10.59
C GLU C 634 7.48 10.26 -9.37
N TRP C 635 8.20 11.19 -8.74
CA TRP C 635 7.74 11.85 -7.53
C TRP C 635 7.34 13.27 -7.88
N ASN C 636 6.04 13.55 -7.85
CA ASN C 636 5.48 14.87 -8.09
C ASN C 636 4.67 15.29 -6.87
N ASP C 637 3.97 16.42 -7.00
CA ASP C 637 3.22 16.96 -5.87
C ASP C 637 2.03 16.09 -5.48
N ASN C 638 1.55 15.22 -6.38
CA ASN C 638 0.49 14.28 -6.00
C ASN C 638 1.00 13.25 -5.00
N GLU C 639 2.25 12.84 -5.12
CA GLU C 639 2.83 11.94 -4.13
C GLU C 639 2.98 12.65 -2.78
N MET C 640 3.29 13.94 -2.80
CA MET C 640 3.33 14.71 -1.56
C MET C 640 1.94 14.79 -0.92
N TYR C 641 0.91 14.97 -1.76
CA TYR C 641 -0.46 14.97 -1.24
C TYR C 641 -0.80 13.62 -0.60
N LEU C 642 -0.41 12.52 -1.24
CA LEU C 642 -0.68 11.21 -0.67
C LEU C 642 0.07 11.01 0.64
N PHE C 643 1.33 11.47 0.72
CA PHE C 643 2.08 11.35 1.96
C PHE C 643 1.44 12.14 3.09
N ARG C 644 0.98 13.36 2.79
CA ARG C 644 0.32 14.16 3.82
C ARG C 644 -0.97 13.49 4.29
N SER C 645 -1.73 12.90 3.36
CA SER C 645 -2.93 12.17 3.74
C SER C 645 -2.61 10.97 4.62
N SER C 646 -1.54 10.24 4.30
CA SER C 646 -1.16 9.10 5.11
C SER C 646 -0.76 9.51 6.52
N VAL C 647 0.00 10.60 6.65
CA VAL C 647 0.40 11.05 7.98
C VAL C 647 -0.82 11.52 8.77
N ALA C 648 -1.77 12.18 8.11
CA ALA C 648 -3.00 12.60 8.79
C ALA C 648 -3.79 11.39 9.26
N TYR C 649 -3.87 10.34 8.44
CA TYR C 649 -4.55 9.10 8.84
C TYR C 649 -3.87 8.48 10.04
N ALA C 650 -2.54 8.44 10.05
CA ALA C 650 -1.82 7.87 11.19
C ALA C 650 -2.09 8.64 12.47
N MET C 651 -2.07 9.96 12.39
CA MET C 651 -2.34 10.76 13.59
C MET C 651 -3.77 10.58 14.08
N ARG C 652 -4.72 10.53 13.15
CA ARG C 652 -6.11 10.25 13.50
C ARG C 652 -6.23 8.93 14.26
N GLN C 653 -5.62 7.87 13.72
CA GLN C 653 -5.73 6.56 14.35
C GLN C 653 -5.11 6.55 15.73
N TYR C 654 -3.93 7.15 15.88
CA TYR C 654 -3.29 7.19 17.19
C TYR C 654 -4.16 7.93 18.21
N PHE C 655 -4.70 9.08 17.81
CA PHE C 655 -5.50 9.85 18.78
C PHE C 655 -6.80 9.12 19.12
N LEU C 656 -7.37 8.38 18.17
CA LEU C 656 -8.61 7.67 18.46
C LEU C 656 -8.37 6.46 19.35
N LYS C 657 -7.33 5.68 19.06
CA LYS C 657 -7.17 4.36 19.68
C LYS C 657 -6.36 4.38 20.97
N VAL C 658 -5.80 5.53 21.38
CA VAL C 658 -4.98 5.57 22.59
C VAL C 658 -5.51 6.63 23.54
N LYS C 659 -5.60 7.87 23.07
CA LYS C 659 -6.05 8.97 23.91
C LYS C 659 -7.56 9.06 24.01
N ASN C 660 -8.30 8.22 23.29
CA ASN C 660 -9.76 8.20 23.35
C ASN C 660 -10.36 9.57 23.00
N GLN C 661 -9.79 10.22 22.00
CA GLN C 661 -10.33 11.47 21.46
C GLN C 661 -10.43 11.35 19.95
N MET C 662 -11.45 11.99 19.38
CA MET C 662 -11.66 12.01 17.95
C MET C 662 -11.30 13.40 17.44
N ILE C 663 -10.19 13.50 16.72
CA ILE C 663 -9.69 14.77 16.19
C ILE C 663 -9.58 14.64 14.68
N LEU C 664 -10.07 15.64 13.96
CA LEU C 664 -10.16 15.60 12.50
C LEU C 664 -8.92 16.24 11.89
N PHE C 665 -7.82 15.49 11.89
CA PHE C 665 -6.63 15.93 11.17
C PHE C 665 -6.84 15.83 9.67
N GLY C 666 -6.23 16.77 8.94
CA GLY C 666 -6.30 16.78 7.50
C GLY C 666 -4.91 16.90 6.89
N GLU C 667 -4.89 16.97 5.56
CA GLU C 667 -3.63 17.19 4.86
C GLU C 667 -3.16 18.63 4.94
N GLU C 668 -4.01 19.54 5.42
CA GLU C 668 -3.61 20.92 5.63
C GLU C 668 -2.94 21.13 6.98
N ASP C 669 -3.02 20.16 7.89
CA ASP C 669 -2.37 20.24 9.18
C ASP C 669 -0.96 19.68 9.17
N VAL C 670 -0.55 19.00 8.10
CA VAL C 670 0.80 18.48 7.95
C VAL C 670 1.58 19.51 7.16
N ARG C 671 2.50 20.20 7.82
CA ARG C 671 3.31 21.25 7.20
C ARG C 671 4.65 20.66 6.80
N VAL C 672 5.05 20.94 5.56
CA VAL C 672 6.22 20.33 4.93
C VAL C 672 7.18 21.44 4.52
N ALA C 673 8.48 21.20 4.71
CA ALA C 673 9.50 22.18 4.37
C ALA C 673 10.75 21.48 3.87
N ASN C 674 11.58 22.24 3.14
CA ASN C 674 12.93 21.82 2.75
C ASN C 674 12.91 20.62 1.81
N LEU C 675 12.07 20.69 0.79
CA LEU C 675 12.02 19.62 -0.20
C LEU C 675 13.27 19.64 -1.08
N LYS C 676 13.84 18.47 -1.32
CA LYS C 676 15.10 18.31 -2.02
C LYS C 676 14.99 17.24 -3.09
N PRO C 677 15.82 17.30 -4.13
CA PRO C 677 15.77 16.27 -5.18
C PRO C 677 16.12 14.88 -4.70
N ARG C 678 16.81 14.75 -3.57
CA ARG C 678 17.02 13.46 -2.93
C ARG C 678 15.70 12.87 -2.44
N ILE C 679 14.64 13.68 -2.39
CA ILE C 679 13.38 13.38 -1.73
C ILE C 679 13.67 13.24 -0.25
N SER C 680 13.99 14.37 0.37
CA SER C 680 14.14 14.46 1.82
C SER C 680 13.52 15.78 2.25
N PHE C 681 12.78 15.76 3.34
CA PHE C 681 12.09 16.96 3.78
C PHE C 681 11.75 16.87 5.26
N ASN C 682 11.47 18.02 5.86
CA ASN C 682 11.00 18.08 7.23
C ASN C 682 9.50 18.28 7.26
N PHE C 683 8.86 17.77 8.30
CA PHE C 683 7.43 18.02 8.46
C PHE C 683 7.08 18.11 9.93
N PHE C 684 5.98 18.79 10.22
CA PHE C 684 5.37 18.78 11.54
C PHE C 684 3.86 18.84 11.40
N VAL C 685 3.17 18.70 12.52
CA VAL C 685 1.71 18.60 12.54
C VAL C 685 1.16 19.63 13.51
N THR C 686 -0.02 20.16 13.18
CA THR C 686 -0.72 21.12 14.02
C THR C 686 -2.15 20.68 14.24
N ALA C 687 -2.81 21.31 15.21
CA ALA C 687 -4.20 21.03 15.48
C ALA C 687 -5.07 21.48 14.30
N PRO C 688 -6.25 20.87 14.12
CA PRO C 688 -7.00 21.10 12.87
C PRO C 688 -7.32 22.56 12.57
N LYS C 689 -7.71 23.36 13.56
CA LYS C 689 -8.08 24.74 13.33
C LYS C 689 -7.35 25.67 14.28
N ASN C 690 -6.07 25.42 14.50
CA ASN C 690 -5.29 26.22 15.45
C ASN C 690 -3.82 26.13 15.02
N VAL C 691 -3.34 27.17 14.34
CA VAL C 691 -1.96 27.18 13.87
C VAL C 691 -0.97 27.30 15.02
N SER C 692 -1.40 27.80 16.17
CA SER C 692 -0.51 27.97 17.30
C SER C 692 -0.26 26.68 18.07
N ASP C 693 -1.08 25.66 17.84
CA ASP C 693 -0.97 24.38 18.54
C ASP C 693 -0.20 23.40 17.69
N ILE C 694 0.94 22.94 18.21
CA ILE C 694 1.81 21.99 17.51
C ILE C 694 1.88 20.72 18.34
N ILE C 695 1.64 19.58 17.70
CA ILE C 695 1.78 18.30 18.37
C ILE C 695 3.25 18.04 18.64
N PRO C 696 3.66 17.76 19.88
CA PRO C 696 5.08 17.53 20.17
C PRO C 696 5.62 16.30 19.45
N ARG C 697 6.93 16.29 19.26
CA ARG C 697 7.57 15.28 18.41
C ARG C 697 7.37 13.87 18.96
N THR C 698 7.20 13.72 20.27
CA THR C 698 7.05 12.39 20.85
C THR C 698 5.76 11.72 20.38
N GLU C 699 4.64 12.47 20.38
CA GLU C 699 3.38 11.91 19.91
C GLU C 699 3.44 11.55 18.44
N VAL C 700 4.10 12.39 17.63
CA VAL C 700 4.24 12.08 16.21
C VAL C 700 5.07 10.82 16.03
N GLU C 701 6.13 10.65 16.82
CA GLU C 701 6.94 9.44 16.74
C GLU C 701 6.12 8.21 17.11
N LYS C 702 5.29 8.31 18.16
CA LYS C 702 4.45 7.19 18.56
C LYS C 702 3.45 6.82 17.47
N ALA C 703 2.82 7.83 16.86
CA ALA C 703 1.85 7.57 15.81
C ALA C 703 2.50 6.93 14.59
N ILE C 704 3.68 7.42 14.20
CA ILE C 704 4.40 6.83 13.08
C ILE C 704 4.79 5.39 13.41
N ARG C 705 5.22 5.14 14.65
CA ARG C 705 5.53 3.77 15.04
C ARG C 705 4.31 2.87 14.91
N MET C 706 3.14 3.38 15.29
CA MET C 706 1.93 2.58 15.22
C MET C 706 1.53 2.26 13.78
N SER C 707 1.61 3.24 12.88
CA SER C 707 1.07 3.07 11.52
C SER C 707 2.14 3.00 10.43
N ARG C 708 3.37 2.68 10.79
CA ARG C 708 4.45 2.66 9.82
C ARG C 708 4.27 1.59 8.75
N SER C 709 3.68 0.45 9.10
CA SER C 709 3.50 -0.61 8.09
C SER C 709 2.58 -0.15 6.98
N ARG C 710 1.46 0.50 7.33
CA ARG C 710 0.55 1.01 6.31
C ARG C 710 1.17 2.17 5.54
N ILE C 711 1.87 3.07 6.24
CA ILE C 711 2.54 4.17 5.55
C ILE C 711 3.54 3.64 4.53
N ASN C 712 4.27 2.58 4.89
CA ASN C 712 5.25 1.99 3.99
C ASN C 712 4.58 1.32 2.80
N ASP C 713 3.60 0.46 3.05
CA ASP C 713 3.02 -0.32 1.95
C ASP C 713 2.11 0.52 1.05
N ALA C 714 1.74 1.73 1.46
CA ALA C 714 1.03 2.62 0.54
C ALA C 714 1.93 3.06 -0.61
N PHE C 715 3.24 3.13 -0.38
CA PHE C 715 4.19 3.69 -1.35
C PHE C 715 5.10 2.65 -1.99
N ARG C 716 4.94 1.37 -1.65
CA ARG C 716 5.76 0.28 -2.18
C ARG C 716 7.21 0.36 -1.70
N LEU C 717 7.40 0.81 -0.45
CA LEU C 717 8.72 0.91 0.16
C LEU C 717 8.69 0.18 1.50
N ASN C 718 9.86 -0.33 1.92
CA ASN C 718 9.94 -1.22 3.08
C ASN C 718 11.05 -0.86 4.10
N ASP C 719 10.76 0.16 4.92
CA ASP C 719 11.43 0.38 6.21
C ASP C 719 12.91 0.70 6.05
N ASN C 720 13.41 0.69 4.83
CA ASN C 720 14.79 1.05 4.55
C ASN C 720 14.94 2.05 3.42
N SER C 721 13.98 2.12 2.50
CA SER C 721 13.87 3.18 1.52
C SER C 721 12.91 4.28 1.99
N LEU C 722 12.42 4.18 3.22
CA LEU C 722 11.58 5.21 3.83
C LEU C 722 11.95 5.28 5.30
N GLU C 723 12.85 6.19 5.64
CA GLU C 723 13.36 6.34 6.99
C GLU C 723 12.95 7.69 7.56
N PHE C 724 12.78 7.73 8.88
CA PHE C 724 12.27 8.91 9.56
C PHE C 724 13.33 9.59 10.43
N LEU C 725 14.57 9.11 10.40
CA LEU C 725 15.71 9.78 11.04
C LEU C 725 15.43 10.07 12.51
N GLY C 726 15.31 8.98 13.27
CA GLY C 726 15.05 9.06 14.69
C GLY C 726 14.13 7.97 15.15
N ILE C 727 13.54 7.26 14.20
CA ILE C 727 12.64 6.14 14.45
C ILE C 727 13.23 4.93 13.72
N GLN C 728 13.71 3.95 14.48
CA GLN C 728 14.28 2.76 13.89
C GLN C 728 13.47 1.53 14.27
N PRO C 729 13.31 0.58 13.35
CA PRO C 729 12.58 -0.65 13.68
C PRO C 729 13.30 -1.47 14.74
N THR C 730 12.51 -2.12 15.59
CA THR C 730 13.06 -2.95 16.67
C THR C 730 12.39 -4.30 16.81
N LEU C 731 11.17 -4.49 16.34
CA LEU C 731 10.41 -5.72 16.56
C LEU C 731 10.71 -6.70 15.43
N GLY C 732 11.73 -7.53 15.64
CA GLY C 732 12.14 -8.49 14.65
C GLY C 732 12.48 -9.89 15.17
N PRO C 733 11.76 -10.39 16.18
CA PRO C 733 12.21 -11.60 16.88
C PRO C 733 11.92 -12.85 16.06
N PRO C 734 12.96 -13.61 15.70
CA PRO C 734 12.75 -14.88 15.00
C PRO C 734 12.73 -16.08 15.93
N ASN C 735 11.88 -17.04 15.59
CA ASN C 735 11.73 -18.28 16.36
C ASN C 735 11.59 -19.48 15.41
N GLN C 736 12.46 -19.55 14.39
CA GLN C 736 12.28 -20.58 13.36
C GLN C 736 12.54 -21.98 13.91
N PRO C 737 13.74 -22.34 14.38
CA PRO C 737 13.98 -23.73 14.77
C PRO C 737 13.57 -23.98 16.21
N PRO C 738 12.61 -24.87 16.44
CA PRO C 738 12.20 -25.18 17.81
C PRO C 738 12.84 -26.43 18.37
N VAL C 739 13.56 -27.19 17.55
CA VAL C 739 14.02 -28.52 17.92
C VAL C 739 15.52 -28.73 17.75
N SER C 740 16.23 -27.79 17.12
CA SER C 740 17.69 -27.90 16.92
C SER C 740 18.03 -29.17 16.14
N ILE C 741 17.60 -29.16 14.87
CA ILE C 741 17.67 -30.30 13.96
C ILE C 741 19.05 -30.95 13.91
N TRP C 742 20.09 -30.25 14.37
CA TRP C 742 21.41 -30.86 14.42
C TRP C 742 21.41 -32.07 15.34
N LEU C 743 20.66 -32.00 16.45
CA LEU C 743 20.56 -33.13 17.36
C LEU C 743 19.93 -34.34 16.69
N ILE C 744 18.85 -34.13 15.92
CA ILE C 744 18.20 -35.26 15.27
C ILE C 744 19.09 -35.83 14.16
N VAL C 745 19.84 -34.97 13.47
CA VAL C 745 20.76 -35.45 12.45
C VAL C 745 21.84 -36.30 13.09
N PHE C 746 22.41 -35.85 14.21
CA PHE C 746 23.38 -36.67 14.92
C PHE C 746 22.76 -37.98 15.38
N GLY C 747 21.52 -37.93 15.85
CA GLY C 747 20.87 -39.13 16.34
C GLY C 747 20.72 -40.18 15.26
N VAL C 748 20.24 -39.77 14.08
CA VAL C 748 20.06 -40.73 12.99
C VAL C 748 21.42 -41.23 12.51
N VAL C 749 22.42 -40.34 12.44
CA VAL C 749 23.74 -40.77 11.99
C VAL C 749 24.32 -41.80 12.95
N MET C 750 24.22 -41.55 14.25
CA MET C 750 24.77 -42.48 15.23
C MET C 750 23.99 -43.78 15.29
N GLY C 751 22.67 -43.73 15.07
CA GLY C 751 21.91 -44.96 14.97
C GLY C 751 22.37 -45.82 13.80
N VAL C 752 22.57 -45.20 12.64
CA VAL C 752 23.06 -45.93 11.48
C VAL C 752 24.45 -46.48 11.76
N ILE C 753 25.29 -45.69 12.44
CA ILE C 753 26.66 -46.14 12.75
C ILE C 753 26.63 -47.35 13.67
N VAL C 754 25.77 -47.32 14.69
CA VAL C 754 25.66 -48.43 15.62
C VAL C 754 25.14 -49.68 14.91
N VAL C 755 24.14 -49.51 14.04
CA VAL C 755 23.63 -50.65 13.28
C VAL C 755 24.75 -51.24 12.41
N GLY C 756 25.52 -50.38 11.75
CA GLY C 756 26.59 -50.87 10.90
C GLY C 756 27.67 -51.60 11.66
N ILE C 757 28.10 -51.04 12.80
CA ILE C 757 29.14 -51.72 13.58
C ILE C 757 28.62 -53.04 14.13
N VAL C 758 27.34 -53.09 14.51
CA VAL C 758 26.77 -54.33 15.03
C VAL C 758 26.75 -55.41 13.95
N ILE C 759 26.27 -55.06 12.76
CA ILE C 759 26.20 -56.07 11.71
C ILE C 759 27.61 -56.48 11.28
N LEU C 760 28.56 -55.54 11.28
CA LEU C 760 29.92 -55.88 10.90
C LEU C 760 30.56 -56.84 11.89
N ILE C 761 30.41 -56.59 13.19
CA ILE C 761 31.00 -57.48 14.18
C ILE C 761 30.29 -58.83 14.18
N PHE C 762 28.97 -58.83 13.95
CA PHE C 762 28.25 -60.10 13.86
C PHE C 762 28.74 -60.94 12.69
N THR C 763 28.92 -60.31 11.53
CA THR C 763 29.43 -61.04 10.37
C THR C 763 30.86 -61.51 10.60
N GLY C 764 31.68 -60.68 11.25
CA GLY C 764 33.05 -61.09 11.51
C GLY C 764 33.14 -62.28 12.44
N ILE C 765 32.32 -62.29 13.50
CA ILE C 765 32.31 -63.43 14.41
C ILE C 765 31.61 -64.63 13.80
N ARG C 766 30.77 -64.40 12.78
CA ARG C 766 30.06 -65.50 12.14
C ARG C 766 30.96 -66.30 11.21
N ASP C 767 31.87 -65.63 10.50
CA ASP C 767 32.74 -66.29 9.53
C ASP C 767 33.85 -67.03 10.29
N ARG C 768 33.54 -68.24 10.72
CA ARG C 768 34.52 -69.07 11.43
C ARG C 768 34.47 -70.51 10.92
N VAL D 22 83.62 -44.74 4.23
CA VAL D 22 83.55 -44.67 5.67
C VAL D 22 82.42 -45.58 6.18
N LEU D 23 82.52 -45.96 7.46
CA LEU D 23 81.57 -46.84 8.12
C LEU D 23 81.38 -48.13 7.33
N PRO D 24 82.38 -49.02 7.30
CA PRO D 24 82.23 -50.27 6.54
C PRO D 24 81.19 -51.18 7.17
N ASN D 25 80.57 -51.99 6.31
CA ASN D 25 79.58 -52.95 6.75
C ASN D 25 80.28 -54.22 7.22
N PRO D 26 80.14 -54.60 8.49
CA PRO D 26 80.86 -55.78 9.01
C PRO D 26 80.14 -57.09 8.74
N GLY D 27 79.85 -57.34 7.46
CA GLY D 27 79.29 -58.62 7.04
C GLY D 27 77.96 -58.97 7.67
N LEU D 28 77.05 -57.99 7.76
CA LEU D 28 75.73 -58.23 8.33
C LEU D 28 74.66 -58.47 7.27
N ASP D 29 75.04 -58.58 6.01
CA ASP D 29 74.09 -58.77 4.93
C ASP D 29 73.75 -60.26 4.80
N ALA D 30 73.07 -60.61 3.70
CA ALA D 30 72.64 -61.96 3.35
C ALA D 30 71.59 -62.53 4.29
N ARG D 31 71.12 -61.76 5.27
CA ARG D 31 70.06 -62.20 6.16
C ARG D 31 68.67 -61.77 5.69
N ILE D 32 68.59 -61.03 4.58
CA ILE D 32 67.32 -60.62 3.99
C ILE D 32 66.73 -61.81 3.24
N PRO D 33 65.42 -61.85 2.98
CA PRO D 33 64.86 -62.93 2.15
C PRO D 33 65.37 -62.83 0.72
N SER D 34 66.14 -63.84 0.32
CA SER D 34 66.82 -63.86 -0.97
C SER D 34 65.95 -64.56 -2.02
N LEU D 35 66.56 -64.98 -3.13
CA LEU D 35 65.84 -65.59 -4.24
C LEU D 35 64.93 -66.72 -3.78
N ALA D 36 65.49 -67.72 -3.09
CA ALA D 36 64.70 -68.86 -2.67
C ALA D 36 63.64 -68.47 -1.64
N GLU D 37 64.01 -67.60 -0.70
CA GLU D 37 63.04 -67.13 0.29
C GLU D 37 61.92 -66.35 -0.37
N LEU D 38 62.26 -65.51 -1.36
CA LEU D 38 61.22 -64.76 -2.09
C LEU D 38 60.30 -65.71 -2.85
N GLU D 39 60.85 -66.75 -3.47
CA GLU D 39 60.03 -67.73 -4.17
C GLU D 39 59.09 -68.45 -3.20
N THR D 40 59.61 -68.85 -2.04
CA THR D 40 58.77 -69.52 -1.05
C THR D 40 57.68 -68.59 -0.53
N ILE D 41 58.00 -67.31 -0.33
CA ILE D 41 57.02 -66.35 0.14
C ILE D 41 55.92 -66.16 -0.90
N GLU D 42 56.30 -66.00 -2.17
CA GLU D 42 55.31 -65.81 -3.22
C GLU D 42 54.57 -67.09 -3.56
N GLN D 43 55.04 -68.25 -3.12
CA GLN D 43 54.38 -69.53 -3.38
C GLN D 43 53.93 -70.19 -2.08
N GLU D 44 53.66 -69.39 -1.05
CA GLU D 44 53.29 -69.96 0.24
C GLU D 44 51.88 -70.52 0.23
N GLU D 45 50.94 -69.82 -0.44
CA GLU D 45 49.52 -70.17 -0.40
C GLU D 45 49.01 -70.22 1.03
N ALA D 46 49.60 -69.43 1.91
CA ALA D 46 49.28 -69.42 3.33
C ALA D 46 48.40 -68.21 3.66
N SER D 47 48.20 -67.97 4.94
CA SER D 47 47.36 -66.88 5.45
C SER D 47 48.22 -65.90 6.24
N SER D 48 47.55 -64.95 6.90
CA SER D 48 48.14 -63.87 7.68
C SER D 48 48.80 -62.82 6.80
N ARG D 49 48.74 -62.95 5.48
CA ARG D 49 49.27 -61.95 4.54
C ARG D 49 48.14 -61.58 3.58
N PRO D 50 47.32 -60.60 3.95
CA PRO D 50 46.21 -60.21 3.07
C PRO D 50 46.72 -59.61 1.77
N LYS D 51 45.90 -59.75 0.73
CA LYS D 51 46.26 -59.27 -0.59
C LYS D 51 45.12 -58.40 -1.14
N TRP D 52 45.49 -57.43 -1.97
CA TRP D 52 44.51 -56.54 -2.57
C TRP D 52 43.69 -57.28 -3.61
N ASP D 53 42.45 -56.83 -3.79
CA ASP D 53 41.57 -57.44 -4.79
C ASP D 53 42.12 -57.25 -6.19
N ASN D 54 42.63 -56.05 -6.50
CA ASN D 54 43.14 -55.75 -7.83
C ASN D 54 44.07 -54.54 -7.73
N LYS D 55 44.80 -54.31 -8.82
CA LYS D 55 45.71 -53.17 -8.86
C LYS D 55 44.95 -51.85 -8.91
N ALA D 56 43.75 -51.83 -9.50
CA ALA D 56 42.97 -50.61 -9.56
C ALA D 56 42.55 -50.15 -8.16
N GLN D 57 42.10 -51.08 -7.32
CA GLN D 57 41.73 -50.72 -5.96
C GLN D 57 42.94 -50.25 -5.16
N TYR D 58 44.09 -50.90 -5.36
CA TYR D 58 45.31 -50.49 -4.67
C TYR D 58 45.72 -49.08 -5.07
N MET D 59 45.67 -48.79 -6.38
CA MET D 59 45.92 -47.43 -6.84
C MET D 59 44.93 -46.45 -6.22
N LEU D 60 43.65 -46.85 -6.14
CA LEU D 60 42.62 -45.96 -5.64
C LEU D 60 42.87 -45.59 -4.18
N THR D 61 43.15 -46.59 -3.33
CA THR D 61 43.40 -46.27 -1.92
C THR D 61 44.71 -45.52 -1.75
N CYS D 62 45.72 -45.85 -2.57
CA CYS D 62 46.98 -45.13 -2.53
C CYS D 62 46.78 -43.65 -2.79
N LEU D 63 46.09 -43.32 -3.91
CA LEU D 63 45.84 -41.93 -4.24
C LEU D 63 44.90 -41.27 -3.25
N GLY D 64 43.95 -42.03 -2.69
CA GLY D 64 43.05 -41.47 -1.70
C GLY D 64 43.78 -41.01 -0.46
N PHE D 65 44.66 -41.86 0.08
CA PHE D 65 45.47 -41.46 1.22
C PHE D 65 46.37 -40.28 0.85
N CYS D 66 47.00 -40.35 -0.32
CA CYS D 66 47.94 -39.31 -0.73
C CYS D 66 47.26 -37.95 -0.85
N VAL D 67 46.03 -37.92 -1.38
CA VAL D 67 45.36 -36.65 -1.57
C VAL D 67 44.66 -36.19 -0.29
N GLY D 68 44.21 -37.13 0.54
CA GLY D 68 43.58 -36.74 1.79
C GLY D 68 44.57 -36.13 2.77
N LEU D 69 45.79 -36.65 2.81
CA LEU D 69 46.75 -36.13 3.77
C LEU D 69 47.20 -34.71 3.43
N GLY D 70 47.14 -34.34 2.15
CA GLY D 70 47.64 -33.04 1.75
C GLY D 70 46.59 -31.95 1.60
N ASN D 71 45.51 -32.23 0.90
CA ASN D 71 44.53 -31.20 0.55
C ASN D 71 43.43 -31.08 1.59
N VAL D 72 43.85 -30.90 2.84
CA VAL D 72 42.91 -30.70 3.93
C VAL D 72 43.56 -29.75 4.94
N TRP D 73 43.25 -28.45 4.88
CA TRP D 73 43.76 -27.44 5.84
C TRP D 73 45.26 -27.15 5.73
N ARG D 74 46.02 -28.02 5.10
CA ARG D 74 47.45 -27.87 4.97
C ARG D 74 47.86 -27.16 3.67
N PHE D 75 47.46 -27.69 2.52
CA PHE D 75 47.86 -27.06 1.26
C PHE D 75 46.99 -25.85 0.92
N PRO D 76 45.65 -25.94 0.96
CA PRO D 76 44.86 -24.73 0.66
C PRO D 76 45.14 -23.58 1.62
N TYR D 77 45.41 -23.87 2.89
CA TYR D 77 45.71 -22.82 3.85
C TYR D 77 47.04 -22.15 3.52
N LEU D 78 48.08 -22.95 3.30
CA LEU D 78 49.40 -22.39 3.01
C LEU D 78 49.46 -21.72 1.65
N CYS D 79 48.57 -22.09 0.73
CA CYS D 79 48.56 -21.45 -0.59
C CYS D 79 48.18 -19.99 -0.48
N GLN D 80 47.20 -19.67 0.36
CA GLN D 80 46.76 -18.30 0.53
C GLN D 80 47.44 -17.58 1.68
N SER D 81 48.10 -18.31 2.59
CA SER D 81 48.87 -17.64 3.63
C SER D 81 50.05 -16.86 3.05
N HIS D 82 50.73 -17.43 2.06
CA HIS D 82 51.89 -16.79 1.45
C HIS D 82 51.55 -16.03 0.18
N GLY D 83 50.27 -15.96 -0.20
CA GLY D 83 49.84 -15.16 -1.32
C GLY D 83 49.61 -15.93 -2.60
N GLY D 84 50.06 -17.18 -2.70
CA GLY D 84 49.85 -17.95 -3.91
C GLY D 84 50.82 -17.56 -5.01
N GLY D 85 51.09 -18.48 -5.94
CA GLY D 85 52.04 -18.21 -6.99
C GLY D 85 53.47 -18.26 -6.48
N ALA D 86 53.78 -17.43 -5.49
CA ALA D 86 55.09 -17.45 -4.84
C ALA D 86 55.30 -18.72 -4.04
N PHE D 87 54.25 -19.50 -3.79
CA PHE D 87 54.34 -20.78 -3.11
C PHE D 87 54.09 -21.97 -4.02
N MET D 88 53.30 -21.79 -5.08
CA MET D 88 52.99 -22.91 -5.96
C MET D 88 54.20 -23.33 -6.80
N ILE D 89 54.97 -22.35 -7.30
CA ILE D 89 56.16 -22.68 -8.10
C ILE D 89 57.21 -23.41 -7.29
N PRO D 90 57.66 -22.92 -6.11
CA PRO D 90 58.62 -23.70 -5.32
C PRO D 90 58.09 -25.06 -4.93
N PHE D 91 56.81 -25.15 -4.58
CA PHE D 91 56.23 -26.44 -4.23
C PHE D 91 56.28 -27.40 -5.40
N LEU D 92 55.96 -26.92 -6.60
CA LEU D 92 55.97 -27.79 -7.78
C LEU D 92 57.37 -28.26 -8.10
N ILE D 93 58.35 -27.36 -8.09
CA ILE D 93 59.71 -27.78 -8.43
C ILE D 93 60.26 -28.73 -7.38
N LEU D 94 60.04 -28.44 -6.09
CA LEU D 94 60.52 -29.34 -5.05
C LEU D 94 59.82 -30.69 -5.12
N LEU D 95 58.52 -30.70 -5.44
CA LEU D 95 57.81 -31.95 -5.58
C LEU D 95 58.39 -32.78 -6.72
N VAL D 96 58.49 -32.18 -7.91
CA VAL D 96 58.93 -32.93 -9.09
C VAL D 96 60.39 -33.35 -8.98
N LEU D 97 61.18 -32.70 -8.13
CA LEU D 97 62.60 -33.06 -8.02
C LEU D 97 62.92 -33.83 -6.75
N GLU D 98 61.98 -33.95 -5.80
CA GLU D 98 62.22 -34.68 -4.57
C GLU D 98 61.27 -35.84 -4.34
N GLY D 99 59.96 -35.62 -4.49
CA GLY D 99 59.01 -36.62 -4.06
C GLY D 99 59.04 -37.90 -4.87
N ILE D 100 59.19 -37.77 -6.19
CA ILE D 100 59.20 -38.96 -7.06
C ILE D 100 60.31 -39.92 -6.69
N PRO D 101 61.57 -39.48 -6.49
CA PRO D 101 62.58 -40.44 -5.99
C PRO D 101 62.22 -41.05 -4.66
N LEU D 102 61.76 -40.24 -3.70
CA LEU D 102 61.40 -40.77 -2.39
C LEU D 102 60.23 -41.74 -2.50
N LEU D 103 59.23 -41.40 -3.31
CA LEU D 103 58.07 -42.28 -3.46
C LEU D 103 58.47 -43.60 -4.10
N TYR D 104 59.29 -43.56 -5.15
CA TYR D 104 59.71 -44.80 -5.78
C TYR D 104 60.55 -45.64 -4.83
N LEU D 105 61.43 -45.02 -4.06
CA LEU D 105 62.24 -45.79 -3.11
C LEU D 105 61.36 -46.42 -2.04
N GLU D 106 60.37 -45.66 -1.54
CA GLU D 106 59.47 -46.22 -0.53
C GLU D 106 58.67 -47.39 -1.08
N PHE D 107 58.24 -47.29 -2.34
CA PHE D 107 57.47 -48.38 -2.95
C PHE D 107 58.35 -49.60 -3.21
N ALA D 108 59.59 -49.38 -3.67
CA ALA D 108 60.45 -50.50 -4.03
C ALA D 108 61.08 -51.17 -2.80
N ILE D 109 61.26 -50.44 -1.70
CA ILE D 109 61.70 -51.07 -0.47
C ILE D 109 60.67 -52.08 0.00
N GLY D 110 59.39 -51.70 -0.04
CA GLY D 110 58.32 -52.66 0.08
C GLY D 110 58.18 -53.48 -1.19
N GLN D 111 57.25 -54.42 -1.15
CA GLN D 111 56.96 -55.36 -2.23
C GLN D 111 58.11 -56.35 -2.45
N ARG D 112 59.21 -56.20 -1.73
CA ARG D 112 60.33 -57.14 -1.77
C ARG D 112 60.57 -57.80 -0.42
N LEU D 113 60.70 -57.00 0.64
CA LEU D 113 60.86 -57.56 1.97
C LEU D 113 59.57 -58.16 2.50
N ARG D 114 58.43 -57.82 1.88
CA ARG D 114 57.13 -58.42 2.18
C ARG D 114 56.78 -58.31 3.67
N ARG D 115 56.92 -57.10 4.20
CA ARG D 115 56.65 -56.86 5.61
C ARG D 115 56.55 -55.36 5.86
N GLY D 116 56.14 -55.00 7.07
CA GLY D 116 55.86 -53.62 7.41
C GLY D 116 57.11 -52.78 7.60
N SER D 117 56.86 -51.50 7.92
CA SER D 117 57.96 -50.53 8.02
C SER D 117 58.92 -50.90 9.13
N LEU D 118 58.40 -51.18 10.34
CA LEU D 118 59.27 -51.61 11.43
C LEU D 118 60.02 -52.87 11.07
N GLY D 119 59.31 -53.86 10.50
CA GLY D 119 59.98 -55.08 10.08
C GLY D 119 61.01 -54.83 9.00
N VAL D 120 60.72 -53.92 8.06
CA VAL D 120 61.66 -53.63 6.98
C VAL D 120 62.94 -53.01 7.54
N TRP D 121 62.80 -52.01 8.40
CA TRP D 121 63.97 -51.33 8.96
C TRP D 121 64.68 -52.18 10.00
N SER D 122 64.05 -53.24 10.49
CA SER D 122 64.77 -54.21 11.31
C SER D 122 65.50 -55.25 10.45
N SER D 123 64.90 -55.64 9.33
CA SER D 123 65.50 -56.67 8.48
C SER D 123 66.69 -56.13 7.71
N ILE D 124 66.59 -54.92 7.18
CA ILE D 124 67.72 -54.34 6.43
C ILE D 124 68.93 -54.18 7.35
N HIS D 125 68.71 -53.66 8.56
CA HIS D 125 69.77 -53.41 9.50
C HIS D 125 69.17 -53.35 10.91
N PRO D 126 69.54 -54.28 11.82
CA PRO D 126 68.88 -54.16 13.12
C PRO D 126 69.57 -53.20 14.08
N ALA D 127 70.59 -52.49 13.63
CA ALA D 127 71.34 -51.59 14.49
C ALA D 127 70.49 -50.39 14.91
N LEU D 128 69.88 -49.72 13.93
CA LEU D 128 69.10 -48.52 14.24
C LEU D 128 67.70 -48.88 14.73
N LYS D 129 66.89 -49.49 13.86
CA LYS D 129 65.59 -50.07 14.23
C LYS D 129 64.60 -49.00 14.70
N GLY D 130 65.06 -47.76 14.84
CA GLY D 130 64.23 -46.69 15.36
C GLY D 130 63.34 -46.02 14.34
N LEU D 131 63.55 -46.29 13.06
CA LEU D 131 62.72 -45.67 12.03
C LEU D 131 61.26 -46.07 12.18
N GLY D 132 61.01 -47.36 12.43
CA GLY D 132 59.64 -47.82 12.54
C GLY D 132 58.91 -47.19 13.71
N LEU D 133 59.54 -47.15 14.87
CA LEU D 133 58.89 -46.57 16.04
C LEU D 133 58.78 -45.05 15.93
N ALA D 134 59.74 -44.39 15.28
CA ALA D 134 59.64 -42.96 15.05
C ALA D 134 58.46 -42.64 14.13
N SER D 135 58.30 -43.41 13.04
CA SER D 135 57.15 -43.23 12.17
C SER D 135 55.85 -43.53 12.90
N MET D 136 55.87 -44.56 13.76
CA MET D 136 54.72 -44.86 14.61
C MET D 136 54.33 -43.66 15.46
N LEU D 137 55.31 -43.06 16.14
CA LEU D 137 55.01 -41.94 17.03
C LEU D 137 54.52 -40.74 16.25
N THR D 138 55.15 -40.45 15.11
CA THR D 138 54.72 -39.31 14.30
C THR D 138 53.30 -39.50 13.78
N SER D 139 52.99 -40.70 13.28
CA SER D 139 51.64 -40.97 12.80
C SER D 139 50.63 -40.89 13.92
N PHE D 140 50.98 -41.35 15.11
CA PHE D 140 50.03 -41.28 16.22
C PHE D 140 49.79 -39.84 16.63
N MET D 141 50.84 -39.01 16.64
CA MET D 141 50.66 -37.56 16.84
C MET D 141 49.70 -36.97 15.83
N VAL D 142 49.96 -37.24 14.54
CA VAL D 142 49.17 -36.63 13.47
C VAL D 142 47.71 -37.06 13.58
N GLY D 143 47.47 -38.35 13.79
CA GLY D 143 46.11 -38.82 13.96
C GLY D 143 45.47 -38.32 15.25
N LEU D 144 46.28 -38.00 16.26
CA LEU D 144 45.74 -37.43 17.48
C LEU D 144 45.21 -36.03 17.25
N TYR D 145 45.99 -35.18 16.59
CA TYR D 145 45.46 -33.84 16.34
C TYR D 145 44.48 -33.84 15.18
N TYR D 146 44.68 -34.68 14.17
CA TYR D 146 43.66 -34.87 13.15
C TYR D 146 42.45 -35.56 13.76
N ASN D 147 41.37 -35.58 12.97
CA ASN D 147 40.03 -36.15 13.16
C ASN D 147 39.31 -35.40 14.28
N THR D 148 40.02 -34.47 14.93
CA THR D 148 39.36 -33.37 15.60
C THR D 148 38.90 -32.34 14.56
N ILE D 149 39.69 -32.21 13.50
CA ILE D 149 39.25 -31.36 12.42
C ILE D 149 38.02 -32.02 11.82
N ILE D 150 38.06 -33.35 11.68
CA ILE D 150 36.90 -34.06 11.15
C ILE D 150 35.70 -33.87 12.08
N SER D 151 35.94 -33.82 13.40
CA SER D 151 34.84 -33.57 14.32
C SER D 151 34.22 -32.20 14.09
N TRP D 152 35.07 -31.18 13.91
CA TRP D 152 34.55 -29.85 13.61
C TRP D 152 33.82 -29.82 12.27
N ILE D 153 34.35 -30.54 11.28
CA ILE D 153 33.71 -30.57 9.96
C ILE D 153 32.33 -31.19 10.05
N MET D 154 32.20 -32.30 10.76
CA MET D 154 30.89 -32.94 10.87
C MET D 154 29.94 -32.13 11.75
N TRP D 155 30.47 -31.41 12.74
CA TRP D 155 29.61 -30.50 13.50
C TRP D 155 29.07 -29.40 12.62
N TYR D 156 29.91 -28.82 11.76
CA TYR D 156 29.44 -27.81 10.82
C TYR D 156 28.48 -28.40 9.80
N LEU D 157 28.62 -29.69 9.50
CA LEU D 157 27.69 -30.34 8.57
C LEU D 157 26.35 -30.60 9.22
N PHE D 158 26.34 -30.90 10.53
CA PHE D 158 25.08 -31.14 11.23
C PHE D 158 24.20 -29.90 11.24
N ASN D 159 24.80 -28.73 11.48
CA ASN D 159 24.03 -27.49 11.58
C ASN D 159 23.49 -27.02 10.24
N SER D 160 23.86 -27.67 9.14
CA SER D 160 23.30 -27.38 7.83
C SER D 160 21.93 -28.05 7.73
N PHE D 161 21.40 -28.15 6.51
CA PHE D 161 20.10 -28.75 6.20
C PHE D 161 18.93 -27.87 6.61
N GLN D 162 19.18 -26.57 6.79
CA GLN D 162 18.13 -25.61 7.10
C GLN D 162 18.31 -24.37 6.23
N GLU D 163 17.19 -23.77 5.83
CA GLU D 163 17.25 -22.64 4.91
C GLU D 163 18.01 -21.44 5.50
N PRO D 164 17.69 -20.93 6.70
CA PRO D 164 18.56 -19.91 7.30
C PRO D 164 19.74 -20.57 8.02
N LEU D 165 20.92 -20.42 7.44
CA LEU D 165 22.10 -21.04 8.03
C LEU D 165 22.42 -20.36 9.36
N PRO D 166 22.87 -21.12 10.36
CA PRO D 166 23.07 -20.53 11.70
C PRO D 166 24.08 -19.40 11.73
N TRP D 167 25.10 -19.43 10.86
CA TRP D 167 26.12 -18.41 10.85
C TRP D 167 25.73 -17.20 9.99
N SER D 168 24.55 -17.22 9.38
CA SER D 168 24.15 -16.12 8.51
C SER D 168 23.69 -14.89 9.30
N ASP D 169 23.12 -15.09 10.49
CA ASP D 169 22.58 -13.99 11.27
C ASP D 169 23.02 -14.11 12.73
N CYS D 170 23.06 -12.97 13.42
CA CYS D 170 23.45 -12.89 14.81
C CYS D 170 22.27 -13.20 15.72
N PRO D 171 22.53 -13.67 16.94
CA PRO D 171 21.44 -13.88 17.91
C PRO D 171 21.12 -12.60 18.67
N LEU D 172 19.83 -12.39 18.90
CA LEU D 172 19.38 -11.20 19.60
C LEU D 172 19.75 -11.28 21.08
N ASN D 173 19.89 -10.11 21.69
CA ASN D 173 20.25 -10.02 23.11
C ASN D 173 18.98 -10.19 23.96
N GLU D 174 19.11 -9.95 25.27
CA GLU D 174 17.96 -10.04 26.16
C GLU D 174 17.00 -8.87 25.99
N ASN D 175 17.48 -7.73 25.46
CA ASN D 175 16.63 -6.57 25.25
C ASN D 175 15.69 -6.74 24.06
N GLN D 176 15.94 -7.72 23.18
CA GLN D 176 15.15 -7.98 21.99
C GLN D 176 15.11 -6.78 21.05
N THR D 177 16.09 -5.89 21.15
CA THR D 177 16.20 -4.73 20.27
C THR D 177 17.52 -4.66 19.53
N GLY D 178 18.63 -5.01 20.19
CA GLY D 178 19.93 -4.97 19.56
C GLY D 178 20.65 -6.30 19.72
N TYR D 179 21.67 -6.48 18.89
CA TYR D 179 22.43 -7.72 18.89
C TYR D 179 23.45 -7.73 20.03
N VAL D 180 24.07 -8.90 20.22
CA VAL D 180 25.11 -9.02 21.23
C VAL D 180 26.34 -8.22 20.80
N ASP D 181 27.08 -7.71 21.78
CA ASP D 181 28.25 -6.90 21.49
C ASP D 181 29.29 -7.69 20.71
N GLU D 182 29.54 -8.93 21.12
CA GLU D 182 30.50 -9.78 20.41
C GLU D 182 30.09 -9.99 18.96
N CYS D 183 28.81 -10.25 18.73
CA CYS D 183 28.31 -10.46 17.38
C CYS D 183 28.14 -9.17 16.59
N ALA D 184 28.18 -8.01 17.26
CA ALA D 184 28.01 -6.74 16.57
C ALA D 184 29.33 -6.13 16.16
N ARG D 185 30.35 -6.19 17.03
CA ARG D 185 31.66 -5.67 16.66
C ARG D 185 32.37 -6.55 15.65
N SER D 186 31.96 -7.81 15.52
CA SER D 186 32.53 -8.75 14.56
C SER D 186 31.42 -9.25 13.64
N SER D 187 31.79 -10.18 12.75
CA SER D 187 30.82 -10.75 11.83
C SER D 187 30.05 -11.88 12.51
N PRO D 188 28.86 -12.22 11.97
CA PRO D 188 28.14 -13.37 12.51
C PRO D 188 28.91 -14.68 12.39
N VAL D 189 29.73 -14.83 11.35
CA VAL D 189 30.46 -16.08 11.16
C VAL D 189 31.53 -16.26 12.22
N ASP D 190 32.26 -15.19 12.53
CA ASP D 190 33.26 -15.27 13.60
C ASP D 190 32.61 -15.56 14.93
N TYR D 191 31.39 -15.05 15.16
CA TYR D 191 30.69 -15.34 16.40
C TYR D 191 30.23 -16.80 16.45
N PHE D 192 29.72 -17.32 15.34
CA PHE D 192 29.26 -18.71 15.33
C PHE D 192 30.42 -19.68 15.44
N TRP D 193 31.61 -19.29 14.99
CA TRP D 193 32.77 -20.17 15.12
C TRP D 193 33.43 -20.04 16.50
N TYR D 194 33.86 -18.83 16.85
CA TYR D 194 34.65 -18.65 18.06
C TYR D 194 33.83 -18.81 19.33
N ARG D 195 32.53 -18.54 19.28
CA ARG D 195 31.70 -18.53 20.48
C ARG D 195 30.66 -19.65 20.50
N GLU D 196 29.82 -19.74 19.46
CA GLU D 196 28.74 -20.71 19.50
C GLU D 196 29.26 -22.14 19.41
N THR D 197 30.33 -22.36 18.64
CA THR D 197 30.88 -23.69 18.46
C THR D 197 32.11 -23.93 19.34
N LEU D 198 33.14 -23.09 19.20
CA LEU D 198 34.37 -23.31 19.95
C LEU D 198 34.18 -23.00 21.44
N ASN D 199 33.42 -21.96 21.76
CA ASN D 199 33.29 -21.45 23.13
C ASN D 199 34.68 -21.11 23.69
N ILE D 200 35.48 -20.43 22.87
CA ILE D 200 36.89 -20.23 23.19
C ILE D 200 37.05 -19.40 24.47
N SER D 201 38.20 -19.52 25.09
CA SER D 201 38.55 -18.81 26.32
C SER D 201 39.35 -17.56 25.97
N THR D 202 39.88 -16.90 27.01
CA THR D 202 40.66 -15.69 26.84
C THR D 202 42.16 -15.99 26.79
N SER D 203 42.64 -16.85 27.69
CA SER D 203 44.04 -17.19 27.79
C SER D 203 44.24 -18.67 27.46
N ILE D 204 45.49 -19.02 27.15
CA ILE D 204 45.81 -20.41 26.83
C ILE D 204 45.74 -21.28 28.08
N SER D 205 46.06 -20.71 29.25
CA SER D 205 46.08 -21.50 30.47
C SER D 205 44.68 -21.75 31.00
N ASP D 206 43.77 -20.80 30.80
CA ASP D 206 42.42 -20.92 31.34
C ASP D 206 41.70 -22.10 30.70
N SER D 207 41.03 -22.90 31.52
CA SER D 207 40.33 -24.09 31.06
C SER D 207 38.83 -23.86 31.13
N GLY D 208 38.08 -24.92 30.83
CA GLY D 208 36.63 -24.82 30.83
C GLY D 208 35.94 -26.16 31.01
N SER D 209 34.65 -26.20 30.71
CA SER D 209 33.88 -27.42 30.86
C SER D 209 34.24 -28.43 29.77
N ILE D 210 33.54 -29.55 29.77
CA ILE D 210 33.84 -30.60 28.79
C ILE D 210 33.29 -30.22 27.41
N GLN D 211 32.31 -29.33 27.36
CA GLN D 211 31.75 -28.84 26.10
C GLN D 211 31.16 -29.99 25.27
N TRP D 212 30.07 -30.55 25.80
CA TRP D 212 29.47 -31.75 25.23
C TRP D 212 29.15 -31.61 23.74
N TRP D 213 29.00 -30.37 23.23
CA TRP D 213 28.88 -30.18 21.78
C TRP D 213 29.98 -30.95 21.05
N MET D 214 31.23 -30.66 21.39
CA MET D 214 32.35 -31.28 20.71
C MET D 214 32.56 -32.73 21.13
N LEU D 215 32.20 -33.08 22.37
CA LEU D 215 32.26 -34.48 22.78
C LEU D 215 31.40 -35.37 21.89
N LEU D 216 30.18 -34.94 21.63
CA LEU D 216 29.25 -35.76 20.88
C LEU D 216 29.77 -36.02 19.47
N CYS D 217 30.25 -34.97 18.81
CA CYS D 217 30.77 -35.11 17.45
C CYS D 217 32.08 -35.88 17.42
N LEU D 218 32.96 -35.69 18.43
CA LEU D 218 34.20 -36.45 18.46
C LEU D 218 33.93 -37.93 18.63
N ALA D 219 32.98 -38.28 19.50
CA ALA D 219 32.59 -39.68 19.65
C ALA D 219 32.03 -40.23 18.35
N CYS D 220 31.20 -39.45 17.66
CA CYS D 220 30.67 -39.91 16.37
C CYS D 220 31.78 -40.14 15.36
N ALA D 221 32.75 -39.24 15.29
CA ALA D 221 33.85 -39.37 14.34
C ALA D 221 34.69 -40.61 14.63
N TRP D 222 35.04 -40.81 15.91
CA TRP D 222 35.83 -41.99 16.26
C TRP D 222 35.05 -43.26 15.97
N SER D 223 33.75 -43.26 16.25
CA SER D 223 32.93 -44.45 16.00
C SER D 223 32.89 -44.77 14.51
N VAL D 224 32.67 -43.76 13.66
CA VAL D 224 32.57 -44.04 12.22
C VAL D 224 33.91 -44.49 11.67
N LEU D 225 35.01 -43.89 12.14
CA LEU D 225 36.32 -44.34 11.70
C LEU D 225 36.58 -45.79 12.11
N TYR D 226 36.27 -46.12 13.36
CA TYR D 226 36.52 -47.47 13.84
C TYR D 226 35.67 -48.50 13.10
N MET D 227 34.41 -48.16 12.82
CA MET D 227 33.55 -49.09 12.09
C MET D 227 34.03 -49.26 10.65
N CYS D 228 34.50 -48.19 10.02
CA CYS D 228 34.82 -48.25 8.60
C CYS D 228 36.10 -49.01 8.31
N THR D 229 37.00 -49.16 9.29
CA THR D 229 38.29 -49.81 9.07
C THR D 229 38.55 -50.92 10.08
N ILE D 230 37.50 -51.55 10.62
CA ILE D 230 37.67 -52.51 11.70
C ILE D 230 38.47 -53.73 11.23
N ARG D 231 38.06 -54.33 10.12
CA ARG D 231 38.70 -55.56 9.64
C ARG D 231 39.77 -55.26 8.59
N GLY D 232 40.67 -54.34 8.90
CA GLY D 232 41.83 -54.08 8.08
C GLY D 232 41.47 -53.69 6.66
N ILE D 233 42.32 -54.13 5.72
CA ILE D 233 42.18 -53.71 4.34
C ILE D 233 41.00 -54.36 3.63
N GLU D 234 40.54 -55.53 4.09
CA GLU D 234 39.44 -56.21 3.42
C GLU D 234 38.16 -55.37 3.47
N THR D 235 38.02 -54.50 4.46
CA THR D 235 36.95 -53.52 4.49
C THR D 235 37.42 -52.10 4.16
N THR D 236 38.71 -51.81 4.35
CA THR D 236 39.24 -50.51 3.99
C THR D 236 39.13 -50.27 2.49
N GLY D 237 39.38 -51.30 1.68
CA GLY D 237 39.25 -51.15 0.24
C GLY D 237 37.84 -50.79 -0.18
N LYS D 238 36.85 -51.50 0.37
CA LYS D 238 35.46 -51.20 0.07
C LYS D 238 35.09 -49.79 0.53
N ALA D 239 35.59 -49.37 1.70
CA ALA D 239 35.29 -48.03 2.18
C ALA D 239 35.87 -46.97 1.26
N VAL D 240 37.16 -47.09 0.91
CA VAL D 240 37.78 -46.08 0.07
C VAL D 240 37.20 -46.10 -1.34
N TYR D 241 36.66 -47.23 -1.80
CA TYR D 241 36.08 -47.29 -3.14
C TYR D 241 35.02 -46.22 -3.35
N ILE D 242 34.31 -45.82 -2.29
CA ILE D 242 33.37 -44.73 -2.36
C ILE D 242 33.86 -43.48 -1.65
N THR D 243 34.82 -43.59 -0.73
CA THR D 243 35.31 -42.41 -0.04
C THR D 243 36.20 -41.55 -0.94
N SER D 244 37.03 -42.18 -1.77
CA SER D 244 38.03 -41.48 -2.56
C SER D 244 37.57 -41.22 -4.00
N THR D 245 36.27 -41.04 -4.20
CA THR D 245 35.74 -40.67 -5.51
C THR D 245 34.87 -39.42 -5.47
N LEU D 246 34.17 -39.16 -4.37
CA LEU D 246 33.41 -37.92 -4.26
C LEU D 246 34.26 -36.67 -4.37
N PRO D 247 35.43 -36.56 -3.68
CA PRO D 247 36.18 -35.30 -3.76
C PRO D 247 36.94 -35.17 -5.07
N TYR D 248 36.31 -35.55 -6.16
CA TYR D 248 36.67 -35.10 -7.50
C TYR D 248 35.46 -34.60 -8.26
N VAL D 249 34.32 -35.29 -8.16
CA VAL D 249 33.10 -34.79 -8.78
C VAL D 249 32.58 -33.57 -8.05
N VAL D 250 32.61 -33.61 -6.71
CA VAL D 250 32.19 -32.44 -5.93
C VAL D 250 33.12 -31.27 -6.19
N LEU D 251 34.42 -31.54 -6.26
CA LEU D 251 35.37 -30.48 -6.55
C LEU D 251 35.16 -29.88 -7.93
N THR D 252 34.88 -30.73 -8.92
CA THR D 252 34.64 -30.24 -10.28
C THR D 252 33.37 -29.39 -10.35
N ILE D 253 32.29 -29.84 -9.70
CA ILE D 253 31.06 -29.06 -9.75
C ILE D 253 31.23 -27.75 -9.00
N PHE D 254 31.99 -27.76 -7.90
CA PHE D 254 32.29 -26.51 -7.21
C PHE D 254 33.11 -25.57 -8.10
N LEU D 255 34.07 -26.12 -8.85
CA LEU D 255 34.88 -25.27 -9.73
C LEU D 255 34.01 -24.63 -10.80
N ILE D 256 33.14 -25.43 -11.43
CA ILE D 256 32.31 -24.86 -12.50
C ILE D 256 31.31 -23.86 -11.93
N ARG D 257 30.80 -24.08 -10.72
CA ARG D 257 29.89 -23.12 -10.11
C ARG D 257 30.61 -21.82 -9.77
N GLY D 258 31.77 -21.92 -9.13
CA GLY D 258 32.51 -20.76 -8.65
C GLY D 258 33.41 -20.10 -9.64
N LEU D 259 33.48 -20.58 -10.89
CA LEU D 259 34.26 -19.87 -11.89
C LEU D 259 33.51 -18.64 -12.38
N THR D 260 32.39 -18.86 -13.06
CA THR D 260 31.66 -17.79 -13.73
C THR D 260 30.47 -17.31 -12.88
N LEU D 261 30.76 -16.74 -11.70
CA LEU D 261 29.73 -16.01 -10.99
C LEU D 261 30.10 -14.53 -10.81
N LYS D 262 31.21 -14.22 -10.14
CA LYS D 262 31.73 -12.86 -10.11
C LYS D 262 33.24 -12.75 -10.22
N GLY D 263 34.00 -13.80 -9.88
CA GLY D 263 35.44 -13.69 -9.77
C GLY D 263 36.21 -14.35 -10.88
N ALA D 264 35.55 -14.56 -12.03
CA ALA D 264 36.24 -15.13 -13.18
C ALA D 264 37.36 -14.19 -13.63
N THR D 265 38.55 -14.76 -13.83
CA THR D 265 39.75 -14.02 -14.22
C THR D 265 40.02 -12.85 -13.27
N ASN D 266 39.57 -12.96 -12.03
CA ASN D 266 39.87 -11.97 -10.99
C ASN D 266 40.72 -12.55 -9.88
N GLY D 267 40.32 -13.67 -9.31
CA GLY D 267 41.13 -14.36 -8.33
C GLY D 267 42.16 -15.25 -9.00
N ILE D 268 41.76 -15.89 -10.10
CA ILE D 268 42.69 -16.74 -10.85
C ILE D 268 43.85 -15.93 -11.39
N VAL D 269 43.55 -14.75 -11.94
CA VAL D 269 44.61 -13.88 -12.45
C VAL D 269 45.54 -13.44 -11.33
N PHE D 270 44.99 -13.19 -10.14
CA PHE D 270 45.83 -12.88 -8.99
C PHE D 270 46.73 -14.05 -8.63
N LEU D 271 46.19 -15.27 -8.70
CA LEU D 271 47.01 -16.45 -8.40
C LEU D 271 48.12 -16.63 -9.43
N PHE D 272 47.84 -16.35 -10.70
CA PHE D 272 48.80 -16.63 -11.76
C PHE D 272 49.92 -15.60 -11.86
N THR D 273 49.86 -14.52 -11.10
CA THR D 273 50.98 -13.58 -11.05
C THR D 273 51.74 -13.75 -9.75
N PRO D 274 52.97 -14.26 -9.77
CA PRO D 274 53.73 -14.45 -8.53
C PRO D 274 54.13 -13.11 -7.92
N ASN D 275 54.64 -13.20 -6.70
CA ASN D 275 55.22 -12.06 -5.98
C ASN D 275 56.72 -12.26 -5.91
N VAL D 276 57.48 -11.32 -6.47
CA VAL D 276 58.93 -11.46 -6.53
C VAL D 276 59.55 -11.33 -5.14
N THR D 277 59.03 -10.42 -4.33
CA THR D 277 59.59 -10.21 -3.00
C THR D 277 59.42 -11.45 -2.12
N GLU D 278 58.26 -12.10 -2.19
CA GLU D 278 57.98 -13.23 -1.31
C GLU D 278 58.96 -14.38 -1.55
N LEU D 279 59.38 -14.58 -2.80
CA LEU D 279 60.36 -15.62 -3.09
C LEU D 279 61.69 -15.37 -2.38
N ALA D 280 62.00 -14.11 -2.05
CA ALA D 280 63.24 -13.82 -1.35
C ALA D 280 63.25 -14.44 0.05
N GLN D 281 62.11 -14.41 0.73
CA GLN D 281 62.03 -14.95 2.08
C GLN D 281 62.25 -16.47 2.07
N PRO D 282 62.93 -17.02 3.08
CA PRO D 282 63.21 -18.46 3.08
C PRO D 282 62.14 -19.33 3.70
N ASP D 283 61.14 -18.75 4.37
CA ASP D 283 60.08 -19.56 4.97
C ASP D 283 59.26 -20.29 3.91
N THR D 284 59.19 -19.73 2.70
CA THR D 284 58.52 -20.42 1.61
C THR D 284 59.21 -21.75 1.29
N TRP D 285 60.53 -21.78 1.36
CA TRP D 285 61.26 -23.02 1.16
C TRP D 285 60.85 -24.07 2.19
N LEU D 286 60.77 -23.64 3.46
CA LEU D 286 60.44 -24.58 4.53
C LEU D 286 59.02 -25.11 4.38
N ASP D 287 58.05 -24.23 4.14
CA ASP D 287 56.68 -24.71 4.04
C ASP D 287 56.47 -25.53 2.78
N ALA D 288 57.17 -25.20 1.69
CA ALA D 288 57.10 -26.03 0.48
C ALA D 288 57.65 -27.42 0.73
N GLY D 289 58.77 -27.53 1.43
CA GLY D 289 59.32 -28.84 1.75
C GLY D 289 58.39 -29.65 2.66
N ALA D 290 57.86 -29.00 3.69
CA ALA D 290 56.93 -29.69 4.59
C ALA D 290 55.69 -30.15 3.86
N GLN D 291 55.17 -29.32 2.95
CA GLN D 291 53.98 -29.71 2.20
C GLN D 291 54.30 -30.79 1.17
N VAL D 292 55.53 -30.82 0.65
CA VAL D 292 55.94 -31.92 -0.23
C VAL D 292 55.94 -33.23 0.55
N PHE D 293 56.45 -33.19 1.78
CA PHE D 293 56.44 -34.40 2.61
C PHE D 293 55.02 -34.82 2.96
N PHE D 294 54.17 -33.86 3.32
CA PHE D 294 52.80 -34.20 3.74
C PHE D 294 51.96 -34.69 2.58
N SER D 295 52.04 -34.01 1.44
CA SER D 295 51.16 -34.33 0.31
C SER D 295 51.46 -35.72 -0.25
N PHE D 296 52.72 -36.13 -0.24
CA PHE D 296 53.10 -37.45 -0.74
C PHE D 296 53.09 -38.51 0.36
N SER D 297 52.70 -38.14 1.58
CA SER D 297 52.54 -39.09 2.69
C SER D 297 53.84 -39.83 3.00
N LEU D 298 54.97 -39.20 2.74
CA LEU D 298 56.25 -39.78 3.08
C LEU D 298 56.52 -39.62 4.57
N ALA D 299 57.52 -40.37 5.06
CA ALA D 299 58.01 -40.37 6.44
C ALA D 299 57.06 -41.05 7.41
N PHE D 300 55.87 -41.46 6.98
CA PHE D 300 54.99 -42.27 7.81
C PHE D 300 55.18 -43.74 7.44
N GLY D 301 54.53 -44.61 8.21
CA GLY D 301 54.54 -46.02 7.86
C GLY D 301 53.81 -46.23 6.55
N GLY D 302 52.50 -46.06 6.57
CA GLY D 302 51.71 -45.84 5.37
C GLY D 302 52.00 -46.69 4.16
N LEU D 303 52.55 -46.06 3.13
CA LEU D 303 52.63 -46.67 1.81
C LEU D 303 53.47 -47.94 1.82
N ILE D 304 54.45 -48.04 2.71
CA ILE D 304 55.24 -49.27 2.82
C ILE D 304 54.32 -50.45 3.11
N SER D 305 53.43 -50.28 4.08
CA SER D 305 52.43 -51.32 4.34
C SER D 305 51.55 -51.55 3.11
N PHE D 306 51.24 -50.48 2.38
CA PHE D 306 50.57 -50.64 1.10
C PHE D 306 51.45 -51.40 0.12
N SER D 307 52.75 -51.07 0.07
CA SER D 307 53.63 -51.60 -0.96
C SER D 307 53.94 -53.07 -0.72
N SER D 308 54.26 -53.43 0.53
CA SER D 308 54.64 -54.81 0.82
C SER D 308 53.40 -55.66 1.08
N TYR D 309 52.41 -55.56 0.20
CA TYR D 309 51.19 -56.33 0.29
C TYR D 309 50.76 -56.91 -1.05
N ASN D 310 51.51 -56.68 -2.12
CA ASN D 310 51.15 -57.06 -3.47
C ASN D 310 52.02 -58.23 -3.93
N SER D 311 51.88 -58.60 -5.20
CA SER D 311 52.65 -59.67 -5.79
C SER D 311 54.08 -59.19 -6.08
N VAL D 312 54.87 -60.03 -6.73
CA VAL D 312 56.27 -59.71 -7.01
C VAL D 312 56.50 -59.26 -8.44
N HIS D 313 55.46 -59.22 -9.26
CA HIS D 313 55.57 -58.87 -10.67
C HIS D 313 54.72 -57.66 -11.03
N ASN D 314 54.79 -56.63 -10.19
CA ASN D 314 54.05 -55.39 -10.41
C ASN D 314 55.00 -54.28 -10.85
N ASN D 315 54.55 -53.48 -11.81
CA ASN D 315 55.35 -52.38 -12.35
C ASN D 315 55.13 -51.14 -11.49
N CYS D 316 56.13 -50.80 -10.68
CA CYS D 316 56.02 -49.62 -9.83
C CYS D 316 56.16 -48.32 -10.61
N GLU D 317 56.61 -48.40 -11.86
CA GLU D 317 56.71 -47.20 -12.69
C GLU D 317 55.34 -46.54 -12.89
N LYS D 318 54.35 -47.34 -13.28
CA LYS D 318 53.00 -46.82 -13.46
C LYS D 318 52.46 -46.25 -12.16
N ASP D 319 52.63 -47.00 -11.06
CA ASP D 319 52.31 -46.50 -9.73
C ASP D 319 52.82 -45.08 -9.53
N SER D 320 54.14 -44.90 -9.63
CA SER D 320 54.75 -43.62 -9.31
C SER D 320 54.23 -42.52 -10.23
N VAL D 321 54.20 -42.78 -11.54
CA VAL D 321 53.86 -41.70 -12.47
C VAL D 321 52.41 -41.28 -12.29
N ILE D 322 51.48 -42.24 -12.20
CA ILE D 322 50.08 -41.89 -12.04
C ILE D 322 49.84 -41.19 -10.71
N VAL D 323 50.48 -41.66 -9.64
CA VAL D 323 50.28 -41.03 -8.34
C VAL D 323 50.76 -39.58 -8.38
N SER D 324 51.96 -39.35 -8.93
CA SER D 324 52.49 -37.99 -8.97
C SER D 324 51.63 -37.08 -9.85
N ILE D 325 51.21 -37.57 -11.01
CA ILE D 325 50.42 -36.75 -11.93
C ILE D 325 49.08 -36.38 -11.30
N ILE D 326 48.41 -37.37 -10.69
CA ILE D 326 47.14 -37.11 -10.04
C ILE D 326 47.30 -36.10 -8.91
N ASN D 327 48.36 -36.27 -8.11
CA ASN D 327 48.59 -35.34 -7.00
C ASN D 327 48.79 -33.92 -7.50
N GLY D 328 49.64 -33.74 -8.51
CA GLY D 328 49.87 -32.39 -9.04
C GLY D 328 48.63 -31.76 -9.62
N PHE D 329 47.87 -32.53 -10.40
CA PHE D 329 46.66 -32.00 -11.00
C PHE D 329 45.65 -31.60 -9.93
N THR D 330 45.50 -32.42 -8.89
CA THR D 330 44.56 -32.08 -7.82
C THR D 330 45.01 -30.84 -7.06
N SER D 331 46.32 -30.70 -6.86
CA SER D 331 46.84 -29.49 -6.20
C SER D 331 46.50 -28.24 -7.00
N VAL D 332 46.72 -28.29 -8.31
CA VAL D 332 46.37 -27.15 -9.15
C VAL D 332 44.88 -26.87 -9.07
N TYR D 333 44.07 -27.93 -9.11
CA TYR D 333 42.61 -27.78 -9.11
C TYR D 333 42.14 -27.08 -7.83
N VAL D 334 42.61 -27.56 -6.68
CA VAL D 334 42.17 -26.95 -5.42
C VAL D 334 42.67 -25.53 -5.30
N ALA D 335 43.89 -25.25 -5.80
CA ALA D 335 44.39 -23.89 -5.74
C ALA D 335 43.49 -22.93 -6.53
N ILE D 336 43.12 -23.31 -7.75
CA ILE D 336 42.30 -22.41 -8.55
C ILE D 336 40.91 -22.25 -7.96
N VAL D 337 40.34 -23.32 -7.39
CA VAL D 337 39.01 -23.20 -6.78
C VAL D 337 39.06 -22.26 -5.58
N VAL D 338 40.06 -22.44 -4.71
CA VAL D 338 40.19 -21.60 -3.52
C VAL D 338 40.34 -20.14 -3.93
N TYR D 339 41.18 -19.86 -4.92
CA TYR D 339 41.39 -18.47 -5.28
C TYR D 339 40.21 -17.88 -6.04
N SER D 340 39.43 -18.71 -6.74
CA SER D 340 38.18 -18.23 -7.31
C SER D 340 37.24 -17.73 -6.23
N VAL D 341 37.06 -18.53 -5.17
CA VAL D 341 36.18 -18.10 -4.08
C VAL D 341 36.73 -16.85 -3.40
N ILE D 342 38.04 -16.80 -3.18
CA ILE D 342 38.65 -15.64 -2.54
C ILE D 342 38.41 -14.38 -3.36
N GLY D 343 38.61 -14.47 -4.68
CA GLY D 343 38.39 -13.30 -5.53
C GLY D 343 36.95 -12.85 -5.54
N PHE D 344 36.01 -13.80 -5.58
CA PHE D 344 34.60 -13.43 -5.53
C PHE D 344 34.27 -12.68 -4.24
N ARG D 345 34.75 -13.19 -3.10
CA ARG D 345 34.51 -12.51 -1.84
C ARG D 345 35.13 -11.12 -1.82
N ALA D 346 36.37 -10.99 -2.32
CA ALA D 346 37.05 -9.71 -2.28
C ALA D 346 36.32 -8.67 -3.14
N THR D 347 35.85 -9.08 -4.33
CA THR D 347 35.13 -8.12 -5.17
C THR D 347 33.79 -7.74 -4.55
N GLN D 348 33.13 -8.68 -3.85
CA GLN D 348 31.89 -8.31 -3.18
C GLN D 348 32.13 -7.29 -2.07
N ARG D 349 33.19 -7.48 -1.28
CA ARG D 349 33.49 -6.53 -0.23
C ARG D 349 33.86 -5.16 -0.80
N TYR D 350 34.61 -5.14 -1.90
CA TYR D 350 34.96 -3.89 -2.55
C TYR D 350 33.72 -3.15 -3.04
N ASP D 351 32.80 -3.87 -3.67
CA ASP D 351 31.56 -3.23 -4.13
C ASP D 351 30.76 -2.67 -2.96
N ASP D 352 30.68 -3.42 -1.86
CA ASP D 352 29.94 -2.94 -0.70
C ASP D 352 30.55 -1.67 -0.13
N CYS D 353 31.88 -1.62 -0.02
CA CYS D 353 32.52 -0.41 0.50
C CYS D 353 32.29 0.78 -0.42
N PHE D 354 32.39 0.58 -1.73
CA PHE D 354 32.16 1.68 -2.65
C PHE D 354 30.73 2.19 -2.56
N SER D 355 29.76 1.27 -2.46
CA SER D 355 28.37 1.68 -2.32
C SER D 355 28.15 2.47 -1.03
N THR D 356 28.81 2.04 0.05
CA THR D 356 28.71 2.79 1.31
C THR D 356 29.27 4.20 1.17
N ASN D 357 30.39 4.35 0.47
CA ASN D 357 30.96 5.68 0.25
C ASN D 357 30.01 6.56 -0.56
N ILE D 358 29.44 6.00 -1.62
CA ILE D 358 28.50 6.76 -2.45
C ILE D 358 27.29 7.18 -1.63
N LEU D 359 26.77 6.28 -0.80
CA LEU D 359 25.63 6.60 0.03
C LEU D 359 25.97 7.71 1.03
N THR D 360 27.17 7.67 1.61
CA THR D 360 27.57 8.70 2.54
C THR D 360 27.61 10.07 1.87
N LEU D 361 28.19 10.13 0.67
CA LEU D 361 28.22 11.42 -0.04
C LEU D 361 26.81 11.91 -0.37
N ILE D 362 25.97 11.00 -0.88
CA ILE D 362 24.62 11.39 -1.29
C ILE D 362 23.82 11.90 -0.10
N ASN D 363 23.90 11.21 1.03
CA ASN D 363 23.21 11.67 2.24
C ASN D 363 23.77 12.99 2.71
N GLY D 364 25.09 13.17 2.62
CA GLY D 364 25.70 14.39 3.12
C GLY D 364 25.30 15.62 2.35
N PHE D 365 25.24 15.52 1.02
CA PHE D 365 25.01 16.69 0.19
C PHE D 365 23.66 16.70 -0.52
N ASP D 366 22.80 15.72 -0.25
CA ASP D 366 21.43 15.67 -0.76
C ASP D 366 21.39 15.82 -2.27
N LEU D 367 22.04 14.89 -2.95
CA LEU D 367 22.02 14.83 -4.41
C LEU D 367 21.00 13.79 -4.86
N PRO D 368 20.56 13.86 -6.12
CA PRO D 368 19.67 12.81 -6.64
C PRO D 368 20.34 11.45 -6.56
N GLU D 369 19.50 10.42 -6.36
CA GLU D 369 20.04 9.09 -6.09
C GLU D 369 20.83 8.55 -7.28
N GLY D 370 20.34 8.77 -8.49
CA GLY D 370 20.98 8.23 -9.67
C GLY D 370 22.13 9.01 -10.24
N ASN D 371 22.51 10.14 -9.62
CA ASN D 371 23.57 10.97 -10.17
C ASN D 371 24.94 10.34 -9.96
N VAL D 372 25.29 10.06 -8.71
CA VAL D 372 26.62 9.53 -8.39
C VAL D 372 26.64 8.03 -8.65
N THR D 373 27.65 7.58 -9.40
CA THR D 373 27.79 6.17 -9.73
C THR D 373 29.20 5.68 -9.45
N GLN D 374 29.51 4.47 -9.93
CA GLN D 374 30.79 3.84 -9.64
C GLN D 374 31.95 4.66 -10.21
N GLU D 375 31.81 5.17 -11.44
CA GLU D 375 32.95 5.75 -12.16
C GLU D 375 33.02 7.27 -12.09
N ASN D 376 31.90 7.97 -11.91
CA ASN D 376 31.90 9.42 -11.83
C ASN D 376 31.89 9.92 -10.39
N PHE D 377 32.37 9.09 -9.45
CA PHE D 377 32.29 9.45 -8.05
C PHE D 377 33.34 10.49 -7.67
N VAL D 378 34.54 10.40 -8.23
CA VAL D 378 35.64 11.28 -7.82
C VAL D 378 35.36 12.72 -8.23
N ASP D 379 34.92 12.93 -9.48
CA ASP D 379 34.68 14.28 -9.95
C ASP D 379 33.55 14.96 -9.18
N MET D 380 32.46 14.23 -8.93
CA MET D 380 31.37 14.80 -8.15
C MET D 380 31.76 15.02 -6.70
N GLN D 381 32.62 14.15 -6.16
CA GLN D 381 33.15 14.38 -4.82
C GLN D 381 33.94 15.68 -4.75
N GLN D 382 34.82 15.91 -5.74
CA GLN D 382 35.59 17.14 -5.78
C GLN D 382 34.68 18.36 -5.96
N ARG D 383 33.67 18.24 -6.82
CA ARG D 383 32.76 19.35 -7.06
C ARG D 383 31.97 19.70 -5.79
N CYS D 384 31.47 18.68 -5.08
CA CYS D 384 30.74 18.93 -3.85
C CYS D 384 31.64 19.54 -2.78
N ASN D 385 32.89 19.07 -2.69
CA ASN D 385 33.82 19.67 -1.74
C ASN D 385 34.09 21.13 -2.08
N ALA D 386 34.25 21.44 -3.36
CA ALA D 386 34.51 22.82 -3.77
C ALA D 386 33.31 23.71 -3.50
N SER D 387 32.09 23.22 -3.75
CA SER D 387 30.91 24.06 -3.65
C SER D 387 30.67 24.52 -2.22
N ASP D 388 30.64 23.60 -1.27
CA ASP D 388 30.26 23.88 0.12
C ASP D 388 31.32 23.32 1.06
N PRO D 389 32.43 24.05 1.26
CA PRO D 389 33.43 23.61 2.23
C PRO D 389 32.91 23.73 3.66
N ALA D 390 33.67 23.18 4.61
CA ALA D 390 33.35 23.12 6.04
C ALA D 390 32.19 22.19 6.33
N ALA D 391 31.55 21.63 5.32
CA ALA D 391 30.58 20.55 5.47
C ALA D 391 31.06 19.24 4.86
N TYR D 392 31.89 19.31 3.81
CA TYR D 392 32.55 18.12 3.30
C TYR D 392 33.50 17.54 4.34
N ALA D 393 34.19 18.39 5.09
CA ALA D 393 35.15 17.92 6.08
C ALA D 393 34.48 17.14 7.21
N GLN D 394 33.19 17.37 7.44
CA GLN D 394 32.48 16.61 8.47
C GLN D 394 32.22 15.17 8.06
N LEU D 395 32.36 14.86 6.78
CA LEU D 395 32.15 13.49 6.30
C LEU D 395 33.39 12.65 6.55
N VAL D 396 33.19 11.44 7.06
CA VAL D 396 34.28 10.50 7.31
C VAL D 396 34.26 9.48 6.18
N PHE D 397 35.22 9.58 5.28
CA PHE D 397 35.32 8.70 4.13
C PHE D 397 36.27 7.55 4.43
N GLN D 398 36.15 6.48 3.66
CA GLN D 398 37.02 5.32 3.77
C GLN D 398 37.50 4.91 2.39
N THR D 399 38.69 4.32 2.34
CA THR D 399 39.33 3.93 1.10
C THR D 399 39.28 2.41 0.95
N CYS D 400 39.00 1.96 -0.27
CA CYS D 400 38.96 0.53 -0.56
C CYS D 400 39.31 0.30 -2.03
N ASP D 401 40.24 -0.61 -2.28
CA ASP D 401 40.67 -0.93 -3.63
C ASP D 401 41.07 -2.40 -3.69
N ILE D 402 40.79 -3.04 -4.82
CA ILE D 402 41.24 -4.40 -5.04
C ILE D 402 42.75 -4.45 -4.91
N ASN D 403 43.27 -5.62 -4.55
CA ASN D 403 44.66 -5.93 -4.16
C ASN D 403 44.92 -5.54 -2.72
N ALA D 404 43.94 -4.95 -2.03
CA ALA D 404 43.99 -4.79 -0.58
C ALA D 404 43.07 -5.76 0.15
N PHE D 405 41.90 -6.06 -0.42
CA PHE D 405 41.07 -7.14 0.08
C PHE D 405 41.61 -8.50 -0.37
N LEU D 406 42.18 -8.57 -1.57
CA LEU D 406 42.71 -9.83 -2.07
C LEU D 406 43.97 -10.24 -1.31
N SER D 407 44.82 -9.28 -0.94
CA SER D 407 46.04 -9.60 -0.22
C SER D 407 45.78 -10.01 1.22
N GLU D 408 44.59 -9.74 1.75
CA GLU D 408 44.28 -10.08 3.13
C GLU D 408 44.24 -11.60 3.29
N ALA D 409 44.87 -12.09 4.35
CA ALA D 409 44.97 -13.51 4.62
C ALA D 409 44.35 -13.83 5.97
N VAL D 410 43.72 -15.00 6.06
CA VAL D 410 43.11 -15.49 7.30
C VAL D 410 43.98 -16.59 7.87
N GLU D 411 44.30 -16.49 9.15
CA GLU D 411 45.18 -17.44 9.81
C GLU D 411 44.38 -18.56 10.47
N GLY D 412 45.09 -19.59 10.92
CA GLY D 412 44.43 -20.71 11.57
C GLY D 412 43.61 -21.53 10.58
N THR D 413 42.51 -22.08 11.09
CA THR D 413 41.60 -22.89 10.31
C THR D 413 40.43 -22.10 9.77
N GLY D 414 40.62 -20.81 9.49
CA GLY D 414 39.55 -19.95 9.05
C GLY D 414 39.21 -20.03 7.57
N LEU D 415 40.07 -20.64 6.75
CA LEU D 415 39.81 -20.68 5.31
C LEU D 415 38.55 -21.46 4.99
N ALA D 416 38.18 -22.44 5.82
CA ALA D 416 37.00 -23.25 5.57
C ALA D 416 35.83 -22.89 6.47
N PHE D 417 36.09 -22.35 7.65
CA PHE D 417 35.03 -22.01 8.59
C PHE D 417 34.65 -20.53 8.56
N ILE D 418 35.59 -19.64 8.23
CA ILE D 418 35.35 -18.21 8.27
C ILE D 418 35.06 -17.65 6.88
N VAL D 419 35.82 -18.06 5.88
CA VAL D 419 35.74 -17.47 4.54
C VAL D 419 34.71 -18.18 3.67
N PHE D 420 34.89 -19.48 3.48
CA PHE D 420 34.02 -20.22 2.58
C PHE D 420 32.58 -20.23 3.06
N THR D 421 32.36 -20.17 4.38
CA THR D 421 31.00 -20.18 4.90
C THR D 421 30.23 -18.94 4.46
N GLU D 422 30.80 -17.76 4.65
CA GLU D 422 30.12 -16.55 4.24
C GLU D 422 30.04 -16.46 2.72
N ALA D 423 31.09 -16.90 2.02
CA ALA D 423 31.02 -16.93 0.56
C ALA D 423 29.87 -17.80 0.08
N ILE D 424 29.60 -18.90 0.77
CA ILE D 424 28.47 -19.76 0.43
C ILE D 424 27.15 -19.07 0.75
N THR D 425 27.08 -18.41 1.92
CA THR D 425 25.84 -17.73 2.29
C THR D 425 25.47 -16.65 1.28
N LYS D 426 26.46 -15.98 0.70
CA LYS D 426 26.17 -15.00 -0.34
C LYS D 426 25.53 -15.63 -1.56
N MET D 427 25.84 -16.89 -1.84
CA MET D 427 25.30 -17.57 -3.01
C MET D 427 23.82 -17.88 -2.81
N PRO D 428 23.09 -18.12 -3.90
CA PRO D 428 21.62 -18.28 -3.80
C PRO D 428 21.18 -19.49 -2.98
N LEU D 429 21.61 -20.67 -3.36
CA LEU D 429 21.19 -21.91 -2.70
C LEU D 429 22.25 -22.38 -1.69
N SER D 430 22.43 -21.58 -0.66
CA SER D 430 23.53 -21.80 0.28
C SER D 430 23.55 -23.18 0.93
N PRO D 431 22.43 -23.72 1.46
CA PRO D 431 22.54 -25.00 2.18
C PRO D 431 23.05 -26.15 1.32
N LEU D 432 22.67 -26.18 0.04
CA LEU D 432 23.10 -27.28 -0.82
C LEU D 432 24.62 -27.29 -0.98
N TRP D 433 25.20 -26.14 -1.34
CA TRP D 433 26.64 -26.08 -1.50
C TRP D 433 27.36 -26.25 -0.18
N SER D 434 26.75 -25.81 0.93
CA SER D 434 27.35 -26.08 2.24
C SER D 434 27.46 -27.57 2.49
N VAL D 435 26.37 -28.31 2.24
CA VAL D 435 26.38 -29.76 2.44
C VAL D 435 27.42 -30.42 1.54
N LEU D 436 27.47 -30.00 0.26
CA LEU D 436 28.43 -30.58 -0.66
C LEU D 436 29.87 -30.34 -0.20
N PHE D 437 30.17 -29.10 0.19
CA PHE D 437 31.52 -28.75 0.61
C PHE D 437 31.94 -29.54 1.83
N PHE D 438 31.06 -29.62 2.83
CA PHE D 438 31.46 -30.32 4.04
C PHE D 438 31.49 -31.83 3.85
N ILE D 439 30.68 -32.37 2.94
CA ILE D 439 30.77 -33.79 2.61
C ILE D 439 32.13 -34.09 1.96
N MET D 440 32.57 -33.27 1.01
CA MET D 440 33.89 -33.45 0.42
C MET D 440 34.91 -33.41 1.52
N LEU D 441 34.93 -32.37 2.31
CA LEU D 441 35.96 -32.25 3.33
C LEU D 441 35.97 -33.47 4.25
N PHE D 442 34.79 -33.97 4.60
CA PHE D 442 34.69 -35.17 5.42
C PHE D 442 35.33 -36.36 4.73
N CYS D 443 35.06 -36.53 3.43
CA CYS D 443 35.64 -37.65 2.69
C CYS D 443 37.16 -37.57 2.64
N LEU D 444 37.70 -36.37 2.37
CA LEU D 444 39.15 -36.22 2.34
C LEU D 444 39.78 -36.53 3.70
N GLY D 445 39.17 -36.00 4.78
CA GLY D 445 39.69 -36.31 6.11
C GLY D 445 39.61 -37.78 6.44
N LEU D 446 38.54 -38.44 5.99
CA LEU D 446 38.38 -39.87 6.24
C LEU D 446 39.47 -40.68 5.53
N SER D 447 39.78 -40.31 4.28
CA SER D 447 40.88 -40.99 3.58
C SER D 447 42.19 -40.79 4.32
N SER D 448 42.47 -39.56 4.74
CA SER D 448 43.69 -39.31 5.52
C SER D 448 43.74 -40.18 6.76
N MET D 449 42.62 -40.25 7.50
CA MET D 449 42.60 -41.01 8.74
C MET D 449 42.74 -42.50 8.48
N PHE D 450 42.18 -43.01 7.38
CA PHE D 450 42.41 -44.40 7.01
C PHE D 450 43.89 -44.68 6.83
N GLY D 451 44.57 -43.79 6.10
CA GLY D 451 46.00 -43.98 5.89
C GLY D 451 46.78 -43.97 7.20
N ASN D 452 46.52 -42.98 8.05
CA ASN D 452 47.24 -42.92 9.32
C ASN D 452 46.95 -44.15 10.17
N MET D 453 45.68 -44.56 10.25
CA MET D 453 45.30 -45.68 11.10
C MET D 453 45.94 -46.98 10.62
N GLU D 454 46.03 -47.18 9.31
CA GLU D 454 46.79 -48.33 8.83
C GLU D 454 48.25 -48.22 9.22
N GLY D 455 48.79 -46.99 9.19
CA GLY D 455 50.12 -46.79 9.75
C GLY D 455 50.19 -47.02 11.25
N VAL D 456 49.05 -47.08 11.93
CA VAL D 456 48.98 -47.42 13.34
C VAL D 456 48.75 -48.92 13.45
N VAL D 457 49.11 -49.47 14.61
CA VAL D 457 48.78 -50.84 15.01
C VAL D 457 49.67 -51.85 14.29
N VAL D 458 49.87 -51.65 12.98
CA VAL D 458 50.71 -52.57 12.22
C VAL D 458 52.10 -52.71 12.83
N PRO D 459 52.82 -51.63 13.16
CA PRO D 459 54.07 -51.82 13.91
C PRO D 459 53.86 -52.47 15.27
N LEU D 460 52.75 -52.13 15.94
CA LEU D 460 52.48 -52.72 17.25
C LEU D 460 52.24 -54.22 17.15
N GLN D 461 51.49 -54.65 16.12
CA GLN D 461 51.30 -56.07 15.89
C GLN D 461 52.62 -56.73 15.47
N ASP D 462 53.45 -56.01 14.71
CA ASP D 462 54.72 -56.55 14.27
C ASP D 462 55.65 -56.83 15.44
N LEU D 463 55.69 -55.92 16.42
CA LEU D 463 56.54 -56.14 17.58
C LEU D 463 55.95 -57.15 18.56
N ARG D 464 54.71 -57.60 18.33
CA ARG D 464 54.11 -58.80 18.94
C ARG D 464 54.13 -58.79 20.46
N VAL D 465 54.16 -57.62 21.10
CA VAL D 465 54.06 -57.57 22.55
C VAL D 465 52.70 -58.04 23.04
N ILE D 466 51.69 -58.02 22.18
CA ILE D 466 50.33 -58.43 22.53
C ILE D 466 50.26 -59.95 22.61
N PRO D 467 49.24 -60.51 23.26
CA PRO D 467 49.06 -61.96 23.22
C PRO D 467 48.89 -62.43 21.79
N PRO D 468 49.26 -63.68 21.50
CA PRO D 468 49.38 -64.11 20.09
C PRO D 468 48.07 -64.18 19.33
N LYS D 469 47.06 -64.87 19.87
CA LYS D 469 45.83 -65.09 19.12
C LYS D 469 45.13 -63.77 18.79
N TRP D 470 44.59 -63.10 19.82
CA TRP D 470 44.21 -61.69 19.86
C TRP D 470 43.82 -61.12 18.51
N PRO D 471 42.67 -61.52 17.95
CA PRO D 471 42.26 -61.00 16.63
C PRO D 471 42.30 -59.49 16.58
N LYS D 472 42.48 -58.95 15.37
CA LYS D 472 42.73 -57.52 15.19
C LYS D 472 41.58 -56.66 15.67
N GLU D 473 40.39 -57.22 15.84
CA GLU D 473 39.24 -56.43 16.26
C GLU D 473 39.47 -55.79 17.62
N VAL D 474 39.91 -56.59 18.60
CA VAL D 474 40.07 -56.07 19.96
C VAL D 474 41.23 -55.08 20.01
N LEU D 475 42.32 -55.34 19.26
CA LEU D 475 43.43 -54.41 19.23
C LEU D 475 43.01 -53.07 18.65
N THR D 476 42.27 -53.09 17.53
CA THR D 476 41.80 -51.85 16.93
C THR D 476 40.86 -51.11 17.87
N GLY D 477 39.96 -51.83 18.54
CA GLY D 477 39.07 -51.19 19.48
C GLY D 477 39.80 -50.56 20.65
N LEU D 478 40.79 -51.26 21.21
CA LEU D 478 41.54 -50.73 22.34
C LEU D 478 42.33 -49.50 21.93
N ILE D 479 42.99 -49.53 20.77
CA ILE D 479 43.75 -48.37 20.34
C ILE D 479 42.83 -47.20 20.03
N CYS D 480 41.66 -47.47 19.45
CA CYS D 480 40.71 -46.40 19.16
C CYS D 480 40.21 -45.75 20.44
N LEU D 481 39.86 -46.56 21.44
CA LEU D 481 39.38 -45.99 22.71
C LEU D 481 40.49 -45.24 23.44
N GLY D 482 41.71 -45.76 23.40
CA GLY D 482 42.82 -45.04 24.01
C GLY D 482 43.08 -43.69 23.34
N THR D 483 43.03 -43.66 22.00
CA THR D 483 43.20 -42.41 21.28
C THR D 483 42.05 -41.45 21.59
N PHE D 484 40.83 -41.97 21.70
CA PHE D 484 39.70 -41.13 22.10
C PHE D 484 39.95 -40.52 23.47
N LEU D 485 40.42 -41.32 24.42
CA LEU D 485 40.66 -40.82 25.76
C LEU D 485 41.76 -39.76 25.79
N ILE D 486 42.85 -39.98 25.03
CA ILE D 486 43.93 -39.01 25.08
C ILE D 486 43.54 -37.73 24.33
N GLY D 487 42.78 -37.84 23.23
CA GLY D 487 42.31 -36.67 22.51
C GLY D 487 41.11 -36.00 23.11
N PHE D 488 40.58 -36.55 24.20
CA PHE D 488 39.55 -35.88 24.99
C PHE D 488 39.91 -34.44 25.32
N ILE D 489 41.21 -34.11 25.38
CA ILE D 489 41.65 -32.80 25.86
C ILE D 489 41.22 -31.70 24.89
N PHE D 490 41.21 -31.99 23.59
CA PHE D 490 40.93 -30.97 22.58
C PHE D 490 39.49 -30.47 22.62
N THR D 491 38.60 -31.13 23.38
CA THR D 491 37.21 -30.75 23.46
C THR D 491 36.94 -29.72 24.56
N LEU D 492 37.98 -29.24 25.23
CA LEU D 492 37.81 -28.25 26.29
C LEU D 492 37.64 -26.87 25.68
N ASN D 493 37.67 -25.83 26.51
CA ASN D 493 37.56 -24.46 26.04
C ASN D 493 38.89 -23.89 25.55
N SER D 494 40.00 -24.61 25.75
CA SER D 494 41.31 -24.18 25.30
C SER D 494 41.91 -25.15 24.28
N GLY D 495 41.09 -26.03 23.71
CA GLY D 495 41.61 -27.02 22.78
C GLY D 495 42.17 -26.43 21.51
N GLN D 496 41.60 -25.32 21.04
CA GLN D 496 42.08 -24.71 19.81
C GLN D 496 43.52 -24.25 19.94
N TYR D 497 43.88 -23.67 21.10
CA TYR D 497 45.25 -23.25 21.32
C TYR D 497 46.20 -24.43 21.36
N TRP D 498 45.79 -25.54 22.00
CA TRP D 498 46.61 -26.75 21.99
C TRP D 498 46.83 -27.26 20.58
N LEU D 499 45.77 -27.30 19.77
CA LEU D 499 45.90 -27.79 18.40
C LEU D 499 46.81 -26.89 17.58
N SER D 500 46.67 -25.57 17.74
CA SER D 500 47.54 -24.64 17.02
C SER D 500 48.99 -24.81 17.43
N LEU D 501 49.24 -24.99 18.73
CA LEU D 501 50.60 -25.22 19.19
C LEU D 501 51.17 -26.52 18.65
N LEU D 502 50.35 -27.58 18.64
CA LEU D 502 50.79 -28.88 18.14
C LEU D 502 51.16 -28.79 16.67
N ASP D 503 50.30 -28.17 15.85
CA ASP D 503 50.48 -28.20 14.41
C ASP D 503 51.67 -27.36 13.96
N SER D 504 52.31 -26.66 14.89
CA SER D 504 53.53 -25.93 14.60
C SER D 504 54.78 -26.74 14.88
N TYR D 505 54.71 -27.76 15.73
CA TYR D 505 55.84 -28.60 16.06
C TYR D 505 55.49 -30.09 16.04
N ALA D 506 54.51 -30.48 15.22
CA ALA D 506 54.20 -31.89 15.00
C ALA D 506 54.46 -32.29 13.55
N GLY D 507 55.07 -31.40 12.76
CA GLY D 507 55.47 -31.69 11.41
C GLY D 507 56.87 -31.19 11.17
N SER D 508 57.30 -31.13 9.92
CA SER D 508 58.62 -30.61 9.54
C SER D 508 59.67 -31.50 10.20
N ILE D 509 60.45 -31.01 11.16
CA ILE D 509 61.66 -31.65 11.70
C ILE D 509 61.54 -33.16 11.82
N PRO D 510 60.51 -33.74 12.48
CA PRO D 510 60.43 -35.21 12.53
C PRO D 510 60.38 -35.86 11.16
N LEU D 511 59.59 -35.29 10.23
CA LEU D 511 59.48 -35.86 8.90
C LEU D 511 60.78 -35.75 8.13
N LEU D 512 61.46 -34.60 8.23
CA LEU D 512 62.74 -34.43 7.57
C LEU D 512 63.77 -35.41 8.12
N ILE D 513 63.79 -35.59 9.44
CA ILE D 513 64.74 -36.52 10.05
C ILE D 513 64.46 -37.94 9.58
N ILE D 514 63.18 -38.34 9.54
CA ILE D 514 62.84 -39.69 9.11
C ILE D 514 63.25 -39.90 7.66
N ALA D 515 62.97 -38.92 6.79
CA ALA D 515 63.32 -39.05 5.38
C ALA D 515 64.83 -39.15 5.18
N PHE D 516 65.58 -38.30 5.88
CA PHE D 516 67.04 -38.38 5.78
C PHE D 516 67.56 -39.71 6.30
N CYS D 517 66.95 -40.23 7.37
CA CYS D 517 67.38 -41.50 7.92
C CYS D 517 67.14 -42.65 6.94
N GLU D 518 65.97 -42.68 6.30
CA GLU D 518 65.74 -43.76 5.34
C GLU D 518 66.62 -43.61 4.11
N MET D 519 66.88 -42.37 3.69
CA MET D 519 67.81 -42.16 2.59
C MET D 519 69.19 -42.67 2.93
N PHE D 520 69.67 -42.38 4.14
CA PHE D 520 70.97 -42.87 4.59
C PHE D 520 70.97 -44.40 4.64
N SER D 521 69.89 -45.00 5.14
CA SER D 521 69.83 -46.45 5.28
C SER D 521 69.86 -47.15 3.93
N VAL D 522 69.16 -46.61 2.94
CA VAL D 522 69.06 -47.29 1.65
C VAL D 522 70.25 -46.99 0.75
N VAL D 523 70.70 -45.74 0.69
CA VAL D 523 71.75 -45.39 -0.27
C VAL D 523 73.11 -45.93 0.19
N TYR D 524 73.37 -45.95 1.49
CA TYR D 524 74.64 -46.42 2.01
C TYR D 524 74.60 -47.88 2.42
N VAL D 525 73.75 -48.23 3.39
CA VAL D 525 73.57 -49.62 3.75
C VAL D 525 72.73 -50.31 2.67
N TYR D 526 72.75 -51.66 2.68
CA TYR D 526 72.07 -52.46 1.68
C TYR D 526 72.74 -52.31 0.32
N GLY D 527 72.73 -51.09 -0.22
CA GLY D 527 73.49 -50.81 -1.43
C GLY D 527 72.66 -50.38 -2.62
N VAL D 528 73.19 -49.43 -3.39
CA VAL D 528 72.51 -48.99 -4.60
C VAL D 528 72.56 -50.07 -5.67
N ASP D 529 73.73 -50.71 -5.84
CA ASP D 529 73.87 -51.76 -6.84
C ASP D 529 72.96 -52.94 -6.54
N ARG D 530 72.87 -53.35 -5.27
CA ARG D 530 71.95 -54.41 -4.90
C ARG D 530 70.51 -53.99 -5.14
N PHE D 531 70.19 -52.72 -4.89
CA PHE D 531 68.85 -52.21 -5.19
C PHE D 531 68.54 -52.33 -6.68
N ASN D 532 69.50 -51.96 -7.53
CA ASN D 532 69.30 -52.09 -8.97
C ASN D 532 69.12 -53.54 -9.38
N LYS D 533 69.91 -54.44 -8.80
CA LYS D 533 69.76 -55.86 -9.11
C LYS D 533 68.38 -56.36 -8.71
N ASP D 534 67.89 -55.83 -7.61
CA ASP D 534 66.62 -56.31 -7.12
C ASP D 534 65.47 -55.84 -7.96
N ILE D 535 65.53 -54.58 -8.31
CA ILE D 535 64.45 -54.02 -9.12
C ILE D 535 64.48 -54.61 -10.53
N GLU D 536 65.67 -54.89 -11.07
CA GLU D 536 65.75 -55.57 -12.36
C GLU D 536 65.23 -57.00 -12.29
N PHE D 537 65.41 -57.66 -11.14
CA PHE D 537 64.75 -58.94 -10.91
C PHE D 537 63.22 -58.78 -10.93
N MET D 538 62.72 -57.74 -10.25
CA MET D 538 61.29 -57.64 -9.99
C MET D 538 60.51 -57.48 -11.30
N ILE D 539 60.88 -56.50 -12.11
CA ILE D 539 60.19 -56.29 -13.38
C ILE D 539 61.19 -56.07 -14.51
N GLY D 540 62.44 -55.80 -14.15
CA GLY D 540 63.42 -55.35 -15.14
C GLY D 540 63.46 -53.83 -15.19
N HIS D 541 63.89 -53.26 -16.32
CA HIS D 541 63.87 -51.81 -16.54
C HIS D 541 64.69 -51.09 -15.47
N LYS D 542 66.00 -51.32 -15.53
CA LYS D 542 66.93 -50.73 -14.57
C LYS D 542 66.76 -49.22 -14.52
N PRO D 543 66.79 -48.61 -13.33
CA PRO D 543 66.56 -47.16 -13.25
C PRO D 543 67.57 -46.36 -14.06
N ASN D 544 67.09 -45.27 -14.64
CA ASN D 544 67.90 -44.46 -15.54
C ASN D 544 68.94 -43.67 -14.75
N ILE D 545 69.74 -42.89 -15.49
CA ILE D 545 70.78 -42.09 -14.86
C ILE D 545 70.18 -40.98 -14.01
N PHE D 546 69.06 -40.41 -14.46
CA PHE D 546 68.39 -39.37 -13.69
C PHE D 546 68.03 -39.86 -12.30
N TRP D 547 67.47 -41.07 -12.20
CA TRP D 547 67.04 -41.57 -10.90
C TRP D 547 68.24 -41.89 -10.02
N GLN D 548 69.30 -42.44 -10.62
CA GLN D 548 70.52 -42.72 -9.86
C GLN D 548 71.10 -41.45 -9.27
N VAL D 549 71.21 -40.39 -10.08
CA VAL D 549 71.82 -39.16 -9.59
C VAL D 549 70.90 -38.47 -8.59
N THR D 550 69.58 -38.60 -8.74
CA THR D 550 68.69 -38.03 -7.74
C THR D 550 68.81 -38.74 -6.40
N TRP D 551 68.93 -40.07 -6.43
CA TRP D 551 69.10 -40.80 -5.17
C TRP D 551 70.47 -40.54 -4.56
N ARG D 552 71.48 -40.32 -5.39
CA ARG D 552 72.86 -40.28 -4.92
C ARG D 552 73.21 -38.93 -4.29
N VAL D 553 72.91 -37.82 -4.98
CA VAL D 553 73.36 -36.52 -4.50
C VAL D 553 72.21 -35.56 -4.24
N VAL D 554 71.09 -35.71 -4.96
CA VAL D 554 70.03 -34.70 -4.89
C VAL D 554 69.36 -34.73 -3.52
N SER D 555 68.99 -35.91 -3.04
CA SER D 555 68.38 -36.00 -1.72
C SER D 555 69.30 -35.53 -0.60
N PRO D 556 70.59 -35.93 -0.54
CA PRO D 556 71.44 -35.38 0.52
C PRO D 556 71.54 -33.87 0.50
N LEU D 557 71.72 -33.26 -0.68
CA LEU D 557 71.82 -31.80 -0.73
C LEU D 557 70.50 -31.15 -0.31
N LEU D 558 69.37 -31.70 -0.76
CA LEU D 558 68.08 -31.14 -0.36
C LEU D 558 67.90 -31.21 1.15
N MET D 559 68.27 -32.34 1.76
CA MET D 559 68.16 -32.45 3.21
C MET D 559 69.08 -31.45 3.91
N LEU D 560 70.32 -31.29 3.42
CA LEU D 560 71.26 -30.43 4.14
C LEU D 560 70.87 -28.96 4.04
N ILE D 561 70.33 -28.53 2.90
CA ILE D 561 69.90 -27.12 2.82
C ILE D 561 68.79 -26.84 3.82
N ILE D 562 67.78 -27.72 3.90
CA ILE D 562 66.70 -27.51 4.85
C ILE D 562 67.22 -27.56 6.29
N PHE D 563 68.12 -28.51 6.57
CA PHE D 563 68.65 -28.63 7.92
C PHE D 563 69.44 -27.41 8.34
N LEU D 564 70.29 -26.89 7.45
CA LEU D 564 71.06 -25.70 7.78
C LEU D 564 70.17 -24.47 7.90
N PHE D 565 69.15 -24.37 7.05
CA PHE D 565 68.21 -23.26 7.16
C PHE D 565 67.48 -23.31 8.51
N PHE D 566 67.08 -24.50 8.94
CA PHE D 566 66.49 -24.66 10.27
C PHE D 566 67.46 -24.24 11.36
N PHE D 567 68.70 -24.75 11.30
CA PHE D 567 69.68 -24.42 12.32
C PHE D 567 69.96 -22.92 12.38
N VAL D 568 69.79 -22.23 11.25
CA VAL D 568 70.02 -20.79 11.22
C VAL D 568 68.81 -20.03 11.78
N VAL D 569 67.60 -20.42 11.38
CA VAL D 569 66.43 -19.58 11.54
C VAL D 569 65.54 -19.97 12.72
N GLU D 570 65.74 -21.15 13.31
CA GLU D 570 64.82 -21.62 14.35
C GLU D 570 64.84 -20.70 15.57
N VAL D 571 66.01 -20.20 15.94
CA VAL D 571 66.10 -19.33 17.12
C VAL D 571 65.43 -17.99 16.86
N SER D 572 65.45 -17.52 15.61
CA SER D 572 64.88 -16.21 15.26
C SER D 572 63.42 -16.32 14.81
N GLN D 573 62.59 -16.93 15.65
CA GLN D 573 61.17 -17.05 15.34
C GLN D 573 60.30 -16.55 16.48
N GLU D 574 60.77 -16.70 17.72
CA GLU D 574 60.00 -16.41 18.92
C GLU D 574 58.73 -17.25 18.96
N LEU D 575 57.80 -16.90 19.86
CA LEU D 575 56.56 -17.65 19.99
C LEU D 575 55.41 -16.69 20.24
N THR D 576 54.28 -16.96 19.61
CA THR D 576 53.07 -16.16 19.77
C THR D 576 51.89 -16.97 19.22
N TYR D 577 50.69 -16.52 19.55
CA TYR D 577 49.47 -17.17 19.09
C TYR D 577 48.31 -16.19 19.25
N SER D 578 47.51 -16.04 18.20
CA SER D 578 46.39 -15.13 18.23
C SER D 578 45.33 -15.60 19.23
N ILE D 579 44.71 -14.65 19.91
CA ILE D 579 43.70 -14.94 20.92
C ILE D 579 42.41 -14.21 20.56
N TRP D 580 41.33 -14.62 21.21
CA TRP D 580 40.00 -14.07 20.98
C TRP D 580 39.48 -13.53 22.31
N ASP D 581 39.76 -12.26 22.58
CA ASP D 581 39.28 -11.62 23.81
C ASP D 581 38.20 -10.61 23.45
N PRO D 582 36.93 -10.87 23.80
CA PRO D 582 35.87 -9.90 23.49
C PRO D 582 35.99 -8.61 24.29
N GLY D 583 36.15 -8.73 25.60
CA GLY D 583 36.24 -7.55 26.45
C GLY D 583 37.61 -6.91 26.43
N TYR D 584 37.93 -6.24 25.32
CA TYR D 584 39.25 -5.64 25.15
C TYR D 584 39.17 -4.64 23.99
N GLU D 585 39.91 -3.55 24.11
CA GLU D 585 39.88 -2.52 23.10
C GLU D 585 40.40 -3.05 21.76
N GLU D 586 40.04 -2.34 20.69
CA GLU D 586 40.15 -2.81 19.29
C GLU D 586 40.02 -4.32 19.20
N PHE D 587 38.87 -4.82 19.68
CA PHE D 587 38.60 -6.25 19.75
C PHE D 587 38.70 -6.98 18.41
N PRO D 588 38.13 -6.48 17.27
CA PRO D 588 38.19 -7.23 16.00
C PRO D 588 39.54 -7.15 15.31
N LYS D 589 40.61 -7.36 16.07
CA LYS D 589 41.97 -7.42 15.54
C LYS D 589 42.74 -8.53 16.25
N SER D 590 43.85 -8.93 15.64
CA SER D 590 44.68 -9.99 16.18
C SER D 590 45.51 -9.47 17.36
N GLN D 591 45.83 -10.40 18.27
CA GLN D 591 46.62 -10.09 19.44
C GLN D 591 47.72 -11.13 19.63
N LYS D 592 48.86 -10.68 20.15
CA LYS D 592 50.01 -11.53 20.37
C LYS D 592 50.45 -11.38 21.83
N ILE D 593 50.37 -12.47 22.58
CA ILE D 593 50.72 -12.47 24.00
C ILE D 593 51.75 -13.52 24.37
N SER D 594 51.99 -14.52 23.52
CA SER D 594 53.05 -15.51 23.68
C SER D 594 52.82 -16.45 24.86
N TYR D 595 53.45 -17.62 24.82
CA TYR D 595 53.36 -18.57 25.91
C TYR D 595 54.40 -18.23 26.97
N PRO D 596 53.98 -17.92 28.22
CA PRO D 596 54.96 -17.48 29.22
C PRO D 596 56.00 -18.52 29.60
N ASN D 597 55.56 -19.65 30.14
CA ASN D 597 56.50 -20.67 30.62
C ASN D 597 56.11 -22.11 30.30
N TRP D 598 54.85 -22.43 30.07
CA TRP D 598 54.40 -23.82 30.13
C TRP D 598 54.91 -24.64 28.94
N VAL D 599 54.78 -24.09 27.73
CA VAL D 599 54.99 -24.89 26.52
C VAL D 599 56.44 -25.30 26.29
N TYR D 600 57.38 -24.75 27.07
CA TYR D 600 58.79 -25.09 26.86
C TYR D 600 59.09 -26.55 27.20
N VAL D 601 58.22 -27.21 27.96
CA VAL D 601 58.41 -28.63 28.29
C VAL D 601 57.63 -29.53 27.34
N VAL D 602 56.48 -29.09 26.85
CA VAL D 602 55.72 -29.90 25.90
C VAL D 602 56.32 -29.83 24.51
N VAL D 603 57.01 -28.73 24.17
CA VAL D 603 57.61 -28.64 22.85
C VAL D 603 58.67 -29.72 22.66
N VAL D 604 59.41 -30.03 23.74
CA VAL D 604 60.45 -31.05 23.64
C VAL D 604 59.84 -32.40 23.33
N ILE D 605 58.82 -32.80 24.09
CA ILE D 605 58.23 -34.12 23.90
C ILE D 605 57.51 -34.21 22.55
N VAL D 606 56.91 -33.12 22.08
CA VAL D 606 56.21 -33.18 20.79
C VAL D 606 57.12 -32.99 19.59
N ALA D 607 58.35 -32.52 19.78
CA ALA D 607 59.24 -32.29 18.64
C ALA D 607 60.45 -33.21 18.62
N GLY D 608 61.24 -33.24 19.68
CA GLY D 608 62.50 -33.96 19.67
C GLY D 608 62.44 -35.43 20.03
N VAL D 609 61.27 -35.93 20.45
CA VAL D 609 61.16 -37.36 20.79
C VAL D 609 61.51 -38.26 19.60
N PRO D 610 60.96 -38.06 18.40
CA PRO D 610 61.46 -38.85 17.26
C PRO D 610 62.84 -38.42 16.80
N SER D 611 63.29 -37.22 17.17
CA SER D 611 64.66 -36.82 16.90
C SER D 611 65.63 -37.48 17.87
N LEU D 612 65.20 -37.72 19.11
CA LEU D 612 66.06 -38.30 20.13
C LEU D 612 66.05 -39.83 20.10
N THR D 613 64.95 -40.44 19.68
CA THR D 613 64.85 -41.89 19.72
C THR D 613 65.54 -42.58 18.54
N ILE D 614 65.84 -41.85 17.48
CA ILE D 614 66.57 -42.42 16.34
C ILE D 614 67.98 -42.83 16.77
N PRO D 615 68.76 -41.97 17.45
CA PRO D 615 70.04 -42.45 18.00
C PRO D 615 69.89 -43.15 19.34
N GLY D 616 68.73 -43.03 20.00
CA GLY D 616 68.56 -43.68 21.29
C GLY D 616 68.61 -45.18 21.20
N TYR D 617 67.92 -45.77 20.21
CA TYR D 617 67.95 -47.22 20.06
C TYR D 617 69.34 -47.71 19.65
N ALA D 618 70.04 -46.93 18.83
CA ALA D 618 71.40 -47.28 18.46
C ALA D 618 72.32 -47.28 19.68
N ILE D 619 72.18 -46.27 20.54
CA ILE D 619 72.98 -46.24 21.77
C ILE D 619 72.60 -47.40 22.69
N TYR D 620 71.32 -47.74 22.74
CA TYR D 620 70.88 -48.88 23.53
C TYR D 620 71.52 -50.18 23.03
N LYS D 621 71.54 -50.38 21.72
CA LYS D 621 72.20 -51.56 21.17
C LYS D 621 73.70 -51.54 21.44
N LEU D 622 74.33 -50.37 21.33
CA LEU D 622 75.76 -50.26 21.56
C LEU D 622 76.12 -50.61 23.00
N ILE D 623 75.31 -50.17 23.96
CA ILE D 623 75.57 -50.53 25.34
C ILE D 623 75.14 -51.95 25.66
N ARG D 624 74.22 -52.52 24.86
CA ARG D 624 73.82 -53.91 25.04
C ARG D 624 74.94 -54.86 24.62
N ASN D 625 75.51 -54.65 23.43
CA ASN D 625 76.50 -55.58 22.91
C ASN D 625 77.82 -55.49 23.67
N HIS D 626 78.22 -54.27 24.03
CA HIS D 626 79.46 -54.06 24.77
C HIS D 626 79.19 -53.42 26.13
#